data_5X1X
#
_entry.id   5X1X
#
_entity_poly.entity_id   1
_entity_poly.type   'polypeptide(L)'
_entity_poly.pdbx_seq_one_letter_code
;MKKVINVVGAIIFSDNKILCAQRSEKMSLPLMWEFPGGKVEKNETEKDALIREIREEMKCDLIVGDKVITTEHEYDFGIV
RLTTYKCTLNKELPTLTEHKSIEWLSINELDKLNWAPADIPAVNKIMTEG
;
_entity_poly.pdbx_strand_id   A
#
# COMPACT_ATOMS: atom_id res chain seq x y z
N MET A 1 6.55 -2.41 26.11
CA MET A 1 7.37 -1.22 26.02
C MET A 1 6.87 -0.29 24.92
N LYS A 2 6.51 -0.88 23.77
CA LYS A 2 6.02 -0.10 22.64
C LYS A 2 4.87 -0.83 21.95
N LYS A 3 4.03 -0.08 21.26
CA LYS A 3 2.89 -0.65 20.54
C LYS A 3 3.26 -0.97 19.10
N VAL A 4 3.43 -2.25 18.81
CA VAL A 4 3.78 -2.69 17.45
C VAL A 4 2.61 -2.46 16.49
N ILE A 5 2.71 -1.39 15.70
CA ILE A 5 1.68 -1.06 14.73
C ILE A 5 1.88 -1.82 13.43
N ASN A 6 1.06 -2.83 13.21
CA ASN A 6 1.14 -3.65 11.99
C ASN A 6 0.20 -3.11 10.91
N VAL A 7 0.78 -2.69 9.79
CA VAL A 7 0.00 -2.15 8.69
C VAL A 7 0.51 -2.68 7.35
N VAL A 8 -0.42 -3.03 6.47
CA VAL A 8 -0.06 -3.56 5.15
C VAL A 8 -0.74 -2.75 4.04
N GLY A 9 0.00 -2.50 2.97
CA GLY A 9 -0.55 -1.74 1.85
C GLY A 9 -0.79 -2.61 0.63
N ALA A 10 -1.41 -2.03 -0.38
CA ALA A 10 -1.71 -2.76 -1.61
C ALA A 10 -1.31 -1.95 -2.84
N ILE A 11 -0.50 -2.56 -3.70
CA ILE A 11 -0.04 -1.90 -4.92
C ILE A 11 -0.54 -2.62 -6.16
N ILE A 12 -1.67 -2.16 -6.69
CA ILE A 12 -2.25 -2.76 -7.89
C ILE A 12 -1.54 -2.28 -9.14
N PHE A 13 -1.00 -3.23 -9.91
CA PHE A 13 -0.29 -2.91 -11.14
C PHE A 13 -1.16 -3.21 -12.36
N SER A 14 -1.04 -2.35 -13.37
CA SER A 14 -1.82 -2.52 -14.60
C SER A 14 -1.36 -1.53 -15.68
N ASP A 15 -0.92 -2.07 -16.81
CA ASP A 15 -0.46 -1.24 -17.91
C ASP A 15 0.72 -0.37 -17.48
N ASN A 16 1.54 -0.90 -16.57
CA ASN A 16 2.70 -0.17 -16.07
C ASN A 16 2.27 1.11 -15.36
N LYS A 17 1.19 1.02 -14.58
CA LYS A 17 0.67 2.17 -13.85
C LYS A 17 0.39 1.80 -12.39
N ILE A 18 0.33 2.81 -11.53
CA ILE A 18 0.07 2.59 -10.12
C ILE A 18 -1.15 3.39 -9.66
N LEU A 19 -1.88 2.83 -8.70
CA LEU A 19 -3.07 3.49 -8.17
C LEU A 19 -2.71 4.41 -7.00
N CYS A 20 -3.61 5.31 -6.67
CA CYS A 20 -3.39 6.25 -5.57
C CYS A 20 -4.61 6.32 -4.66
N ALA A 21 -4.36 6.42 -3.35
CA ALA A 21 -5.43 6.49 -2.37
C ALA A 21 -5.00 7.30 -1.15
N GLN A 22 -5.33 8.59 -1.15
CA GLN A 22 -4.98 9.47 -0.05
C GLN A 22 -5.90 9.24 1.14
N ARG A 23 -5.43 8.42 2.08
CA ARG A 23 -6.21 8.11 3.28
C ARG A 23 -6.21 9.29 4.25
N SER A 24 -6.71 9.05 5.46
CA SER A 24 -6.78 10.10 6.48
C SER A 24 -5.37 10.50 6.92
N GLU A 25 -5.30 11.28 8.01
CA GLU A 25 -4.02 11.73 8.54
C GLU A 25 -3.36 10.65 9.38
N LYS A 26 -4.02 9.49 9.47
CA LYS A 26 -3.50 8.38 10.25
C LYS A 26 -2.36 7.68 9.51
N MET A 27 -2.54 7.50 8.20
CA MET A 27 -1.52 6.85 7.38
C MET A 27 -0.20 7.60 7.45
N SER A 28 0.77 7.16 6.66
CA SER A 28 2.09 7.79 6.64
C SER A 28 2.13 8.93 5.63
N LEU A 29 2.53 10.11 6.09
CA LEU A 29 2.61 11.29 5.23
C LEU A 29 1.51 11.27 4.17
N PRO A 30 0.26 11.12 4.64
CA PRO A 30 -0.92 11.09 3.75
C PRO A 30 -1.20 12.44 3.12
N LEU A 31 -0.51 13.47 3.60
CA LEU A 31 -0.70 14.82 3.08
C LEU A 31 -0.30 14.90 1.62
N MET A 32 0.92 14.48 1.32
CA MET A 32 1.43 14.49 -0.05
C MET A 32 0.87 13.33 -0.85
N TRP A 33 0.96 12.13 -0.29
CA TRP A 33 0.47 10.93 -0.96
C TRP A 33 0.22 9.82 0.05
N GLU A 34 -0.35 8.71 -0.42
CA GLU A 34 -0.64 7.57 0.43
C GLU A 34 -1.29 6.44 -0.36
N PHE A 35 -0.99 5.21 0.02
CA PHE A 35 -1.54 4.04 -0.66
C PHE A 35 -2.81 3.55 0.05
N PRO A 36 -3.61 2.75 -0.66
CA PRO A 36 -4.86 2.20 -0.13
C PRO A 36 -4.61 1.15 0.95
N GLY A 37 -5.40 1.22 2.02
CA GLY A 37 -5.25 0.27 3.10
C GLY A 37 -4.21 0.70 4.11
N GLY A 38 -3.57 -0.28 4.75
CA GLY A 38 -2.55 0.02 5.74
C GLY A 38 -3.01 -0.27 7.16
N LYS A 39 -3.65 -1.42 7.35
CA LYS A 39 -4.13 -1.81 8.66
C LYS A 39 -4.14 -3.32 8.80
N VAL A 40 -3.59 -3.81 9.91
CA VAL A 40 -3.53 -5.25 10.17
C VAL A 40 -4.03 -5.57 11.58
N GLU A 41 -4.81 -6.65 11.68
CA GLU A 41 -5.34 -7.07 12.97
C GLU A 41 -4.26 -7.67 13.85
N LYS A 42 -4.59 -7.90 15.12
CA LYS A 42 -3.64 -8.46 16.07
C LYS A 42 -3.66 -9.99 16.01
N ASN A 43 -4.36 -10.53 15.01
CA ASN A 43 -4.46 -11.98 14.84
C ASN A 43 -4.04 -12.39 13.43
N GLU A 44 -4.36 -11.54 12.46
CA GLU A 44 -4.01 -11.82 11.07
C GLU A 44 -2.63 -11.27 10.73
N THR A 45 -1.99 -11.87 9.73
CA THR A 45 -0.66 -11.44 9.31
C THR A 45 -0.74 -10.35 8.25
N GLU A 46 0.39 -9.73 7.95
CA GLU A 46 0.44 -8.67 6.95
C GLU A 46 -0.18 -9.13 5.64
N LYS A 47 0.04 -10.41 5.31
CA LYS A 47 -0.49 -10.97 4.08
C LYS A 47 -1.97 -11.33 4.23
N ASP A 48 -2.29 -12.15 5.24
CA ASP A 48 -3.66 -12.55 5.50
C ASP A 48 -4.57 -11.34 5.62
N ALA A 49 -4.00 -10.22 6.07
CA ALA A 49 -4.76 -8.99 6.24
C ALA A 49 -5.23 -8.45 4.89
N LEU A 50 -4.44 -8.68 3.85
CA LEU A 50 -4.78 -8.22 2.51
C LEU A 50 -5.76 -9.16 1.83
N ILE A 51 -5.42 -10.45 1.82
CA ILE A 51 -6.28 -11.46 1.20
C ILE A 51 -7.67 -11.45 1.83
N ARG A 52 -7.73 -11.08 3.10
CA ARG A 52 -9.01 -11.03 3.82
C ARG A 52 -9.74 -9.72 3.53
N GLU A 53 -9.07 -8.60 3.80
CA GLU A 53 -9.66 -7.29 3.57
C GLU A 53 -10.04 -7.11 2.10
N ILE A 54 -9.04 -7.20 1.22
CA ILE A 54 -9.27 -7.05 -0.21
C ILE A 54 -10.45 -7.91 -0.67
N ARG A 55 -10.71 -8.98 0.07
CA ARG A 55 -11.82 -9.88 -0.27
C ARG A 55 -13.15 -9.14 -0.23
N GLU A 56 -13.52 -8.66 0.95
CA GLU A 56 -14.78 -7.94 1.12
C GLU A 56 -14.58 -6.44 0.92
N GLU A 57 -13.56 -5.89 1.57
CA GLU A 57 -13.25 -4.47 1.47
C GLU A 57 -13.22 -4.03 0.00
N MET A 58 -12.34 -4.64 -0.77
CA MET A 58 -12.21 -4.31 -2.19
C MET A 58 -13.31 -4.99 -3.00
N LYS A 59 -13.79 -6.12 -2.52
CA LYS A 59 -14.84 -6.86 -3.20
C LYS A 59 -14.40 -7.27 -4.60
N CYS A 60 -13.10 -7.50 -4.75
CA CYS A 60 -12.54 -7.92 -6.04
C CYS A 60 -11.66 -9.15 -5.89
N ASP A 61 -11.12 -9.62 -7.00
CA ASP A 61 -10.26 -10.80 -7.00
C ASP A 61 -8.79 -10.41 -7.06
N LEU A 62 -8.47 -9.24 -6.51
CA LEU A 62 -7.10 -8.75 -6.50
C LEU A 62 -6.13 -9.85 -6.10
N ILE A 63 -5.24 -10.20 -7.01
CA ILE A 63 -4.25 -11.25 -6.75
C ILE A 63 -2.97 -10.65 -6.17
N VAL A 64 -2.27 -11.45 -5.37
CA VAL A 64 -1.02 -11.01 -4.75
C VAL A 64 0.16 -11.83 -5.24
N GLY A 65 1.30 -11.17 -5.40
CA GLY A 65 2.49 -11.87 -5.87
C GLY A 65 3.41 -12.27 -4.73
N ASP A 66 4.22 -11.34 -4.26
CA ASP A 66 5.16 -11.60 -3.17
C ASP A 66 5.42 -10.33 -2.36
N LYS A 67 6.03 -10.50 -1.20
CA LYS A 67 6.34 -9.38 -0.32
C LYS A 67 7.32 -8.41 -1.01
N VAL A 68 7.02 -7.12 -0.91
CA VAL A 68 7.88 -6.10 -1.52
C VAL A 68 9.08 -5.79 -0.63
N ILE A 69 8.81 -5.26 0.56
CA ILE A 69 9.87 -4.92 1.50
C ILE A 69 9.29 -4.63 2.88
N THR A 70 10.14 -4.76 3.91
CA THR A 70 9.72 -4.50 5.27
C THR A 70 10.37 -3.24 5.83
N THR A 71 9.54 -2.29 6.25
CA THR A 71 10.04 -1.03 6.79
C THR A 71 9.45 -0.77 8.18
N GLU A 72 10.28 -0.26 9.08
CA GLU A 72 9.84 0.04 10.44
C GLU A 72 10.45 1.35 10.93
N HIS A 73 9.70 2.07 11.77
CA HIS A 73 10.17 3.34 12.31
C HIS A 73 9.76 3.49 13.77
N GLU A 74 10.55 4.25 14.52
CA GLU A 74 10.27 4.46 15.94
C GLU A 74 9.27 5.61 16.13
N TYR A 75 8.11 5.28 16.69
CA TYR A 75 7.07 6.28 16.92
C TYR A 75 6.84 6.48 18.42
N ASP A 76 6.22 7.60 18.77
CA ASP A 76 5.93 7.90 20.17
C ASP A 76 4.88 6.96 20.73
N PHE A 77 3.94 6.55 19.88
CA PHE A 77 2.89 5.63 20.30
C PHE A 77 3.18 4.21 19.83
N GLY A 78 4.46 3.86 19.81
CA GLY A 78 4.86 2.52 19.38
C GLY A 78 5.73 2.55 18.15
N ILE A 79 5.71 1.46 17.39
CA ILE A 79 6.52 1.36 16.17
C ILE A 79 5.64 1.13 14.95
N VAL A 80 5.81 1.97 13.93
CA VAL A 80 5.04 1.86 12.71
C VAL A 80 5.78 1.01 11.67
N ARG A 81 5.19 -0.13 11.32
CA ARG A 81 5.79 -1.03 10.34
C ARG A 81 4.99 -1.03 9.05
N LEU A 82 5.50 -0.33 8.04
CA LEU A 82 4.84 -0.26 6.74
C LEU A 82 5.40 -1.30 5.78
N THR A 83 4.51 -2.09 5.19
CA THR A 83 4.92 -3.13 4.25
C THR A 83 4.04 -3.11 3.00
N THR A 84 4.65 -3.34 1.84
CA THR A 84 3.93 -3.35 0.58
C THR A 84 3.87 -4.75 0.00
N TYR A 85 2.83 -5.02 -0.79
CA TYR A 85 2.66 -6.33 -1.41
C TYR A 85 2.23 -6.18 -2.87
N LYS A 86 3.04 -6.73 -3.77
CA LYS A 86 2.73 -6.67 -5.20
C LYS A 86 1.37 -7.26 -5.50
N CYS A 87 0.47 -6.44 -6.03
CA CYS A 87 -0.87 -6.88 -6.37
C CYS A 87 -1.06 -6.94 -7.88
N THR A 88 -2.17 -7.55 -8.30
CA THR A 88 -2.47 -7.68 -9.73
C THR A 88 -3.86 -7.13 -10.04
N LEU A 89 -4.06 -6.73 -11.30
CA LEU A 89 -5.35 -6.20 -11.74
C LEU A 89 -6.30 -7.32 -12.14
N ASN A 90 -7.57 -7.17 -11.81
CA ASN A 90 -8.58 -8.16 -12.14
C ASN A 90 -9.66 -7.56 -13.05
N LYS A 91 -10.67 -8.37 -13.36
CA LYS A 91 -11.77 -7.92 -14.20
C LYS A 91 -12.39 -6.63 -13.65
N GLU A 92 -12.89 -6.70 -12.43
CA GLU A 92 -13.50 -5.53 -11.80
C GLU A 92 -12.44 -4.57 -11.27
N LEU A 93 -12.82 -3.31 -11.12
CA LEU A 93 -11.90 -2.29 -10.62
C LEU A 93 -11.83 -2.30 -9.10
N PRO A 94 -10.74 -1.75 -8.56
CA PRO A 94 -10.53 -1.68 -7.11
C PRO A 94 -11.49 -0.71 -6.42
N THR A 95 -11.54 -0.78 -5.09
CA THR A 95 -12.42 0.08 -4.32
C THR A 95 -11.63 1.14 -3.56
N LEU A 96 -12.30 2.21 -3.17
CA LEU A 96 -11.65 3.29 -2.42
C LEU A 96 -10.55 3.94 -3.26
N THR A 97 -10.58 3.69 -4.57
CA THR A 97 -9.59 4.25 -5.47
C THR A 97 -9.93 5.69 -5.85
N GLU A 98 -11.23 6.00 -5.85
CA GLU A 98 -11.68 7.34 -6.19
C GLU A 98 -11.54 8.28 -5.00
N HIS A 99 -11.04 7.75 -3.88
CA HIS A 99 -10.85 8.53 -2.67
C HIS A 99 -10.29 9.92 -3.01
N LYS A 100 -9.03 9.95 -3.45
CA LYS A 100 -8.38 11.20 -3.80
C LYS A 100 -8.77 11.65 -5.21
N SER A 101 -8.47 10.80 -6.19
CA SER A 101 -8.79 11.11 -7.58
C SER A 101 -8.26 10.02 -8.52
N ILE A 102 -8.42 10.24 -9.81
CA ILE A 102 -7.96 9.26 -10.81
C ILE A 102 -6.64 9.71 -11.43
N GLU A 103 -5.56 9.10 -10.97
CA GLU A 103 -4.23 9.43 -11.48
C GLU A 103 -3.35 8.18 -11.56
N TRP A 104 -2.93 7.83 -12.78
CA TRP A 104 -2.09 6.66 -12.99
C TRP A 104 -0.74 7.07 -13.57
N LEU A 105 0.28 7.07 -12.72
CA LEU A 105 1.63 7.43 -13.15
C LEU A 105 2.39 6.20 -13.64
N SER A 106 3.44 6.44 -14.44
CA SER A 106 4.24 5.36 -14.98
C SER A 106 5.23 4.85 -13.95
N ILE A 107 6.07 3.90 -14.36
CA ILE A 107 7.06 3.32 -13.46
C ILE A 107 8.21 4.29 -13.22
N ASN A 108 8.49 5.12 -14.21
CA ASN A 108 9.57 6.11 -14.10
C ASN A 108 9.00 7.49 -13.73
N GLU A 109 7.75 7.52 -13.32
CA GLU A 109 7.09 8.76 -12.94
C GLU A 109 6.52 8.68 -11.53
N LEU A 110 6.41 7.45 -11.03
CA LEU A 110 5.87 7.24 -9.68
C LEU A 110 6.60 8.10 -8.66
N ASP A 111 7.86 8.42 -8.95
CA ASP A 111 8.66 9.25 -8.05
C ASP A 111 7.95 10.55 -7.74
N LYS A 112 7.16 11.05 -8.69
CA LYS A 112 6.42 12.29 -8.51
C LYS A 112 5.41 12.15 -7.36
N LEU A 113 5.06 10.92 -7.05
CA LEU A 113 4.10 10.65 -5.98
C LEU A 113 4.81 10.45 -4.64
N ASN A 114 5.83 11.27 -4.39
CA ASN A 114 6.60 11.17 -3.15
C ASN A 114 5.76 10.52 -2.05
N TRP A 115 6.09 9.27 -1.74
CA TRP A 115 5.37 8.54 -0.70
C TRP A 115 6.11 8.61 0.63
N ALA A 116 5.49 8.07 1.68
CA ALA A 116 6.10 8.08 3.01
C ALA A 116 7.52 7.52 2.97
N PRO A 117 8.26 7.73 4.06
CA PRO A 117 9.66 7.25 4.17
C PRO A 117 9.73 5.73 4.29
N ALA A 118 8.61 5.10 4.60
CA ALA A 118 8.55 3.66 4.74
C ALA A 118 8.23 2.99 3.40
N ASP A 119 7.47 3.69 2.57
CA ASP A 119 7.09 3.16 1.26
C ASP A 119 8.07 3.64 0.18
N ILE A 120 8.73 4.76 0.45
CA ILE A 120 9.69 5.32 -0.49
C ILE A 120 10.62 4.24 -1.03
N PRO A 121 11.30 3.53 -0.11
CA PRO A 121 12.23 2.45 -0.48
C PRO A 121 11.52 1.24 -1.05
N ALA A 122 10.22 1.15 -0.81
CA ALA A 122 9.42 0.03 -1.30
C ALA A 122 8.97 0.27 -2.74
N VAL A 123 8.76 1.54 -3.08
CA VAL A 123 8.33 1.91 -4.42
C VAL A 123 9.50 1.93 -5.40
N ASN A 124 10.66 2.36 -4.90
CA ASN A 124 11.86 2.44 -5.73
C ASN A 124 12.21 1.07 -6.29
N LYS A 125 11.96 0.02 -5.51
CA LYS A 125 12.26 -1.34 -5.94
C LYS A 125 11.52 -1.67 -7.23
N ILE A 126 10.27 -1.24 -7.33
CA ILE A 126 9.46 -1.49 -8.51
C ILE A 126 10.20 -1.06 -9.78
N MET A 127 10.80 0.12 -9.75
CA MET A 127 11.54 0.63 -10.90
C MET A 127 12.56 -0.40 -11.39
N THR A 128 13.11 -1.17 -10.47
CA THR A 128 14.09 -2.20 -10.82
C THR A 128 13.58 -3.09 -11.94
N GLU A 129 12.27 -3.31 -11.96
CA GLU A 129 11.66 -4.15 -12.99
C GLU A 129 11.90 -3.57 -14.38
N GLY A 130 11.71 -2.26 -14.51
CA GLY A 130 11.91 -1.61 -15.78
C GLY A 130 10.95 -2.11 -16.86
N MET A 1 7.36 -2.75 23.86
CA MET A 1 7.38 -1.61 24.77
C MET A 1 6.32 -0.59 24.38
N LYS A 2 6.55 0.09 23.26
CA LYS A 2 5.61 1.10 22.78
C LYS A 2 4.43 0.44 22.07
N LYS A 3 3.62 1.26 21.39
CA LYS A 3 2.46 0.77 20.67
C LYS A 3 2.85 0.26 19.28
N VAL A 4 3.07 -1.04 19.18
CA VAL A 4 3.45 -1.65 17.90
C VAL A 4 2.31 -1.60 16.91
N ILE A 5 2.40 -0.69 15.95
CA ILE A 5 1.37 -0.54 14.93
C ILE A 5 1.57 -1.53 13.79
N ASN A 6 0.48 -2.16 13.38
CA ASN A 6 0.53 -3.14 12.30
C ASN A 6 -0.36 -2.72 11.14
N VAL A 7 0.26 -2.21 10.07
CA VAL A 7 -0.48 -1.77 8.90
C VAL A 7 0.10 -2.39 7.63
N VAL A 8 -0.75 -2.52 6.61
CA VAL A 8 -0.32 -3.09 5.33
C VAL A 8 -0.88 -2.28 4.16
N GLY A 9 -0.13 -2.25 3.06
CA GLY A 9 -0.56 -1.52 1.89
C GLY A 9 -0.74 -2.42 0.67
N ALA A 10 -1.23 -1.85 -0.42
CA ALA A 10 -1.45 -2.60 -1.64
C ALA A 10 -1.02 -1.80 -2.87
N ILE A 11 -0.29 -2.44 -3.77
CA ILE A 11 0.18 -1.79 -4.99
C ILE A 11 -0.40 -2.44 -6.23
N ILE A 12 -1.51 -1.91 -6.72
CA ILE A 12 -2.16 -2.44 -7.91
C ILE A 12 -1.47 -1.96 -9.18
N PHE A 13 -0.92 -2.90 -9.94
CA PHE A 13 -0.23 -2.57 -11.18
C PHE A 13 -1.14 -2.79 -12.39
N SER A 14 -1.11 -1.86 -13.33
CA SER A 14 -1.94 -1.95 -14.53
C SER A 14 -1.36 -1.10 -15.65
N ASP A 15 -0.96 -1.75 -16.74
CA ASP A 15 -0.39 -1.06 -17.89
C ASP A 15 0.86 -0.28 -17.48
N ASN A 16 1.68 -0.89 -16.64
CA ASN A 16 2.91 -0.25 -16.18
C ASN A 16 2.61 1.07 -15.48
N LYS A 17 1.53 1.08 -14.70
CA LYS A 17 1.14 2.28 -13.96
C LYS A 17 0.70 1.94 -12.55
N ILE A 18 0.81 2.90 -11.65
CA ILE A 18 0.43 2.70 -10.25
C ILE A 18 -0.82 3.51 -9.90
N LEU A 19 -1.62 2.99 -8.97
CA LEU A 19 -2.83 3.66 -8.55
C LEU A 19 -2.59 4.49 -7.29
N CYS A 20 -3.50 5.42 -7.01
CA CYS A 20 -3.38 6.27 -5.83
C CYS A 20 -4.63 6.17 -4.97
N ALA A 21 -4.44 6.16 -3.65
CA ALA A 21 -5.55 6.06 -2.71
C ALA A 21 -5.19 6.71 -1.37
N GLN A 22 -5.99 7.71 -0.99
CA GLN A 22 -5.75 8.42 0.27
C GLN A 22 -6.72 7.94 1.35
N ARG A 23 -6.25 7.00 2.17
CA ARG A 23 -7.07 6.46 3.25
C ARG A 23 -7.45 7.54 4.24
N SER A 24 -6.51 7.94 5.08
CA SER A 24 -6.75 8.97 6.08
C SER A 24 -5.44 9.56 6.59
N GLU A 25 -5.51 10.32 7.68
CA GLU A 25 -4.33 10.93 8.27
C GLU A 25 -3.58 9.94 9.15
N LYS A 26 -4.08 8.72 9.21
CA LYS A 26 -3.46 7.68 10.02
C LYS A 26 -2.19 7.15 9.37
N MET A 27 -2.23 7.02 8.05
CA MET A 27 -1.07 6.54 7.30
C MET A 27 0.10 7.51 7.41
N SER A 28 1.20 7.19 6.73
CA SER A 28 2.39 8.03 6.76
C SER A 28 2.36 9.05 5.62
N LEU A 29 2.54 10.32 5.96
CA LEU A 29 2.53 11.39 4.97
C LEU A 29 1.43 11.17 3.94
N PRO A 30 0.21 10.91 4.42
CA PRO A 30 -0.95 10.68 3.55
C PRO A 30 -1.39 11.95 2.82
N LEU A 31 -0.97 13.10 3.34
CA LEU A 31 -1.32 14.38 2.72
C LEU A 31 -0.83 14.45 1.28
N MET A 32 0.47 14.24 1.10
CA MET A 32 1.07 14.29 -0.23
C MET A 32 0.59 13.10 -1.08
N TRP A 33 0.70 11.90 -0.52
CA TRP A 33 0.28 10.69 -1.22
C TRP A 33 0.04 9.55 -0.25
N GLU A 34 -0.56 8.47 -0.74
CA GLU A 34 -0.85 7.32 0.09
C GLU A 34 -1.41 6.16 -0.75
N PHE A 35 -1.33 4.95 -0.22
CA PHE A 35 -1.82 3.77 -0.91
C PHE A 35 -3.08 3.23 -0.24
N PRO A 36 -3.84 2.42 -0.99
CA PRO A 36 -5.09 1.83 -0.50
C PRO A 36 -4.83 0.77 0.57
N GLY A 37 -5.80 0.58 1.46
CA GLY A 37 -5.67 -0.40 2.52
C GLY A 37 -6.07 0.15 3.88
N GLY A 38 -5.45 -0.34 4.93
CA GLY A 38 -5.76 0.11 6.28
C GLY A 38 -4.81 -0.44 7.31
N LYS A 39 -5.32 -1.31 8.19
CA LYS A 39 -4.51 -1.91 9.23
C LYS A 39 -4.54 -3.44 9.14
N VAL A 40 -3.88 -4.09 10.08
CA VAL A 40 -3.83 -5.55 10.10
C VAL A 40 -4.21 -6.09 11.48
N GLU A 41 -4.88 -7.25 11.50
CA GLU A 41 -5.29 -7.87 12.75
C GLU A 41 -4.10 -8.40 13.52
N LYS A 42 -4.17 -8.34 14.84
CA LYS A 42 -3.10 -8.81 15.70
C LYS A 42 -2.88 -10.32 15.51
N ASN A 43 -3.96 -11.04 15.28
CA ASN A 43 -3.89 -12.48 15.07
C ASN A 43 -4.02 -12.84 13.60
N GLU A 44 -3.42 -12.01 12.75
CA GLU A 44 -3.47 -12.24 11.30
C GLU A 44 -2.29 -11.58 10.61
N THR A 45 -1.67 -12.32 9.69
CA THR A 45 -0.51 -11.81 8.95
C THR A 45 -0.93 -10.73 7.97
N GLU A 46 0.01 -9.85 7.62
CA GLU A 46 -0.26 -8.77 6.68
C GLU A 46 -0.72 -9.31 5.34
N LYS A 47 -0.17 -10.46 4.95
CA LYS A 47 -0.53 -11.09 3.68
C LYS A 47 -1.99 -11.47 3.67
N ASP A 48 -2.38 -12.40 4.53
CA ASP A 48 -3.76 -12.86 4.62
C ASP A 48 -4.69 -11.70 4.96
N ALA A 49 -4.24 -10.82 5.84
CA ALA A 49 -5.04 -9.67 6.25
C ALA A 49 -5.48 -8.86 5.03
N LEU A 50 -4.69 -8.92 3.96
CA LEU A 50 -5.00 -8.19 2.74
C LEU A 50 -6.02 -8.96 1.91
N ILE A 51 -5.65 -10.16 1.48
CA ILE A 51 -6.54 -11.00 0.67
C ILE A 51 -7.92 -11.13 1.32
N ARG A 52 -7.95 -11.04 2.64
CA ARG A 52 -9.20 -11.16 3.38
C ARG A 52 -10.02 -9.88 3.26
N GLU A 53 -9.36 -8.75 3.46
CA GLU A 53 -10.02 -7.44 3.37
C GLU A 53 -10.44 -7.14 1.93
N ILE A 54 -9.45 -7.05 1.05
CA ILE A 54 -9.71 -6.77 -0.35
C ILE A 54 -10.80 -7.68 -0.91
N ARG A 55 -10.97 -8.84 -0.28
CA ARG A 55 -11.97 -9.80 -0.71
C ARG A 55 -13.38 -9.21 -0.57
N GLU A 56 -13.76 -8.91 0.67
CA GLU A 56 -15.08 -8.35 0.94
C GLU A 56 -15.03 -6.82 0.93
N GLU A 57 -14.08 -6.26 1.67
CA GLU A 57 -13.93 -4.81 1.74
C GLU A 57 -13.95 -4.19 0.35
N MET A 58 -12.98 -4.60 -0.48
CA MET A 58 -12.88 -4.08 -1.84
C MET A 58 -13.87 -4.78 -2.77
N LYS A 59 -14.29 -5.97 -2.38
CA LYS A 59 -15.24 -6.75 -3.16
C LYS A 59 -14.64 -7.15 -4.51
N CYS A 60 -13.32 -7.28 -4.54
CA CYS A 60 -12.62 -7.66 -5.77
C CYS A 60 -11.79 -8.92 -5.56
N ASP A 61 -11.42 -9.56 -6.65
CA ASP A 61 -10.63 -10.78 -6.59
C ASP A 61 -9.15 -10.49 -6.79
N LEU A 62 -8.73 -9.29 -6.38
CA LEU A 62 -7.34 -8.88 -6.52
C LEU A 62 -6.39 -9.99 -6.08
N ILE A 63 -5.32 -10.18 -6.84
CA ILE A 63 -4.34 -11.21 -6.53
C ILE A 63 -3.03 -10.60 -6.03
N VAL A 64 -2.33 -11.35 -5.19
CA VAL A 64 -1.07 -10.88 -4.63
C VAL A 64 0.08 -11.83 -4.99
N GLY A 65 1.26 -11.25 -5.21
CA GLY A 65 2.41 -12.06 -5.57
C GLY A 65 3.30 -12.36 -4.37
N ASP A 66 4.38 -11.60 -4.23
CA ASP A 66 5.30 -11.79 -3.13
C ASP A 66 5.43 -10.51 -2.29
N LYS A 67 6.31 -10.55 -1.30
CA LYS A 67 6.52 -9.40 -0.42
C LYS A 67 7.46 -8.39 -1.08
N VAL A 68 7.09 -7.11 -1.00
CA VAL A 68 7.90 -6.05 -1.59
C VAL A 68 9.08 -5.69 -0.68
N ILE A 69 8.76 -5.26 0.54
CA ILE A 69 9.79 -4.88 1.50
C ILE A 69 9.18 -4.56 2.85
N THR A 70 9.96 -4.70 3.91
CA THR A 70 9.50 -4.42 5.26
C THR A 70 10.15 -3.15 5.81
N THR A 71 9.31 -2.18 6.18
CA THR A 71 9.80 -0.92 6.72
C THR A 71 9.24 -0.66 8.11
N GLU A 72 10.12 -0.35 9.05
CA GLU A 72 9.72 -0.08 10.43
C GLU A 72 10.43 1.14 10.98
N HIS A 73 9.75 1.88 11.84
CA HIS A 73 10.32 3.08 12.44
C HIS A 73 10.07 3.11 13.95
N GLU A 74 10.96 3.77 14.68
CA GLU A 74 10.83 3.87 16.13
C GLU A 74 10.13 5.16 16.53
N TYR A 75 8.86 5.06 16.90
CA TYR A 75 8.08 6.22 17.30
C TYR A 75 7.75 6.17 18.79
N ASP A 76 7.91 7.30 19.46
CA ASP A 76 7.62 7.39 20.89
C ASP A 76 6.19 6.99 21.19
N PHE A 77 5.29 7.26 20.24
CA PHE A 77 3.88 6.93 20.40
C PHE A 77 3.64 5.44 20.11
N GLY A 78 4.54 4.84 19.35
CA GLY A 78 4.41 3.43 19.03
C GLY A 78 5.11 3.07 17.73
N ILE A 79 5.96 2.04 17.79
CA ILE A 79 6.70 1.61 16.61
C ILE A 79 5.76 1.30 15.46
N VAL A 80 5.99 1.95 14.32
CA VAL A 80 5.16 1.73 13.14
C VAL A 80 5.84 0.78 12.16
N ARG A 81 5.06 -0.15 11.63
CA ARG A 81 5.58 -1.13 10.67
C ARG A 81 4.73 -1.18 9.41
N LEU A 82 5.19 -0.54 8.35
CA LEU A 82 4.47 -0.50 7.10
C LEU A 82 5.05 -1.51 6.11
N THR A 83 4.16 -2.28 5.47
CA THR A 83 4.59 -3.28 4.51
C THR A 83 3.74 -3.22 3.24
N THR A 84 4.34 -3.57 2.10
CA THR A 84 3.64 -3.56 0.83
C THR A 84 3.66 -4.94 0.18
N TYR A 85 2.70 -5.18 -0.72
CA TYR A 85 2.59 -6.45 -1.41
C TYR A 85 2.18 -6.25 -2.87
N LYS A 86 2.93 -6.87 -3.77
CA LYS A 86 2.65 -6.76 -5.20
C LYS A 86 1.25 -7.27 -5.52
N CYS A 87 0.40 -6.39 -6.03
CA CYS A 87 -0.96 -6.76 -6.37
C CYS A 87 -1.20 -6.65 -7.88
N THR A 88 -1.81 -7.69 -8.44
CA THR A 88 -2.08 -7.71 -9.88
C THR A 88 -3.47 -7.18 -10.18
N LEU A 89 -3.65 -6.67 -11.40
CA LEU A 89 -4.94 -6.11 -11.82
C LEU A 89 -5.94 -7.23 -12.09
N ASN A 90 -7.21 -6.98 -11.75
CA ASN A 90 -8.26 -7.96 -11.96
C ASN A 90 -9.38 -7.37 -12.82
N LYS A 91 -10.40 -8.18 -13.08
CA LYS A 91 -11.54 -7.75 -13.88
C LYS A 91 -12.12 -6.45 -13.35
N GLU A 92 -12.55 -6.47 -12.09
CA GLU A 92 -13.13 -5.29 -11.46
C GLU A 92 -12.03 -4.35 -10.96
N LEU A 93 -12.36 -3.07 -10.86
CA LEU A 93 -11.40 -2.07 -10.39
C LEU A 93 -11.32 -2.05 -8.87
N PRO A 94 -10.23 -1.50 -8.34
CA PRO A 94 -10.02 -1.40 -6.89
C PRO A 94 -10.97 -0.40 -6.23
N THR A 95 -11.29 -0.64 -4.96
CA THR A 95 -12.19 0.23 -4.22
C THR A 95 -11.40 1.33 -3.49
N LEU A 96 -12.10 2.40 -3.12
CA LEU A 96 -11.47 3.51 -2.41
C LEU A 96 -10.31 4.08 -3.22
N THR A 97 -10.31 3.81 -4.52
CA THR A 97 -9.25 4.30 -5.40
C THR A 97 -9.48 5.76 -5.77
N GLU A 98 -10.75 6.14 -5.89
CA GLU A 98 -11.10 7.52 -6.24
C GLU A 98 -11.05 8.42 -5.01
N HIS A 99 -10.71 7.83 -3.87
CA HIS A 99 -10.63 8.59 -2.62
C HIS A 99 -9.95 9.93 -2.83
N LYS A 100 -8.90 9.92 -3.64
CA LYS A 100 -8.15 11.14 -3.94
C LYS A 100 -8.47 11.66 -5.33
N SER A 101 -8.19 10.83 -6.34
CA SER A 101 -8.45 11.21 -7.73
C SER A 101 -7.98 10.11 -8.68
N ILE A 102 -8.01 10.42 -9.97
CA ILE A 102 -7.59 9.46 -10.99
C ILE A 102 -6.25 9.88 -11.61
N GLU A 103 -5.18 9.24 -11.17
CA GLU A 103 -3.85 9.53 -11.69
C GLU A 103 -3.01 8.27 -11.83
N TRP A 104 -2.62 7.95 -13.05
CA TRP A 104 -1.82 6.75 -13.31
C TRP A 104 -0.49 7.13 -13.95
N LEU A 105 0.58 7.12 -13.15
CA LEU A 105 1.91 7.45 -13.63
C LEU A 105 2.69 6.19 -13.98
N SER A 106 3.63 6.32 -14.91
CA SER A 106 4.45 5.19 -15.34
C SER A 106 5.38 4.75 -14.22
N ILE A 107 6.21 3.76 -14.51
CA ILE A 107 7.16 3.24 -13.52
C ILE A 107 8.30 4.22 -13.29
N ASN A 108 8.59 5.03 -14.30
CA ASN A 108 9.67 6.00 -14.21
C ASN A 108 9.12 7.39 -13.87
N GLU A 109 7.85 7.43 -13.47
CA GLU A 109 7.20 8.69 -13.12
C GLU A 109 6.59 8.60 -11.72
N LEU A 110 6.49 7.39 -11.20
CA LEU A 110 5.92 7.17 -9.88
C LEU A 110 6.61 8.07 -8.83
N ASP A 111 7.85 8.42 -9.10
CA ASP A 111 8.62 9.27 -8.19
C ASP A 111 7.85 10.56 -7.88
N LYS A 112 7.08 11.04 -8.86
CA LYS A 112 6.31 12.25 -8.68
C LYS A 112 5.27 12.10 -7.57
N LEU A 113 4.95 10.85 -7.25
CA LEU A 113 3.98 10.55 -6.20
C LEU A 113 4.66 10.38 -4.85
N ASN A 114 5.66 11.23 -4.58
CA ASN A 114 6.40 11.18 -3.33
C ASN A 114 5.56 10.50 -2.24
N TRP A 115 5.90 9.25 -1.94
CA TRP A 115 5.19 8.48 -0.92
C TRP A 115 5.90 8.59 0.43
N ALA A 116 5.26 8.06 1.48
CA ALA A 116 5.83 8.10 2.81
C ALA A 116 7.24 7.54 2.83
N PRO A 117 7.97 7.77 3.94
CA PRO A 117 9.34 7.30 4.09
C PRO A 117 9.42 5.78 4.23
N ALA A 118 8.29 5.15 4.53
CA ALA A 118 8.24 3.70 4.68
C ALA A 118 7.95 3.02 3.34
N ASP A 119 7.25 3.72 2.46
CA ASP A 119 6.91 3.19 1.15
C ASP A 119 7.90 3.66 0.10
N ILE A 120 8.57 4.78 0.38
CA ILE A 120 9.55 5.34 -0.55
C ILE A 120 10.48 4.26 -1.07
N PRO A 121 11.14 3.55 -0.15
CA PRO A 121 12.08 2.47 -0.48
C PRO A 121 11.39 1.25 -1.05
N ALA A 122 10.08 1.18 -0.85
CA ALA A 122 9.29 0.06 -1.36
C ALA A 122 8.85 0.30 -2.80
N VAL A 123 8.73 1.58 -3.17
CA VAL A 123 8.32 1.94 -4.52
C VAL A 123 9.50 1.95 -5.47
N ASN A 124 10.67 2.33 -4.96
CA ASN A 124 11.88 2.38 -5.77
C ASN A 124 12.21 0.99 -6.33
N LYS A 125 12.09 -0.02 -5.49
CA LYS A 125 12.37 -1.40 -5.91
C LYS A 125 11.64 -1.74 -7.19
N ILE A 126 10.46 -1.14 -7.38
CA ILE A 126 9.66 -1.39 -8.57
C ILE A 126 10.41 -0.97 -9.82
N MET A 127 11.02 0.21 -9.79
CA MET A 127 11.78 0.72 -10.93
C MET A 127 12.79 -0.31 -11.42
N THR A 128 13.36 -1.06 -10.48
CA THR A 128 14.34 -2.08 -10.82
C THR A 128 13.82 -3.01 -11.90
N GLU A 129 12.51 -3.26 -11.89
CA GLU A 129 11.89 -4.14 -12.88
C GLU A 129 12.09 -3.59 -14.29
N GLY A 130 11.88 -2.29 -14.45
CA GLY A 130 12.05 -1.67 -15.75
C GLY A 130 10.88 -1.93 -16.67
N MET A 1 7.27 -2.81 26.41
CA MET A 1 7.73 -2.46 25.07
C MET A 1 6.72 -1.56 24.36
N LYS A 2 7.10 -1.04 23.21
CA LYS A 2 6.23 -0.16 22.43
C LYS A 2 5.09 -0.95 21.79
N LYS A 3 4.01 -0.27 21.46
CA LYS A 3 2.86 -0.90 20.83
C LYS A 3 3.14 -1.20 19.37
N VAL A 4 3.14 -2.49 19.03
CA VAL A 4 3.40 -2.92 17.65
C VAL A 4 2.17 -2.72 16.78
N ILE A 5 2.24 -1.73 15.89
CA ILE A 5 1.13 -1.43 15.00
C ILE A 5 1.29 -2.15 13.66
N ASN A 6 0.55 -3.24 13.49
CA ASN A 6 0.61 -4.02 12.25
C ASN A 6 -0.23 -3.37 11.17
N VAL A 7 0.43 -2.93 10.10
CA VAL A 7 -0.25 -2.30 8.98
C VAL A 7 0.34 -2.75 7.64
N VAL A 8 -0.53 -2.93 6.65
CA VAL A 8 -0.11 -3.36 5.32
C VAL A 8 -0.74 -2.50 4.24
N GLY A 9 -0.33 -2.74 2.99
CA GLY A 9 -0.86 -1.97 1.88
C GLY A 9 -0.97 -2.80 0.62
N ALA A 10 -1.44 -2.16 -0.46
CA ALA A 10 -1.60 -2.85 -1.73
C ALA A 10 -1.24 -1.94 -2.90
N ILE A 11 -0.39 -2.42 -3.79
CA ILE A 11 0.03 -1.64 -4.95
C ILE A 11 -0.46 -2.28 -6.25
N ILE A 12 -1.34 -1.59 -6.96
CA ILE A 12 -1.88 -2.08 -8.21
C ILE A 12 -0.91 -1.84 -9.36
N PHE A 13 -0.90 -2.74 -10.33
CA PHE A 13 -0.02 -2.62 -11.48
C PHE A 13 -0.74 -3.06 -12.76
N SER A 14 -0.70 -2.20 -13.78
CA SER A 14 -1.35 -2.50 -15.04
C SER A 14 -0.88 -1.54 -16.14
N ASP A 15 -0.46 -2.09 -17.26
CA ASP A 15 0.02 -1.28 -18.38
C ASP A 15 1.19 -0.41 -17.96
N ASN A 16 2.00 -0.92 -17.04
CA ASN A 16 3.16 -0.18 -16.55
C ASN A 16 2.73 1.11 -15.85
N LYS A 17 1.65 1.03 -15.08
CA LYS A 17 1.13 2.19 -14.37
C LYS A 17 0.82 1.83 -12.91
N ILE A 18 0.47 2.84 -12.12
CA ILE A 18 0.15 2.63 -10.72
C ILE A 18 -1.04 3.49 -10.29
N LEU A 19 -1.79 3.01 -9.31
CA LEU A 19 -2.95 3.74 -8.81
C LEU A 19 -2.56 4.63 -7.63
N CYS A 20 -3.43 5.59 -7.32
CA CYS A 20 -3.17 6.52 -6.22
C CYS A 20 -4.43 6.73 -5.38
N ALA A 21 -4.26 6.76 -4.06
CA ALA A 21 -5.38 6.96 -3.16
C ALA A 21 -5.03 7.93 -2.04
N GLN A 22 -6.04 8.59 -1.48
CA GLN A 22 -5.82 9.54 -0.40
C GLN A 22 -6.49 9.06 0.89
N ARG A 23 -5.69 8.41 1.74
CA ARG A 23 -6.19 7.91 3.01
C ARG A 23 -5.04 7.61 3.97
N SER A 24 -5.39 7.26 5.21
CA SER A 24 -4.40 6.96 6.22
C SER A 24 -3.67 8.23 6.68
N GLU A 25 -4.41 9.33 6.70
CA GLU A 25 -3.85 10.62 7.12
C GLU A 25 -3.23 10.51 8.50
N LYS A 26 -3.76 9.61 9.32
CA LYS A 26 -3.26 9.40 10.68
C LYS A 26 -2.01 8.52 10.67
N MET A 27 -1.93 7.64 9.67
CA MET A 27 -0.79 6.74 9.55
C MET A 27 0.27 7.32 8.62
N SER A 28 0.03 7.19 7.30
CA SER A 28 0.96 7.70 6.30
C SER A 28 0.68 9.16 6.00
N LEU A 29 1.33 9.68 4.96
CA LEU A 29 1.15 11.07 4.56
C LEU A 29 0.46 11.16 3.19
N PRO A 30 -0.86 10.88 3.18
CA PRO A 30 -1.65 10.92 1.96
C PRO A 30 -1.86 12.34 1.44
N LEU A 31 -1.41 13.32 2.23
CA LEU A 31 -1.54 14.72 1.86
C LEU A 31 -1.02 14.95 0.44
N MET A 32 0.01 14.20 0.06
CA MET A 32 0.61 14.32 -1.26
C MET A 32 0.42 13.03 -2.06
N TRP A 33 0.69 11.90 -1.41
CA TRP A 33 0.56 10.60 -2.05
C TRP A 33 0.35 9.50 -1.03
N GLU A 34 -0.19 8.37 -1.47
CA GLU A 34 -0.44 7.24 -0.58
C GLU A 34 -0.98 6.05 -1.37
N PHE A 35 -1.28 4.96 -0.65
CA PHE A 35 -1.80 3.76 -1.28
C PHE A 35 -2.95 3.17 -0.47
N PRO A 36 -3.79 2.36 -1.13
CA PRO A 36 -4.94 1.73 -0.48
C PRO A 36 -4.53 0.65 0.51
N GLY A 37 -5.22 0.60 1.64
CA GLY A 37 -4.91 -0.39 2.67
C GLY A 37 -5.55 -0.07 3.99
N GLY A 38 -5.19 -0.83 5.03
CA GLY A 38 -5.75 -0.61 6.35
C GLY A 38 -4.84 -1.10 7.45
N LYS A 39 -5.43 -1.72 8.48
CA LYS A 39 -4.67 -2.24 9.60
C LYS A 39 -4.70 -3.77 9.60
N VAL A 40 -3.83 -4.37 10.40
CA VAL A 40 -3.75 -5.82 10.50
C VAL A 40 -3.79 -6.27 11.96
N GLU A 41 -4.43 -7.41 12.20
CA GLU A 41 -4.55 -7.96 13.55
C GLU A 41 -3.18 -8.36 14.09
N LYS A 42 -3.13 -8.69 15.38
CA LYS A 42 -1.88 -9.10 16.01
C LYS A 42 -1.61 -10.58 15.77
N ASN A 43 -2.66 -11.37 15.71
CA ASN A 43 -2.54 -12.81 15.48
C ASN A 43 -2.50 -13.12 13.98
N GLU A 44 -3.26 -12.36 13.21
CA GLU A 44 -3.32 -12.55 11.76
C GLU A 44 -2.06 -12.01 11.09
N THR A 45 -1.55 -12.75 10.12
CA THR A 45 -0.35 -12.35 9.40
C THR A 45 -0.65 -11.22 8.43
N GLU A 46 0.41 -10.57 7.94
CA GLU A 46 0.26 -9.45 7.01
C GLU A 46 -0.54 -9.88 5.78
N LYS A 47 -0.03 -10.89 5.07
CA LYS A 47 -0.70 -11.39 3.87
C LYS A 47 -2.06 -11.99 4.22
N ASP A 48 -2.07 -12.87 5.22
CA ASP A 48 -3.30 -13.53 5.64
C ASP A 48 -4.36 -12.49 6.00
N ALA A 49 -3.90 -11.29 6.39
CA ALA A 49 -4.82 -10.22 6.76
C ALA A 49 -5.32 -9.47 5.54
N LEU A 50 -4.48 -9.37 4.52
CA LEU A 50 -4.83 -8.68 3.29
C LEU A 50 -5.94 -9.42 2.54
N ILE A 51 -5.79 -10.74 2.44
CA ILE A 51 -6.78 -11.56 1.76
C ILE A 51 -8.18 -11.30 2.30
N ARG A 52 -8.27 -10.94 3.57
CA ARG A 52 -9.55 -10.66 4.21
C ARG A 52 -10.00 -9.23 3.91
N GLU A 53 -9.12 -8.27 4.20
CA GLU A 53 -9.43 -6.86 3.98
C GLU A 53 -9.91 -6.64 2.55
N ILE A 54 -9.05 -6.98 1.58
CA ILE A 54 -9.39 -6.82 0.17
C ILE A 54 -10.72 -7.49 -0.16
N ARG A 55 -11.10 -8.47 0.65
CA ARG A 55 -12.35 -9.19 0.45
C ARG A 55 -13.51 -8.46 1.12
N GLU A 56 -13.23 -7.79 2.23
CA GLU A 56 -14.25 -7.05 2.97
C GLU A 56 -14.27 -5.58 2.53
N GLU A 57 -13.17 -4.88 2.80
CA GLU A 57 -13.06 -3.47 2.45
C GLU A 57 -13.24 -3.27 0.95
N MET A 58 -12.31 -3.80 0.17
CA MET A 58 -12.36 -3.68 -1.28
C MET A 58 -13.52 -4.50 -1.85
N LYS A 59 -13.62 -5.75 -1.43
CA LYS A 59 -14.68 -6.63 -1.89
C LYS A 59 -14.50 -6.97 -3.36
N CYS A 60 -13.24 -7.12 -3.78
CA CYS A 60 -12.93 -7.45 -5.16
C CYS A 60 -12.16 -8.77 -5.25
N ASP A 61 -11.70 -9.09 -6.46
CA ASP A 61 -10.95 -10.32 -6.67
C ASP A 61 -9.47 -10.02 -6.88
N LEU A 62 -9.00 -8.94 -6.26
CA LEU A 62 -7.59 -8.55 -6.37
C LEU A 62 -6.67 -9.74 -6.15
N ILE A 63 -5.62 -9.83 -6.96
CA ILE A 63 -4.65 -10.91 -6.85
C ILE A 63 -3.33 -10.41 -6.29
N VAL A 64 -2.93 -10.98 -5.15
CA VAL A 64 -1.67 -10.60 -4.52
C VAL A 64 -0.47 -11.22 -5.23
N GLY A 65 0.67 -10.57 -5.13
CA GLY A 65 1.88 -11.08 -5.76
C GLY A 65 2.91 -11.56 -4.76
N ASP A 66 3.98 -10.79 -4.59
CA ASP A 66 5.03 -11.15 -3.65
C ASP A 66 5.38 -9.97 -2.76
N LYS A 67 6.19 -10.23 -1.73
CA LYS A 67 6.61 -9.19 -0.80
C LYS A 67 7.44 -8.13 -1.50
N VAL A 68 7.25 -6.86 -1.09
CA VAL A 68 7.99 -5.76 -1.68
C VAL A 68 9.18 -5.36 -0.80
N ILE A 69 8.88 -4.91 0.42
CA ILE A 69 9.92 -4.49 1.35
C ILE A 69 9.33 -4.19 2.72
N THR A 70 10.15 -4.31 3.76
CA THR A 70 9.72 -4.03 5.12
C THR A 70 10.18 -2.65 5.59
N THR A 71 9.29 -1.93 6.25
CA THR A 71 9.60 -0.60 6.75
C THR A 71 9.00 -0.36 8.12
N GLU A 72 9.85 -0.12 9.11
CA GLU A 72 9.39 0.12 10.47
C GLU A 72 9.76 1.52 10.93
N HIS A 73 8.91 2.12 11.76
CA HIS A 73 9.15 3.46 12.28
C HIS A 73 9.00 3.49 13.79
N GLU A 74 10.05 3.99 14.47
CA GLU A 74 10.04 4.07 15.92
C GLU A 74 9.16 5.22 16.40
N TYR A 75 7.97 4.89 16.87
CA TYR A 75 7.02 5.90 17.35
C TYR A 75 6.98 5.92 18.87
N ASP A 76 6.42 6.98 19.44
CA ASP A 76 6.31 7.13 20.88
C ASP A 76 5.09 6.37 21.42
N PHE A 77 4.06 6.28 20.59
CA PHE A 77 2.83 5.60 20.99
C PHE A 77 2.95 4.10 20.73
N GLY A 78 3.84 3.72 19.82
CA GLY A 78 4.03 2.32 19.51
C GLY A 78 4.69 2.12 18.15
N ILE A 79 5.62 1.18 18.09
CA ILE A 79 6.33 0.89 16.84
C ILE A 79 5.35 0.61 15.71
N VAL A 80 5.67 1.10 14.52
CA VAL A 80 4.83 0.90 13.36
C VAL A 80 5.57 0.16 12.25
N ARG A 81 4.90 -0.79 11.62
CA ARG A 81 5.49 -1.58 10.55
C ARG A 81 4.62 -1.57 9.31
N LEU A 82 5.07 -0.89 8.26
CA LEU A 82 4.31 -0.81 7.01
C LEU A 82 4.93 -1.70 5.95
N THR A 83 4.11 -2.51 5.30
CA THR A 83 4.58 -3.40 4.25
C THR A 83 3.71 -3.29 3.00
N THR A 84 4.27 -3.68 1.86
CA THR A 84 3.55 -3.62 0.59
C THR A 84 3.66 -4.94 -0.16
N TYR A 85 2.73 -5.16 -1.09
CA TYR A 85 2.72 -6.38 -1.88
C TYR A 85 2.31 -6.10 -3.32
N LYS A 86 3.14 -6.53 -4.27
CA LYS A 86 2.86 -6.32 -5.69
C LYS A 86 1.51 -6.92 -6.06
N CYS A 87 0.52 -6.05 -6.27
CA CYS A 87 -0.82 -6.51 -6.63
C CYS A 87 -1.07 -6.29 -8.12
N THR A 88 -1.71 -7.27 -8.76
CA THR A 88 -2.01 -7.19 -10.17
C THR A 88 -3.45 -6.73 -10.41
N LEU A 89 -3.71 -6.23 -11.61
CA LEU A 89 -5.05 -5.76 -11.96
C LEU A 89 -5.91 -6.89 -12.52
N ASN A 90 -7.11 -7.05 -11.97
CA ASN A 90 -8.02 -8.09 -12.42
C ASN A 90 -9.23 -7.50 -13.12
N LYS A 91 -10.17 -8.35 -13.50
CA LYS A 91 -11.38 -7.91 -14.19
C LYS A 91 -12.06 -6.78 -13.43
N GLU A 92 -12.03 -6.86 -12.10
CA GLU A 92 -12.63 -5.85 -11.26
C GLU A 92 -11.58 -4.87 -10.73
N LEU A 93 -11.92 -3.58 -10.75
CA LEU A 93 -11.00 -2.55 -10.27
C LEU A 93 -10.99 -2.48 -8.75
N PRO A 94 -9.94 -1.89 -8.19
CA PRO A 94 -9.78 -1.75 -6.74
C PRO A 94 -10.77 -0.75 -6.15
N THR A 95 -10.85 -0.72 -4.82
CA THR A 95 -11.75 0.19 -4.12
C THR A 95 -11.00 1.32 -3.44
N LEU A 96 -11.70 2.41 -3.15
CA LEU A 96 -11.09 3.56 -2.49
C LEU A 96 -9.96 4.14 -3.35
N THR A 97 -9.96 3.78 -4.64
CA THR A 97 -8.94 4.26 -5.55
C THR A 97 -9.23 5.69 -6.01
N GLU A 98 -10.52 6.01 -6.12
CA GLU A 98 -10.94 7.35 -6.54
C GLU A 98 -10.91 8.33 -5.37
N HIS A 99 -10.50 7.82 -4.20
CA HIS A 99 -10.43 8.66 -3.01
C HIS A 99 -9.82 10.02 -3.32
N LYS A 100 -8.82 10.02 -4.19
CA LYS A 100 -8.15 11.26 -4.59
C LYS A 100 -8.54 11.67 -6.00
N SER A 101 -8.23 10.81 -6.97
CA SER A 101 -8.56 11.09 -8.36
C SER A 101 -8.05 9.97 -9.28
N ILE A 102 -8.24 10.14 -10.58
CA ILE A 102 -7.79 9.15 -11.55
C ILE A 102 -6.50 9.59 -12.23
N GLU A 103 -5.39 9.00 -11.81
CA GLU A 103 -4.09 9.33 -12.38
C GLU A 103 -3.19 8.10 -12.43
N TRP A 104 -2.79 7.71 -13.64
CA TRP A 104 -1.93 6.55 -13.82
C TRP A 104 -0.60 6.95 -14.44
N LEU A 105 0.44 7.02 -13.62
CA LEU A 105 1.77 7.40 -14.08
C LEU A 105 2.64 6.17 -14.30
N SER A 106 3.69 6.31 -15.09
CA SER A 106 4.60 5.21 -15.39
C SER A 106 5.52 4.95 -14.21
N ILE A 107 6.38 3.94 -14.35
CA ILE A 107 7.33 3.59 -13.29
C ILE A 107 8.45 4.62 -13.20
N ASN A 108 8.59 5.43 -14.23
CA ASN A 108 9.63 6.46 -14.26
C ASN A 108 9.07 7.81 -13.81
N GLU A 109 7.87 7.78 -13.22
CA GLU A 109 7.24 9.01 -12.75
C GLU A 109 6.95 8.92 -11.25
N LEU A 110 6.79 7.70 -10.75
CA LEU A 110 6.50 7.47 -9.34
C LEU A 110 7.43 8.31 -8.46
N ASP A 111 8.66 8.49 -8.92
CA ASP A 111 9.65 9.27 -8.17
C ASP A 111 9.08 10.64 -7.80
N LYS A 112 8.55 11.35 -8.79
CA LYS A 112 7.98 12.66 -8.58
C LYS A 112 6.73 12.58 -7.69
N LEU A 113 6.18 11.39 -7.57
CA LEU A 113 5.00 11.17 -6.76
C LEU A 113 5.37 10.86 -5.31
N ASN A 114 6.31 11.63 -4.78
CA ASN A 114 6.76 11.44 -3.40
C ASN A 114 5.69 10.76 -2.57
N TRP A 115 5.92 9.51 -2.20
CA TRP A 115 4.97 8.75 -1.41
C TRP A 115 5.37 8.76 0.06
N ALA A 116 4.59 8.08 0.89
CA ALA A 116 4.86 8.00 2.32
C ALA A 116 6.31 7.59 2.58
N PRO A 117 6.77 7.78 3.83
CA PRO A 117 8.14 7.44 4.23
C PRO A 117 8.37 5.94 4.26
N ALA A 118 7.29 5.18 4.40
CA ALA A 118 7.38 3.72 4.45
C ALA A 118 7.26 3.13 3.05
N ASP A 119 6.57 3.83 2.17
CA ASP A 119 6.37 3.36 0.80
C ASP A 119 7.48 3.91 -0.12
N ILE A 120 8.06 5.02 0.28
CA ILE A 120 9.14 5.64 -0.50
C ILE A 120 10.15 4.61 -0.95
N PRO A 121 10.72 3.88 0.02
CA PRO A 121 11.72 2.84 -0.25
C PRO A 121 11.12 1.62 -0.96
N ALA A 122 9.82 1.42 -0.77
CA ALA A 122 9.13 0.30 -1.38
C ALA A 122 8.84 0.57 -2.86
N VAL A 123 8.63 1.84 -3.19
CA VAL A 123 8.35 2.23 -4.57
C VAL A 123 9.62 2.25 -5.40
N ASN A 124 10.70 2.78 -4.84
CA ASN A 124 11.97 2.86 -5.53
C ASN A 124 12.44 1.48 -5.97
N LYS A 125 12.28 0.49 -5.11
CA LYS A 125 12.68 -0.88 -5.41
C LYS A 125 11.96 -1.39 -6.66
N ILE A 126 10.72 -0.94 -6.84
CA ILE A 126 9.92 -1.35 -7.99
C ILE A 126 10.59 -0.91 -9.30
N MET A 127 11.17 0.28 -9.29
CA MET A 127 11.83 0.82 -10.47
C MET A 127 12.82 -0.19 -11.03
N THR A 128 13.43 -0.98 -10.16
CA THR A 128 14.41 -1.98 -10.58
C THR A 128 13.85 -2.86 -11.69
N GLU A 129 12.53 -3.08 -11.66
CA GLU A 129 11.86 -3.89 -12.67
C GLU A 129 12.06 -3.31 -14.06
N GLY A 130 11.93 -1.99 -14.17
CA GLY A 130 12.10 -1.33 -15.44
C GLY A 130 13.53 -0.93 -15.71
N MET A 1 8.21 -2.92 23.28
CA MET A 1 8.21 -1.97 24.39
C MET A 1 7.02 -1.03 24.30
N LYS A 2 6.72 -0.56 23.09
CA LYS A 2 5.60 0.35 22.88
C LYS A 2 4.47 -0.35 22.14
N LYS A 3 3.44 0.40 21.78
CA LYS A 3 2.30 -0.14 21.06
C LYS A 3 2.70 -0.57 19.65
N VAL A 4 2.95 -1.87 19.50
CA VAL A 4 3.35 -2.41 18.20
C VAL A 4 2.20 -2.34 17.20
N ILE A 5 2.26 -1.38 16.30
CA ILE A 5 1.22 -1.20 15.29
C ILE A 5 1.49 -2.06 14.08
N ASN A 6 0.54 -2.94 13.74
CA ASN A 6 0.67 -3.82 12.59
C ASN A 6 -0.25 -3.39 11.47
N VAL A 7 0.32 -2.75 10.45
CA VAL A 7 -0.47 -2.29 9.31
C VAL A 7 0.06 -2.88 8.01
N VAL A 8 -0.77 -2.86 6.97
CA VAL A 8 -0.39 -3.40 5.68
C VAL A 8 -0.95 -2.55 4.54
N GLY A 9 -0.40 -2.74 3.34
CA GLY A 9 -0.86 -1.98 2.20
C GLY A 9 -1.00 -2.84 0.95
N ALA A 10 -1.16 -2.19 -0.20
CA ALA A 10 -1.31 -2.90 -1.46
C ALA A 10 -0.97 -2.00 -2.64
N ILE A 11 -0.32 -2.56 -3.65
CA ILE A 11 0.05 -1.80 -4.84
C ILE A 11 -0.55 -2.43 -6.09
N ILE A 12 -1.68 -1.88 -6.55
CA ILE A 12 -2.34 -2.38 -7.74
C ILE A 12 -1.66 -1.87 -9.00
N PHE A 13 -1.16 -2.79 -9.82
CA PHE A 13 -0.49 -2.44 -11.06
C PHE A 13 -1.44 -2.59 -12.26
N SER A 14 -1.34 -1.64 -13.19
CA SER A 14 -2.19 -1.67 -14.38
C SER A 14 -1.58 -0.83 -15.49
N ASP A 15 -1.27 -1.47 -16.61
CA ASP A 15 -0.68 -0.78 -17.75
C ASP A 15 0.63 -0.11 -17.37
N ASN A 16 1.38 -0.76 -16.48
CA ASN A 16 2.66 -0.23 -16.04
C ASN A 16 2.48 1.07 -15.28
N LYS A 17 1.43 1.13 -14.45
CA LYS A 17 1.13 2.32 -13.67
C LYS A 17 0.69 1.94 -12.26
N ILE A 18 0.75 2.90 -11.35
CA ILE A 18 0.35 2.67 -9.97
C ILE A 18 -0.85 3.54 -9.58
N LEU A 19 -1.67 3.03 -8.67
CA LEU A 19 -2.86 3.76 -8.23
C LEU A 19 -2.53 4.60 -7.00
N CYS A 20 -3.39 5.58 -6.72
CA CYS A 20 -3.20 6.46 -5.57
C CYS A 20 -4.50 6.63 -4.79
N ALA A 21 -4.40 6.64 -3.47
CA ALA A 21 -5.57 6.79 -2.61
C ALA A 21 -5.23 7.57 -1.35
N GLN A 22 -5.90 8.71 -1.15
CA GLN A 22 -5.65 9.54 0.03
C GLN A 22 -6.80 9.42 1.03
N ARG A 23 -6.55 8.70 2.11
CA ARG A 23 -7.57 8.51 3.14
C ARG A 23 -7.81 9.80 3.92
N SER A 24 -6.82 10.21 4.70
CA SER A 24 -6.93 11.42 5.49
C SER A 24 -5.55 11.93 5.90
N GLU A 25 -5.53 12.91 6.80
CA GLU A 25 -4.26 13.48 7.29
C GLU A 25 -3.61 12.55 8.31
N LYS A 26 -4.25 11.43 8.58
CA LYS A 26 -3.72 10.46 9.54
C LYS A 26 -2.55 9.68 8.94
N MET A 27 -2.69 9.28 7.68
CA MET A 27 -1.65 8.52 7.00
C MET A 27 -0.35 9.33 6.95
N SER A 28 0.65 8.79 6.26
CA SER A 28 1.94 9.45 6.14
C SER A 28 1.95 10.40 4.94
N LEU A 29 2.30 11.65 5.19
CA LEU A 29 2.35 12.65 4.13
C LEU A 29 1.27 12.40 3.09
N PRO A 30 0.02 12.26 3.56
CA PRO A 30 -1.12 12.02 2.67
C PRO A 30 -1.47 13.23 1.82
N LEU A 31 -1.10 14.41 2.29
CA LEU A 31 -1.37 15.65 1.58
C LEU A 31 -0.75 15.62 0.19
N MET A 32 0.33 14.85 0.05
CA MET A 32 1.01 14.73 -1.24
C MET A 32 0.69 13.40 -1.90
N TRP A 33 0.84 12.31 -1.14
CA TRP A 33 0.57 10.98 -1.65
C TRP A 33 0.28 10.00 -0.51
N GLU A 34 -0.35 8.88 -0.84
CA GLU A 34 -0.69 7.87 0.16
C GLU A 34 -1.32 6.65 -0.51
N PHE A 35 -1.08 5.48 0.09
CA PHE A 35 -1.63 4.23 -0.45
C PHE A 35 -2.78 3.73 0.42
N PRO A 36 -3.66 2.93 -0.19
CA PRO A 36 -4.82 2.35 0.51
C PRO A 36 -4.43 1.31 1.55
N GLY A 37 -5.40 0.88 2.35
CA GLY A 37 -5.13 -0.11 3.37
C GLY A 37 -5.64 0.32 4.73
N GLY A 38 -5.43 -0.55 5.73
CA GLY A 38 -5.88 -0.24 7.07
C GLY A 38 -4.97 -0.83 8.14
N LYS A 39 -5.50 -1.73 8.94
CA LYS A 39 -4.73 -2.37 10.00
C LYS A 39 -4.89 -3.89 9.96
N VAL A 40 -4.03 -4.58 10.69
CA VAL A 40 -4.08 -6.05 10.73
C VAL A 40 -4.15 -6.55 12.17
N GLU A 41 -4.89 -7.64 12.37
CA GLU A 41 -5.05 -8.23 13.69
C GLU A 41 -3.70 -8.59 14.29
N LYS A 42 -3.69 -8.89 15.59
CA LYS A 42 -2.46 -9.26 16.28
C LYS A 42 -2.02 -10.68 15.91
N ASN A 43 -3.00 -11.54 15.68
CA ASN A 43 -2.73 -12.93 15.32
C ASN A 43 -3.06 -13.19 13.85
N GLU A 44 -2.73 -12.22 13.00
CA GLU A 44 -2.99 -12.35 11.58
C GLU A 44 -1.78 -11.88 10.76
N THR A 45 -1.47 -12.63 9.71
CA THR A 45 -0.33 -12.29 8.85
C THR A 45 -0.71 -11.20 7.85
N GLU A 46 0.29 -10.57 7.25
CA GLU A 46 0.07 -9.52 6.28
C GLU A 46 -0.62 -10.06 5.04
N LYS A 47 -0.27 -11.27 4.65
CA LYS A 47 -0.86 -11.91 3.47
C LYS A 47 -2.27 -12.39 3.77
N ASP A 48 -2.45 -13.03 4.92
CA ASP A 48 -3.76 -13.54 5.32
C ASP A 48 -4.72 -12.38 5.63
N ALA A 49 -4.17 -11.29 6.14
CA ALA A 49 -4.98 -10.12 6.47
C ALA A 49 -5.39 -9.36 5.22
N LEU A 50 -4.51 -9.34 4.22
CA LEU A 50 -4.79 -8.65 2.96
C LEU A 50 -5.66 -9.51 2.05
N ILE A 51 -5.26 -10.77 1.87
CA ILE A 51 -6.01 -11.69 1.02
C ILE A 51 -7.47 -11.72 1.41
N ARG A 52 -7.75 -11.52 2.69
CA ARG A 52 -9.12 -11.54 3.19
C ARG A 52 -9.78 -10.18 2.99
N GLU A 53 -9.06 -9.11 3.34
CA GLU A 53 -9.57 -7.76 3.19
C GLU A 53 -9.82 -7.43 1.72
N ILE A 54 -9.15 -8.15 0.83
CA ILE A 54 -9.29 -7.93 -0.60
C ILE A 54 -10.66 -8.41 -1.09
N ARG A 55 -11.03 -9.62 -0.71
CA ARG A 55 -12.31 -10.20 -1.11
C ARG A 55 -13.43 -9.75 -0.16
N GLU A 56 -13.04 -9.31 1.04
CA GLU A 56 -14.01 -8.87 2.03
C GLU A 56 -14.27 -7.37 1.89
N GLU A 57 -13.22 -6.58 2.07
CA GLU A 57 -13.34 -5.13 1.97
C GLU A 57 -13.42 -4.68 0.51
N MET A 58 -12.35 -4.94 -0.23
CA MET A 58 -12.30 -4.57 -1.65
C MET A 58 -13.37 -5.31 -2.44
N LYS A 59 -13.72 -6.51 -1.97
CA LYS A 59 -14.73 -7.32 -2.64
C LYS A 59 -14.43 -7.44 -4.13
N CYS A 60 -13.16 -7.66 -4.46
CA CYS A 60 -12.75 -7.80 -5.85
C CYS A 60 -11.86 -9.02 -6.03
N ASP A 61 -11.40 -9.24 -7.25
CA ASP A 61 -10.54 -10.37 -7.56
C ASP A 61 -9.07 -9.97 -7.52
N LEU A 62 -8.75 -8.96 -6.71
CA LEU A 62 -7.39 -8.48 -6.58
C LEU A 62 -6.42 -9.63 -6.33
N ILE A 63 -5.43 -9.77 -7.21
CA ILE A 63 -4.44 -10.82 -7.08
C ILE A 63 -3.17 -10.32 -6.38
N VAL A 64 -2.52 -11.21 -5.63
CA VAL A 64 -1.31 -10.85 -4.92
C VAL A 64 -0.10 -11.62 -5.48
N GLY A 65 1.07 -11.01 -5.36
CA GLY A 65 2.28 -11.65 -5.85
C GLY A 65 3.20 -12.09 -4.73
N ASP A 66 4.15 -11.24 -4.37
CA ASP A 66 5.09 -11.56 -3.31
C ASP A 66 5.41 -10.31 -2.47
N LYS A 67 6.18 -10.50 -1.41
CA LYS A 67 6.55 -9.41 -0.53
C LYS A 67 7.49 -8.43 -1.23
N VAL A 68 7.23 -7.14 -1.07
CA VAL A 68 8.05 -6.10 -1.69
C VAL A 68 9.16 -5.65 -0.75
N ILE A 69 8.80 -5.33 0.49
CA ILE A 69 9.76 -4.88 1.47
C ILE A 69 9.10 -4.69 2.84
N THR A 70 9.90 -4.88 3.90
CA THR A 70 9.39 -4.73 5.26
C THR A 70 9.95 -3.47 5.92
N THR A 71 9.24 -2.36 5.75
CA THR A 71 9.66 -1.09 6.33
C THR A 71 9.00 -0.85 7.68
N GLU A 72 9.82 -0.62 8.71
CA GLU A 72 9.30 -0.37 10.04
C GLU A 72 9.93 0.89 10.64
N HIS A 73 9.11 1.66 11.35
CA HIS A 73 9.58 2.90 11.97
C HIS A 73 9.23 2.93 13.46
N GLU A 74 10.25 3.14 14.29
CA GLU A 74 10.04 3.19 15.74
C GLU A 74 9.41 4.52 16.16
N TYR A 75 8.35 4.43 16.95
CA TYR A 75 7.65 5.63 17.42
C TYR A 75 7.60 5.67 18.95
N ASP A 76 7.15 6.79 19.48
CA ASP A 76 7.05 6.95 20.93
C ASP A 76 5.75 6.35 21.45
N PHE A 77 4.67 6.56 20.73
CA PHE A 77 3.37 6.04 21.12
C PHE A 77 3.22 4.58 20.72
N GLY A 78 4.00 4.17 19.73
CA GLY A 78 3.95 2.79 19.27
C GLY A 78 4.57 2.62 17.90
N ILE A 79 5.52 1.69 17.80
CA ILE A 79 6.20 1.43 16.54
C ILE A 79 5.19 1.14 15.43
N VAL A 80 5.50 1.61 14.21
CA VAL A 80 4.62 1.38 13.07
C VAL A 80 5.30 0.50 12.02
N ARG A 81 4.66 -0.63 11.70
CA ARG A 81 5.20 -1.56 10.72
C ARG A 81 4.37 -1.53 9.43
N LEU A 82 4.94 -0.94 8.39
CA LEU A 82 4.25 -0.84 7.10
C LEU A 82 4.86 -1.80 6.09
N THR A 83 4.01 -2.53 5.38
CA THR A 83 4.47 -3.49 4.38
C THR A 83 3.69 -3.32 3.07
N THR A 84 4.29 -3.77 1.97
CA THR A 84 3.66 -3.68 0.67
C THR A 84 3.72 -5.01 -0.07
N TYR A 85 2.67 -5.31 -0.83
CA TYR A 85 2.61 -6.56 -1.58
C TYR A 85 2.18 -6.31 -3.03
N LYS A 86 2.99 -6.79 -3.97
CA LYS A 86 2.70 -6.61 -5.38
C LYS A 86 1.31 -7.17 -5.73
N CYS A 87 0.55 -6.40 -6.50
CA CYS A 87 -0.79 -6.82 -6.89
C CYS A 87 -0.96 -6.72 -8.41
N THR A 88 -1.85 -7.55 -8.95
CA THR A 88 -2.10 -7.56 -10.39
C THR A 88 -3.44 -6.92 -10.71
N LEU A 89 -3.68 -6.70 -12.00
CA LEU A 89 -4.94 -6.09 -12.45
C LEU A 89 -5.97 -7.16 -12.79
N ASN A 90 -7.25 -6.83 -12.61
CA ASN A 90 -8.33 -7.75 -12.90
C ASN A 90 -9.50 -7.04 -13.58
N LYS A 91 -10.46 -7.82 -14.04
CA LYS A 91 -11.64 -7.26 -14.70
C LYS A 91 -12.26 -6.15 -13.88
N GLU A 92 -12.28 -6.34 -12.56
CA GLU A 92 -12.85 -5.35 -11.65
C GLU A 92 -11.76 -4.47 -11.05
N LEU A 93 -12.09 -3.20 -10.85
CA LEU A 93 -11.14 -2.24 -10.28
C LEU A 93 -11.23 -2.23 -8.77
N PRO A 94 -10.15 -1.76 -8.12
CA PRO A 94 -10.07 -1.68 -6.66
C PRO A 94 -11.00 -0.61 -6.09
N THR A 95 -11.54 -0.86 -4.90
CA THR A 95 -12.44 0.08 -4.25
C THR A 95 -11.67 1.14 -3.48
N LEU A 96 -12.34 2.24 -3.17
CA LEU A 96 -11.71 3.33 -2.43
C LEU A 96 -10.53 3.90 -3.20
N THR A 97 -10.47 3.60 -4.50
CA THR A 97 -9.38 4.08 -5.35
C THR A 97 -9.64 5.51 -5.81
N GLU A 98 -10.92 5.85 -5.99
CA GLU A 98 -11.30 7.18 -6.43
C GLU A 98 -11.32 8.16 -5.25
N HIS A 99 -11.00 7.65 -4.07
CA HIS A 99 -10.98 8.48 -2.87
C HIS A 99 -10.35 9.84 -3.15
N LYS A 100 -9.28 9.85 -3.93
CA LYS A 100 -8.59 11.07 -4.28
C LYS A 100 -8.92 11.50 -5.70
N SER A 101 -8.59 10.65 -6.67
CA SER A 101 -8.85 10.93 -8.07
C SER A 101 -8.29 9.84 -8.97
N ILE A 102 -8.43 10.03 -10.28
CA ILE A 102 -7.93 9.05 -11.24
C ILE A 102 -6.60 9.51 -11.85
N GLU A 103 -5.50 8.96 -11.36
CA GLU A 103 -4.18 9.30 -11.86
C GLU A 103 -3.28 8.08 -11.92
N TRP A 104 -2.84 7.74 -13.13
CA TRP A 104 -1.97 6.59 -13.33
C TRP A 104 -0.63 7.01 -13.89
N LEU A 105 0.39 7.04 -13.04
CA LEU A 105 1.74 7.44 -13.44
C LEU A 105 2.57 6.22 -13.81
N SER A 106 3.49 6.39 -14.76
CA SER A 106 4.35 5.30 -15.20
C SER A 106 5.32 4.89 -14.10
N ILE A 107 6.15 3.89 -14.39
CA ILE A 107 7.12 3.40 -13.43
C ILE A 107 8.27 4.40 -13.25
N ASN A 108 8.47 5.24 -14.26
CA ASN A 108 9.53 6.23 -14.23
C ASN A 108 9.00 7.59 -13.76
N GLU A 109 7.80 7.58 -13.19
CA GLU A 109 7.18 8.80 -12.71
C GLU A 109 6.86 8.69 -11.22
N LEU A 110 6.67 7.46 -10.75
CA LEU A 110 6.35 7.22 -9.35
C LEU A 110 7.30 8.00 -8.43
N ASP A 111 8.54 8.14 -8.87
CA ASP A 111 9.54 8.87 -8.09
C ASP A 111 9.03 10.25 -7.73
N LYS A 112 8.54 10.98 -8.73
CA LYS A 112 8.02 12.33 -8.51
C LYS A 112 6.80 12.31 -7.61
N LEU A 113 6.20 11.13 -7.46
CA LEU A 113 5.02 10.97 -6.62
C LEU A 113 5.41 10.67 -5.18
N ASN A 114 6.40 11.39 -4.68
CA ASN A 114 6.86 11.21 -3.31
C ASN A 114 5.77 10.59 -2.44
N TRP A 115 5.96 9.34 -2.04
CA TRP A 115 4.99 8.65 -1.20
C TRP A 115 5.44 8.63 0.25
N ALA A 116 4.73 7.86 1.08
CA ALA A 116 5.06 7.76 2.49
C ALA A 116 6.50 7.33 2.69
N PRO A 117 7.01 7.47 3.92
CA PRO A 117 8.39 7.10 4.27
C PRO A 117 8.61 5.60 4.25
N ALA A 118 7.52 4.85 4.43
CA ALA A 118 7.61 3.39 4.43
C ALA A 118 7.39 2.83 3.02
N ASP A 119 6.64 3.56 2.21
CA ASP A 119 6.36 3.14 0.84
C ASP A 119 7.43 3.66 -0.12
N ILE A 120 8.07 4.76 0.25
CA ILE A 120 9.11 5.35 -0.58
C ILE A 120 10.10 4.29 -1.05
N PRO A 121 10.69 3.57 -0.09
CA PRO A 121 11.66 2.51 -0.39
C PRO A 121 11.02 1.30 -1.05
N ALA A 122 9.73 1.11 -0.80
CA ALA A 122 8.99 -0.02 -1.37
C ALA A 122 8.66 0.24 -2.84
N VAL A 123 8.50 1.51 -3.20
CA VAL A 123 8.19 1.89 -4.57
C VAL A 123 9.45 1.99 -5.42
N ASN A 124 10.53 2.45 -4.80
CA ASN A 124 11.81 2.61 -5.49
C ASN A 124 12.27 1.27 -6.05
N LYS A 125 12.23 0.23 -5.22
CA LYS A 125 12.66 -1.10 -5.64
C LYS A 125 11.92 -1.54 -6.89
N ILE A 126 10.68 -1.07 -7.04
CA ILE A 126 9.87 -1.41 -8.21
C ILE A 126 10.52 -0.93 -9.49
N MET A 127 11.03 0.29 -9.48
CA MET A 127 11.68 0.87 -10.64
C MET A 127 12.74 -0.07 -11.19
N THR A 128 13.39 -0.81 -10.30
CA THR A 128 14.43 -1.75 -10.70
C THR A 128 13.95 -2.66 -11.82
N GLU A 129 12.66 -2.99 -11.80
CA GLU A 129 12.07 -3.86 -12.82
C GLU A 129 12.22 -3.24 -14.21
N GLY A 130 12.00 -1.93 -14.29
CA GLY A 130 12.12 -1.24 -15.56
C GLY A 130 12.33 0.25 -15.40
N MET A 1 7.38 -4.56 24.52
CA MET A 1 8.06 -3.41 25.12
C MET A 1 7.25 -2.14 24.92
N LYS A 2 6.60 -2.03 23.76
CA LYS A 2 5.79 -0.86 23.45
C LYS A 2 4.64 -1.24 22.52
N LYS A 3 3.78 -0.27 22.24
CA LYS A 3 2.63 -0.49 21.36
C LYS A 3 3.06 -0.51 19.90
N VAL A 4 3.51 -1.68 19.44
CA VAL A 4 3.95 -1.83 18.05
C VAL A 4 2.78 -1.71 17.09
N ILE A 5 2.92 -0.80 16.12
CA ILE A 5 1.88 -0.59 15.13
C ILE A 5 2.06 -1.51 13.92
N ASN A 6 0.94 -1.94 13.34
CA ASN A 6 0.98 -2.82 12.19
C ASN A 6 0.05 -2.32 11.08
N VAL A 7 0.63 -1.98 9.93
CA VAL A 7 -0.14 -1.48 8.81
C VAL A 7 0.25 -2.21 7.51
N VAL A 8 -0.75 -2.47 6.67
CA VAL A 8 -0.52 -3.16 5.41
C VAL A 8 -1.11 -2.37 4.24
N GLY A 9 -0.44 -2.43 3.09
CA GLY A 9 -0.91 -1.72 1.92
C GLY A 9 -0.93 -2.61 0.69
N ALA A 10 -1.48 -2.07 -0.41
CA ALA A 10 -1.55 -2.81 -1.66
C ALA A 10 -1.12 -1.95 -2.84
N ILE A 11 -0.40 -2.55 -3.77
CA ILE A 11 0.08 -1.84 -4.95
C ILE A 11 -0.46 -2.47 -6.23
N ILE A 12 -1.55 -1.92 -6.74
CA ILE A 12 -2.16 -2.44 -7.95
C ILE A 12 -1.43 -1.92 -9.19
N PHE A 13 -0.95 -2.85 -10.02
CA PHE A 13 -0.22 -2.50 -11.23
C PHE A 13 -1.08 -2.75 -12.47
N SER A 14 -1.17 -1.75 -13.33
CA SER A 14 -1.96 -1.86 -14.55
C SER A 14 -1.37 -1.00 -15.66
N ASP A 15 -0.99 -1.64 -16.77
CA ASP A 15 -0.41 -0.92 -17.90
C ASP A 15 0.85 -0.18 -17.48
N ASN A 16 1.60 -0.77 -16.57
CA ASN A 16 2.84 -0.16 -16.09
C ASN A 16 2.56 1.16 -15.37
N LYS A 17 1.47 1.19 -14.60
CA LYS A 17 1.09 2.40 -13.87
C LYS A 17 0.68 2.05 -12.44
N ILE A 18 0.78 3.03 -11.55
CA ILE A 18 0.41 2.83 -10.15
C ILE A 18 -0.84 3.62 -9.80
N LEU A 19 -1.63 3.09 -8.87
CA LEU A 19 -2.85 3.74 -8.43
C LEU A 19 -2.62 4.57 -7.17
N CYS A 20 -3.53 5.48 -6.89
CA CYS A 20 -3.44 6.34 -5.71
C CYS A 20 -4.71 6.28 -4.88
N ALA A 21 -4.56 6.28 -3.56
CA ALA A 21 -5.70 6.22 -2.65
C ALA A 21 -5.37 6.87 -1.32
N GLN A 22 -6.03 7.98 -1.02
CA GLN A 22 -5.81 8.69 0.23
C GLN A 22 -6.78 8.24 1.31
N ARG A 23 -6.35 7.30 2.14
CA ARG A 23 -7.19 6.78 3.21
C ARG A 23 -7.50 7.87 4.24
N SER A 24 -6.48 8.28 4.98
CA SER A 24 -6.64 9.31 6.00
C SER A 24 -5.29 9.71 6.59
N GLU A 25 -5.34 10.42 7.71
CA GLU A 25 -4.12 10.87 8.38
C GLU A 25 -3.50 9.75 9.20
N LYS A 26 -4.13 8.58 9.15
CA LYS A 26 -3.64 7.42 9.89
C LYS A 26 -2.39 6.83 9.24
N MET A 27 -2.35 6.88 7.92
CA MET A 27 -1.21 6.36 7.17
C MET A 27 0.01 7.27 7.33
N SER A 28 1.08 6.94 6.61
CA SER A 28 2.31 7.72 6.67
C SER A 28 2.33 8.80 5.59
N LEU A 29 2.56 10.04 6.01
CA LEU A 29 2.61 11.16 5.07
C LEU A 29 1.55 11.01 3.99
N PRO A 30 0.29 10.79 4.42
CA PRO A 30 -0.84 10.62 3.50
C PRO A 30 -1.21 11.93 2.80
N LEU A 31 -0.75 13.05 3.36
CA LEU A 31 -1.04 14.35 2.78
C LEU A 31 -0.59 14.43 1.33
N MET A 32 0.70 14.15 1.10
CA MET A 32 1.26 14.18 -0.25
C MET A 32 0.76 13.00 -1.06
N TRP A 33 0.86 11.81 -0.49
CA TRP A 33 0.40 10.60 -1.18
C TRP A 33 0.13 9.47 -0.17
N GLU A 34 -0.66 8.49 -0.59
CA GLU A 34 -0.99 7.37 0.27
C GLU A 34 -1.54 6.20 -0.55
N PHE A 35 -1.37 4.99 -0.04
CA PHE A 35 -1.85 3.79 -0.72
C PHE A 35 -3.12 3.26 -0.07
N PRO A 36 -3.86 2.43 -0.81
CA PRO A 36 -5.12 1.85 -0.32
C PRO A 36 -4.88 0.82 0.77
N GLY A 37 -5.86 0.66 1.65
CA GLY A 37 -5.75 -0.29 2.74
C GLY A 37 -6.08 0.32 4.09
N GLY A 38 -5.27 0.00 5.10
CA GLY A 38 -5.50 0.53 6.43
C GLY A 38 -4.55 -0.05 7.45
N LYS A 39 -5.11 -0.70 8.47
CA LYS A 39 -4.32 -1.31 9.54
C LYS A 39 -4.48 -2.82 9.53
N VAL A 40 -3.73 -3.50 10.39
CA VAL A 40 -3.80 -4.96 10.49
C VAL A 40 -3.99 -5.40 11.94
N GLU A 41 -4.73 -6.48 12.13
CA GLU A 41 -4.98 -7.00 13.47
C GLU A 41 -3.70 -7.50 14.11
N LYS A 42 -3.56 -7.25 15.41
CA LYS A 42 -2.38 -7.66 16.15
C LYS A 42 -2.12 -9.15 15.98
N ASN A 43 -3.19 -9.92 15.87
CA ASN A 43 -3.08 -11.37 15.68
C ASN A 43 -3.40 -11.77 14.24
N GLU A 44 -2.97 -10.93 13.31
CA GLU A 44 -3.21 -11.19 11.89
C GLU A 44 -2.02 -10.78 11.05
N THR A 45 -1.62 -11.64 10.11
CA THR A 45 -0.48 -11.36 9.24
C THR A 45 -0.82 -10.28 8.23
N GLU A 46 0.21 -9.65 7.67
CA GLU A 46 0.02 -8.59 6.69
C GLU A 46 -0.80 -9.09 5.51
N LYS A 47 -0.31 -10.13 4.84
CA LYS A 47 -1.01 -10.70 3.69
C LYS A 47 -2.37 -11.26 4.10
N ASP A 48 -2.37 -12.10 5.13
CA ASP A 48 -3.60 -12.71 5.62
C ASP A 48 -4.64 -11.63 5.97
N ALA A 49 -4.14 -10.44 6.29
CA ALA A 49 -5.03 -9.33 6.65
C ALA A 49 -5.64 -8.69 5.40
N LEU A 50 -4.87 -8.69 4.31
CA LEU A 50 -5.34 -8.12 3.05
C LEU A 50 -6.23 -9.10 2.29
N ILE A 51 -5.77 -10.34 2.21
CA ILE A 51 -6.52 -11.38 1.51
C ILE A 51 -7.96 -11.44 2.01
N ARG A 52 -8.14 -11.18 3.30
CA ARG A 52 -9.47 -11.20 3.90
C ARG A 52 -10.20 -9.88 3.68
N GLU A 53 -9.47 -8.78 3.87
CA GLU A 53 -10.04 -7.45 3.69
C GLU A 53 -10.50 -7.24 2.25
N ILE A 54 -9.55 -7.33 1.32
CA ILE A 54 -9.85 -7.14 -0.09
C ILE A 54 -11.08 -7.93 -0.50
N ARG A 55 -11.34 -9.04 0.20
CA ARG A 55 -12.49 -9.88 -0.09
C ARG A 55 -13.76 -9.04 -0.18
N GLU A 56 -14.16 -8.46 0.94
CA GLU A 56 -15.36 -7.63 1.00
C GLU A 56 -15.02 -6.16 0.80
N GLU A 57 -13.88 -5.74 1.36
CA GLU A 57 -13.44 -4.36 1.24
C GLU A 57 -13.41 -3.91 -0.22
N MET A 58 -12.83 -4.75 -1.08
CA MET A 58 -12.73 -4.44 -2.50
C MET A 58 -13.84 -5.14 -3.28
N LYS A 59 -14.26 -6.30 -2.79
CA LYS A 59 -15.32 -7.06 -3.44
C LYS A 59 -14.85 -7.59 -4.79
N CYS A 60 -13.57 -7.90 -4.88
CA CYS A 60 -12.99 -8.42 -6.12
C CYS A 60 -12.07 -9.61 -5.84
N ASP A 61 -11.39 -10.08 -6.86
CA ASP A 61 -10.47 -11.21 -6.73
C ASP A 61 -9.02 -10.75 -6.80
N LEU A 62 -8.78 -9.53 -6.35
CA LEU A 62 -7.43 -8.97 -6.36
C LEU A 62 -6.40 -10.00 -5.89
N ILE A 63 -5.58 -10.48 -6.83
CA ILE A 63 -4.56 -11.47 -6.52
C ILE A 63 -3.27 -10.79 -6.08
N VAL A 64 -2.51 -11.49 -5.23
CA VAL A 64 -1.25 -10.96 -4.74
C VAL A 64 -0.07 -11.78 -5.26
N GLY A 65 1.07 -11.11 -5.45
CA GLY A 65 2.25 -11.79 -5.94
C GLY A 65 3.19 -12.21 -4.83
N ASP A 66 4.10 -11.33 -4.45
CA ASP A 66 5.06 -11.62 -3.38
C ASP A 66 5.28 -10.40 -2.50
N LYS A 67 6.12 -10.55 -1.49
CA LYS A 67 6.42 -9.46 -0.57
C LYS A 67 7.30 -8.41 -1.24
N VAL A 68 7.00 -7.14 -0.98
CA VAL A 68 7.77 -6.05 -1.55
C VAL A 68 8.99 -5.71 -0.70
N ILE A 69 8.74 -5.28 0.53
CA ILE A 69 9.81 -4.93 1.45
C ILE A 69 9.26 -4.56 2.82
N THR A 70 10.09 -4.73 3.85
CA THR A 70 9.69 -4.41 5.22
C THR A 70 10.36 -3.13 5.71
N THR A 71 9.57 -2.24 6.29
CA THR A 71 10.09 -0.98 6.81
C THR A 71 9.60 -0.71 8.22
N GLU A 72 10.37 0.05 8.99
CA GLU A 72 10.00 0.38 10.36
C GLU A 72 10.50 1.78 10.73
N HIS A 73 9.74 2.46 11.58
CA HIS A 73 10.09 3.81 12.01
C HIS A 73 9.62 4.05 13.44
N GLU A 74 10.34 4.93 14.15
CA GLU A 74 9.99 5.26 15.53
C GLU A 74 8.79 6.20 15.57
N TYR A 75 7.84 5.91 16.46
CA TYR A 75 6.65 6.73 16.62
C TYR A 75 6.62 7.41 17.98
N ASP A 76 5.48 7.99 18.32
CA ASP A 76 5.31 8.67 19.60
C ASP A 76 5.72 7.76 20.75
N PHE A 77 5.11 6.58 20.81
CA PHE A 77 5.41 5.62 21.87
C PHE A 77 5.69 4.23 21.29
N GLY A 78 5.18 4.00 20.08
CA GLY A 78 5.39 2.71 19.43
C GLY A 78 6.19 2.84 18.15
N ILE A 79 6.14 1.79 17.33
CA ILE A 79 6.87 1.79 16.06
C ILE A 79 5.94 1.43 14.91
N VAL A 80 6.01 2.22 13.84
CA VAL A 80 5.18 1.99 12.66
C VAL A 80 5.91 1.14 11.63
N ARG A 81 5.26 0.09 11.16
CA ARG A 81 5.85 -0.80 10.17
C ARG A 81 4.97 -0.90 8.93
N LEU A 82 5.50 -0.43 7.80
CA LEU A 82 4.77 -0.47 6.54
C LEU A 82 5.13 -1.70 5.72
N THR A 83 4.12 -2.40 5.22
CA THR A 83 4.34 -3.60 4.42
C THR A 83 3.47 -3.58 3.17
N THR A 84 4.12 -3.62 2.00
CA THR A 84 3.40 -3.62 0.73
C THR A 84 3.55 -4.96 0.02
N TYR A 85 2.57 -5.27 -0.83
CA TYR A 85 2.58 -6.53 -1.57
C TYR A 85 2.19 -6.30 -3.03
N LYS A 86 3.00 -6.82 -3.94
CA LYS A 86 2.74 -6.68 -5.37
C LYS A 86 1.36 -7.21 -5.73
N CYS A 87 0.55 -6.39 -6.38
CA CYS A 87 -0.79 -6.78 -6.78
C CYS A 87 -0.94 -6.73 -8.30
N THR A 88 -1.75 -7.65 -8.84
CA THR A 88 -1.98 -7.71 -10.27
C THR A 88 -3.35 -7.16 -10.63
N LEU A 89 -3.45 -6.52 -11.80
CA LEU A 89 -4.71 -5.95 -12.26
C LEU A 89 -5.64 -7.04 -12.76
N ASN A 90 -6.73 -7.26 -12.02
CA ASN A 90 -7.71 -8.28 -12.39
C ASN A 90 -8.80 -7.68 -13.27
N LYS A 91 -9.79 -8.51 -13.62
CA LYS A 91 -10.90 -8.06 -14.46
C LYS A 91 -11.67 -6.92 -13.79
N GLU A 92 -11.79 -7.00 -12.46
CA GLU A 92 -12.50 -5.98 -11.71
C GLU A 92 -11.53 -4.93 -11.16
N LEU A 93 -11.92 -3.67 -11.28
CA LEU A 93 -11.09 -2.57 -10.81
C LEU A 93 -11.04 -2.53 -9.29
N PRO A 94 -9.97 -1.96 -8.73
CA PRO A 94 -9.78 -1.85 -7.29
C PRO A 94 -10.75 -0.86 -6.65
N THR A 95 -11.09 -1.09 -5.38
CA THR A 95 -12.01 -0.23 -4.66
C THR A 95 -11.26 0.77 -3.79
N LEU A 96 -11.94 1.85 -3.42
CA LEU A 96 -11.34 2.89 -2.59
C LEU A 96 -10.18 3.56 -3.31
N THR A 97 -10.10 3.35 -4.62
CA THR A 97 -9.03 3.93 -5.43
C THR A 97 -9.34 5.38 -5.78
N GLU A 98 -10.63 5.68 -5.94
CA GLU A 98 -11.06 7.03 -6.27
C GLU A 98 -11.12 7.91 -5.02
N HIS A 99 -10.78 7.33 -3.88
CA HIS A 99 -10.79 8.05 -2.61
C HIS A 99 -10.21 9.45 -2.79
N LYS A 100 -9.16 9.55 -3.60
CA LYS A 100 -8.50 10.82 -3.84
C LYS A 100 -8.84 11.35 -5.24
N SER A 101 -8.49 10.56 -6.25
CA SER A 101 -8.75 10.95 -7.64
C SER A 101 -8.21 9.90 -8.61
N ILE A 102 -8.26 10.23 -9.89
CA ILE A 102 -7.77 9.31 -10.92
C ILE A 102 -6.46 9.81 -11.53
N GLU A 103 -5.35 9.20 -11.12
CA GLU A 103 -4.04 9.59 -11.64
C GLU A 103 -3.13 8.37 -11.76
N TRP A 104 -2.70 8.09 -12.99
CA TRP A 104 -1.83 6.96 -13.26
C TRP A 104 -0.49 7.41 -13.83
N LEU A 105 0.58 7.20 -13.06
CA LEU A 105 1.91 7.60 -13.49
C LEU A 105 2.72 6.39 -13.93
N SER A 106 3.74 6.63 -14.75
CA SER A 106 4.60 5.56 -15.24
C SER A 106 5.55 5.07 -14.15
N ILE A 107 6.27 4.00 -14.44
CA ILE A 107 7.22 3.44 -13.49
C ILE A 107 8.46 4.32 -13.34
N ASN A 108 8.74 5.11 -14.39
CA ASN A 108 9.89 6.00 -14.38
C ASN A 108 9.48 7.41 -13.96
N GLU A 109 8.23 7.55 -13.53
CA GLU A 109 7.71 8.85 -13.11
C GLU A 109 7.05 8.75 -11.73
N LEU A 110 6.97 7.53 -11.21
CA LEU A 110 6.36 7.29 -9.91
C LEU A 110 7.03 8.15 -8.83
N ASP A 111 8.27 8.53 -9.08
CA ASP A 111 9.03 9.36 -8.13
C ASP A 111 8.26 10.63 -7.80
N LYS A 112 7.49 11.13 -8.77
CA LYS A 112 6.70 12.33 -8.58
C LYS A 112 5.63 12.13 -7.51
N LEU A 113 5.35 10.87 -7.19
CA LEU A 113 4.35 10.54 -6.17
C LEU A 113 4.99 10.37 -4.81
N ASN A 114 5.96 11.23 -4.50
CA ASN A 114 6.65 11.18 -3.22
C ASN A 114 5.80 10.48 -2.17
N TRP A 115 6.14 9.23 -1.87
CA TRP A 115 5.41 8.45 -0.88
C TRP A 115 6.07 8.54 0.48
N ALA A 116 5.41 8.00 1.50
CA ALA A 116 5.94 8.01 2.86
C ALA A 116 7.37 7.47 2.90
N PRO A 117 8.04 7.66 4.03
CA PRO A 117 9.42 7.19 4.23
C PRO A 117 9.51 5.67 4.31
N ALA A 118 8.37 5.03 4.56
CA ALA A 118 8.33 3.58 4.67
C ALA A 118 8.06 2.94 3.31
N ASP A 119 7.33 3.66 2.45
CA ASP A 119 7.00 3.17 1.12
C ASP A 119 8.03 3.64 0.09
N ILE A 120 8.70 4.75 0.40
CA ILE A 120 9.70 5.31 -0.49
C ILE A 120 10.64 4.22 -1.02
N PRO A 121 11.27 3.49 -0.08
CA PRO A 121 12.20 2.41 -0.43
C PRO A 121 11.48 1.20 -1.04
N ALA A 122 10.17 1.14 -0.84
CA ALA A 122 9.38 0.04 -1.38
C ALA A 122 8.97 0.32 -2.82
N VAL A 123 8.90 1.59 -3.18
CA VAL A 123 8.51 2.00 -4.53
C VAL A 123 9.70 1.94 -5.47
N ASN A 124 10.88 2.26 -4.96
CA ASN A 124 12.10 2.25 -5.76
C ASN A 124 12.34 0.87 -6.36
N LYS A 125 12.18 -0.17 -5.53
CA LYS A 125 12.38 -1.54 -5.98
C LYS A 125 11.60 -1.81 -7.26
N ILE A 126 10.46 -1.16 -7.41
CA ILE A 126 9.62 -1.33 -8.59
C ILE A 126 10.37 -0.95 -9.85
N MET A 127 11.02 0.20 -9.82
CA MET A 127 11.78 0.68 -10.97
C MET A 127 12.74 -0.38 -11.47
N THR A 128 13.29 -1.16 -10.54
CA THR A 128 14.23 -2.22 -10.89
C THR A 128 13.67 -3.12 -11.98
N GLU A 129 12.35 -3.32 -11.96
CA GLU A 129 11.69 -4.16 -12.95
C GLU A 129 11.90 -3.61 -14.35
N GLY A 130 11.84 -2.29 -14.48
CA GLY A 130 12.03 -1.66 -15.78
C GLY A 130 13.49 -1.62 -16.20
N MET A 1 8.57 -4.03 24.09
CA MET A 1 8.53 -2.82 23.28
C MET A 1 7.19 -2.12 23.42
N LYS A 2 7.00 -1.07 22.62
CA LYS A 2 5.76 -0.30 22.66
C LYS A 2 4.67 -0.98 21.82
N LYS A 3 3.55 -0.30 21.66
CA LYS A 3 2.43 -0.82 20.87
C LYS A 3 2.87 -1.09 19.44
N VAL A 4 3.23 -2.34 19.16
CA VAL A 4 3.66 -2.74 17.82
C VAL A 4 2.50 -2.67 16.83
N ILE A 5 2.48 -1.63 16.03
CA ILE A 5 1.43 -1.45 15.03
C ILE A 5 1.73 -2.25 13.76
N ASN A 6 0.86 -3.20 13.45
CA ASN A 6 1.04 -4.03 12.26
C ASN A 6 0.01 -3.67 11.19
N VAL A 7 0.45 -2.94 10.18
CA VAL A 7 -0.44 -2.54 9.09
C VAL A 7 0.13 -2.96 7.74
N VAL A 8 -0.75 -3.09 6.75
CA VAL A 8 -0.35 -3.49 5.41
C VAL A 8 -1.01 -2.63 4.36
N GLY A 9 -0.31 -2.41 3.25
CA GLY A 9 -0.85 -1.59 2.18
C GLY A 9 -1.19 -2.41 0.95
N ALA A 10 -1.23 -1.74 -0.21
CA ALA A 10 -1.54 -2.41 -1.46
C ALA A 10 -1.14 -1.56 -2.66
N ILE A 11 -0.47 -2.18 -3.62
CA ILE A 11 -0.03 -1.48 -4.82
C ILE A 11 -0.59 -2.12 -6.08
N ILE A 12 -1.72 -1.59 -6.55
CA ILE A 12 -2.36 -2.11 -7.75
C ILE A 12 -1.63 -1.66 -9.01
N PHE A 13 -1.26 -2.61 -9.86
CA PHE A 13 -0.56 -2.32 -11.09
C PHE A 13 -1.41 -2.66 -12.31
N SER A 14 -1.56 -1.70 -13.21
CA SER A 14 -2.36 -1.91 -14.42
C SER A 14 -1.80 -1.11 -15.59
N ASP A 15 -1.72 -1.75 -16.75
CA ASP A 15 -1.20 -1.10 -17.95
C ASP A 15 0.16 -0.47 -17.67
N ASN A 16 0.95 -1.12 -16.83
CA ASN A 16 2.27 -0.61 -16.48
C ASN A 16 2.18 0.73 -15.76
N LYS A 17 1.15 0.86 -14.93
CA LYS A 17 0.94 2.10 -14.17
C LYS A 17 0.59 1.79 -12.72
N ILE A 18 0.39 2.84 -11.93
CA ILE A 18 0.06 2.68 -10.52
C ILE A 18 -1.09 3.60 -10.13
N LEU A 19 -1.86 3.19 -9.13
CA LEU A 19 -2.99 3.98 -8.65
C LEU A 19 -2.62 4.74 -7.38
N CYS A 20 -3.41 5.77 -7.06
CA CYS A 20 -3.17 6.58 -5.88
C CYS A 20 -4.46 6.84 -5.12
N ALA A 21 -4.39 6.78 -3.79
CA ALA A 21 -5.56 7.01 -2.94
C ALA A 21 -5.18 7.80 -1.70
N GLN A 22 -6.10 8.66 -1.26
CA GLN A 22 -5.87 9.48 -0.07
C GLN A 22 -6.78 9.05 1.07
N ARG A 23 -6.21 8.38 2.06
CA ARG A 23 -6.97 7.91 3.21
C ARG A 23 -7.18 9.05 4.22
N SER A 24 -6.12 9.38 4.95
CA SER A 24 -6.20 10.44 5.95
C SER A 24 -4.81 10.99 6.27
N GLU A 25 -4.75 12.27 6.60
CA GLU A 25 -3.48 12.91 6.93
C GLU A 25 -3.11 12.68 8.39
N LYS A 26 -3.97 11.95 9.10
CA LYS A 26 -3.73 11.65 10.52
C LYS A 26 -2.67 10.56 10.67
N MET A 27 -2.77 9.52 9.84
CA MET A 27 -1.83 8.42 9.90
C MET A 27 -0.64 8.67 8.97
N SER A 28 -0.87 8.51 7.67
CA SER A 28 0.19 8.73 6.68
C SER A 28 0.09 10.13 6.08
N LEU A 29 0.76 10.33 4.95
CA LEU A 29 0.76 11.62 4.27
C LEU A 29 0.16 11.49 2.87
N PRO A 30 -1.13 11.12 2.81
CA PRO A 30 -1.85 10.96 1.55
C PRO A 30 -2.10 12.30 0.86
N LEU A 31 -1.77 13.39 1.54
CA LEU A 31 -1.97 14.73 0.99
C LEU A 31 -1.42 14.81 -0.43
N MET A 32 -0.34 14.08 -0.70
CA MET A 32 0.28 14.08 -2.01
C MET A 32 0.18 12.70 -2.65
N TRP A 33 0.47 11.66 -1.86
CA TRP A 33 0.42 10.29 -2.35
C TRP A 33 0.22 9.31 -1.21
N GLU A 34 -0.40 8.18 -1.50
CA GLU A 34 -0.64 7.16 -0.48
C GLU A 34 -1.38 5.96 -1.08
N PHE A 35 -1.11 4.78 -0.54
CA PHE A 35 -1.75 3.55 -1.02
C PHE A 35 -2.82 3.08 -0.04
N PRO A 36 -3.79 2.32 -0.56
CA PRO A 36 -4.90 1.79 0.26
C PRO A 36 -4.43 0.71 1.22
N GLY A 37 -4.96 0.74 2.44
CA GLY A 37 -4.59 -0.24 3.44
C GLY A 37 -5.49 -0.19 4.66
N GLY A 38 -5.24 -1.10 5.61
CA GLY A 38 -6.05 -1.14 6.82
C GLY A 38 -5.24 -1.52 8.04
N LYS A 39 -5.53 -2.68 8.62
CA LYS A 39 -4.83 -3.14 9.80
C LYS A 39 -4.57 -4.65 9.71
N VAL A 40 -3.69 -5.15 10.56
CA VAL A 40 -3.36 -6.56 10.59
C VAL A 40 -3.46 -7.13 12.01
N GLU A 41 -3.92 -8.38 12.10
CA GLU A 41 -4.08 -9.03 13.40
C GLU A 41 -2.75 -9.60 13.88
N LYS A 42 -2.68 -9.88 15.18
CA LYS A 42 -1.46 -10.43 15.76
C LYS A 42 -1.25 -11.89 15.33
N ASN A 43 -2.35 -12.61 15.15
CA ASN A 43 -2.30 -14.01 14.73
C ASN A 43 -2.12 -14.11 13.22
N GLU A 44 -2.77 -13.22 12.48
CA GLU A 44 -2.69 -13.21 11.03
C GLU A 44 -1.36 -12.61 10.56
N THR A 45 -0.95 -12.97 9.35
CA THR A 45 0.30 -12.48 8.79
C THR A 45 0.04 -11.35 7.79
N GLU A 46 1.11 -10.75 7.30
CA GLU A 46 1.01 -9.65 6.34
C GLU A 46 0.16 -10.07 5.14
N LYS A 47 0.29 -11.33 4.74
CA LYS A 47 -0.46 -11.85 3.61
C LYS A 47 -1.91 -12.14 3.99
N ASP A 48 -2.08 -13.00 5.00
CA ASP A 48 -3.42 -13.36 5.47
C ASP A 48 -4.23 -12.12 5.81
N ALA A 49 -3.54 -11.05 6.19
CA ALA A 49 -4.19 -9.80 6.54
C ALA A 49 -4.64 -9.04 5.30
N LEU A 50 -3.88 -9.18 4.22
CA LEU A 50 -4.20 -8.51 2.97
C LEU A 50 -5.24 -9.29 2.18
N ILE A 51 -5.02 -10.58 2.03
CA ILE A 51 -5.96 -11.44 1.32
C ILE A 51 -7.38 -11.24 1.81
N ARG A 52 -7.53 -10.94 3.10
CA ARG A 52 -8.84 -10.72 3.70
C ARG A 52 -9.32 -9.30 3.45
N GLU A 53 -8.49 -8.33 3.82
CA GLU A 53 -8.84 -6.91 3.64
C GLU A 53 -9.23 -6.64 2.19
N ILE A 54 -8.39 -7.06 1.27
CA ILE A 54 -8.65 -6.86 -0.16
C ILE A 54 -10.06 -7.33 -0.52
N ARG A 55 -10.56 -8.33 0.19
CA ARG A 55 -11.89 -8.86 -0.06
C ARG A 55 -12.93 -8.15 0.79
N GLU A 56 -12.50 -7.63 1.94
CA GLU A 56 -13.40 -6.93 2.84
C GLU A 56 -13.43 -5.44 2.52
N GLU A 57 -12.28 -4.79 2.64
CA GLU A 57 -12.18 -3.35 2.36
C GLU A 57 -12.33 -3.08 0.87
N MET A 58 -11.40 -3.61 0.08
CA MET A 58 -11.43 -3.43 -1.36
C MET A 58 -12.66 -4.08 -1.97
N LYS A 59 -12.92 -5.32 -1.59
CA LYS A 59 -14.08 -6.06 -2.08
C LYS A 59 -13.92 -6.36 -3.58
N CYS A 60 -12.74 -6.82 -3.96
CA CYS A 60 -12.46 -7.14 -5.36
C CYS A 60 -11.65 -8.43 -5.48
N ASP A 61 -11.30 -8.79 -6.70
CA ASP A 61 -10.53 -10.01 -6.94
C ASP A 61 -9.05 -9.69 -7.10
N LEU A 62 -8.62 -8.62 -6.44
CA LEU A 62 -7.21 -8.20 -6.50
C LEU A 62 -6.29 -9.38 -6.22
N ILE A 63 -5.36 -9.62 -7.14
CA ILE A 63 -4.41 -10.72 -6.99
C ILE A 63 -3.13 -10.25 -6.29
N VAL A 64 -2.58 -11.10 -5.45
CA VAL A 64 -1.35 -10.77 -4.71
C VAL A 64 -0.14 -11.43 -5.36
N GLY A 65 1.01 -10.78 -5.23
CA GLY A 65 2.23 -11.32 -5.81
C GLY A 65 3.22 -11.78 -4.75
N ASP A 66 4.16 -10.90 -4.40
CA ASP A 66 5.17 -11.23 -3.40
C ASP A 66 5.35 -10.07 -2.43
N LYS A 67 6.17 -10.29 -1.39
CA LYS A 67 6.43 -9.26 -0.40
C LYS A 67 7.34 -8.17 -0.97
N VAL A 68 6.87 -6.93 -0.88
CA VAL A 68 7.64 -5.79 -1.39
C VAL A 68 8.78 -5.44 -0.44
N ILE A 69 8.42 -5.04 0.78
CA ILE A 69 9.42 -4.68 1.78
C ILE A 69 8.75 -4.37 3.13
N THR A 70 9.53 -4.53 4.20
CA THR A 70 9.01 -4.28 5.54
C THR A 70 9.70 -3.07 6.17
N THR A 71 8.94 -1.99 6.36
CA THR A 71 9.47 -0.77 6.95
C THR A 71 8.96 -0.58 8.37
N GLU A 72 9.73 0.13 9.19
CA GLU A 72 9.35 0.39 10.57
C GLU A 72 9.83 1.77 11.02
N HIS A 73 9.06 2.40 11.89
CA HIS A 73 9.41 3.72 12.41
C HIS A 73 9.14 3.81 13.91
N GLU A 74 9.89 4.67 14.58
CA GLU A 74 9.73 4.85 16.02
C GLU A 74 8.65 5.88 16.33
N TYR A 75 7.80 5.57 17.29
CA TYR A 75 6.71 6.47 17.68
C TYR A 75 6.56 6.50 19.19
N ASP A 76 5.74 7.44 19.68
CA ASP A 76 5.50 7.58 21.11
C ASP A 76 4.42 6.61 21.57
N PHE A 77 3.45 6.35 20.71
CA PHE A 77 2.35 5.45 21.04
C PHE A 77 2.72 4.01 20.71
N GLY A 78 3.68 3.84 19.81
CA GLY A 78 4.11 2.52 19.42
C GLY A 78 4.70 2.47 18.02
N ILE A 79 5.77 1.70 17.86
CA ILE A 79 6.43 1.58 16.56
C ILE A 79 5.44 1.19 15.47
N VAL A 80 5.51 1.90 14.34
CA VAL A 80 4.61 1.63 13.22
C VAL A 80 5.32 0.82 12.14
N ARG A 81 4.67 -0.25 11.68
CA ARG A 81 5.24 -1.10 10.65
C ARG A 81 4.24 -1.30 9.50
N LEU A 82 4.64 -0.90 8.31
CA LEU A 82 3.79 -1.05 7.13
C LEU A 82 4.39 -2.04 6.14
N THR A 83 3.52 -2.87 5.55
CA THR A 83 3.97 -3.87 4.58
C THR A 83 3.06 -3.88 3.35
N THR A 84 3.66 -3.64 2.18
CA THR A 84 2.91 -3.62 0.93
C THR A 84 3.21 -4.85 0.09
N TYR A 85 2.22 -5.29 -0.69
CA TYR A 85 2.39 -6.47 -1.54
C TYR A 85 2.01 -6.15 -2.98
N LYS A 86 2.83 -6.61 -3.92
CA LYS A 86 2.59 -6.38 -5.34
C LYS A 86 1.21 -6.89 -5.74
N CYS A 87 0.29 -5.98 -6.00
CA CYS A 87 -1.06 -6.35 -6.40
C CYS A 87 -1.23 -6.25 -7.91
N THR A 88 -1.82 -7.28 -8.50
CA THR A 88 -2.04 -7.31 -9.94
C THR A 88 -3.39 -6.73 -10.31
N LEU A 89 -3.62 -6.54 -11.60
CA LEU A 89 -4.88 -5.99 -12.09
C LEU A 89 -5.86 -7.10 -12.45
N ASN A 90 -7.15 -6.81 -12.31
CA ASN A 90 -8.18 -7.78 -12.63
C ASN A 90 -9.35 -7.13 -13.38
N LYS A 91 -10.38 -7.91 -13.66
CA LYS A 91 -11.55 -7.40 -14.37
C LYS A 91 -12.21 -6.26 -13.60
N GLU A 92 -12.27 -6.41 -12.27
CA GLU A 92 -12.87 -5.39 -11.42
C GLU A 92 -11.80 -4.46 -10.86
N LEU A 93 -12.14 -3.18 -10.73
CA LEU A 93 -11.22 -2.18 -10.21
C LEU A 93 -11.34 -2.07 -8.70
N PRO A 94 -10.25 -1.63 -8.04
CA PRO A 94 -10.21 -1.47 -6.58
C PRO A 94 -11.08 -0.31 -6.11
N THR A 95 -11.57 -0.42 -4.88
CA THR A 95 -12.43 0.62 -4.30
C THR A 95 -11.61 1.58 -3.44
N LEU A 96 -12.18 2.76 -3.18
CA LEU A 96 -11.51 3.76 -2.37
C LEU A 96 -10.23 4.25 -3.04
N THR A 97 -10.10 3.94 -4.33
CA THR A 97 -8.93 4.36 -5.11
C THR A 97 -9.05 5.80 -5.56
N GLU A 98 -10.28 6.25 -5.79
CA GLU A 98 -10.53 7.62 -6.23
C GLU A 98 -10.50 8.58 -5.06
N HIS A 99 -10.26 8.04 -3.87
CA HIS A 99 -10.21 8.85 -2.65
C HIS A 99 -9.42 10.14 -2.90
N LYS A 100 -8.33 10.03 -3.64
CA LYS A 100 -7.49 11.17 -3.95
C LYS A 100 -7.84 11.75 -5.32
N SER A 101 -7.69 10.93 -6.35
CA SER A 101 -7.99 11.37 -7.72
C SER A 101 -7.63 10.27 -8.71
N ILE A 102 -7.70 10.61 -10.00
CA ILE A 102 -7.39 9.66 -11.06
C ILE A 102 -6.08 10.02 -11.76
N GLU A 103 -5.01 9.30 -11.39
CA GLU A 103 -3.70 9.55 -11.98
C GLU A 103 -2.90 8.25 -12.08
N TRP A 104 -2.56 7.88 -13.31
CA TRP A 104 -1.80 6.65 -13.55
C TRP A 104 -0.48 6.96 -14.24
N LEU A 105 0.62 6.76 -13.53
CA LEU A 105 1.95 7.01 -14.08
C LEU A 105 2.74 5.72 -14.21
N SER A 106 3.71 5.71 -15.12
CA SER A 106 4.55 4.54 -15.35
C SER A 106 5.43 4.26 -14.15
N ILE A 107 6.20 3.18 -14.22
CA ILE A 107 7.10 2.80 -13.13
C ILE A 107 8.31 3.73 -13.07
N ASN A 108 8.52 4.49 -14.14
CA ASN A 108 9.64 5.43 -14.22
C ASN A 108 9.20 6.83 -13.81
N GLU A 109 8.02 6.93 -13.22
CA GLU A 109 7.49 8.22 -12.79
C GLU A 109 7.12 8.19 -11.32
N LEU A 110 6.90 6.98 -10.79
CA LEU A 110 6.54 6.82 -9.38
C LEU A 110 7.44 7.66 -8.49
N ASP A 111 8.70 7.81 -8.89
CA ASP A 111 9.66 8.60 -8.12
C ASP A 111 9.11 9.98 -7.81
N LYS A 112 8.64 10.67 -8.85
CA LYS A 112 8.08 12.01 -8.70
C LYS A 112 6.82 11.97 -7.85
N LEU A 113 6.24 10.79 -7.71
CA LEU A 113 5.02 10.62 -6.93
C LEU A 113 5.34 10.36 -5.47
N ASN A 114 6.28 11.13 -4.92
CA ASN A 114 6.69 10.98 -3.53
C ASN A 114 5.57 10.36 -2.70
N TRP A 115 5.77 9.12 -2.28
CA TRP A 115 4.78 8.41 -1.48
C TRP A 115 5.15 8.44 0.00
N ALA A 116 4.33 7.80 0.82
CA ALA A 116 4.58 7.73 2.26
C ALA A 116 6.01 7.29 2.55
N PRO A 117 6.45 7.48 3.80
CA PRO A 117 7.80 7.10 4.24
C PRO A 117 7.98 5.59 4.31
N ALA A 118 6.86 4.87 4.45
CA ALA A 118 6.90 3.42 4.54
C ALA A 118 6.79 2.79 3.14
N ASP A 119 6.14 3.50 2.23
CA ASP A 119 5.97 3.00 0.87
C ASP A 119 7.11 3.48 -0.03
N ILE A 120 7.72 4.60 0.34
CA ILE A 120 8.82 5.16 -0.42
C ILE A 120 9.83 4.08 -0.82
N PRO A 121 10.34 3.37 0.19
CA PRO A 121 11.33 2.29 -0.02
C PRO A 121 10.70 1.07 -0.70
N ALA A 122 9.39 0.92 -0.55
CA ALA A 122 8.68 -0.20 -1.14
C ALA A 122 8.44 0.03 -2.64
N VAL A 123 8.35 1.30 -3.02
CA VAL A 123 8.13 1.65 -4.42
C VAL A 123 9.44 1.68 -5.20
N ASN A 124 10.51 2.10 -4.53
CA ASN A 124 11.82 2.17 -5.16
C ASN A 124 12.25 0.81 -5.70
N LYS A 125 12.16 -0.22 -4.84
CA LYS A 125 12.53 -1.57 -5.24
C LYS A 125 11.81 -1.98 -6.53
N ILE A 126 10.59 -1.49 -6.70
CA ILE A 126 9.80 -1.80 -7.88
C ILE A 126 10.50 -1.32 -9.15
N MET A 127 11.01 -0.09 -9.12
CA MET A 127 11.70 0.49 -10.26
C MET A 127 12.80 -0.46 -10.76
N THR A 128 13.43 -1.17 -9.83
CA THR A 128 14.49 -2.11 -10.18
C THR A 128 14.05 -3.05 -11.29
N GLU A 129 12.77 -3.40 -11.30
CA GLU A 129 12.22 -4.30 -12.31
C GLU A 129 12.38 -3.71 -13.70
N GLY A 130 12.19 -2.40 -13.81
CA GLY A 130 12.33 -1.73 -15.10
C GLY A 130 13.77 -1.63 -15.55
N MET A 1 9.19 -3.35 21.95
CA MET A 1 9.08 -2.87 23.33
C MET A 1 7.79 -2.08 23.52
N LYS A 2 7.45 -1.25 22.54
CA LYS A 2 6.25 -0.43 22.61
C LYS A 2 5.14 -1.02 21.75
N LYS A 3 4.04 -0.29 21.60
CA LYS A 3 2.92 -0.74 20.82
C LYS A 3 3.35 -1.05 19.38
N VAL A 4 3.58 -2.33 19.10
CA VAL A 4 4.00 -2.75 17.77
C VAL A 4 2.87 -2.57 16.76
N ILE A 5 2.92 -1.47 16.01
CA ILE A 5 1.91 -1.19 15.00
C ILE A 5 2.21 -1.92 13.70
N ASN A 6 1.29 -2.79 13.30
CA ASN A 6 1.45 -3.56 12.06
C ASN A 6 0.37 -3.19 11.05
N VAL A 7 0.80 -2.75 9.87
CA VAL A 7 -0.13 -2.37 8.81
C VAL A 7 0.23 -3.04 7.49
N VAL A 8 -0.74 -3.13 6.59
CA VAL A 8 -0.52 -3.75 5.29
C VAL A 8 -1.10 -2.88 4.17
N GLY A 9 -0.28 -2.65 3.15
CA GLY A 9 -0.72 -1.84 2.02
C GLY A 9 -1.05 -2.67 0.80
N ALA A 10 -1.28 -2.00 -0.32
CA ALA A 10 -1.60 -2.68 -1.57
C ALA A 10 -1.26 -1.81 -2.78
N ILE A 11 -0.47 -2.36 -3.68
CA ILE A 11 -0.07 -1.63 -4.89
C ILE A 11 -0.55 -2.34 -6.15
N ILE A 12 -1.63 -1.84 -6.72
CA ILE A 12 -2.20 -2.42 -7.93
C ILE A 12 -1.44 -1.96 -9.17
N PHE A 13 -0.92 -2.92 -9.94
CA PHE A 13 -0.17 -2.61 -11.15
C PHE A 13 -1.02 -2.87 -12.40
N SER A 14 -1.09 -1.87 -13.27
CA SER A 14 -1.88 -1.98 -14.49
C SER A 14 -1.24 -1.18 -15.62
N ASP A 15 -0.77 -1.89 -16.65
CA ASP A 15 -0.14 -1.24 -17.80
C ASP A 15 1.15 -0.55 -17.38
N ASN A 16 1.87 -1.15 -16.44
CA ASN A 16 3.12 -0.59 -15.96
C ASN A 16 2.88 0.75 -15.25
N LYS A 17 1.78 0.83 -14.52
CA LYS A 17 1.43 2.05 -13.79
C LYS A 17 0.94 1.72 -12.39
N ILE A 18 0.87 2.74 -11.53
CA ILE A 18 0.43 2.55 -10.16
C ILE A 18 -0.77 3.46 -9.86
N LEU A 19 -1.68 2.96 -9.03
CA LEU A 19 -2.87 3.71 -8.65
C LEU A 19 -2.58 4.64 -7.47
N CYS A 20 -3.45 5.63 -7.28
CA CYS A 20 -3.28 6.58 -6.19
C CYS A 20 -4.59 6.76 -5.43
N ALA A 21 -4.49 6.82 -4.10
CA ALA A 21 -5.67 6.99 -3.26
C ALA A 21 -5.30 7.64 -1.93
N GLN A 22 -6.28 8.26 -1.29
CA GLN A 22 -6.06 8.93 0.00
C GLN A 22 -6.83 8.23 1.11
N ARG A 23 -6.16 7.33 1.82
CA ARG A 23 -6.79 6.60 2.91
C ARG A 23 -7.34 7.56 3.96
N SER A 24 -6.44 8.22 4.68
CA SER A 24 -6.84 9.17 5.72
C SER A 24 -5.64 9.94 6.24
N GLU A 25 -5.88 10.83 7.19
CA GLU A 25 -4.82 11.64 7.78
C GLU A 25 -4.02 10.84 8.81
N LYS A 26 -4.40 9.58 8.99
CA LYS A 26 -3.73 8.70 9.94
C LYS A 26 -2.40 8.21 9.37
N MET A 27 -2.39 7.85 8.09
CA MET A 27 -1.19 7.37 7.44
C MET A 27 -0.08 8.42 7.51
N SER A 28 1.07 8.11 6.90
CA SER A 28 2.19 9.02 6.89
C SER A 28 2.14 9.95 5.68
N LEU A 29 2.27 11.25 5.94
CA LEU A 29 2.23 12.25 4.88
C LEU A 29 1.18 11.89 3.83
N PRO A 30 -0.05 11.62 4.30
CA PRO A 30 -1.17 11.27 3.43
C PRO A 30 -1.64 12.45 2.58
N LEU A 31 -1.26 13.66 3.00
CA LEU A 31 -1.64 14.87 2.28
C LEU A 31 -1.10 14.85 0.85
N MET A 32 0.21 14.68 0.72
CA MET A 32 0.85 14.64 -0.59
C MET A 32 0.43 13.38 -1.36
N TRP A 33 0.53 12.23 -0.71
CA TRP A 33 0.16 10.97 -1.34
C TRP A 33 -0.10 9.89 -0.29
N GLU A 34 -0.65 8.77 -0.73
CA GLU A 34 -0.94 7.66 0.18
C GLU A 34 -1.45 6.45 -0.60
N PHE A 35 -1.47 5.29 0.06
CA PHE A 35 -1.93 4.06 -0.55
C PHE A 35 -3.17 3.53 0.14
N PRO A 36 -3.91 2.65 -0.55
CA PRO A 36 -5.13 2.05 -0.02
C PRO A 36 -4.85 1.06 1.11
N GLY A 37 -5.74 1.00 2.09
CA GLY A 37 -5.57 0.08 3.20
C GLY A 37 -4.40 0.47 4.08
N GLY A 38 -4.12 -0.36 5.09
CA GLY A 38 -3.03 -0.08 5.99
C GLY A 38 -3.36 -0.41 7.43
N LYS A 39 -3.89 -1.61 7.65
CA LYS A 39 -4.26 -2.05 8.99
C LYS A 39 -4.20 -3.57 9.11
N VAL A 40 -3.66 -4.05 10.22
CA VAL A 40 -3.55 -5.49 10.46
C VAL A 40 -4.10 -5.87 11.83
N GLU A 41 -4.74 -7.03 11.89
CA GLU A 41 -5.33 -7.51 13.13
C GLU A 41 -4.33 -8.36 13.92
N LYS A 42 -4.74 -8.82 15.10
CA LYS A 42 -3.88 -9.63 15.94
C LYS A 42 -3.98 -11.10 15.56
N ASN A 43 -5.15 -11.51 15.09
CA ASN A 43 -5.37 -12.89 14.68
C ASN A 43 -5.25 -13.04 13.16
N GLU A 44 -4.39 -12.23 12.57
CA GLU A 44 -4.17 -12.27 11.12
C GLU A 44 -2.78 -11.74 10.76
N THR A 45 -2.16 -12.36 9.76
CA THR A 45 -0.83 -11.96 9.32
C THR A 45 -0.92 -10.84 8.29
N GLU A 46 0.24 -10.45 7.75
CA GLU A 46 0.30 -9.39 6.75
C GLU A 46 -0.56 -9.74 5.54
N LYS A 47 -0.26 -10.86 4.90
CA LYS A 47 -1.01 -11.30 3.73
C LYS A 47 -2.47 -11.57 4.09
N ASP A 48 -2.68 -12.34 5.14
CA ASP A 48 -4.04 -12.67 5.59
C ASP A 48 -4.83 -11.39 5.88
N ALA A 49 -4.12 -10.33 6.23
CA ALA A 49 -4.76 -9.06 6.53
C ALA A 49 -5.27 -8.37 5.27
N LEU A 50 -4.53 -8.55 4.18
CA LEU A 50 -4.90 -7.96 2.90
C LEU A 50 -5.96 -8.80 2.19
N ILE A 51 -5.71 -10.10 2.12
CA ILE A 51 -6.64 -11.02 1.47
C ILE A 51 -8.03 -10.92 2.08
N ARG A 52 -8.09 -10.54 3.35
CA ARG A 52 -9.37 -10.41 4.05
C ARG A 52 -10.00 -9.05 3.76
N GLU A 53 -9.17 -8.00 3.77
CA GLU A 53 -9.66 -6.65 3.50
C GLU A 53 -10.06 -6.50 2.04
N ILE A 54 -9.11 -6.67 1.15
CA ILE A 54 -9.36 -6.55 -0.29
C ILE A 54 -10.59 -7.35 -0.69
N ARG A 55 -10.89 -8.40 0.07
CA ARG A 55 -12.04 -9.25 -0.21
C ARG A 55 -13.32 -8.42 -0.32
N GLU A 56 -13.70 -7.79 0.78
CA GLU A 56 -14.90 -6.96 0.81
C GLU A 56 -14.56 -5.50 0.50
N GLU A 57 -13.46 -5.03 1.07
CA GLU A 57 -13.03 -3.66 0.87
C GLU A 57 -12.99 -3.31 -0.62
N MET A 58 -12.20 -4.05 -1.38
CA MET A 58 -12.08 -3.83 -2.81
C MET A 58 -13.19 -4.54 -3.57
N LYS A 59 -13.73 -5.60 -2.97
CA LYS A 59 -14.80 -6.37 -3.58
C LYS A 59 -14.35 -6.95 -4.93
N CYS A 60 -13.16 -7.52 -4.96
CA CYS A 60 -12.62 -8.11 -6.18
C CYS A 60 -11.72 -9.30 -5.86
N ASP A 61 -11.06 -9.82 -6.88
CA ASP A 61 -10.17 -10.97 -6.71
C ASP A 61 -8.71 -10.55 -6.84
N LEU A 62 -8.42 -9.31 -6.44
CA LEU A 62 -7.07 -8.78 -6.51
C LEU A 62 -6.05 -9.84 -6.10
N ILE A 63 -5.26 -10.30 -7.06
CA ILE A 63 -4.24 -11.31 -6.79
C ILE A 63 -2.92 -10.67 -6.37
N VAL A 64 -2.21 -11.33 -5.46
CA VAL A 64 -0.93 -10.82 -4.99
C VAL A 64 0.23 -11.64 -5.55
N GLY A 65 1.34 -10.96 -5.82
CA GLY A 65 2.51 -11.64 -6.35
C GLY A 65 3.48 -12.06 -5.28
N ASP A 66 4.20 -11.10 -4.72
CA ASP A 66 5.17 -11.38 -3.66
C ASP A 66 5.37 -10.16 -2.78
N LYS A 67 6.04 -10.36 -1.65
CA LYS A 67 6.30 -9.28 -0.70
C LYS A 67 7.10 -8.18 -1.37
N VAL A 68 6.77 -6.93 -1.03
CA VAL A 68 7.47 -5.78 -1.59
C VAL A 68 8.75 -5.47 -0.81
N ILE A 69 8.59 -5.13 0.46
CA ILE A 69 9.74 -4.82 1.31
C ILE A 69 9.29 -4.57 2.75
N THR A 70 10.20 -4.75 3.69
CA THR A 70 9.91 -4.55 5.11
C THR A 70 10.43 -3.19 5.58
N THR A 71 9.55 -2.42 6.22
CA THR A 71 9.92 -1.10 6.72
C THR A 71 9.46 -0.92 8.16
N GLU A 72 10.29 -0.25 8.96
CA GLU A 72 9.98 0.00 10.36
C GLU A 72 10.53 1.34 10.81
N HIS A 73 9.81 1.99 11.72
CA HIS A 73 10.23 3.28 12.24
C HIS A 73 9.99 3.37 13.75
N GLU A 74 10.80 4.19 14.43
CA GLU A 74 10.67 4.36 15.87
C GLU A 74 9.66 5.45 16.21
N TYR A 75 8.78 5.15 17.16
CA TYR A 75 7.76 6.12 17.58
C TYR A 75 7.64 6.16 19.09
N ASP A 76 6.96 7.18 19.59
CA ASP A 76 6.77 7.35 21.03
C ASP A 76 5.60 6.50 21.52
N PHE A 77 4.59 6.36 20.68
CA PHE A 77 3.41 5.57 21.02
C PHE A 77 3.61 4.10 20.69
N GLY A 78 4.52 3.82 19.77
CA GLY A 78 4.80 2.45 19.38
C GLY A 78 5.40 2.37 17.98
N ILE A 79 6.41 1.52 17.83
CA ILE A 79 7.06 1.34 16.54
C ILE A 79 6.05 1.00 15.45
N VAL A 80 6.23 1.60 14.28
CA VAL A 80 5.34 1.36 13.16
C VAL A 80 6.04 0.56 12.06
N ARG A 81 5.37 -0.48 11.57
CA ARG A 81 5.92 -1.33 10.52
C ARG A 81 4.98 -1.40 9.33
N LEU A 82 5.43 -0.88 8.20
CA LEU A 82 4.62 -0.89 6.98
C LEU A 82 5.05 -2.02 6.05
N THR A 83 4.08 -2.78 5.57
CA THR A 83 4.36 -3.89 4.67
C THR A 83 3.44 -3.86 3.45
N THR A 84 4.04 -3.83 2.26
CA THR A 84 3.29 -3.79 1.02
C THR A 84 3.44 -5.10 0.25
N TYR A 85 2.52 -5.34 -0.68
CA TYR A 85 2.53 -6.55 -1.48
C TYR A 85 2.10 -6.26 -2.91
N LYS A 86 2.90 -6.72 -3.88
CA LYS A 86 2.60 -6.51 -5.29
C LYS A 86 1.22 -7.07 -5.64
N CYS A 87 0.35 -6.20 -6.14
CA CYS A 87 -1.00 -6.61 -6.51
C CYS A 87 -1.18 -6.57 -8.02
N THR A 88 -2.13 -7.36 -8.52
CA THR A 88 -2.39 -7.43 -9.95
C THR A 88 -3.79 -6.90 -10.28
N LEU A 89 -4.02 -6.58 -11.55
CA LEU A 89 -5.30 -6.07 -11.99
C LEU A 89 -6.23 -7.20 -12.41
N ASN A 90 -7.52 -7.03 -12.13
CA ASN A 90 -8.51 -8.05 -12.48
C ASN A 90 -9.74 -7.41 -13.12
N LYS A 91 -10.74 -8.22 -13.41
CA LYS A 91 -11.97 -7.74 -14.03
C LYS A 91 -12.52 -6.54 -13.27
N GLU A 92 -12.83 -6.74 -12.00
CA GLU A 92 -13.37 -5.66 -11.16
C GLU A 92 -12.28 -4.64 -10.82
N LEU A 93 -12.70 -3.41 -10.57
CA LEU A 93 -11.77 -2.34 -10.24
C LEU A 93 -11.62 -2.20 -8.73
N PRO A 94 -10.49 -1.62 -8.30
CA PRO A 94 -10.20 -1.41 -6.88
C PRO A 94 -11.09 -0.36 -6.25
N THR A 95 -11.63 -0.67 -5.07
CA THR A 95 -12.50 0.25 -4.36
C THR A 95 -11.70 1.29 -3.59
N LEU A 96 -12.35 2.40 -3.26
CA LEU A 96 -11.70 3.48 -2.52
C LEU A 96 -10.50 4.03 -3.29
N THR A 97 -10.47 3.74 -4.60
CA THR A 97 -9.38 4.20 -5.45
C THR A 97 -9.58 5.66 -5.86
N GLU A 98 -10.84 6.06 -6.00
CA GLU A 98 -11.16 7.43 -6.39
C GLU A 98 -11.10 8.37 -5.18
N HIS A 99 -10.78 7.80 -4.02
CA HIS A 99 -10.69 8.58 -2.79
C HIS A 99 -9.96 9.90 -3.04
N LYS A 100 -8.93 9.85 -3.88
CA LYS A 100 -8.14 11.03 -4.20
C LYS A 100 -8.46 11.53 -5.61
N SER A 101 -8.22 10.68 -6.60
CA SER A 101 -8.47 11.03 -7.99
C SER A 101 -8.01 9.92 -8.93
N ILE A 102 -8.04 10.20 -10.23
CA ILE A 102 -7.62 9.22 -11.22
C ILE A 102 -6.30 9.63 -11.88
N GLU A 103 -5.22 9.01 -11.44
CA GLU A 103 -3.89 9.31 -11.98
C GLU A 103 -3.03 8.06 -12.04
N TRP A 104 -2.63 7.68 -13.25
CA TRP A 104 -1.80 6.50 -13.45
C TRP A 104 -0.46 6.87 -14.06
N LEU A 105 0.58 6.89 -13.23
CA LEU A 105 1.92 7.23 -13.68
C LEU A 105 2.73 5.97 -13.96
N SER A 106 3.75 6.11 -14.82
CA SER A 106 4.60 4.98 -15.18
C SER A 106 5.50 4.60 -14.02
N ILE A 107 6.23 3.50 -14.19
CA ILE A 107 7.15 3.03 -13.16
C ILE A 107 8.35 3.96 -13.02
N ASN A 108 8.62 4.72 -14.06
CA ASN A 108 9.74 5.66 -14.05
C ASN A 108 9.26 7.08 -13.75
N GLU A 109 7.99 7.20 -13.41
CA GLU A 109 7.40 8.50 -13.09
C GLU A 109 6.73 8.48 -11.72
N LEU A 110 6.61 7.28 -11.14
CA LEU A 110 5.98 7.12 -9.84
C LEU A 110 6.68 7.99 -8.80
N ASP A 111 7.94 8.32 -9.04
CA ASP A 111 8.70 9.15 -8.13
C ASP A 111 7.99 10.47 -7.86
N LYS A 112 7.22 10.93 -8.83
CA LYS A 112 6.48 12.18 -8.70
C LYS A 112 5.38 12.05 -7.65
N LEU A 113 5.06 10.82 -7.29
CA LEU A 113 4.03 10.55 -6.29
C LEU A 113 4.63 10.41 -4.90
N ASN A 114 5.60 11.25 -4.60
CA ASN A 114 6.26 11.23 -3.29
C ASN A 114 5.36 10.60 -2.24
N TRP A 115 5.66 9.37 -1.86
CA TRP A 115 4.88 8.66 -0.86
C TRP A 115 5.52 8.77 0.52
N ALA A 116 4.87 8.19 1.53
CA ALA A 116 5.38 8.22 2.89
C ALA A 116 6.81 7.71 2.95
N PRO A 117 7.49 7.97 4.08
CA PRO A 117 8.88 7.53 4.28
C PRO A 117 9.00 6.02 4.42
N ALA A 118 7.89 5.36 4.69
CA ALA A 118 7.87 3.92 4.85
C ALA A 118 7.63 3.22 3.51
N ASP A 119 6.90 3.88 2.62
CA ASP A 119 6.60 3.33 1.31
C ASP A 119 7.61 3.82 0.27
N ILE A 120 8.22 4.97 0.55
CA ILE A 120 9.20 5.54 -0.36
C ILE A 120 10.19 4.48 -0.84
N PRO A 121 10.83 3.79 0.10
CA PRO A 121 11.81 2.74 -0.20
C PRO A 121 11.16 1.50 -0.80
N ALA A 122 9.85 1.37 -0.58
CA ALA A 122 9.11 0.22 -1.10
C ALA A 122 8.71 0.44 -2.56
N VAL A 123 8.54 1.71 -2.94
CA VAL A 123 8.17 2.05 -4.30
C VAL A 123 9.38 2.12 -5.21
N ASN A 124 10.50 2.58 -4.66
CA ASN A 124 11.73 2.70 -5.42
C ASN A 124 12.29 1.33 -5.78
N LYS A 125 12.13 0.38 -4.87
CA LYS A 125 12.62 -0.98 -5.08
C LYS A 125 11.93 -1.62 -6.29
N ILE A 126 10.71 -1.16 -6.57
CA ILE A 126 9.94 -1.68 -7.70
C ILE A 126 10.61 -1.32 -9.02
N MET A 127 11.15 -0.11 -9.11
CA MET A 127 11.81 0.36 -10.31
C MET A 127 12.84 -0.66 -10.80
N THR A 128 13.44 -1.39 -9.85
CA THR A 128 14.43 -2.39 -10.18
C THR A 128 13.94 -3.33 -11.27
N GLU A 129 12.64 -3.56 -11.30
CA GLU A 129 12.03 -4.44 -12.29
C GLU A 129 12.29 -3.93 -13.70
N GLY A 130 12.16 -2.61 -13.89
CA GLY A 130 12.38 -2.02 -15.19
C GLY A 130 11.40 -2.51 -16.23
N MET A 1 8.22 -2.53 25.84
CA MET A 1 8.82 -1.21 25.72
C MET A 1 8.01 -0.34 24.75
N LYS A 2 7.51 -0.96 23.69
CA LYS A 2 6.72 -0.24 22.69
C LYS A 2 5.67 -1.15 22.08
N LYS A 3 4.61 -0.56 21.55
CA LYS A 3 3.53 -1.31 20.92
C LYS A 3 3.77 -1.47 19.43
N VAL A 4 4.18 -2.66 19.01
CA VAL A 4 4.44 -2.93 17.60
C VAL A 4 3.15 -2.93 16.79
N ILE A 5 2.94 -1.87 16.02
CA ILE A 5 1.75 -1.74 15.20
C ILE A 5 1.93 -2.43 13.85
N ASN A 6 1.09 -3.42 13.57
CA ASN A 6 1.16 -4.16 12.31
C ASN A 6 0.24 -3.54 11.27
N VAL A 7 0.79 -3.26 10.09
CA VAL A 7 0.02 -2.68 9.00
C VAL A 7 0.38 -3.29 7.66
N VAL A 8 -0.57 -3.33 6.74
CA VAL A 8 -0.34 -3.88 5.42
C VAL A 8 -0.88 -2.96 4.33
N GLY A 9 -0.58 -3.30 3.07
CA GLY A 9 -1.03 -2.50 1.96
C GLY A 9 -1.18 -3.29 0.69
N ALA A 10 -1.30 -2.60 -0.44
CA ALA A 10 -1.43 -3.25 -1.73
C ALA A 10 -0.99 -2.33 -2.87
N ILE A 11 -0.12 -2.84 -3.73
CA ILE A 11 0.38 -2.06 -4.87
C ILE A 11 -0.13 -2.62 -6.19
N ILE A 12 -1.05 -1.89 -6.81
CA ILE A 12 -1.62 -2.31 -8.08
C ILE A 12 -0.61 -2.14 -9.22
N PHE A 13 -0.76 -2.96 -10.26
CA PHE A 13 0.13 -2.89 -11.41
C PHE A 13 -0.60 -3.27 -12.69
N SER A 14 -0.51 -2.41 -13.70
CA SER A 14 -1.17 -2.66 -14.98
C SER A 14 -0.71 -1.64 -16.03
N ASP A 15 -0.37 -2.14 -17.21
CA ASP A 15 0.07 -1.27 -18.30
C ASP A 15 1.19 -0.34 -17.83
N ASN A 16 2.01 -0.82 -16.90
CA ASN A 16 3.11 -0.03 -16.37
C ASN A 16 2.59 1.23 -15.68
N LYS A 17 1.49 1.08 -14.95
CA LYS A 17 0.89 2.20 -14.24
C LYS A 17 0.62 1.84 -12.78
N ILE A 18 0.37 2.85 -11.96
CA ILE A 18 0.09 2.63 -10.54
C ILE A 18 -1.07 3.50 -10.08
N LEU A 19 -1.82 3.00 -9.09
CA LEU A 19 -2.96 3.73 -8.55
C LEU A 19 -2.55 4.56 -7.34
N CYS A 20 -3.39 5.52 -6.98
CA CYS A 20 -3.12 6.39 -5.83
C CYS A 20 -4.39 6.68 -5.05
N ALA A 21 -4.29 6.65 -3.73
CA ALA A 21 -5.44 6.91 -2.87
C ALA A 21 -5.04 7.75 -1.65
N GLN A 22 -6.01 8.44 -1.06
CA GLN A 22 -5.76 9.28 0.10
C GLN A 22 -6.57 8.80 1.30
N ARG A 23 -5.93 8.00 2.16
CA ARG A 23 -6.59 7.48 3.34
C ARG A 23 -6.84 8.57 4.36
N SER A 24 -5.82 8.87 5.16
CA SER A 24 -5.92 9.91 6.18
C SER A 24 -4.55 10.40 6.61
N GLU A 25 -4.50 11.63 7.11
CA GLU A 25 -3.24 12.23 7.55
C GLU A 25 -2.91 11.80 8.98
N LYS A 26 -3.75 10.94 9.55
CA LYS A 26 -3.55 10.45 10.90
C LYS A 26 -2.44 9.41 10.95
N MET A 27 -2.44 8.51 9.97
CA MET A 27 -1.43 7.46 9.89
C MET A 27 -0.24 7.91 9.06
N SER A 28 -0.43 7.93 7.74
CA SER A 28 0.63 8.34 6.82
C SER A 28 0.39 9.75 6.30
N LEU A 29 1.07 10.10 5.21
CA LEU A 29 0.92 11.42 4.61
C LEU A 29 0.32 11.31 3.21
N PRO A 30 -0.95 10.87 3.14
CA PRO A 30 -1.66 10.71 1.87
C PRO A 30 -1.99 12.06 1.22
N LEU A 31 -1.67 13.14 1.93
CA LEU A 31 -1.94 14.49 1.42
C LEU A 31 -1.47 14.62 -0.02
N MET A 32 -0.37 13.97 -0.35
CA MET A 32 0.18 14.01 -1.70
C MET A 32 0.13 12.64 -2.36
N TRP A 33 0.53 11.62 -1.60
CA TRP A 33 0.53 10.24 -2.12
C TRP A 33 0.44 9.24 -0.97
N GLU A 34 -0.14 8.08 -1.26
CA GLU A 34 -0.29 7.03 -0.25
C GLU A 34 -0.98 5.80 -0.85
N PHE A 35 -0.65 4.63 -0.32
CA PHE A 35 -1.24 3.39 -0.79
C PHE A 35 -2.30 2.88 0.19
N PRO A 36 -3.29 2.15 -0.35
CA PRO A 36 -4.38 1.59 0.47
C PRO A 36 -3.90 0.47 1.38
N GLY A 37 -4.58 0.33 2.52
CA GLY A 37 -4.21 -0.71 3.47
C GLY A 37 -5.01 -0.62 4.76
N GLY A 38 -4.42 -1.13 5.85
CA GLY A 38 -5.09 -1.09 7.13
C GLY A 38 -4.33 -1.83 8.20
N LYS A 39 -4.83 -1.78 9.43
CA LYS A 39 -4.20 -2.46 10.55
C LYS A 39 -4.46 -3.96 10.51
N VAL A 40 -3.41 -4.75 10.66
CA VAL A 40 -3.53 -6.20 10.64
C VAL A 40 -3.89 -6.75 12.01
N GLU A 41 -4.64 -7.84 12.04
CA GLU A 41 -5.05 -8.46 13.29
C GLU A 41 -3.88 -9.17 13.96
N LYS A 42 -3.88 -9.15 15.29
CA LYS A 42 -2.81 -9.79 16.06
C LYS A 42 -2.80 -11.29 15.81
N ASN A 43 -3.97 -11.87 15.62
CA ASN A 43 -4.10 -13.30 15.37
C ASN A 43 -4.27 -13.58 13.89
N GLU A 44 -3.59 -12.81 13.05
CA GLU A 44 -3.68 -12.98 11.61
C GLU A 44 -2.43 -12.43 10.92
N THR A 45 -1.89 -13.20 9.98
CA THR A 45 -0.70 -12.80 9.25
C THR A 45 -1.02 -11.69 8.24
N GLU A 46 0.04 -11.14 7.64
CA GLU A 46 -0.13 -10.07 6.67
C GLU A 46 -0.91 -10.57 5.44
N LYS A 47 -0.47 -11.69 4.88
CA LYS A 47 -1.13 -12.26 3.71
C LYS A 47 -2.56 -12.66 4.04
N ASP A 48 -2.75 -13.31 5.17
CA ASP A 48 -4.08 -13.75 5.61
C ASP A 48 -4.96 -12.55 5.95
N ALA A 49 -4.32 -11.44 6.32
CA ALA A 49 -5.04 -10.22 6.67
C ALA A 49 -5.42 -9.44 5.42
N LEU A 50 -4.56 -9.49 4.41
CA LEU A 50 -4.80 -8.78 3.16
C LEU A 50 -5.74 -9.57 2.26
N ILE A 51 -5.50 -10.88 2.16
CA ILE A 51 -6.33 -11.73 1.33
C ILE A 51 -7.80 -11.54 1.63
N ARG A 52 -8.12 -11.29 2.90
CA ARG A 52 -9.50 -11.09 3.33
C ARG A 52 -9.92 -9.64 3.10
N GLU A 53 -9.01 -8.71 3.37
CA GLU A 53 -9.30 -7.29 3.20
C GLU A 53 -9.55 -6.96 1.74
N ILE A 54 -8.93 -7.74 0.84
CA ILE A 54 -9.09 -7.52 -0.58
C ILE A 54 -10.50 -7.89 -1.05
N ARG A 55 -11.02 -8.98 -0.51
CA ARG A 55 -12.36 -9.45 -0.86
C ARG A 55 -13.42 -8.76 0.01
N GLU A 56 -12.99 -8.22 1.14
CA GLU A 56 -13.89 -7.54 2.06
C GLU A 56 -14.00 -6.06 1.71
N GLU A 57 -12.87 -5.36 1.79
CA GLU A 57 -12.83 -3.93 1.48
C GLU A 57 -12.82 -3.70 -0.02
N MET A 58 -11.76 -4.16 -0.68
CA MET A 58 -11.62 -4.00 -2.12
C MET A 58 -12.75 -4.73 -2.86
N LYS A 59 -13.31 -5.75 -2.22
CA LYS A 59 -14.40 -6.51 -2.81
C LYS A 59 -14.06 -6.92 -4.24
N CYS A 60 -12.79 -7.20 -4.49
CA CYS A 60 -12.33 -7.59 -5.82
C CYS A 60 -11.48 -8.84 -5.75
N ASP A 61 -11.13 -9.39 -6.92
CA ASP A 61 -10.32 -10.60 -6.99
C ASP A 61 -8.84 -10.23 -7.14
N LEU A 62 -8.45 -9.10 -6.57
CA LEU A 62 -7.07 -8.65 -6.64
C LEU A 62 -6.10 -9.81 -6.47
N ILE A 63 -5.11 -9.88 -7.35
CA ILE A 63 -4.12 -10.95 -7.29
C ILE A 63 -2.90 -10.52 -6.47
N VAL A 64 -2.24 -11.50 -5.86
CA VAL A 64 -1.05 -11.22 -5.05
C VAL A 64 0.12 -12.07 -5.51
N GLY A 65 1.32 -11.48 -5.44
CA GLY A 65 2.52 -12.19 -5.86
C GLY A 65 3.41 -12.57 -4.68
N ASP A 66 4.37 -11.70 -4.37
CA ASP A 66 5.30 -11.95 -3.27
C ASP A 66 5.46 -10.69 -2.42
N LYS A 67 6.26 -10.80 -1.36
CA LYS A 67 6.51 -9.67 -0.46
C LYS A 67 7.35 -8.61 -1.16
N VAL A 68 7.10 -7.35 -0.82
CA VAL A 68 7.84 -6.24 -1.41
C VAL A 68 8.96 -5.77 -0.49
N ILE A 69 8.57 -5.28 0.70
CA ILE A 69 9.55 -4.80 1.66
C ILE A 69 8.87 -4.40 2.97
N THR A 70 9.62 -4.46 4.06
CA THR A 70 9.09 -4.10 5.37
C THR A 70 9.75 -2.84 5.91
N THR A 71 8.95 -1.96 6.52
CA THR A 71 9.46 -0.72 7.08
C THR A 71 8.95 -0.50 8.50
N GLU A 72 9.66 0.33 9.26
CA GLU A 72 9.28 0.63 10.63
C GLU A 72 9.64 2.06 11.00
N HIS A 73 8.81 2.67 11.86
CA HIS A 73 9.05 4.04 12.30
C HIS A 73 8.59 4.24 13.74
N GLU A 74 9.24 5.16 14.44
CA GLU A 74 8.91 5.45 15.83
C GLU A 74 7.60 6.24 15.93
N TYR A 75 6.74 5.84 16.86
CA TYR A 75 5.46 6.52 17.05
C TYR A 75 5.27 6.91 18.51
N ASP A 76 4.13 7.53 18.80
CA ASP A 76 3.82 7.96 20.16
C ASP A 76 3.23 6.80 20.97
N PHE A 77 2.51 5.92 20.30
CA PHE A 77 1.89 4.77 20.96
C PHE A 77 2.52 3.47 20.48
N GLY A 78 3.81 3.51 20.20
CA GLY A 78 4.51 2.32 19.74
C GLY A 78 5.27 2.57 18.45
N ILE A 79 5.40 1.53 17.64
CA ILE A 79 6.11 1.63 16.36
C ILE A 79 5.23 1.18 15.20
N VAL A 80 5.14 2.02 14.18
CA VAL A 80 4.33 1.70 13.01
C VAL A 80 5.14 0.92 11.98
N ARG A 81 4.60 -0.21 11.53
CA ARG A 81 5.27 -1.05 10.54
C ARG A 81 4.35 -1.34 9.36
N LEU A 82 4.65 -0.71 8.23
CA LEU A 82 3.85 -0.91 7.03
C LEU A 82 4.47 -1.96 6.12
N THR A 83 3.63 -2.83 5.55
CA THR A 83 4.10 -3.88 4.67
C THR A 83 3.34 -3.87 3.34
N THR A 84 4.09 -3.84 2.24
CA THR A 84 3.49 -3.82 0.92
C THR A 84 3.60 -5.19 0.24
N TYR A 85 2.70 -5.46 -0.70
CA TYR A 85 2.69 -6.73 -1.41
C TYR A 85 2.38 -6.52 -2.89
N LYS A 86 3.24 -7.05 -3.75
CA LYS A 86 3.06 -6.92 -5.19
C LYS A 86 1.73 -7.53 -5.63
N CYS A 87 0.78 -6.68 -5.95
CA CYS A 87 -0.54 -7.14 -6.39
C CYS A 87 -0.75 -6.89 -7.87
N THR A 88 -1.64 -7.65 -8.49
CA THR A 88 -1.93 -7.51 -9.91
C THR A 88 -3.30 -6.88 -10.13
N LEU A 89 -3.56 -6.49 -11.37
CA LEU A 89 -4.84 -5.88 -11.72
C LEU A 89 -5.89 -6.95 -12.03
N ASN A 90 -7.14 -6.66 -11.66
CA ASN A 90 -8.23 -7.60 -11.90
C ASN A 90 -9.28 -6.98 -12.82
N LYS A 91 -10.25 -7.78 -13.22
CA LYS A 91 -11.32 -7.31 -14.09
C LYS A 91 -11.99 -6.07 -13.52
N GLU A 92 -12.55 -6.19 -12.31
CA GLU A 92 -13.21 -5.07 -11.65
C GLU A 92 -12.18 -4.10 -11.06
N LEU A 93 -12.59 -2.86 -10.89
CA LEU A 93 -11.72 -1.83 -10.33
C LEU A 93 -11.63 -1.95 -8.81
N PRO A 94 -10.50 -1.49 -8.23
CA PRO A 94 -10.28 -1.53 -6.79
C PRO A 94 -11.17 -0.57 -6.04
N THR A 95 -11.21 -0.70 -4.71
CA THR A 95 -12.03 0.16 -3.87
C THR A 95 -11.18 1.20 -3.16
N LEU A 96 -11.82 2.28 -2.72
CA LEU A 96 -11.12 3.35 -2.02
C LEU A 96 -10.01 3.92 -2.88
N THR A 97 -10.08 3.68 -4.18
CA THR A 97 -9.07 4.17 -5.12
C THR A 97 -9.33 5.61 -5.49
N GLU A 98 -10.61 5.99 -5.55
CA GLU A 98 -10.99 7.35 -5.91
C GLU A 98 -10.89 8.27 -4.69
N HIS A 99 -10.48 7.71 -3.55
CA HIS A 99 -10.34 8.48 -2.33
C HIS A 99 -9.66 9.82 -2.61
N LYS A 100 -8.68 9.81 -3.50
CA LYS A 100 -7.95 11.02 -3.84
C LYS A 100 -8.36 11.53 -5.22
N SER A 101 -8.15 10.70 -6.24
CA SER A 101 -8.51 11.06 -7.61
C SER A 101 -8.05 9.98 -8.59
N ILE A 102 -8.19 10.27 -9.88
CA ILE A 102 -7.80 9.32 -10.92
C ILE A 102 -6.52 9.77 -11.60
N GLU A 103 -5.40 9.14 -11.23
CA GLU A 103 -4.11 9.47 -11.80
C GLU A 103 -3.24 8.23 -11.95
N TRP A 104 -2.89 7.90 -13.19
CA TRP A 104 -2.06 6.73 -13.45
C TRP A 104 -0.72 7.14 -14.07
N LEU A 105 0.33 7.13 -13.25
CA LEU A 105 1.66 7.50 -13.71
C LEU A 105 2.47 6.26 -14.08
N SER A 106 3.51 6.46 -14.89
CA SER A 106 4.36 5.36 -15.32
C SER A 106 5.34 4.97 -14.22
N ILE A 107 6.13 3.93 -14.48
CA ILE A 107 7.12 3.46 -13.51
C ILE A 107 8.30 4.42 -13.41
N ASN A 108 8.49 5.22 -14.46
CA ASN A 108 9.59 6.18 -14.49
C ASN A 108 9.11 7.57 -14.04
N GLU A 109 7.92 7.61 -13.46
CA GLU A 109 7.35 8.87 -12.98
C GLU A 109 6.97 8.77 -11.51
N LEU A 110 6.81 7.55 -11.02
CA LEU A 110 6.45 7.32 -9.63
C LEU A 110 7.34 8.14 -8.70
N ASP A 111 8.59 8.35 -9.11
CA ASP A 111 9.53 9.12 -8.31
C ASP A 111 8.93 10.46 -7.91
N LYS A 112 8.43 11.20 -8.89
CA LYS A 112 7.83 12.50 -8.64
C LYS A 112 6.60 12.38 -7.74
N LEU A 113 6.05 11.18 -7.66
CA LEU A 113 4.88 10.92 -6.83
C LEU A 113 5.28 10.63 -5.40
N ASN A 114 6.22 11.42 -4.88
CA ASN A 114 6.70 11.25 -3.51
C ASN A 114 5.65 10.54 -2.66
N TRP A 115 5.92 9.29 -2.29
CA TRP A 115 4.99 8.51 -1.48
C TRP A 115 5.41 8.55 -0.01
N ALA A 116 4.62 7.88 0.83
CA ALA A 116 4.91 7.83 2.26
C ALA A 116 6.32 7.34 2.52
N PRO A 117 6.78 7.49 3.77
CA PRO A 117 8.13 7.06 4.18
C PRO A 117 8.27 5.54 4.21
N ALA A 118 7.14 4.85 4.28
CA ALA A 118 7.14 3.40 4.32
C ALA A 118 7.06 2.81 2.91
N ASP A 119 6.43 3.55 2.00
CA ASP A 119 6.29 3.11 0.61
C ASP A 119 7.45 3.62 -0.24
N ILE A 120 8.05 4.71 0.19
CA ILE A 120 9.18 5.30 -0.53
C ILE A 120 10.18 4.25 -0.94
N PRO A 121 10.69 3.49 0.04
CA PRO A 121 11.67 2.42 -0.19
C PRO A 121 11.06 1.23 -0.93
N ALA A 122 9.76 1.04 -0.77
CA ALA A 122 9.06 -0.05 -1.41
C ALA A 122 8.80 0.25 -2.88
N VAL A 123 8.80 1.53 -3.23
CA VAL A 123 8.57 1.95 -4.61
C VAL A 123 9.87 1.92 -5.42
N ASN A 124 10.96 2.31 -4.76
CA ASN A 124 12.27 2.32 -5.41
C ASN A 124 12.57 1.00 -6.08
N LYS A 125 12.24 -0.09 -5.38
CA LYS A 125 12.47 -1.44 -5.91
C LYS A 125 11.70 -1.65 -7.22
N ILE A 126 10.57 -0.99 -7.34
CA ILE A 126 9.74 -1.11 -8.54
C ILE A 126 10.50 -0.65 -9.77
N MET A 127 11.05 0.56 -9.73
CA MET A 127 11.81 1.10 -10.85
C MET A 127 12.90 0.13 -11.28
N THR A 128 13.47 -0.59 -10.32
CA THR A 128 14.53 -1.55 -10.60
C THR A 128 14.12 -2.50 -11.72
N GLU A 129 12.83 -2.82 -11.77
CA GLU A 129 12.32 -3.73 -12.79
C GLU A 129 12.56 -3.17 -14.19
N GLY A 130 12.38 -1.86 -14.34
CA GLY A 130 12.59 -1.22 -15.62
C GLY A 130 13.98 -0.67 -15.78
N MET A 1 8.53 -3.14 25.42
CA MET A 1 8.59 -2.26 24.26
C MET A 1 7.28 -1.49 24.08
N LYS A 2 7.27 -0.56 23.14
CA LYS A 2 6.08 0.23 22.87
C LYS A 2 5.00 -0.61 22.20
N LYS A 3 3.94 0.05 21.71
CA LYS A 3 2.84 -0.64 21.05
C LYS A 3 3.20 -0.95 19.60
N VAL A 4 3.66 -2.18 19.35
CA VAL A 4 4.02 -2.61 18.01
C VAL A 4 2.79 -2.72 17.11
N ILE A 5 2.63 -1.73 16.23
CA ILE A 5 1.49 -1.71 15.31
C ILE A 5 1.77 -2.56 14.08
N ASN A 6 0.72 -3.15 13.52
CA ASN A 6 0.85 -3.99 12.34
C ASN A 6 -0.08 -3.51 11.23
N VAL A 7 0.48 -2.86 10.22
CA VAL A 7 -0.30 -2.35 9.10
C VAL A 7 0.30 -2.77 7.77
N VAL A 8 -0.52 -2.83 6.74
CA VAL A 8 -0.07 -3.21 5.41
C VAL A 8 -0.65 -2.29 4.34
N GLY A 9 -0.13 -2.42 3.12
CA GLY A 9 -0.61 -1.59 2.02
C GLY A 9 -1.02 -2.41 0.82
N ALA A 10 -1.04 -1.78 -0.35
CA ALA A 10 -1.44 -2.44 -1.58
C ALA A 10 -1.02 -1.64 -2.80
N ILE A 11 -0.37 -2.31 -3.75
CA ILE A 11 0.09 -1.65 -4.97
C ILE A 11 -0.51 -2.32 -6.21
N ILE A 12 -1.60 -1.76 -6.71
CA ILE A 12 -2.26 -2.29 -7.89
C ILE A 12 -1.60 -1.79 -9.17
N PHE A 13 -1.14 -2.71 -10.01
CA PHE A 13 -0.50 -2.37 -11.27
C PHE A 13 -1.42 -2.64 -12.45
N SER A 14 -1.51 -1.66 -13.36
CA SER A 14 -2.36 -1.79 -14.54
C SER A 14 -1.82 -0.97 -15.70
N ASP A 15 -1.75 -1.59 -16.87
CA ASP A 15 -1.24 -0.91 -18.06
C ASP A 15 0.11 -0.27 -17.78
N ASN A 16 0.93 -0.94 -16.98
CA ASN A 16 2.25 -0.43 -16.64
C ASN A 16 2.15 0.89 -15.88
N LYS A 17 1.13 0.99 -15.02
CA LYS A 17 0.92 2.20 -14.22
C LYS A 17 0.54 1.85 -12.79
N ILE A 18 0.32 2.87 -11.97
CA ILE A 18 -0.04 2.66 -10.58
C ILE A 18 -1.23 3.54 -10.19
N LEU A 19 -2.03 3.05 -9.24
CA LEU A 19 -3.21 3.79 -8.77
C LEU A 19 -2.85 4.69 -7.60
N CYS A 20 -3.71 5.66 -7.33
CA CYS A 20 -3.49 6.60 -6.22
C CYS A 20 -4.69 6.62 -5.29
N ALA A 21 -4.42 6.69 -4.00
CA ALA A 21 -5.48 6.72 -3.00
C ALA A 21 -5.15 7.71 -1.87
N GLN A 22 -6.18 8.32 -1.30
CA GLN A 22 -5.99 9.27 -0.22
C GLN A 22 -6.58 8.74 1.08
N ARG A 23 -5.73 8.14 1.91
CA ARG A 23 -6.15 7.59 3.19
C ARG A 23 -6.20 8.67 4.26
N SER A 24 -6.34 8.25 5.52
CA SER A 24 -6.41 9.19 6.63
C SER A 24 -5.06 9.84 6.87
N GLU A 25 -5.08 11.08 7.35
CA GLU A 25 -3.86 11.83 7.61
C GLU A 25 -3.32 11.49 9.00
N LYS A 26 -4.01 10.62 9.71
CA LYS A 26 -3.60 10.20 11.04
C LYS A 26 -2.46 9.19 10.98
N MET A 27 -2.57 8.24 10.05
CA MET A 27 -1.55 7.21 9.89
C MET A 27 -0.35 7.77 9.11
N SER A 28 -0.54 7.95 7.81
CA SER A 28 0.51 8.47 6.94
C SER A 28 0.20 9.89 6.47
N LEU A 29 0.89 10.32 5.43
CA LEU A 29 0.68 11.66 4.88
C LEU A 29 0.17 11.59 3.45
N PRO A 30 -1.08 11.11 3.29
CA PRO A 30 -1.71 10.98 1.97
C PRO A 30 -2.04 12.34 1.35
N LEU A 31 -1.70 13.41 2.07
CA LEU A 31 -1.96 14.76 1.58
C LEU A 31 -1.45 14.94 0.15
N MET A 32 -0.36 14.24 -0.17
CA MET A 32 0.22 14.32 -1.50
C MET A 32 0.07 13.00 -2.25
N TRP A 33 0.41 11.91 -1.59
CA TRP A 33 0.31 10.58 -2.18
C TRP A 33 0.19 9.51 -1.11
N GLU A 34 -0.36 8.35 -1.48
CA GLU A 34 -0.52 7.25 -0.55
C GLU A 34 -1.13 6.03 -1.26
N PHE A 35 -1.19 4.92 -0.54
CA PHE A 35 -1.74 3.68 -1.10
C PHE A 35 -2.91 3.17 -0.25
N PRO A 36 -3.74 2.32 -0.84
CA PRO A 36 -4.91 1.74 -0.16
C PRO A 36 -4.51 0.74 0.92
N GLY A 37 -5.45 0.42 1.80
CA GLY A 37 -5.18 -0.52 2.87
C GLY A 37 -5.82 -0.10 4.18
N GLY A 38 -5.38 -0.70 5.28
CA GLY A 38 -5.93 -0.39 6.58
C GLY A 38 -5.04 -0.84 7.72
N LYS A 39 -5.55 -1.72 8.55
CA LYS A 39 -4.78 -2.24 9.69
C LYS A 39 -4.76 -3.76 9.68
N VAL A 40 -3.85 -4.33 10.46
CA VAL A 40 -3.71 -5.78 10.55
C VAL A 40 -3.73 -6.25 12.00
N GLU A 41 -4.31 -7.42 12.24
CA GLU A 41 -4.39 -7.98 13.58
C GLU A 41 -3.05 -8.57 14.00
N LYS A 42 -2.78 -8.56 15.30
CA LYS A 42 -1.53 -9.10 15.83
C LYS A 42 -1.45 -10.62 15.62
N ASN A 43 -2.60 -11.28 15.71
CA ASN A 43 -2.67 -12.72 15.53
C ASN A 43 -2.63 -13.09 14.05
N GLU A 44 -3.26 -12.26 13.22
CA GLU A 44 -3.29 -12.49 11.78
C GLU A 44 -2.04 -11.94 11.11
N THR A 45 -1.61 -12.60 10.05
CA THR A 45 -0.42 -12.19 9.32
C THR A 45 -0.76 -11.13 8.27
N GLU A 46 0.26 -10.56 7.66
CA GLU A 46 0.08 -9.53 6.64
C GLU A 46 -0.81 -10.05 5.51
N LYS A 47 -0.39 -11.12 4.87
CA LYS A 47 -1.15 -11.71 3.77
C LYS A 47 -2.52 -12.18 4.26
N ASP A 48 -2.53 -12.99 5.31
CA ASP A 48 -3.77 -13.51 5.87
C ASP A 48 -4.74 -12.37 6.20
N ALA A 49 -4.19 -11.19 6.49
CA ALA A 49 -5.00 -10.03 6.81
C ALA A 49 -5.44 -9.29 5.55
N LEU A 50 -4.55 -9.26 4.55
CA LEU A 50 -4.85 -8.59 3.29
C LEU A 50 -5.90 -9.37 2.50
N ILE A 51 -5.78 -10.69 2.50
CA ILE A 51 -6.73 -11.53 1.78
C ILE A 51 -8.16 -11.20 2.16
N ARG A 52 -8.36 -10.76 3.39
CA ARG A 52 -9.69 -10.40 3.87
C ARG A 52 -10.06 -8.98 3.45
N GLU A 53 -9.16 -8.03 3.72
CA GLU A 53 -9.40 -6.63 3.37
C GLU A 53 -9.80 -6.51 1.90
N ILE A 54 -8.93 -7.00 1.01
CA ILE A 54 -9.19 -6.94 -0.42
C ILE A 54 -10.50 -7.61 -0.77
N ARG A 55 -10.97 -8.50 0.11
CA ARG A 55 -12.23 -9.21 -0.10
C ARG A 55 -13.40 -8.37 0.36
N GLU A 56 -13.22 -7.64 1.44
CA GLU A 56 -14.28 -6.79 1.99
C GLU A 56 -14.15 -5.36 1.48
N GLU A 57 -13.04 -4.72 1.80
CA GLU A 57 -12.80 -3.34 1.37
C GLU A 57 -12.89 -3.23 -0.15
N MET A 58 -11.97 -3.90 -0.84
CA MET A 58 -11.95 -3.87 -2.31
C MET A 58 -13.11 -4.67 -2.87
N LYS A 59 -13.28 -5.90 -2.40
CA LYS A 59 -14.36 -6.75 -2.87
C LYS A 59 -14.15 -7.14 -4.33
N CYS A 60 -12.89 -7.28 -4.73
CA CYS A 60 -12.55 -7.65 -6.10
C CYS A 60 -11.69 -8.91 -6.13
N ASP A 61 -11.21 -9.25 -7.32
CA ASP A 61 -10.37 -10.44 -7.48
C ASP A 61 -8.89 -10.06 -7.51
N LEU A 62 -8.55 -8.97 -6.83
CA LEU A 62 -7.17 -8.50 -6.78
C LEU A 62 -6.22 -9.64 -6.44
N ILE A 63 -5.42 -10.04 -7.42
CA ILE A 63 -4.46 -11.13 -7.22
C ILE A 63 -3.12 -10.58 -6.72
N VAL A 64 -2.64 -11.13 -5.61
CA VAL A 64 -1.37 -10.70 -5.04
C VAL A 64 -0.20 -11.45 -5.68
N GLY A 65 0.97 -10.82 -5.70
CA GLY A 65 2.15 -11.44 -6.28
C GLY A 65 3.09 -11.98 -5.23
N ASP A 66 3.91 -11.10 -4.66
CA ASP A 66 4.87 -11.50 -3.64
C ASP A 66 5.21 -10.33 -2.72
N LYS A 67 6.02 -10.59 -1.70
CA LYS A 67 6.42 -9.57 -0.75
C LYS A 67 7.37 -8.56 -1.41
N VAL A 68 7.21 -7.29 -1.07
CA VAL A 68 8.06 -6.24 -1.62
C VAL A 68 9.12 -5.82 -0.62
N ILE A 69 8.68 -5.28 0.52
CA ILE A 69 9.60 -4.84 1.56
C ILE A 69 8.84 -4.37 2.80
N THR A 70 9.54 -4.30 3.92
CA THR A 70 8.93 -3.87 5.18
C THR A 70 9.61 -2.60 5.70
N THR A 71 8.90 -1.87 6.55
CA THR A 71 9.43 -0.63 7.12
C THR A 71 8.95 -0.45 8.56
N GLU A 72 9.91 -0.27 9.47
CA GLU A 72 9.58 -0.08 10.88
C GLU A 72 10.16 1.24 11.40
N HIS A 73 9.35 1.96 12.17
CA HIS A 73 9.77 3.24 12.72
C HIS A 73 9.50 3.29 14.23
N GLU A 74 10.41 3.93 14.96
CA GLU A 74 10.28 4.05 16.41
C GLU A 74 9.38 5.23 16.78
N TYR A 75 8.17 4.93 17.23
CA TYR A 75 7.21 5.96 17.61
C TYR A 75 7.08 6.05 19.13
N ASP A 76 6.42 7.11 19.60
CA ASP A 76 6.23 7.30 21.03
C ASP A 76 5.00 6.54 21.53
N PHE A 77 3.98 6.46 20.67
CA PHE A 77 2.76 5.75 21.02
C PHE A 77 2.88 4.26 20.73
N GLY A 78 3.79 3.92 19.82
CA GLY A 78 3.99 2.52 19.46
C GLY A 78 4.66 2.36 18.12
N ILE A 79 5.69 1.51 18.07
CA ILE A 79 6.42 1.27 16.83
C ILE A 79 5.47 0.96 15.68
N VAL A 80 5.57 1.73 14.61
CA VAL A 80 4.73 1.53 13.44
C VAL A 80 5.45 0.72 12.37
N ARG A 81 4.79 -0.33 11.88
CA ARG A 81 5.37 -1.18 10.86
C ARG A 81 4.51 -1.18 9.59
N LEU A 82 5.03 -0.54 8.55
CA LEU A 82 4.32 -0.46 7.27
C LEU A 82 4.95 -1.37 6.23
N THR A 83 4.14 -2.23 5.62
CA THR A 83 4.63 -3.14 4.60
C THR A 83 3.78 -3.06 3.34
N THR A 84 4.36 -3.48 2.21
CA THR A 84 3.66 -3.44 0.93
C THR A 84 3.72 -4.81 0.25
N TYR A 85 2.78 -5.05 -0.66
CA TYR A 85 2.73 -6.30 -1.40
C TYR A 85 2.26 -6.08 -2.84
N LYS A 86 2.97 -6.67 -3.78
CA LYS A 86 2.64 -6.54 -5.19
C LYS A 86 1.20 -7.00 -5.45
N CYS A 87 0.40 -6.11 -6.02
CA CYS A 87 -0.99 -6.41 -6.33
C CYS A 87 -1.27 -6.22 -7.80
N THR A 88 -1.99 -7.18 -8.39
CA THR A 88 -2.34 -7.12 -9.81
C THR A 88 -3.75 -6.61 -10.01
N LEU A 89 -4.07 -6.22 -11.25
CA LEU A 89 -5.39 -5.71 -11.57
C LEU A 89 -6.29 -6.83 -12.10
N ASN A 90 -7.53 -6.87 -11.62
CA ASN A 90 -8.48 -7.88 -12.04
C ASN A 90 -9.57 -7.28 -12.92
N LYS A 91 -10.54 -8.10 -13.31
CA LYS A 91 -11.63 -7.65 -14.16
C LYS A 91 -12.29 -6.40 -13.58
N GLU A 92 -12.43 -6.37 -12.26
CA GLU A 92 -13.05 -5.24 -11.58
C GLU A 92 -11.98 -4.28 -11.04
N LEU A 93 -12.21 -2.98 -11.20
CA LEU A 93 -11.27 -1.98 -10.73
C LEU A 93 -11.19 -1.97 -9.21
N PRO A 94 -10.11 -1.39 -8.68
CA PRO A 94 -9.89 -1.30 -7.23
C PRO A 94 -10.85 -0.33 -6.56
N THR A 95 -11.08 -0.53 -5.27
CA THR A 95 -11.97 0.33 -4.51
C THR A 95 -11.20 1.40 -3.74
N LEU A 96 -11.89 2.46 -3.36
CA LEU A 96 -11.27 3.55 -2.62
C LEU A 96 -10.11 4.17 -3.41
N THR A 97 -10.11 3.92 -4.72
CA THR A 97 -9.06 4.44 -5.59
C THR A 97 -9.34 5.88 -5.99
N GLU A 98 -10.62 6.23 -6.04
CA GLU A 98 -11.02 7.58 -6.42
C GLU A 98 -10.95 8.53 -5.22
N HIS A 99 -10.54 7.99 -4.08
CA HIS A 99 -10.41 8.78 -2.86
C HIS A 99 -9.74 10.12 -3.15
N LYS A 100 -8.68 10.09 -3.94
CA LYS A 100 -7.95 11.29 -4.29
C LYS A 100 -8.35 11.78 -5.68
N SER A 101 -8.12 10.95 -6.69
CA SER A 101 -8.45 11.30 -8.07
C SER A 101 -7.99 10.21 -9.03
N ILE A 102 -8.09 10.49 -10.32
CA ILE A 102 -7.68 9.53 -11.35
C ILE A 102 -6.34 9.92 -11.96
N GLU A 103 -5.28 9.25 -11.52
CA GLU A 103 -3.94 9.52 -12.02
C GLU A 103 -3.12 8.23 -12.12
N TRP A 104 -2.71 7.89 -13.32
CA TRP A 104 -1.91 6.69 -13.55
C TRP A 104 -0.53 7.04 -14.10
N LEU A 105 0.48 6.97 -13.24
CA LEU A 105 1.85 7.27 -13.64
C LEU A 105 2.62 6.00 -13.97
N SER A 106 3.71 6.15 -14.73
CA SER A 106 4.52 5.01 -15.13
C SER A 106 5.51 4.65 -14.02
N ILE A 107 6.17 3.51 -14.17
CA ILE A 107 7.14 3.04 -13.18
C ILE A 107 8.42 3.87 -13.25
N ASN A 108 8.64 4.54 -14.38
CA ASN A 108 9.83 5.36 -14.55
C ASN A 108 9.57 6.80 -14.11
N GLU A 109 8.35 7.06 -13.66
CA GLU A 109 7.96 8.39 -13.21
C GLU A 109 7.25 8.32 -11.87
N LEU A 110 7.15 7.12 -11.31
CA LEU A 110 6.49 6.92 -10.03
C LEU A 110 7.09 7.82 -8.96
N ASP A 111 8.36 8.19 -9.14
CA ASP A 111 9.04 9.06 -8.20
C ASP A 111 8.29 10.36 -8.00
N LYS A 112 7.53 10.76 -9.02
CA LYS A 112 6.76 12.00 -8.96
C LYS A 112 5.60 11.87 -7.97
N LEU A 113 5.34 10.64 -7.53
CA LEU A 113 4.27 10.39 -6.58
C LEU A 113 4.81 10.23 -5.17
N ASN A 114 5.79 11.07 -4.82
CA ASN A 114 6.40 11.03 -3.50
C ASN A 114 5.45 10.41 -2.48
N TRP A 115 5.72 9.16 -2.11
CA TRP A 115 4.89 8.45 -1.14
C TRP A 115 5.46 8.58 0.27
N ALA A 116 4.77 7.98 1.23
CA ALA A 116 5.21 8.03 2.62
C ALA A 116 6.65 7.53 2.75
N PRO A 117 7.26 7.78 3.92
CA PRO A 117 8.64 7.36 4.19
C PRO A 117 8.77 5.85 4.34
N ALA A 118 7.64 5.17 4.54
CA ALA A 118 7.62 3.73 4.70
C ALA A 118 7.45 3.03 3.35
N ASP A 119 6.77 3.70 2.44
CA ASP A 119 6.53 3.14 1.11
C ASP A 119 7.57 3.65 0.12
N ILE A 120 8.17 4.79 0.42
CA ILE A 120 9.19 5.38 -0.44
C ILE A 120 10.21 4.34 -0.87
N PRO A 121 10.82 3.67 0.11
CA PRO A 121 11.83 2.64 -0.16
C PRO A 121 11.22 1.38 -0.78
N ALA A 122 9.90 1.25 -0.65
CA ALA A 122 9.20 0.09 -1.20
C ALA A 122 8.83 0.31 -2.67
N VAL A 123 8.58 1.57 -3.02
CA VAL A 123 8.22 1.91 -4.40
C VAL A 123 9.43 1.87 -5.31
N ASN A 124 10.52 2.50 -4.86
CA ASN A 124 11.75 2.53 -5.64
C ASN A 124 12.17 1.13 -6.06
N LYS A 125 11.90 0.16 -5.19
CA LYS A 125 12.26 -1.23 -5.46
C LYS A 125 11.64 -1.71 -6.77
N ILE A 126 10.43 -1.23 -7.06
CA ILE A 126 9.73 -1.60 -8.29
C ILE A 126 10.55 -1.20 -9.51
N MET A 127 11.07 0.03 -9.50
CA MET A 127 11.86 0.52 -10.62
C MET A 127 12.96 -0.47 -11.00
N THR A 128 13.48 -1.18 -10.01
CA THR A 128 14.53 -2.17 -10.24
C THR A 128 14.15 -3.10 -11.37
N GLU A 129 12.86 -3.36 -11.52
CA GLU A 129 12.37 -4.26 -12.57
C GLU A 129 12.74 -3.73 -13.95
N GLY A 130 12.54 -2.43 -14.16
CA GLY A 130 12.86 -1.82 -15.43
C GLY A 130 14.30 -2.04 -15.83
N MET A 1 9.24 -1.68 23.58
CA MET A 1 8.89 -0.77 24.66
C MET A 1 7.50 -0.17 24.44
N LYS A 2 7.30 0.42 23.26
CA LYS A 2 6.02 1.03 22.92
C LYS A 2 5.11 0.02 22.21
N LYS A 3 3.95 0.49 21.79
CA LYS A 3 2.99 -0.36 21.08
C LYS A 3 3.54 -0.79 19.72
N VAL A 4 2.79 -1.64 19.03
CA VAL A 4 3.20 -2.12 17.71
C VAL A 4 2.08 -1.98 16.70
N ILE A 5 2.20 -1.01 15.80
CA ILE A 5 1.20 -0.78 14.78
C ILE A 5 1.40 -1.70 13.58
N ASN A 6 0.43 -2.57 13.33
CA ASN A 6 0.50 -3.51 12.22
C ASN A 6 -0.41 -3.06 11.08
N VAL A 7 0.19 -2.65 9.96
CA VAL A 7 -0.58 -2.20 8.81
C VAL A 7 -0.07 -2.87 7.53
N VAL A 8 -0.86 -2.78 6.47
CA VAL A 8 -0.49 -3.37 5.18
C VAL A 8 -1.13 -2.61 4.03
N GLY A 9 -0.46 -2.64 2.87
CA GLY A 9 -0.97 -1.95 1.70
C GLY A 9 -1.05 -2.85 0.49
N ALA A 10 -1.19 -2.24 -0.69
CA ALA A 10 -1.27 -3.00 -1.94
C ALA A 10 -0.84 -2.15 -3.12
N ILE A 11 -0.13 -2.76 -4.06
CA ILE A 11 0.34 -2.06 -5.24
C ILE A 11 -0.18 -2.71 -6.51
N ILE A 12 -1.30 -2.21 -7.03
CA ILE A 12 -1.91 -2.75 -8.24
C ILE A 12 -1.18 -2.24 -9.48
N PHE A 13 -0.59 -3.17 -10.24
CA PHE A 13 0.13 -2.82 -11.45
C PHE A 13 -0.74 -3.06 -12.69
N SER A 14 -0.50 -2.27 -13.73
CA SER A 14 -1.26 -2.40 -14.96
C SER A 14 -0.71 -1.46 -16.04
N ASP A 15 -0.21 -2.03 -17.12
CA ASP A 15 0.35 -1.25 -18.22
C ASP A 15 1.50 -0.37 -17.73
N ASN A 16 2.26 -0.88 -16.76
CA ASN A 16 3.39 -0.14 -16.20
C ASN A 16 2.92 1.13 -15.51
N LYS A 17 1.80 1.05 -14.81
CA LYS A 17 1.24 2.19 -14.11
C LYS A 17 0.81 1.81 -12.69
N ILE A 18 0.85 2.78 -11.79
CA ILE A 18 0.46 2.54 -10.40
C ILE A 18 -0.79 3.33 -10.03
N LEU A 19 -1.57 2.79 -9.10
CA LEU A 19 -2.80 3.45 -8.66
C LEU A 19 -2.54 4.32 -7.44
N CYS A 20 -3.46 5.24 -7.17
CA CYS A 20 -3.32 6.14 -6.03
C CYS A 20 -4.57 6.08 -5.15
N ALA A 21 -4.35 6.11 -3.83
CA ALA A 21 -5.46 6.05 -2.88
C ALA A 21 -5.09 6.75 -1.58
N GLN A 22 -5.88 7.75 -1.20
CA GLN A 22 -5.64 8.50 0.03
C GLN A 22 -6.54 8.00 1.15
N ARG A 23 -5.98 7.16 2.03
CA ARG A 23 -6.73 6.62 3.15
C ARG A 23 -7.18 7.73 4.10
N SER A 24 -6.25 8.26 4.87
CA SER A 24 -6.55 9.32 5.82
C SER A 24 -5.27 9.98 6.33
N GLU A 25 -5.42 10.91 7.28
CA GLU A 25 -4.28 11.62 7.84
C GLU A 25 -3.54 10.73 8.84
N LYS A 26 -4.01 9.49 8.99
CA LYS A 26 -3.39 8.55 9.91
C LYS A 26 -2.07 8.04 9.36
N MET A 27 -2.04 7.74 8.06
CA MET A 27 -0.83 7.25 7.42
C MET A 27 0.27 8.31 7.42
N SER A 28 1.39 8.01 6.78
CA SER A 28 2.51 8.93 6.71
C SER A 28 2.40 9.83 5.48
N LEU A 29 2.46 11.13 5.70
CA LEU A 29 2.37 12.11 4.61
C LEU A 29 1.35 11.66 3.57
N PRO A 30 0.14 11.31 4.04
CA PRO A 30 -0.94 10.86 3.16
C PRO A 30 -1.50 11.98 2.30
N LEU A 31 -1.41 13.21 2.80
CA LEU A 31 -1.89 14.37 2.08
C LEU A 31 -1.31 14.42 0.67
N MET A 32 0.02 14.38 0.58
CA MET A 32 0.69 14.41 -0.71
C MET A 32 0.40 13.15 -1.52
N TRP A 33 0.59 12.00 -0.88
CA TRP A 33 0.34 10.71 -1.54
C TRP A 33 0.14 9.61 -0.51
N GLU A 34 -0.50 8.53 -0.94
CA GLU A 34 -0.76 7.40 -0.05
C GLU A 34 -1.30 6.20 -0.83
N PHE A 35 -1.25 5.03 -0.21
CA PHE A 35 -1.73 3.81 -0.85
C PHE A 35 -2.97 3.27 -0.15
N PRO A 36 -3.74 2.43 -0.85
CA PRO A 36 -4.97 1.83 -0.31
C PRO A 36 -4.68 0.82 0.79
N GLY A 37 -5.74 0.37 1.45
CA GLY A 37 -5.58 -0.60 2.53
C GLY A 37 -6.17 -0.10 3.85
N GLY A 38 -5.70 -0.68 4.95
CA GLY A 38 -6.20 -0.28 6.25
C GLY A 38 -5.27 -0.71 7.37
N LYS A 39 -5.70 -1.68 8.17
CA LYS A 39 -4.91 -2.18 9.28
C LYS A 39 -4.77 -3.69 9.22
N VAL A 40 -3.98 -4.25 10.14
CA VAL A 40 -3.77 -5.69 10.19
C VAL A 40 -4.02 -6.24 11.58
N GLU A 41 -4.69 -7.38 11.67
CA GLU A 41 -5.00 -8.00 12.95
C GLU A 41 -3.79 -8.76 13.48
N LYS A 42 -3.60 -8.70 14.80
CA LYS A 42 -2.48 -9.37 15.44
C LYS A 42 -2.50 -10.87 15.13
N ASN A 43 -3.69 -11.42 15.03
CA ASN A 43 -3.85 -12.85 14.74
C ASN A 43 -3.49 -13.14 13.28
N GLU A 44 -3.96 -12.29 12.37
CA GLU A 44 -3.70 -12.47 10.95
C GLU A 44 -2.32 -11.93 10.58
N THR A 45 -1.81 -12.34 9.43
CA THR A 45 -0.49 -11.90 8.97
C THR A 45 -0.62 -10.80 7.92
N GLU A 46 0.51 -10.32 7.42
CA GLU A 46 0.52 -9.28 6.41
C GLU A 46 -0.22 -9.72 5.16
N LYS A 47 -0.13 -11.01 4.84
CA LYS A 47 -0.79 -11.57 3.67
C LYS A 47 -2.27 -11.79 3.94
N ASP A 48 -2.57 -12.58 4.96
CA ASP A 48 -3.95 -12.87 5.34
C ASP A 48 -4.74 -11.58 5.54
N ALA A 49 -4.17 -10.66 6.32
CA ALA A 49 -4.82 -9.39 6.59
C ALA A 49 -5.31 -8.73 5.30
N LEU A 50 -4.58 -8.97 4.21
CA LEU A 50 -4.94 -8.39 2.91
C LEU A 50 -6.03 -9.21 2.24
N ILE A 51 -5.76 -10.50 2.04
CA ILE A 51 -6.72 -11.39 1.40
C ILE A 51 -8.07 -11.36 2.12
N ARG A 52 -8.03 -11.03 3.41
CA ARG A 52 -9.25 -10.95 4.22
C ARG A 52 -9.95 -9.62 4.01
N GLU A 53 -9.17 -8.54 3.96
CA GLU A 53 -9.73 -7.21 3.76
C GLU A 53 -10.19 -7.00 2.33
N ILE A 54 -9.26 -7.10 1.39
CA ILE A 54 -9.57 -6.93 -0.03
C ILE A 54 -10.78 -7.76 -0.42
N ARG A 55 -11.02 -8.84 0.32
CA ARG A 55 -12.14 -9.72 0.05
C ARG A 55 -13.47 -8.97 0.18
N GLU A 56 -13.76 -8.49 1.39
CA GLU A 56 -15.00 -7.75 1.64
C GLU A 56 -14.78 -6.26 1.48
N GLU A 57 -13.71 -5.75 2.09
CA GLU A 57 -13.39 -4.32 2.01
C GLU A 57 -13.43 -3.84 0.57
N MET A 58 -12.58 -4.42 -0.27
CA MET A 58 -12.51 -4.05 -1.67
C MET A 58 -13.65 -4.68 -2.46
N LYS A 59 -14.08 -5.86 -2.03
CA LYS A 59 -15.16 -6.57 -2.69
C LYS A 59 -14.81 -6.88 -4.13
N CYS A 60 -13.53 -7.13 -4.38
CA CYS A 60 -13.06 -7.46 -5.72
C CYS A 60 -12.27 -8.76 -5.73
N ASP A 61 -11.67 -9.09 -6.86
CA ASP A 61 -10.90 -10.31 -7.00
C ASP A 61 -9.40 -10.00 -7.09
N LEU A 62 -8.99 -8.90 -6.48
CA LEU A 62 -7.59 -8.48 -6.50
C LEU A 62 -6.68 -9.66 -6.17
N ILE A 63 -5.66 -9.86 -7.01
CA ILE A 63 -4.71 -10.94 -6.80
C ILE A 63 -3.44 -10.45 -6.11
N VAL A 64 -2.89 -11.29 -5.25
CA VAL A 64 -1.67 -10.94 -4.52
C VAL A 64 -0.45 -11.65 -5.10
N GLY A 65 0.72 -11.04 -4.92
CA GLY A 65 1.94 -11.62 -5.44
C GLY A 65 2.90 -12.03 -4.33
N ASP A 66 4.03 -11.35 -4.25
CA ASP A 66 5.03 -11.64 -3.24
C ASP A 66 5.32 -10.41 -2.38
N LYS A 67 6.02 -10.61 -1.27
CA LYS A 67 6.36 -9.52 -0.37
C LYS A 67 7.25 -8.50 -1.06
N VAL A 68 6.97 -7.22 -0.83
CA VAL A 68 7.75 -6.15 -1.44
C VAL A 68 8.95 -5.79 -0.57
N ILE A 69 8.68 -5.31 0.64
CA ILE A 69 9.75 -4.92 1.56
C ILE A 69 9.17 -4.58 2.94
N THR A 70 10.02 -4.68 3.96
CA THR A 70 9.60 -4.37 5.32
C THR A 70 10.22 -3.07 5.81
N THR A 71 9.38 -2.14 6.25
CA THR A 71 9.84 -0.85 6.75
C THR A 71 9.23 -0.54 8.12
N GLU A 72 10.10 -0.46 9.13
CA GLU A 72 9.64 -0.17 10.49
C GLU A 72 10.23 1.15 10.98
N HIS A 73 9.47 1.87 11.80
CA HIS A 73 9.91 3.14 12.35
C HIS A 73 9.58 3.25 13.83
N GLU A 74 10.38 4.03 14.55
CA GLU A 74 10.17 4.21 15.99
C GLU A 74 9.18 5.34 16.26
N TYR A 75 8.25 5.11 17.16
CA TYR A 75 7.23 6.09 17.51
C TYR A 75 6.98 6.12 19.01
N ASP A 76 6.28 7.15 19.47
CA ASP A 76 5.95 7.28 20.89
C ASP A 76 4.72 6.46 21.25
N PHE A 77 3.78 6.38 20.32
CA PHE A 77 2.55 5.62 20.54
C PHE A 77 2.75 4.14 20.23
N GLY A 78 3.77 3.86 19.41
CA GLY A 78 4.05 2.48 19.05
C GLY A 78 4.74 2.37 17.70
N ILE A 79 5.74 1.50 17.62
CA ILE A 79 6.47 1.30 16.38
C ILE A 79 5.54 0.99 15.23
N VAL A 80 5.73 1.68 14.10
CA VAL A 80 4.89 1.47 12.92
C VAL A 80 5.61 0.60 11.89
N ARG A 81 4.89 -0.38 11.36
CA ARG A 81 5.46 -1.28 10.36
C ARG A 81 4.59 -1.34 9.11
N LEU A 82 5.06 -0.75 8.03
CA LEU A 82 4.32 -0.74 6.77
C LEU A 82 4.88 -1.78 5.80
N THR A 83 3.99 -2.59 5.23
CA THR A 83 4.40 -3.61 4.28
C THR A 83 3.52 -3.58 3.02
N THR A 84 4.12 -3.91 1.89
CA THR A 84 3.41 -3.92 0.62
C THR A 84 3.61 -5.23 -0.12
N TYR A 85 2.65 -5.58 -0.97
CA TYR A 85 2.73 -6.81 -1.75
C TYR A 85 2.41 -6.56 -3.21
N LYS A 86 3.24 -7.08 -4.10
CA LYS A 86 3.05 -6.90 -5.54
C LYS A 86 1.69 -7.47 -5.97
N CYS A 87 0.76 -6.58 -6.25
CA CYS A 87 -0.58 -6.99 -6.68
C CYS A 87 -0.79 -6.70 -8.16
N THR A 88 -1.69 -7.45 -8.79
CA THR A 88 -1.98 -7.27 -10.20
C THR A 88 -3.40 -6.75 -10.41
N LEU A 89 -3.58 -5.91 -11.42
CA LEU A 89 -4.89 -5.36 -11.72
C LEU A 89 -5.83 -6.42 -12.27
N ASN A 90 -7.13 -6.26 -12.01
CA ASN A 90 -8.12 -7.22 -12.48
C ASN A 90 -9.27 -6.49 -13.19
N LYS A 91 -10.28 -7.26 -13.59
CA LYS A 91 -11.44 -6.70 -14.27
C LYS A 91 -12.13 -5.65 -13.41
N GLU A 92 -12.60 -6.07 -12.24
CA GLU A 92 -13.29 -5.17 -11.32
C GLU A 92 -12.30 -4.20 -10.68
N LEU A 93 -12.53 -2.90 -10.92
CA LEU A 93 -11.67 -1.86 -10.38
C LEU A 93 -11.64 -1.91 -8.85
N PRO A 94 -10.55 -1.42 -8.26
CA PRO A 94 -10.37 -1.40 -6.80
C PRO A 94 -11.30 -0.39 -6.13
N THR A 95 -11.44 -0.51 -4.81
CA THR A 95 -12.29 0.39 -4.05
C THR A 95 -11.48 1.44 -3.32
N LEU A 96 -12.13 2.53 -2.93
CA LEU A 96 -11.47 3.62 -2.22
C LEU A 96 -10.30 4.17 -3.03
N THR A 97 -10.32 3.91 -4.33
CA THR A 97 -9.27 4.38 -5.22
C THR A 97 -9.47 5.85 -5.59
N GLU A 98 -10.74 6.26 -5.71
CA GLU A 98 -11.07 7.63 -6.05
C GLU A 98 -11.02 8.53 -4.82
N HIS A 99 -10.68 7.94 -3.68
CA HIS A 99 -10.61 8.68 -2.43
C HIS A 99 -9.95 10.05 -2.64
N LYS A 100 -8.91 10.06 -3.48
CA LYS A 100 -8.19 11.30 -3.77
C LYS A 100 -8.46 11.76 -5.20
N SER A 101 -8.10 10.92 -6.17
CA SER A 101 -8.30 11.25 -7.57
C SER A 101 -7.76 10.14 -8.47
N ILE A 102 -8.12 10.18 -9.75
CA ILE A 102 -7.67 9.20 -10.71
C ILE A 102 -6.41 9.66 -11.43
N GLU A 103 -5.27 9.07 -11.06
CA GLU A 103 -3.99 9.43 -11.67
C GLU A 103 -3.11 8.20 -11.85
N TRP A 104 -2.78 7.89 -13.10
CA TRP A 104 -1.94 6.74 -13.39
C TRP A 104 -0.59 7.17 -13.94
N LEU A 105 0.44 7.13 -13.09
CA LEU A 105 1.78 7.52 -13.49
C LEU A 105 2.60 6.30 -13.90
N SER A 106 3.67 6.54 -14.66
CA SER A 106 4.54 5.47 -15.13
C SER A 106 5.53 5.06 -14.04
N ILE A 107 6.25 3.97 -14.29
CA ILE A 107 7.23 3.48 -13.33
C ILE A 107 8.47 4.37 -13.31
N ASN A 108 8.68 5.11 -14.40
CA ASN A 108 9.83 6.00 -14.50
C ASN A 108 9.46 7.41 -14.05
N GLU A 109 8.25 7.56 -13.54
CA GLU A 109 7.78 8.86 -13.06
C GLU A 109 7.09 8.72 -11.71
N LEU A 110 7.05 7.51 -11.19
CA LEU A 110 6.42 7.24 -9.90
C LEU A 110 7.05 8.09 -8.80
N ASP A 111 8.31 8.45 -8.99
CA ASP A 111 9.03 9.27 -8.01
C ASP A 111 8.27 10.55 -7.72
N LYS A 112 7.57 11.06 -8.73
CA LYS A 112 6.80 12.29 -8.59
C LYS A 112 5.69 12.12 -7.57
N LEU A 113 5.32 10.87 -7.29
CA LEU A 113 4.27 10.57 -6.32
C LEU A 113 4.85 10.36 -4.93
N ASN A 114 5.83 11.19 -4.57
CA ASN A 114 6.47 11.09 -3.26
C ASN A 114 5.55 10.42 -2.25
N TRP A 115 5.86 9.18 -1.92
CA TRP A 115 5.05 8.42 -0.97
C TRP A 115 5.67 8.48 0.42
N ALA A 116 5.01 7.84 1.39
CA ALA A 116 5.50 7.82 2.76
C ALA A 116 6.95 7.36 2.82
N PRO A 117 7.59 7.56 3.98
CA PRO A 117 8.99 7.17 4.19
C PRO A 117 9.16 5.67 4.26
N ALA A 118 8.07 4.96 4.50
CA ALA A 118 8.10 3.50 4.59
C ALA A 118 7.88 2.87 3.22
N ASP A 119 7.11 3.55 2.38
CA ASP A 119 6.82 3.05 1.03
C ASP A 119 7.83 3.58 0.02
N ILE A 120 8.42 4.73 0.34
CA ILE A 120 9.41 5.34 -0.54
C ILE A 120 10.41 4.32 -1.05
N PRO A 121 11.05 3.60 -0.11
CA PRO A 121 12.05 2.58 -0.44
C PRO A 121 11.42 1.35 -1.08
N ALA A 122 10.13 1.16 -0.85
CA ALA A 122 9.40 0.03 -1.40
C ALA A 122 9.02 0.28 -2.86
N VAL A 123 8.79 1.54 -3.20
CA VAL A 123 8.42 1.91 -4.56
C VAL A 123 9.65 1.99 -5.46
N ASN A 124 10.73 2.55 -4.94
CA ASN A 124 11.96 2.69 -5.70
C ASN A 124 12.40 1.33 -6.26
N LYS A 125 12.17 0.28 -5.49
CA LYS A 125 12.54 -1.07 -5.91
C LYS A 125 11.88 -1.43 -7.24
N ILE A 126 10.63 -1.02 -7.40
CA ILE A 126 9.89 -1.30 -8.63
C ILE A 126 10.67 -0.85 -9.85
N MET A 127 11.22 0.36 -9.79
CA MET A 127 12.00 0.91 -10.89
C MET A 127 13.08 -0.08 -11.34
N THR A 128 13.62 -0.82 -10.38
CA THR A 128 14.66 -1.80 -10.68
C THR A 128 14.25 -2.72 -11.81
N GLU A 129 12.95 -2.98 -11.92
CA GLU A 129 12.42 -3.85 -12.97
C GLU A 129 12.74 -3.28 -14.35
N GLY A 130 12.56 -1.97 -14.50
CA GLY A 130 12.83 -1.32 -15.77
C GLY A 130 14.31 -1.30 -16.11
N MET A 1 8.44 -2.68 23.08
CA MET A 1 8.64 -1.57 24.01
C MET A 1 7.41 -0.68 24.07
N LYS A 2 6.93 -0.27 22.90
CA LYS A 2 5.75 0.59 22.82
C LYS A 2 4.67 -0.05 21.95
N LYS A 3 3.60 0.70 21.71
CA LYS A 3 2.50 0.22 20.89
C LYS A 3 2.99 -0.18 19.51
N VAL A 4 3.27 -1.47 19.32
CA VAL A 4 3.73 -1.98 18.04
C VAL A 4 2.64 -1.89 16.98
N ILE A 5 2.70 -0.84 16.17
CA ILE A 5 1.72 -0.64 15.11
C ILE A 5 2.08 -1.44 13.86
N ASN A 6 1.05 -1.87 13.13
CA ASN A 6 1.26 -2.66 11.92
C ASN A 6 0.24 -2.26 10.85
N VAL A 7 0.73 -2.01 9.64
CA VAL A 7 -0.13 -1.63 8.53
C VAL A 7 0.33 -2.28 7.23
N VAL A 8 -0.63 -2.60 6.35
CA VAL A 8 -0.31 -3.22 5.08
C VAL A 8 -0.87 -2.41 3.92
N GLY A 9 -0.16 -2.40 2.81
CA GLY A 9 -0.59 -1.66 1.64
C GLY A 9 -0.80 -2.55 0.42
N ALA A 10 -1.28 -1.96 -0.67
CA ALA A 10 -1.52 -2.70 -1.89
C ALA A 10 -1.09 -1.90 -3.12
N ILE A 11 -0.32 -2.54 -3.99
CA ILE A 11 0.17 -1.88 -5.20
C ILE A 11 -0.38 -2.56 -6.45
N ILE A 12 -1.49 -2.04 -6.96
CA ILE A 12 -2.11 -2.60 -8.15
C ILE A 12 -1.38 -2.14 -9.42
N PHE A 13 -0.89 -3.10 -10.19
CA PHE A 13 -0.18 -2.80 -11.42
C PHE A 13 -1.05 -3.08 -12.64
N SER A 14 -1.00 -2.18 -13.61
CA SER A 14 -1.79 -2.33 -14.83
C SER A 14 -1.26 -1.43 -15.94
N ASP A 15 -0.64 -2.04 -16.95
CA ASP A 15 -0.09 -1.29 -18.07
C ASP A 15 1.05 -0.39 -17.61
N ASN A 16 1.83 -0.86 -16.64
CA ASN A 16 2.95 -0.10 -16.10
C ASN A 16 2.47 1.19 -15.44
N LYS A 17 1.36 1.09 -14.72
CA LYS A 17 0.79 2.25 -14.03
C LYS A 17 0.42 1.90 -12.60
N ILE A 18 0.60 2.86 -11.69
CA ILE A 18 0.27 2.65 -10.28
C ILE A 18 -0.93 3.49 -9.86
N LEU A 19 -1.71 2.96 -8.93
CA LEU A 19 -2.89 3.66 -8.43
C LEU A 19 -2.54 4.54 -7.23
N CYS A 20 -3.43 5.49 -6.93
CA CYS A 20 -3.21 6.40 -5.81
C CYS A 20 -4.49 6.58 -5.01
N ALA A 21 -4.37 6.57 -3.69
CA ALA A 21 -5.52 6.74 -2.82
C ALA A 21 -5.11 7.32 -1.46
N GLN A 22 -6.05 7.94 -0.78
CA GLN A 22 -5.78 8.56 0.52
C GLN A 22 -6.69 7.95 1.60
N ARG A 23 -6.17 6.96 2.32
CA ARG A 23 -6.92 6.30 3.37
C ARG A 23 -7.34 7.30 4.44
N SER A 24 -6.38 7.68 5.30
CA SER A 24 -6.65 8.63 6.38
C SER A 24 -5.35 9.21 6.91
N GLU A 25 -5.46 10.00 7.98
CA GLU A 25 -4.30 10.63 8.59
C GLU A 25 -3.54 9.64 9.47
N LYS A 26 -4.05 8.40 9.53
CA LYS A 26 -3.43 7.36 10.33
C LYS A 26 -2.18 6.82 9.64
N MET A 27 -2.26 6.65 8.32
CA MET A 27 -1.13 6.14 7.56
C MET A 27 0.08 7.06 7.67
N SER A 28 1.15 6.74 6.95
CA SER A 28 2.36 7.53 6.98
C SER A 28 2.34 8.61 5.90
N LEU A 29 2.59 9.85 6.30
CA LEU A 29 2.60 10.97 5.36
C LEU A 29 1.47 10.83 4.34
N PRO A 30 0.24 10.61 4.83
CA PRO A 30 -0.93 10.45 3.98
C PRO A 30 -1.34 11.77 3.31
N LEU A 31 -0.83 12.87 3.83
CA LEU A 31 -1.14 14.19 3.28
C LEU A 31 -0.66 14.30 1.84
N MET A 32 0.62 14.03 1.62
CA MET A 32 1.20 14.10 0.29
C MET A 32 0.70 12.95 -0.59
N TRP A 33 0.78 11.74 -0.06
CA TRP A 33 0.33 10.55 -0.79
C TRP A 33 0.08 9.39 0.16
N GLU A 34 -0.48 8.31 -0.38
CA GLU A 34 -0.78 7.13 0.43
C GLU A 34 -1.28 5.99 -0.45
N PHE A 35 -1.31 4.78 0.12
CA PHE A 35 -1.78 3.61 -0.61
C PHE A 35 -3.06 3.05 0.01
N PRO A 36 -3.80 2.25 -0.77
CA PRO A 36 -5.05 1.64 -0.32
C PRO A 36 -4.82 0.57 0.73
N GLY A 37 -5.91 0.09 1.34
CA GLY A 37 -5.81 -0.93 2.36
C GLY A 37 -6.11 -0.40 3.74
N GLY A 38 -5.35 -0.88 4.73
CA GLY A 38 -5.56 -0.43 6.10
C GLY A 38 -4.60 -1.10 7.07
N LYS A 39 -4.90 -0.97 8.36
CA LYS A 39 -4.05 -1.57 9.40
C LYS A 39 -4.35 -3.05 9.56
N VAL A 40 -3.29 -3.85 9.64
CA VAL A 40 -3.44 -5.30 9.78
C VAL A 40 -4.08 -5.64 11.12
N GLU A 41 -5.03 -6.58 11.09
CA GLU A 41 -5.72 -7.00 12.30
C GLU A 41 -4.72 -7.46 13.37
N LYS A 42 -5.23 -7.73 14.56
CA LYS A 42 -4.39 -8.18 15.67
C LYS A 42 -4.06 -9.66 15.55
N ASN A 43 -5.07 -10.47 15.28
CA ASN A 43 -4.89 -11.91 15.12
C ASN A 43 -4.84 -12.31 13.65
N GLU A 44 -4.27 -11.42 12.83
CA GLU A 44 -4.16 -11.68 11.40
C GLU A 44 -2.82 -11.21 10.85
N THR A 45 -2.22 -12.02 9.98
CA THR A 45 -0.93 -11.68 9.40
C THR A 45 -1.08 -10.62 8.31
N GLU A 46 0.05 -10.09 7.86
CA GLU A 46 0.04 -9.06 6.82
C GLU A 46 -0.48 -9.63 5.50
N LYS A 47 -0.09 -10.85 5.19
CA LYS A 47 -0.52 -11.51 3.96
C LYS A 47 -2.03 -11.78 3.99
N ASP A 48 -2.49 -12.43 5.05
CA ASP A 48 -3.91 -12.75 5.20
C ASP A 48 -4.74 -11.48 5.29
N ALA A 49 -4.27 -10.52 6.08
CA ALA A 49 -4.97 -9.25 6.25
C ALA A 49 -5.28 -8.60 4.91
N LEU A 50 -4.48 -8.94 3.90
CA LEU A 50 -4.66 -8.39 2.56
C LEU A 50 -5.74 -9.15 1.80
N ILE A 51 -5.50 -10.45 1.59
CA ILE A 51 -6.46 -11.29 0.89
C ILE A 51 -7.86 -11.13 1.46
N ARG A 52 -7.93 -10.81 2.75
CA ARG A 52 -9.21 -10.64 3.42
C ARG A 52 -9.77 -9.23 3.17
N GLU A 53 -9.02 -8.22 3.61
CA GLU A 53 -9.44 -6.84 3.44
C GLU A 53 -9.76 -6.54 1.97
N ILE A 54 -9.13 -7.29 1.08
CA ILE A 54 -9.35 -7.11 -0.36
C ILE A 54 -10.74 -7.57 -0.76
N ARG A 55 -10.97 -8.87 -0.66
CA ARG A 55 -12.28 -9.44 -1.02
C ARG A 55 -13.37 -8.91 -0.10
N GLU A 56 -12.97 -8.36 1.03
CA GLU A 56 -13.92 -7.82 2.00
C GLU A 56 -14.25 -6.36 1.68
N GLU A 57 -13.22 -5.52 1.65
CA GLU A 57 -13.40 -4.10 1.36
C GLU A 57 -13.52 -3.86 -0.15
N MET A 58 -12.47 -4.20 -0.88
CA MET A 58 -12.46 -4.03 -2.32
C MET A 58 -13.53 -4.88 -2.99
N LYS A 59 -13.85 -6.02 -2.36
CA LYS A 59 -14.86 -6.92 -2.89
C LYS A 59 -14.59 -7.26 -4.35
N CYS A 60 -13.35 -7.63 -4.64
CA CYS A 60 -12.95 -7.99 -6.00
C CYS A 60 -12.09 -9.24 -6.00
N ASP A 61 -11.57 -9.59 -7.18
CA ASP A 61 -10.72 -10.77 -7.32
C ASP A 61 -9.25 -10.38 -7.38
N LEU A 62 -8.91 -9.27 -6.72
CA LEU A 62 -7.54 -8.78 -6.69
C LEU A 62 -6.57 -9.92 -6.38
N ILE A 63 -5.53 -10.05 -7.20
CA ILE A 63 -4.53 -11.09 -7.01
C ILE A 63 -3.26 -10.52 -6.38
N VAL A 64 -2.65 -11.30 -5.49
CA VAL A 64 -1.42 -10.88 -4.83
C VAL A 64 -0.22 -11.67 -5.32
N GLY A 65 0.94 -11.03 -5.34
CA GLY A 65 2.15 -11.71 -5.80
C GLY A 65 3.02 -12.16 -4.64
N ASP A 66 4.03 -11.37 -4.30
CA ASP A 66 4.94 -11.71 -3.22
C ASP A 66 5.29 -10.47 -2.40
N LYS A 67 5.79 -10.69 -1.19
CA LYS A 67 6.16 -9.59 -0.30
C LYS A 67 7.08 -8.61 -1.01
N VAL A 68 6.77 -7.31 -0.88
CA VAL A 68 7.58 -6.27 -1.52
C VAL A 68 8.82 -5.96 -0.69
N ILE A 69 8.60 -5.47 0.53
CA ILE A 69 9.71 -5.12 1.42
C ILE A 69 9.20 -4.73 2.79
N THR A 70 10.00 -4.99 3.82
CA THR A 70 9.63 -4.66 5.19
C THR A 70 10.32 -3.37 5.65
N THR A 71 9.61 -2.59 6.46
CA THR A 71 10.15 -1.34 6.96
C THR A 71 9.53 -0.98 8.31
N GLU A 72 10.34 -0.40 9.19
CA GLU A 72 9.87 0.00 10.52
C GLU A 72 10.39 1.37 10.90
N HIS A 73 9.59 2.12 11.65
CA HIS A 73 9.97 3.46 12.07
C HIS A 73 9.63 3.68 13.56
N GLU A 74 10.40 4.55 14.21
CA GLU A 74 10.18 4.84 15.62
C GLU A 74 9.19 6.00 15.79
N TYR A 75 8.32 5.87 16.77
CA TYR A 75 7.32 6.90 17.04
C TYR A 75 7.15 7.13 18.54
N ASP A 76 6.38 8.15 18.90
CA ASP A 76 6.15 8.48 20.30
C ASP A 76 5.02 7.62 20.87
N PHE A 77 4.04 7.31 20.03
CA PHE A 77 2.90 6.49 20.46
C PHE A 77 3.20 5.01 20.30
N GLY A 78 4.16 4.69 19.43
CA GLY A 78 4.51 3.31 19.19
C GLY A 78 5.13 3.09 17.83
N ILE A 79 6.15 2.23 17.76
CA ILE A 79 6.82 1.94 16.49
C ILE A 79 5.81 1.51 15.43
N VAL A 80 6.01 2.01 14.21
CA VAL A 80 5.13 1.68 13.10
C VAL A 80 5.85 0.80 12.07
N ARG A 81 5.18 -0.25 11.62
CA ARG A 81 5.74 -1.16 10.63
C ARG A 81 4.92 -1.14 9.34
N LEU A 82 5.60 -0.87 8.23
CA LEU A 82 4.94 -0.82 6.93
C LEU A 82 5.28 -2.06 6.11
N THR A 83 4.25 -2.67 5.52
CA THR A 83 4.43 -3.87 4.71
C THR A 83 3.64 -3.78 3.42
N THR A 84 4.34 -3.86 2.29
CA THR A 84 3.70 -3.79 0.98
C THR A 84 3.67 -5.15 0.30
N TYR A 85 2.80 -5.31 -0.68
CA TYR A 85 2.68 -6.56 -1.42
C TYR A 85 2.27 -6.31 -2.86
N LYS A 86 2.98 -6.95 -3.79
CA LYS A 86 2.68 -6.80 -5.21
C LYS A 86 1.27 -7.26 -5.53
N CYS A 87 0.58 -6.49 -6.36
CA CYS A 87 -0.79 -6.82 -6.74
C CYS A 87 -0.96 -6.72 -8.26
N THR A 88 -1.64 -7.72 -8.83
CA THR A 88 -1.87 -7.75 -10.27
C THR A 88 -3.26 -7.21 -10.62
N LEU A 89 -3.43 -6.79 -11.86
CA LEU A 89 -4.70 -6.25 -12.32
C LEU A 89 -5.74 -7.36 -12.47
N ASN A 90 -7.00 -7.02 -12.27
CA ASN A 90 -8.09 -7.99 -12.39
C ASN A 90 -9.26 -7.39 -13.18
N LYS A 91 -10.33 -8.17 -13.30
CA LYS A 91 -11.51 -7.73 -14.02
C LYS A 91 -12.06 -6.44 -13.44
N GLU A 92 -12.39 -6.46 -12.16
CA GLU A 92 -12.93 -5.28 -11.48
C GLU A 92 -11.79 -4.41 -10.93
N LEU A 93 -12.09 -3.14 -10.69
CA LEU A 93 -11.10 -2.21 -10.16
C LEU A 93 -11.14 -2.18 -8.63
N PRO A 94 -10.04 -1.72 -8.02
CA PRO A 94 -9.92 -1.61 -6.57
C PRO A 94 -10.83 -0.54 -5.98
N THR A 95 -11.53 -0.88 -4.90
CA THR A 95 -12.43 0.05 -4.24
C THR A 95 -11.67 1.03 -3.35
N LEU A 96 -12.30 2.15 -3.03
CA LEU A 96 -11.67 3.17 -2.20
C LEU A 96 -10.43 3.74 -2.87
N THR A 97 -10.30 3.50 -4.17
CA THR A 97 -9.15 4.00 -4.92
C THR A 97 -9.33 5.46 -5.29
N GLU A 98 -10.58 5.88 -5.49
CA GLU A 98 -10.87 7.25 -5.85
C GLU A 98 -10.87 8.15 -4.61
N HIS A 99 -10.61 7.54 -3.45
CA HIS A 99 -10.57 8.29 -2.21
C HIS A 99 -9.81 9.61 -2.37
N LYS A 100 -8.72 9.56 -3.12
CA LYS A 100 -7.90 10.74 -3.36
C LYS A 100 -8.23 11.36 -4.72
N SER A 101 -8.03 10.58 -5.78
CA SER A 101 -8.30 11.05 -7.13
C SER A 101 -7.89 10.01 -8.16
N ILE A 102 -7.98 10.37 -9.44
CA ILE A 102 -7.61 9.46 -10.52
C ILE A 102 -6.30 9.89 -11.18
N GLU A 103 -5.21 9.21 -10.81
CA GLU A 103 -3.90 9.52 -11.37
C GLU A 103 -3.07 8.25 -11.53
N TRP A 104 -2.71 7.94 -12.77
CA TRP A 104 -1.90 6.76 -13.06
C TRP A 104 -0.58 7.15 -13.70
N LEU A 105 0.49 7.10 -12.91
CA LEU A 105 1.82 7.44 -13.38
C LEU A 105 2.59 6.19 -13.81
N SER A 106 3.56 6.37 -14.69
CA SER A 106 4.37 5.25 -15.17
C SER A 106 5.34 4.78 -14.10
N ILE A 107 6.17 3.80 -14.45
CA ILE A 107 7.15 3.25 -13.52
C ILE A 107 8.24 4.28 -13.21
N ASN A 108 8.53 5.12 -14.18
CA ASN A 108 9.56 6.15 -14.02
C ASN A 108 8.94 7.50 -13.67
N GLU A 109 7.66 7.47 -13.31
CA GLU A 109 6.95 8.70 -12.95
C GLU A 109 6.36 8.60 -11.55
N LEU A 110 6.22 7.37 -11.06
CA LEU A 110 5.68 7.14 -9.72
C LEU A 110 6.40 8.00 -8.69
N ASP A 111 7.65 8.34 -8.98
CA ASP A 111 8.44 9.16 -8.06
C ASP A 111 7.70 10.45 -7.71
N LYS A 112 6.90 10.94 -8.65
CA LYS A 112 6.14 12.16 -8.44
C LYS A 112 5.13 11.98 -7.31
N LEU A 113 4.81 10.74 -7.00
CA LEU A 113 3.85 10.44 -5.94
C LEU A 113 4.56 10.24 -4.61
N ASN A 114 5.56 11.09 -4.34
CA ASN A 114 6.32 11.02 -3.10
C ASN A 114 5.51 10.32 -2.00
N TRP A 115 5.87 9.08 -1.71
CA TRP A 115 5.18 8.31 -0.68
C TRP A 115 5.92 8.38 0.65
N ALA A 116 5.31 7.84 1.70
CA ALA A 116 5.91 7.85 3.02
C ALA A 116 7.33 7.30 2.98
N PRO A 117 8.08 7.49 4.08
CA PRO A 117 9.46 7.02 4.20
C PRO A 117 9.54 5.50 4.28
N ALA A 118 8.43 4.86 4.58
CA ALA A 118 8.38 3.41 4.69
C ALA A 118 8.08 2.77 3.34
N ASP A 119 7.30 3.46 2.52
CA ASP A 119 6.94 2.96 1.19
C ASP A 119 7.92 3.45 0.13
N ILE A 120 8.59 4.57 0.43
CA ILE A 120 9.55 5.15 -0.50
C ILE A 120 10.50 4.08 -1.04
N PRO A 121 11.15 3.35 -0.13
CA PRO A 121 12.10 2.29 -0.49
C PRO A 121 11.39 1.07 -1.09
N ALA A 122 10.09 0.98 -0.87
CA ALA A 122 9.30 -0.14 -1.39
C ALA A 122 8.87 0.13 -2.83
N VAL A 123 8.66 1.40 -3.15
CA VAL A 123 8.24 1.80 -4.50
C VAL A 123 9.43 1.88 -5.44
N ASN A 124 10.58 2.32 -4.92
CA ASN A 124 11.79 2.45 -5.71
C ASN A 124 12.19 1.11 -6.30
N LYS A 125 11.97 0.04 -5.54
CA LYS A 125 12.32 -1.31 -5.99
C LYS A 125 11.62 -1.64 -7.31
N ILE A 126 10.40 -1.13 -7.46
CA ILE A 126 9.63 -1.36 -8.68
C ILE A 126 10.39 -0.88 -9.92
N MET A 127 10.97 0.31 -9.82
CA MET A 127 11.73 0.88 -10.92
C MET A 127 12.75 -0.11 -11.45
N THR A 128 13.32 -0.92 -10.55
CA THR A 128 14.31 -1.91 -10.94
C THR A 128 13.81 -2.79 -12.08
N GLU A 129 12.51 -3.07 -12.07
CA GLU A 129 11.90 -3.89 -13.10
C GLU A 129 12.08 -3.26 -14.48
N GLY A 130 11.79 -1.97 -14.57
CA GLY A 130 11.92 -1.26 -15.84
C GLY A 130 13.31 -0.70 -16.04
N MET A 1 8.92 -2.63 25.39
CA MET A 1 9.00 -1.87 24.15
C MET A 1 7.70 -1.09 23.90
N LYS A 2 7.73 -0.21 22.91
CA LYS A 2 6.55 0.59 22.57
C LYS A 2 5.47 -0.27 21.94
N LYS A 3 4.45 0.40 21.39
CA LYS A 3 3.34 -0.31 20.75
C LYS A 3 3.67 -0.62 19.30
N VAL A 4 4.12 -1.85 19.05
CA VAL A 4 4.48 -2.28 17.70
C VAL A 4 3.24 -2.39 16.81
N ILE A 5 3.06 -1.42 15.91
CA ILE A 5 1.92 -1.41 15.01
C ILE A 5 2.17 -2.31 13.81
N ASN A 6 1.10 -2.90 13.28
CA ASN A 6 1.21 -3.77 12.12
C ASN A 6 0.20 -3.37 11.04
N VAL A 7 0.69 -2.70 10.01
CA VAL A 7 -0.16 -2.26 8.90
C VAL A 7 0.24 -2.92 7.59
N VAL A 8 -0.64 -2.86 6.61
CA VAL A 8 -0.37 -3.44 5.30
C VAL A 8 -0.91 -2.57 4.18
N GLY A 9 -0.21 -2.55 3.05
CA GLY A 9 -0.64 -1.76 1.92
C GLY A 9 -0.75 -2.57 0.64
N ALA A 10 -1.67 -2.17 -0.23
CA ALA A 10 -1.88 -2.86 -1.50
C ALA A 10 -1.46 -1.99 -2.68
N ILE A 11 -0.65 -2.56 -3.56
CA ILE A 11 -0.17 -1.85 -4.74
C ILE A 11 -0.67 -2.50 -6.02
N ILE A 12 -1.69 -1.91 -6.63
CA ILE A 12 -2.25 -2.44 -7.86
C ILE A 12 -1.39 -2.06 -9.07
N PHE A 13 -1.22 -3.00 -9.98
CA PHE A 13 -0.42 -2.78 -11.18
C PHE A 13 -1.17 -3.20 -12.44
N SER A 14 -1.25 -2.29 -13.41
CA SER A 14 -1.95 -2.56 -14.65
C SER A 14 -1.52 -1.59 -15.75
N ASP A 15 -1.09 -2.13 -16.87
CA ASP A 15 -0.65 -1.31 -18.00
C ASP A 15 0.52 -0.41 -17.59
N ASN A 16 1.35 -0.90 -16.67
CA ASN A 16 2.50 -0.15 -16.20
C ASN A 16 2.05 1.17 -15.55
N LYS A 17 0.96 1.10 -14.80
CA LYS A 17 0.42 2.29 -14.13
C LYS A 17 0.23 2.02 -12.64
N ILE A 18 0.29 3.07 -11.84
CA ILE A 18 0.11 2.96 -10.40
C ILE A 18 -1.10 3.76 -9.92
N LEU A 19 -1.81 3.21 -8.94
CA LEU A 19 -2.98 3.87 -8.39
C LEU A 19 -2.65 4.59 -7.09
N CYS A 20 -3.52 5.51 -6.69
CA CYS A 20 -3.31 6.26 -5.45
C CYS A 20 -4.58 6.26 -4.60
N ALA A 21 -4.40 6.17 -3.28
CA ALA A 21 -5.52 6.16 -2.35
C ALA A 21 -5.14 6.80 -1.02
N GLN A 22 -5.71 7.97 -0.76
CA GLN A 22 -5.42 8.68 0.48
C GLN A 22 -6.03 7.95 1.69
N ARG A 23 -5.18 7.26 2.43
CA ARG A 23 -5.65 6.51 3.61
C ARG A 23 -6.21 7.46 4.66
N SER A 24 -5.32 8.18 5.33
CA SER A 24 -5.73 9.12 6.37
C SER A 24 -4.64 10.14 6.66
N GLU A 25 -5.01 11.40 6.81
CA GLU A 25 -4.05 12.46 7.09
C GLU A 25 -3.76 12.55 8.58
N LYS A 26 -4.36 11.66 9.36
CA LYS A 26 -4.17 11.63 10.79
C LYS A 26 -2.83 10.99 11.15
N MET A 27 -2.50 9.90 10.46
CA MET A 27 -1.25 9.19 10.69
C MET A 27 -0.12 9.78 9.85
N SER A 28 -0.08 9.41 8.57
CA SER A 28 0.95 9.90 7.66
C SER A 28 0.47 11.15 6.93
N LEU A 29 1.16 11.49 5.84
CA LEU A 29 0.81 12.66 5.06
C LEU A 29 0.43 12.26 3.64
N PRO A 30 -0.65 11.48 3.51
CA PRO A 30 -1.15 11.01 2.22
C PRO A 30 -1.76 12.14 1.39
N LEU A 31 -1.81 13.33 1.97
CA LEU A 31 -2.37 14.49 1.28
C LEU A 31 -1.75 14.66 -0.09
N MET A 32 -0.53 14.16 -0.26
CA MET A 32 0.17 14.25 -1.54
C MET A 32 0.04 12.95 -2.31
N TRP A 33 0.34 11.83 -1.65
CA TRP A 33 0.26 10.52 -2.29
C TRP A 33 0.13 9.42 -1.24
N GLU A 34 -0.46 8.29 -1.64
CA GLU A 34 -0.63 7.16 -0.73
C GLU A 34 -1.24 5.96 -1.47
N PHE A 35 -1.18 4.80 -0.83
CA PHE A 35 -1.72 3.58 -1.43
C PHE A 35 -2.93 3.08 -0.65
N PRO A 36 -3.74 2.23 -1.29
CA PRO A 36 -4.94 1.66 -0.68
C PRO A 36 -4.61 0.67 0.44
N GLY A 37 -5.65 0.24 1.16
CA GLY A 37 -5.44 -0.70 2.24
C GLY A 37 -5.70 -0.09 3.60
N GLY A 38 -4.88 -0.47 4.58
CA GLY A 38 -5.03 0.07 5.92
C GLY A 38 -4.12 -0.63 6.92
N LYS A 39 -4.71 -1.07 8.04
CA LYS A 39 -3.95 -1.74 9.08
C LYS A 39 -4.23 -3.25 9.06
N VAL A 40 -3.53 -3.99 9.93
CA VAL A 40 -3.70 -5.43 10.01
C VAL A 40 -4.32 -5.83 11.35
N GLU A 41 -5.28 -6.75 11.30
CA GLU A 41 -5.94 -7.21 12.52
C GLU A 41 -4.93 -7.77 13.51
N LYS A 42 -5.43 -8.14 14.69
CA LYS A 42 -4.56 -8.69 15.74
C LYS A 42 -4.34 -10.18 15.53
N ASN A 43 -5.36 -10.86 15.00
CA ASN A 43 -5.28 -12.29 14.75
C ASN A 43 -5.23 -12.59 13.26
N GLU A 44 -4.54 -11.73 12.52
CA GLU A 44 -4.43 -11.90 11.07
C GLU A 44 -3.04 -11.46 10.58
N THR A 45 -2.49 -12.20 9.63
CA THR A 45 -1.19 -11.89 9.08
C THR A 45 -1.25 -10.70 8.14
N GLU A 46 -0.10 -10.09 7.87
CA GLU A 46 -0.03 -8.93 6.98
C GLU A 46 -0.66 -9.24 5.63
N LYS A 47 -0.14 -10.27 4.97
CA LYS A 47 -0.64 -10.68 3.66
C LYS A 47 -2.07 -11.21 3.77
N ASP A 48 -2.28 -12.13 4.71
CA ASP A 48 -3.60 -12.72 4.91
C ASP A 48 -4.65 -11.64 5.16
N ALA A 49 -4.20 -10.49 5.67
CA ALA A 49 -5.09 -9.37 5.95
C ALA A 49 -5.58 -8.71 4.66
N LEU A 50 -4.75 -8.77 3.63
CA LEU A 50 -5.10 -8.18 2.34
C LEU A 50 -5.99 -9.12 1.53
N ILE A 51 -5.64 -10.40 1.53
CA ILE A 51 -6.40 -11.40 0.80
C ILE A 51 -7.80 -11.58 1.40
N ARG A 52 -7.89 -11.36 2.71
CA ARG A 52 -9.17 -11.49 3.41
C ARG A 52 -10.00 -10.22 3.27
N GLU A 53 -9.33 -9.07 3.39
CA GLU A 53 -10.01 -7.78 3.28
C GLU A 53 -10.40 -7.50 1.83
N ILE A 54 -9.40 -7.41 0.97
CA ILE A 54 -9.63 -7.15 -0.45
C ILE A 54 -10.71 -8.06 -1.01
N ARG A 55 -10.89 -9.21 -0.37
CA ARG A 55 -11.91 -10.17 -0.81
C ARG A 55 -13.30 -9.58 -0.69
N GLU A 56 -13.71 -9.27 0.53
CA GLU A 56 -15.03 -8.69 0.78
C GLU A 56 -14.98 -7.16 0.73
N GLU A 57 -14.04 -6.59 1.48
CA GLU A 57 -13.89 -5.14 1.52
C GLU A 57 -13.87 -4.54 0.12
N MET A 58 -12.90 -4.97 -0.68
CA MET A 58 -12.78 -4.49 -2.06
C MET A 58 -13.76 -5.19 -2.98
N LYS A 59 -14.24 -6.36 -2.55
CA LYS A 59 -15.19 -7.13 -3.33
C LYS A 59 -14.60 -7.50 -4.69
N CYS A 60 -13.30 -7.74 -4.71
CA CYS A 60 -12.61 -8.11 -5.95
C CYS A 60 -11.82 -9.40 -5.76
N ASP A 61 -11.17 -9.85 -6.84
CA ASP A 61 -10.38 -11.07 -6.80
C ASP A 61 -8.89 -10.76 -6.97
N LEU A 62 -8.49 -9.58 -6.52
CA LEU A 62 -7.10 -9.15 -6.63
C LEU A 62 -6.15 -10.28 -6.21
N ILE A 63 -5.05 -10.42 -6.95
CA ILE A 63 -4.07 -11.46 -6.66
C ILE A 63 -2.78 -10.86 -6.10
N VAL A 64 -2.10 -11.64 -5.27
CA VAL A 64 -0.85 -11.19 -4.66
C VAL A 64 0.36 -11.91 -5.27
N GLY A 65 1.46 -11.20 -5.40
CA GLY A 65 2.67 -11.78 -5.96
C GLY A 65 3.66 -12.20 -4.91
N ASP A 66 4.38 -11.22 -4.36
CA ASP A 66 5.38 -11.48 -3.33
C ASP A 66 5.56 -10.26 -2.43
N LYS A 67 6.41 -10.41 -1.42
CA LYS A 67 6.69 -9.32 -0.49
C LYS A 67 7.51 -8.23 -1.15
N VAL A 68 7.16 -6.97 -0.86
CA VAL A 68 7.88 -5.83 -1.44
C VAL A 68 9.06 -5.44 -0.56
N ILE A 69 8.78 -5.13 0.71
CA ILE A 69 9.81 -4.73 1.65
C ILE A 69 9.24 -4.56 3.05
N THR A 70 10.10 -4.70 4.06
CA THR A 70 9.68 -4.55 5.45
C THR A 70 10.27 -3.29 6.06
N THR A 71 9.50 -2.20 6.02
CA THR A 71 9.95 -0.93 6.57
C THR A 71 9.45 -0.76 8.00
N GLU A 72 10.27 -0.11 8.83
CA GLU A 72 9.91 0.13 10.23
C GLU A 72 10.47 1.46 10.72
N HIS A 73 9.74 2.11 11.62
CA HIS A 73 10.15 3.40 12.17
C HIS A 73 9.93 3.44 13.68
N GLU A 74 10.74 4.24 14.36
CA GLU A 74 10.63 4.38 15.81
C GLU A 74 9.65 5.48 16.19
N TYR A 75 8.75 5.19 17.12
CA TYR A 75 7.75 6.15 17.56
C TYR A 75 7.56 6.09 19.08
N ASP A 76 7.23 7.23 19.67
CA ASP A 76 7.02 7.31 21.11
C ASP A 76 5.73 6.61 21.51
N PHE A 77 4.72 6.67 20.64
CA PHE A 77 3.44 6.05 20.89
C PHE A 77 3.45 4.57 20.49
N GLY A 78 4.37 4.23 19.59
CA GLY A 78 4.48 2.85 19.13
C GLY A 78 5.11 2.74 17.76
N ILE A 79 6.13 1.90 17.64
CA ILE A 79 6.82 1.71 16.38
C ILE A 79 5.84 1.35 15.26
N VAL A 80 6.06 1.91 14.08
CA VAL A 80 5.19 1.64 12.94
C VAL A 80 5.91 0.82 11.87
N ARG A 81 5.29 -0.27 11.44
CA ARG A 81 5.88 -1.13 10.43
C ARG A 81 4.97 -1.22 9.19
N LEU A 82 5.55 -0.92 8.04
CA LEU A 82 4.80 -0.96 6.79
C LEU A 82 5.04 -2.27 6.05
N THR A 83 3.97 -2.82 5.47
CA THR A 83 4.07 -4.08 4.74
C THR A 83 3.32 -4.00 3.41
N THR A 84 4.08 -3.92 2.33
CA THR A 84 3.49 -3.84 0.98
C THR A 84 3.62 -5.16 0.26
N TYR A 85 2.69 -5.41 -0.67
CA TYR A 85 2.68 -6.65 -1.44
C TYR A 85 2.26 -6.39 -2.88
N LYS A 86 3.08 -6.84 -3.82
CA LYS A 86 2.79 -6.65 -5.25
C LYS A 86 1.44 -7.25 -5.60
N CYS A 87 0.45 -6.39 -5.82
CA CYS A 87 -0.89 -6.85 -6.17
C CYS A 87 -1.16 -6.64 -7.66
N THR A 88 -1.78 -7.63 -8.29
CA THR A 88 -2.09 -7.54 -9.72
C THR A 88 -3.56 -7.18 -9.94
N LEU A 89 -3.79 -6.23 -10.83
CA LEU A 89 -5.15 -5.78 -11.13
C LEU A 89 -5.97 -6.91 -11.73
N ASN A 90 -7.22 -7.03 -11.28
CA ASN A 90 -8.12 -8.08 -11.77
C ASN A 90 -9.12 -7.51 -12.77
N LYS A 91 -10.03 -8.36 -13.23
CA LYS A 91 -11.05 -7.94 -14.19
C LYS A 91 -11.77 -6.69 -13.70
N GLU A 92 -12.06 -6.64 -12.41
CA GLU A 92 -12.75 -5.49 -11.81
C GLU A 92 -11.75 -4.51 -11.22
N LEU A 93 -12.15 -3.25 -11.14
CA LEU A 93 -11.29 -2.20 -10.58
C LEU A 93 -11.24 -2.29 -9.07
N PRO A 94 -10.15 -1.78 -8.47
CA PRO A 94 -9.97 -1.78 -7.02
C PRO A 94 -10.90 -0.81 -6.32
N THR A 95 -11.15 -1.05 -5.03
CA THR A 95 -12.03 -0.20 -4.24
C THR A 95 -11.24 0.81 -3.42
N LEU A 96 -11.91 1.87 -3.00
CA LEU A 96 -11.25 2.92 -2.20
C LEU A 96 -10.10 3.54 -2.97
N THR A 97 -10.10 3.37 -4.28
CA THR A 97 -9.04 3.92 -5.13
C THR A 97 -9.22 5.41 -5.34
N GLU A 98 -10.48 5.87 -5.27
CA GLU A 98 -10.78 7.28 -5.45
C GLU A 98 -10.54 8.06 -4.15
N HIS A 99 -10.09 7.35 -3.13
CA HIS A 99 -9.81 7.98 -1.84
C HIS A 99 -9.07 9.30 -2.02
N LYS A 100 -8.18 9.34 -3.00
CA LYS A 100 -7.41 10.54 -3.28
C LYS A 100 -7.85 11.18 -4.59
N SER A 101 -7.71 10.45 -5.69
CA SER A 101 -8.10 10.95 -7.00
C SER A 101 -7.71 9.96 -8.09
N ILE A 102 -7.86 10.38 -9.34
CA ILE A 102 -7.51 9.54 -10.48
C ILE A 102 -6.19 9.97 -11.11
N GLU A 103 -5.13 9.23 -10.79
CA GLU A 103 -3.80 9.55 -11.33
C GLU A 103 -3.00 8.27 -11.57
N TRP A 104 -2.64 8.04 -12.82
CA TRP A 104 -1.87 6.86 -13.19
C TRP A 104 -0.52 7.24 -13.79
N LEU A 105 0.55 6.90 -13.07
CA LEU A 105 1.90 7.22 -13.52
C LEU A 105 2.67 5.95 -13.86
N SER A 106 3.73 6.09 -14.66
CA SER A 106 4.55 4.95 -15.06
C SER A 106 5.55 4.59 -13.97
N ILE A 107 6.25 3.49 -14.16
CA ILE A 107 7.24 3.03 -13.19
C ILE A 107 8.50 3.90 -13.24
N ASN A 108 8.74 4.52 -14.40
CA ASN A 108 9.90 5.37 -14.57
C ASN A 108 9.58 6.81 -14.18
N GLU A 109 8.43 7.01 -13.57
CA GLU A 109 8.01 8.34 -13.13
C GLU A 109 7.25 8.27 -11.81
N LEU A 110 7.28 7.10 -11.18
CA LEU A 110 6.59 6.90 -9.91
C LEU A 110 7.15 7.83 -8.83
N ASP A 111 8.42 8.21 -9.00
CA ASP A 111 9.07 9.10 -8.04
C ASP A 111 8.28 10.39 -7.86
N LYS A 112 7.56 10.79 -8.91
CA LYS A 112 6.76 12.01 -8.87
C LYS A 112 5.63 11.88 -7.86
N LEU A 113 5.27 10.64 -7.53
CA LEU A 113 4.21 10.38 -6.56
C LEU A 113 4.77 10.27 -5.15
N ASN A 114 5.72 11.14 -4.83
CA ASN A 114 6.33 11.15 -3.50
C ASN A 114 5.40 10.53 -2.47
N TRP A 115 5.71 9.30 -2.06
CA TRP A 115 4.91 8.59 -1.08
C TRP A 115 5.48 8.77 0.33
N ALA A 116 4.77 8.24 1.32
CA ALA A 116 5.21 8.34 2.71
C ALA A 116 6.65 7.85 2.86
N PRO A 117 7.26 8.14 4.03
CA PRO A 117 8.63 7.74 4.31
C PRO A 117 8.78 6.23 4.50
N ALA A 118 7.65 5.57 4.74
CA ALA A 118 7.64 4.12 4.94
C ALA A 118 7.47 3.38 3.61
N ASP A 119 6.75 4.01 2.68
CA ASP A 119 6.50 3.41 1.38
C ASP A 119 7.55 3.86 0.37
N ILE A 120 8.17 5.01 0.64
CA ILE A 120 9.19 5.55 -0.24
C ILE A 120 10.20 4.47 -0.65
N PRO A 121 10.79 3.80 0.34
CA PRO A 121 11.77 2.74 0.10
C PRO A 121 11.13 1.49 -0.49
N ALA A 122 9.81 1.39 -0.36
CA ALA A 122 9.08 0.24 -0.88
C ALA A 122 8.73 0.43 -2.36
N VAL A 123 8.61 1.69 -2.78
CA VAL A 123 8.29 2.00 -4.17
C VAL A 123 9.54 1.99 -5.03
N ASN A 124 10.66 2.42 -4.47
CA ASN A 124 11.91 2.47 -5.20
C ASN A 124 12.24 1.10 -5.80
N LYS A 125 12.00 0.05 -5.04
CA LYS A 125 12.26 -1.30 -5.49
C LYS A 125 11.49 -1.60 -6.77
N ILE A 126 10.31 -1.01 -6.91
CA ILE A 126 9.49 -1.21 -8.09
C ILE A 126 10.22 -0.78 -9.35
N MET A 127 10.90 0.36 -9.29
CA MET A 127 11.66 0.87 -10.43
C MET A 127 12.61 -0.19 -10.97
N THR A 128 13.17 -0.99 -10.07
CA THR A 128 14.10 -2.05 -10.47
C THR A 128 13.50 -2.93 -11.55
N GLU A 129 12.19 -3.13 -11.49
CA GLU A 129 11.50 -3.95 -12.47
C GLU A 129 11.66 -3.38 -13.88
N GLY A 130 11.43 -2.09 -14.02
CA GLY A 130 11.56 -1.44 -15.31
C GLY A 130 12.80 -0.56 -15.40
N MET A 1 7.23 -3.26 25.90
CA MET A 1 7.56 -2.58 24.65
C MET A 1 6.50 -1.55 24.29
N LYS A 2 6.73 -0.83 23.20
CA LYS A 2 5.78 0.18 22.75
C LYS A 2 4.60 -0.45 22.02
N LYS A 3 3.79 0.38 21.38
CA LYS A 3 2.62 -0.10 20.65
C LYS A 3 3.00 -0.52 19.23
N VAL A 4 3.17 -1.83 19.03
CA VAL A 4 3.52 -2.36 17.72
C VAL A 4 2.38 -2.18 16.72
N ILE A 5 2.49 -1.16 15.88
CA ILE A 5 1.47 -0.89 14.87
C ILE A 5 1.68 -1.75 13.64
N ASN A 6 0.88 -2.79 13.51
CA ASN A 6 0.97 -3.69 12.36
C ASN A 6 0.03 -3.25 11.24
N VAL A 7 0.61 -2.63 10.21
CA VAL A 7 -0.17 -2.15 9.07
C VAL A 7 0.33 -2.77 7.77
N VAL A 8 -0.56 -2.87 6.79
CA VAL A 8 -0.21 -3.44 5.49
C VAL A 8 -0.81 -2.62 4.36
N GLY A 9 -0.34 -2.87 3.14
CA GLY A 9 -0.84 -2.16 1.99
C GLY A 9 -0.98 -3.04 0.77
N ALA A 10 -1.11 -2.42 -0.40
CA ALA A 10 -1.24 -3.16 -1.65
C ALA A 10 -0.96 -2.26 -2.86
N ILE A 11 -0.24 -2.80 -3.84
CA ILE A 11 0.08 -2.05 -5.04
C ILE A 11 -0.41 -2.77 -6.29
N ILE A 12 -1.46 -2.22 -6.89
CA ILE A 12 -2.03 -2.81 -8.10
C ILE A 12 -1.29 -2.35 -9.35
N PHE A 13 -0.79 -3.31 -10.13
CA PHE A 13 -0.05 -3.01 -11.34
C PHE A 13 -0.92 -3.27 -12.58
N SER A 14 -0.66 -2.53 -13.65
CA SER A 14 -1.40 -2.67 -14.89
C SER A 14 -0.85 -1.76 -15.97
N ASP A 15 -0.29 -2.36 -17.02
CA ASP A 15 0.28 -1.61 -18.12
C ASP A 15 1.39 -0.67 -17.63
N ASN A 16 2.17 -1.15 -16.68
CA ASN A 16 3.26 -0.35 -16.12
C ASN A 16 2.73 0.91 -15.45
N LYS A 17 1.60 0.78 -14.76
CA LYS A 17 0.98 1.90 -14.07
C LYS A 17 0.55 1.51 -12.67
N ILE A 18 0.51 2.48 -11.76
CA ILE A 18 0.10 2.24 -10.38
C ILE A 18 -1.07 3.12 -9.99
N LEU A 19 -1.92 2.61 -9.11
CA LEU A 19 -3.09 3.36 -8.65
C LEU A 19 -2.72 4.26 -7.47
N CYS A 20 -3.57 5.24 -7.21
CA CYS A 20 -3.34 6.18 -6.11
C CYS A 20 -4.62 6.39 -5.30
N ALA A 21 -4.45 6.56 -3.99
CA ALA A 21 -5.59 6.78 -3.10
C ALA A 21 -5.17 7.55 -1.85
N GLN A 22 -6.14 8.19 -1.22
CA GLN A 22 -5.87 8.97 -0.02
C GLN A 22 -6.73 8.49 1.15
N ARG A 23 -6.13 7.72 2.05
CA ARG A 23 -6.85 7.19 3.20
C ARG A 23 -7.28 8.32 4.14
N SER A 24 -6.31 8.86 4.89
CA SER A 24 -6.58 9.94 5.83
C SER A 24 -5.30 10.60 6.28
N GLU A 25 -5.41 11.59 7.17
CA GLU A 25 -4.26 12.31 7.68
C GLU A 25 -3.51 11.48 8.72
N LYS A 26 -4.00 10.26 8.96
CA LYS A 26 -3.38 9.37 9.93
C LYS A 26 -2.09 8.78 9.37
N MET A 27 -2.13 8.36 8.10
CA MET A 27 -0.96 7.77 7.46
C MET A 27 0.19 8.77 7.41
N SER A 28 1.27 8.38 6.75
CA SER A 28 2.44 9.24 6.63
C SER A 28 2.34 10.14 5.40
N LEU A 29 2.48 11.44 5.61
CA LEU A 29 2.41 12.40 4.51
C LEU A 29 1.38 11.98 3.48
N PRO A 30 0.15 11.68 3.96
CA PRO A 30 -0.94 11.25 3.09
C PRO A 30 -1.46 12.38 2.20
N LEU A 31 -1.32 13.62 2.68
CA LEU A 31 -1.76 14.78 1.93
C LEU A 31 -1.17 14.78 0.52
N MET A 32 0.15 14.67 0.44
CA MET A 32 0.83 14.66 -0.85
C MET A 32 0.54 13.35 -1.60
N TRP A 33 0.70 12.24 -0.91
CA TRP A 33 0.46 10.93 -1.51
C TRP A 33 0.20 9.88 -0.44
N GLU A 34 -0.53 8.83 -0.81
CA GLU A 34 -0.86 7.75 0.11
C GLU A 34 -1.35 6.51 -0.63
N PHE A 35 -1.41 5.39 0.08
CA PHE A 35 -1.86 4.14 -0.52
C PHE A 35 -3.03 3.55 0.27
N PRO A 36 -3.79 2.66 -0.38
CA PRO A 36 -4.95 2.01 0.23
C PRO A 36 -4.55 1.03 1.33
N GLY A 37 -5.54 0.52 2.07
CA GLY A 37 -5.27 -0.42 3.13
C GLY A 37 -5.72 0.10 4.48
N GLY A 38 -5.31 -0.60 5.54
CA GLY A 38 -5.69 -0.20 6.88
C GLY A 38 -4.75 -0.74 7.94
N LYS A 39 -5.23 -1.67 8.75
CA LYS A 39 -4.42 -2.27 9.81
C LYS A 39 -4.55 -3.79 9.78
N VAL A 40 -3.76 -4.45 10.63
CA VAL A 40 -3.78 -5.90 10.71
C VAL A 40 -4.29 -6.37 12.07
N GLU A 41 -5.01 -7.49 12.07
CA GLU A 41 -5.56 -8.04 13.31
C GLU A 41 -4.45 -8.69 14.15
N LYS A 42 -4.66 -8.72 15.46
CA LYS A 42 -3.70 -9.31 16.37
C LYS A 42 -3.61 -10.82 16.18
N ASN A 43 -4.74 -11.44 15.85
CA ASN A 43 -4.80 -12.88 15.64
C ASN A 43 -4.83 -13.20 14.14
N GLU A 44 -4.07 -12.46 13.36
CA GLU A 44 -4.02 -12.67 11.92
C GLU A 44 -2.72 -12.11 11.33
N THR A 45 -2.09 -12.89 10.46
CA THR A 45 -0.84 -12.47 9.82
C THR A 45 -1.08 -11.35 8.81
N GLU A 46 -0.01 -10.66 8.44
CA GLU A 46 -0.11 -9.57 7.48
C GLU A 46 -0.74 -10.04 6.18
N LYS A 47 -0.17 -11.09 5.60
CA LYS A 47 -0.67 -11.64 4.35
C LYS A 47 -2.15 -12.03 4.47
N ASP A 48 -2.43 -12.96 5.39
CA ASP A 48 -3.79 -13.41 5.61
C ASP A 48 -4.72 -12.23 5.90
N ALA A 49 -4.15 -11.16 6.45
CA ALA A 49 -4.93 -9.97 6.77
C ALA A 49 -5.31 -9.20 5.51
N LEU A 50 -4.44 -9.26 4.50
CA LEU A 50 -4.68 -8.57 3.24
C LEU A 50 -5.65 -9.36 2.36
N ILE A 51 -5.46 -10.67 2.31
CA ILE A 51 -6.31 -11.55 1.52
C ILE A 51 -7.72 -11.60 2.08
N ARG A 52 -7.84 -11.45 3.39
CA ARG A 52 -9.14 -11.47 4.06
C ARG A 52 -9.81 -10.11 3.98
N GLU A 53 -9.02 -9.06 4.15
CA GLU A 53 -9.54 -7.70 4.11
C GLU A 53 -9.85 -7.28 2.68
N ILE A 54 -8.83 -7.28 1.83
CA ILE A 54 -9.00 -6.91 0.43
C ILE A 54 -10.17 -7.66 -0.20
N ARG A 55 -10.49 -8.81 0.35
CA ARG A 55 -11.59 -9.63 -0.15
C ARG A 55 -12.90 -8.85 -0.15
N GLU A 56 -13.34 -8.46 1.04
CA GLU A 56 -14.58 -7.70 1.19
C GLU A 56 -14.31 -6.20 1.11
N GLU A 57 -13.25 -5.77 1.80
CA GLU A 57 -12.89 -4.35 1.82
C GLU A 57 -12.84 -3.78 0.39
N MET A 58 -11.97 -4.36 -0.43
CA MET A 58 -11.82 -3.91 -1.81
C MET A 58 -12.84 -4.59 -2.71
N LYS A 59 -13.53 -5.60 -2.18
CA LYS A 59 -14.53 -6.33 -2.93
C LYS A 59 -13.97 -6.80 -4.27
N CYS A 60 -12.67 -7.08 -4.30
CA CYS A 60 -12.01 -7.54 -5.51
C CYS A 60 -11.21 -8.81 -5.24
N ASP A 61 -10.69 -9.41 -6.31
CA ASP A 61 -9.91 -10.64 -6.19
C ASP A 61 -8.41 -10.33 -6.32
N LEU A 62 -8.02 -9.15 -5.89
CA LEU A 62 -6.61 -8.73 -5.96
C LEU A 62 -5.69 -9.92 -5.75
N ILE A 63 -4.84 -10.18 -6.74
CA ILE A 63 -3.90 -11.30 -6.67
C ILE A 63 -2.51 -10.81 -6.24
N VAL A 64 -1.99 -11.41 -5.17
CA VAL A 64 -0.68 -11.04 -4.66
C VAL A 64 0.42 -11.85 -5.34
N GLY A 65 1.60 -11.26 -5.45
CA GLY A 65 2.72 -11.94 -6.09
C GLY A 65 3.81 -12.31 -5.10
N ASP A 66 4.44 -11.30 -4.51
CA ASP A 66 5.51 -11.54 -3.54
C ASP A 66 5.75 -10.29 -2.69
N LYS A 67 6.39 -10.49 -1.55
CA LYS A 67 6.70 -9.39 -0.64
C LYS A 67 7.53 -8.31 -1.34
N VAL A 68 7.22 -7.05 -1.06
CA VAL A 68 7.94 -5.93 -1.66
C VAL A 68 9.10 -5.49 -0.78
N ILE A 69 8.78 -5.11 0.46
CA ILE A 69 9.80 -4.66 1.40
C ILE A 69 9.19 -4.42 2.78
N THR A 70 10.02 -4.55 3.82
CA THR A 70 9.56 -4.36 5.19
C THR A 70 10.16 -3.09 5.78
N THR A 71 9.31 -2.09 6.03
CA THR A 71 9.75 -0.83 6.60
C THR A 71 9.27 -0.67 8.04
N GLU A 72 10.15 -0.16 8.90
CA GLU A 72 9.80 0.03 10.31
C GLU A 72 10.38 1.34 10.82
N HIS A 73 9.67 1.98 11.75
CA HIS A 73 10.11 3.25 12.32
C HIS A 73 9.91 3.25 13.84
N GLU A 74 10.73 4.02 14.54
CA GLU A 74 10.63 4.12 15.99
C GLU A 74 9.79 5.32 16.40
N TYR A 75 8.59 5.07 16.92
CA TYR A 75 7.70 6.13 17.35
C TYR A 75 7.56 6.14 18.86
N ASP A 76 7.13 7.28 19.40
CA ASP A 76 6.96 7.43 20.83
C ASP A 76 5.66 6.76 21.30
N PHE A 77 4.66 6.76 20.43
CA PHE A 77 3.37 6.16 20.75
C PHE A 77 3.38 4.66 20.45
N GLY A 78 4.28 4.25 19.56
CA GLY A 78 4.38 2.85 19.19
C GLY A 78 5.02 2.65 17.84
N ILE A 79 5.99 1.74 17.78
CA ILE A 79 6.69 1.45 16.53
C ILE A 79 5.71 1.12 15.41
N VAL A 80 5.98 1.67 14.23
CA VAL A 80 5.13 1.43 13.06
C VAL A 80 5.84 0.60 12.02
N ARG A 81 5.14 -0.40 11.47
CA ARG A 81 5.71 -1.27 10.46
C ARG A 81 4.83 -1.31 9.22
N LEU A 82 5.35 -0.78 8.12
CA LEU A 82 4.61 -0.75 6.86
C LEU A 82 5.16 -1.76 5.87
N THR A 83 4.28 -2.56 5.27
CA THR A 83 4.68 -3.57 4.30
C THR A 83 3.95 -3.38 2.98
N THR A 84 4.54 -3.91 1.91
CA THR A 84 3.94 -3.81 0.59
C THR A 84 3.98 -5.15 -0.14
N TYR A 85 2.93 -5.44 -0.91
CA TYR A 85 2.85 -6.68 -1.66
C TYR A 85 2.45 -6.43 -3.11
N LYS A 86 3.27 -6.90 -4.04
CA LYS A 86 3.00 -6.72 -5.46
C LYS A 86 1.67 -7.35 -5.84
N CYS A 87 0.86 -6.60 -6.58
CA CYS A 87 -0.45 -7.09 -7.01
C CYS A 87 -0.59 -6.99 -8.53
N THR A 88 -1.74 -7.40 -9.04
CA THR A 88 -2.00 -7.37 -10.48
C THR A 88 -3.41 -6.88 -10.77
N LEU A 89 -3.70 -6.67 -12.05
CA LEU A 89 -5.02 -6.20 -12.46
C LEU A 89 -6.03 -7.34 -12.47
N ASN A 90 -7.30 -7.00 -12.27
CA ASN A 90 -8.36 -7.99 -12.26
C ASN A 90 -9.60 -7.47 -12.99
N LYS A 91 -10.66 -8.27 -12.97
CA LYS A 91 -11.91 -7.88 -13.63
C LYS A 91 -12.48 -6.61 -13.01
N GLU A 92 -12.77 -6.66 -11.72
CA GLU A 92 -13.33 -5.51 -11.01
C GLU A 92 -12.20 -4.57 -10.56
N LEU A 93 -12.58 -3.36 -10.16
CA LEU A 93 -11.62 -2.38 -9.70
C LEU A 93 -11.57 -2.33 -8.17
N PRO A 94 -10.47 -1.78 -7.63
CA PRO A 94 -10.28 -1.66 -6.19
C PRO A 94 -11.22 -0.64 -5.56
N THR A 95 -11.48 -0.79 -4.26
CA THR A 95 -12.36 0.11 -3.54
C THR A 95 -11.58 1.23 -2.85
N LEU A 96 -12.25 2.32 -2.53
CA LEU A 96 -11.62 3.45 -1.87
C LEU A 96 -10.45 3.97 -2.69
N THR A 97 -10.45 3.65 -3.99
CA THR A 97 -9.39 4.10 -4.88
C THR A 97 -9.61 5.55 -5.32
N GLU A 98 -10.86 5.94 -5.45
CA GLU A 98 -11.21 7.29 -5.86
C GLU A 98 -11.16 8.25 -4.67
N HIS A 99 -10.83 7.71 -3.50
CA HIS A 99 -10.76 8.52 -2.28
C HIS A 99 -10.08 9.85 -2.56
N LYS A 100 -9.01 9.82 -3.36
CA LYS A 100 -8.27 11.02 -3.70
C LYS A 100 -8.63 11.50 -5.11
N SER A 101 -8.38 10.66 -6.09
CA SER A 101 -8.67 11.00 -7.48
C SER A 101 -8.21 9.89 -8.42
N ILE A 102 -8.35 10.13 -9.72
CA ILE A 102 -7.95 9.16 -10.73
C ILE A 102 -6.67 9.59 -11.43
N GLU A 103 -5.55 9.01 -11.03
CA GLU A 103 -4.26 9.34 -11.63
C GLU A 103 -3.40 8.08 -11.79
N TRP A 104 -3.06 7.77 -13.05
CA TRP A 104 -2.25 6.60 -13.34
C TRP A 104 -0.90 7.01 -13.94
N LEU A 105 0.14 6.97 -13.11
CA LEU A 105 1.48 7.33 -13.56
C LEU A 105 2.29 6.09 -13.91
N SER A 106 3.18 6.23 -14.89
CA SER A 106 4.02 5.13 -15.33
C SER A 106 5.04 4.76 -14.25
N ILE A 107 5.91 3.82 -14.57
CA ILE A 107 6.94 3.38 -13.64
C ILE A 107 8.03 4.42 -13.48
N ASN A 108 8.19 5.26 -14.51
CA ASN A 108 9.21 6.31 -14.49
C ASN A 108 8.59 7.64 -14.06
N GLU A 109 7.38 7.58 -13.52
CA GLU A 109 6.69 8.78 -13.06
C GLU A 109 6.34 8.68 -11.58
N LEU A 110 6.15 7.45 -11.10
CA LEU A 110 5.79 7.21 -9.71
C LEU A 110 6.72 8.00 -8.78
N ASP A 111 7.96 8.22 -9.23
CA ASP A 111 8.93 8.96 -8.44
C ASP A 111 8.40 10.33 -8.06
N LYS A 112 7.87 11.04 -9.05
CA LYS A 112 7.32 12.37 -8.82
C LYS A 112 6.17 12.33 -7.82
N LEU A 113 5.60 11.14 -7.62
CA LEU A 113 4.50 10.96 -6.69
C LEU A 113 5.01 10.74 -5.28
N ASN A 114 6.01 11.53 -4.87
CA ASN A 114 6.58 11.42 -3.54
C ASN A 114 5.59 10.80 -2.56
N TRP A 115 5.83 9.55 -2.19
CA TRP A 115 4.95 8.84 -1.27
C TRP A 115 5.50 8.91 0.15
N ALA A 116 4.91 8.13 1.06
CA ALA A 116 5.34 8.10 2.45
C ALA A 116 6.78 7.63 2.57
N PRO A 117 7.38 7.84 3.75
CA PRO A 117 8.77 7.45 4.02
C PRO A 117 8.93 5.93 4.09
N ALA A 118 7.83 5.23 4.34
CA ALA A 118 7.86 3.77 4.43
C ALA A 118 7.60 3.13 3.07
N ASP A 119 6.87 3.84 2.22
CA ASP A 119 6.55 3.34 0.88
C ASP A 119 7.57 3.83 -0.14
N ILE A 120 8.21 4.95 0.16
CA ILE A 120 9.22 5.52 -0.73
C ILE A 120 10.18 4.44 -1.23
N PRO A 121 10.82 3.74 -0.29
CA PRO A 121 11.77 2.67 -0.61
C PRO A 121 11.08 1.45 -1.22
N ALA A 122 9.79 1.32 -0.95
CA ALA A 122 9.02 0.18 -1.46
C ALA A 122 8.62 0.42 -2.92
N VAL A 123 8.45 1.69 -3.28
CA VAL A 123 8.07 2.04 -4.64
C VAL A 123 9.28 2.14 -5.55
N ASN A 124 10.39 2.61 -5.01
CA ASN A 124 11.63 2.74 -5.76
C ASN A 124 12.05 1.41 -6.37
N LYS A 125 11.96 0.35 -5.57
CA LYS A 125 12.33 -0.98 -6.02
C LYS A 125 11.62 -1.33 -7.33
N ILE A 126 10.41 -0.83 -7.49
CA ILE A 126 9.63 -1.08 -8.69
C ILE A 126 10.37 -0.60 -9.94
N MET A 127 10.87 0.63 -9.88
CA MET A 127 11.61 1.22 -11.00
C MET A 127 12.72 0.27 -11.47
N THR A 128 13.33 -0.43 -10.51
CA THR A 128 14.41 -1.36 -10.83
C THR A 128 14.00 -2.33 -11.93
N GLU A 129 12.72 -2.69 -11.94
CA GLU A 129 12.20 -3.62 -12.95
C GLU A 129 12.38 -3.05 -14.36
N GLY A 130 12.07 -1.76 -14.51
CA GLY A 130 12.19 -1.12 -15.80
C GLY A 130 13.61 -0.71 -16.10
N MET A 1 8.35 -3.41 24.62
CA MET A 1 8.26 -2.25 25.50
C MET A 1 7.10 -1.35 25.10
N LYS A 2 7.03 -1.05 23.80
CA LYS A 2 5.97 -0.18 23.28
C LYS A 2 4.88 -1.01 22.60
N LYS A 3 3.94 -0.33 21.96
CA LYS A 3 2.86 -1.00 21.25
C LYS A 3 3.22 -1.23 19.79
N VAL A 4 3.64 -2.45 19.47
CA VAL A 4 4.00 -2.80 18.12
C VAL A 4 2.79 -2.81 17.19
N ILE A 5 2.61 -1.74 16.43
CA ILE A 5 1.49 -1.62 15.51
C ILE A 5 1.78 -2.34 14.20
N ASN A 6 0.76 -3.03 13.67
CA ASN A 6 0.92 -3.75 12.42
C ASN A 6 -0.06 -3.24 11.37
N VAL A 7 0.47 -2.79 10.24
CA VAL A 7 -0.37 -2.27 9.16
C VAL A 7 0.15 -2.72 7.80
N VAL A 8 -0.77 -3.12 6.93
CA VAL A 8 -0.42 -3.59 5.59
C VAL A 8 -1.20 -2.83 4.52
N GLY A 9 -0.55 -2.61 3.38
CA GLY A 9 -1.20 -1.90 2.29
C GLY A 9 -1.32 -2.74 1.04
N ALA A 10 -1.72 -2.11 -0.07
CA ALA A 10 -1.87 -2.82 -1.34
C ALA A 10 -1.43 -1.94 -2.49
N ILE A 11 -0.65 -2.51 -3.40
CA ILE A 11 -0.16 -1.77 -4.56
C ILE A 11 -0.71 -2.36 -5.86
N ILE A 12 -1.59 -1.61 -6.52
CA ILE A 12 -2.19 -2.06 -7.77
C ILE A 12 -1.20 -1.96 -8.92
N PHE A 13 -1.39 -2.80 -9.95
CA PHE A 13 -0.51 -2.80 -11.11
C PHE A 13 -1.28 -3.18 -12.37
N SER A 14 -1.16 -2.36 -13.41
CA SER A 14 -1.85 -2.61 -14.67
C SER A 14 -1.28 -1.74 -15.78
N ASP A 15 -0.76 -2.39 -16.82
CA ASP A 15 -0.18 -1.67 -17.95
C ASP A 15 0.98 -0.80 -17.50
N ASN A 16 1.70 -1.25 -16.49
CA ASN A 16 2.84 -0.50 -15.96
C ASN A 16 2.39 0.83 -15.37
N LYS A 17 1.26 0.81 -14.69
CA LYS A 17 0.71 2.02 -14.07
C LYS A 17 0.37 1.78 -12.60
N ILE A 18 0.57 2.79 -11.77
CA ILE A 18 0.27 2.69 -10.36
C ILE A 18 -0.90 3.59 -9.97
N LEU A 19 -1.62 3.20 -8.92
CA LEU A 19 -2.76 3.98 -8.45
C LEU A 19 -2.37 4.82 -7.25
N CYS A 20 -3.19 5.83 -6.96
CA CYS A 20 -2.95 6.72 -5.82
C CYS A 20 -4.22 6.96 -5.03
N ALA A 21 -4.10 6.98 -3.70
CA ALA A 21 -5.24 7.21 -2.83
C ALA A 21 -4.84 8.00 -1.59
N GLN A 22 -5.76 8.82 -1.10
CA GLN A 22 -5.50 9.63 0.09
C GLN A 22 -6.29 9.12 1.29
N ARG A 23 -5.58 8.52 2.24
CA ARG A 23 -6.23 7.98 3.44
C ARG A 23 -6.36 9.06 4.51
N SER A 24 -5.26 9.35 5.19
CA SER A 24 -5.26 10.36 6.24
C SER A 24 -3.85 10.90 6.48
N GLU A 25 -3.77 12.18 6.85
CA GLU A 25 -2.48 12.82 7.09
C GLU A 25 -2.01 12.55 8.52
N LYS A 26 -2.80 11.79 9.26
CA LYS A 26 -2.46 11.45 10.64
C LYS A 26 -1.43 10.32 10.69
N MET A 27 -1.48 9.43 9.70
CA MET A 27 -0.55 8.32 9.62
C MET A 27 0.56 8.61 8.62
N SER A 28 0.19 8.80 7.37
CA SER A 28 1.17 9.09 6.31
C SER A 28 0.92 10.47 5.71
N LEU A 29 1.50 10.70 4.53
CA LEU A 29 1.35 11.98 3.85
C LEU A 29 0.60 11.81 2.53
N PRO A 30 -0.68 11.42 2.64
CA PRO A 30 -1.54 11.22 1.46
C PRO A 30 -1.89 12.52 0.77
N LEU A 31 -1.58 13.64 1.41
CA LEU A 31 -1.86 14.96 0.86
C LEU A 31 -1.38 15.05 -0.59
N MET A 32 -0.29 14.35 -0.90
CA MET A 32 0.26 14.35 -2.24
C MET A 32 0.20 12.95 -2.85
N TRP A 33 0.55 11.95 -2.06
CA TRP A 33 0.54 10.57 -2.52
C TRP A 33 0.43 9.60 -1.36
N GLU A 34 -0.17 8.44 -1.60
CA GLU A 34 -0.34 7.43 -0.56
C GLU A 34 -1.06 6.20 -1.12
N PHE A 35 -0.72 5.04 -0.57
CA PHE A 35 -1.34 3.79 -1.01
C PHE A 35 -2.43 3.34 -0.04
N PRO A 36 -3.39 2.55 -0.55
CA PRO A 36 -4.51 2.05 0.25
C PRO A 36 -4.06 1.00 1.28
N GLY A 37 -4.98 0.62 2.16
CA GLY A 37 -4.66 -0.37 3.18
C GLY A 37 -5.34 -0.08 4.49
N GLY A 38 -5.15 -0.96 5.46
CA GLY A 38 -5.77 -0.78 6.76
C GLY A 38 -4.87 -1.25 7.90
N LYS A 39 -5.31 -2.30 8.59
CA LYS A 39 -4.54 -2.84 9.70
C LYS A 39 -4.53 -4.37 9.66
N VAL A 40 -3.67 -4.97 10.48
CA VAL A 40 -3.56 -6.43 10.53
C VAL A 40 -3.67 -6.94 11.97
N GLU A 41 -4.20 -8.15 12.11
CA GLU A 41 -4.37 -8.75 13.42
C GLU A 41 -3.12 -9.54 13.83
N LYS A 42 -3.09 -10.00 15.07
CA LYS A 42 -1.97 -10.77 15.57
C LYS A 42 -2.09 -12.25 15.20
N ASN A 43 -3.33 -12.74 15.19
CA ASN A 43 -3.60 -14.13 14.85
C ASN A 43 -3.46 -14.36 13.35
N GLU A 44 -3.86 -13.36 12.58
CA GLU A 44 -3.79 -13.45 11.12
C GLU A 44 -2.51 -12.79 10.60
N THR A 45 -1.84 -13.47 9.66
CA THR A 45 -0.60 -12.96 9.09
C THR A 45 -0.89 -11.80 8.14
N GLU A 46 0.18 -11.13 7.71
CA GLU A 46 0.05 -9.99 6.80
C GLU A 46 -0.53 -10.44 5.46
N LYS A 47 0.07 -11.45 4.87
CA LYS A 47 -0.38 -11.98 3.58
C LYS A 47 -1.86 -12.31 3.63
N ASP A 48 -2.26 -13.13 4.60
CA ASP A 48 -3.65 -13.53 4.75
C ASP A 48 -4.54 -12.32 5.05
N ALA A 49 -4.09 -11.49 5.99
CA ALA A 49 -4.83 -10.31 6.38
C ALA A 49 -5.21 -9.48 5.15
N LEU A 50 -4.39 -9.56 4.11
CA LEU A 50 -4.63 -8.82 2.88
C LEU A 50 -5.67 -9.53 2.01
N ILE A 51 -5.34 -10.75 1.60
CA ILE A 51 -6.24 -11.54 0.77
C ILE A 51 -7.63 -11.64 1.40
N ARG A 52 -7.68 -11.55 2.72
CA ARG A 52 -8.93 -11.64 3.45
C ARG A 52 -9.68 -10.31 3.39
N GLU A 53 -8.96 -9.22 3.56
CA GLU A 53 -9.55 -7.89 3.53
C GLU A 53 -9.95 -7.50 2.11
N ILE A 54 -8.96 -7.45 1.22
CA ILE A 54 -9.20 -7.11 -0.18
C ILE A 54 -10.37 -7.90 -0.75
N ARG A 55 -10.64 -9.05 -0.16
CA ARG A 55 -11.74 -9.90 -0.61
C ARG A 55 -13.08 -9.20 -0.42
N GLU A 56 -13.42 -8.90 0.83
CA GLU A 56 -14.68 -8.22 1.13
C GLU A 56 -14.49 -6.72 1.15
N GLU A 57 -13.48 -6.25 1.89
CA GLU A 57 -13.20 -4.83 2.00
C GLU A 57 -13.18 -4.18 0.63
N MET A 58 -12.27 -4.63 -0.22
CA MET A 58 -12.14 -4.08 -1.57
C MET A 58 -13.23 -4.64 -2.49
N LYS A 59 -13.73 -5.83 -2.16
CA LYS A 59 -14.77 -6.47 -2.94
C LYS A 59 -14.29 -6.74 -4.36
N CYS A 60 -13.15 -7.42 -4.47
CA CYS A 60 -12.58 -7.75 -5.78
C CYS A 60 -11.81 -9.07 -5.72
N ASP A 61 -11.13 -9.40 -6.81
CA ASP A 61 -10.36 -10.63 -6.88
C ASP A 61 -8.88 -10.33 -7.06
N LEU A 62 -8.44 -9.21 -6.51
CA LEU A 62 -7.04 -8.80 -6.61
C LEU A 62 -6.11 -9.99 -6.34
N ILE A 63 -5.18 -10.23 -7.26
CA ILE A 63 -4.24 -11.32 -7.13
C ILE A 63 -2.90 -10.83 -6.60
N VAL A 64 -2.58 -11.21 -5.36
CA VAL A 64 -1.33 -10.80 -4.73
C VAL A 64 -0.15 -11.57 -5.31
N GLY A 65 0.98 -10.90 -5.43
CA GLY A 65 2.17 -11.54 -5.98
C GLY A 65 3.13 -12.00 -4.90
N ASP A 66 3.87 -11.06 -4.33
CA ASP A 66 4.83 -11.37 -3.28
C ASP A 66 5.05 -10.17 -2.35
N LYS A 67 5.96 -10.31 -1.41
CA LYS A 67 6.27 -9.25 -0.47
C LYS A 67 7.14 -8.18 -1.12
N VAL A 68 6.79 -6.91 -0.89
CA VAL A 68 7.54 -5.79 -1.44
C VAL A 68 8.73 -5.43 -0.55
N ILE A 69 8.43 -4.99 0.67
CA ILE A 69 9.48 -4.62 1.61
C ILE A 69 8.88 -4.29 2.98
N THR A 70 9.70 -4.41 4.02
CA THR A 70 9.27 -4.12 5.38
C THR A 70 9.72 -2.74 5.82
N THR A 71 8.84 -2.03 6.54
CA THR A 71 9.14 -0.70 7.02
C THR A 71 8.72 -0.53 8.48
N GLU A 72 9.44 0.32 9.20
CA GLU A 72 9.14 0.58 10.60
C GLU A 72 9.43 2.03 10.97
N HIS A 73 8.64 2.57 11.89
CA HIS A 73 8.82 3.94 12.33
C HIS A 73 8.64 4.07 13.85
N GLU A 74 9.30 5.05 14.44
CA GLU A 74 9.22 5.26 15.88
C GLU A 74 8.04 6.15 16.23
N TYR A 75 7.28 5.75 17.26
CA TYR A 75 6.12 6.52 17.69
C TYR A 75 6.08 6.64 19.21
N ASP A 76 5.26 7.56 19.71
CA ASP A 76 5.13 7.78 21.14
C ASP A 76 4.15 6.79 21.76
N PHE A 77 3.17 6.36 20.96
CA PHE A 77 2.17 5.41 21.42
C PHE A 77 2.59 3.98 21.12
N GLY A 78 3.46 3.82 20.13
CA GLY A 78 3.92 2.50 19.75
C GLY A 78 4.47 2.45 18.34
N ILE A 79 5.62 1.81 18.17
CA ILE A 79 6.25 1.70 16.85
C ILE A 79 5.27 1.15 15.83
N VAL A 80 5.30 1.72 14.62
CA VAL A 80 4.42 1.29 13.54
C VAL A 80 5.22 0.64 12.42
N ARG A 81 4.70 -0.48 11.90
CA ARG A 81 5.36 -1.20 10.83
C ARG A 81 4.50 -1.22 9.57
N LEU A 82 4.99 -0.59 8.51
CA LEU A 82 4.26 -0.53 7.25
C LEU A 82 4.87 -1.46 6.20
N THR A 83 4.05 -2.33 5.63
CA THR A 83 4.51 -3.27 4.63
C THR A 83 3.66 -3.20 3.36
N THR A 84 4.26 -3.50 2.22
CA THR A 84 3.57 -3.47 0.95
C THR A 84 3.59 -4.84 0.27
N TYR A 85 2.54 -5.15 -0.48
CA TYR A 85 2.45 -6.42 -1.18
C TYR A 85 1.98 -6.22 -2.62
N LYS A 86 2.72 -6.77 -3.57
CA LYS A 86 2.39 -6.66 -4.97
C LYS A 86 0.99 -7.18 -5.25
N CYS A 87 0.21 -6.41 -6.00
CA CYS A 87 -1.15 -6.80 -6.33
C CYS A 87 -1.42 -6.62 -7.83
N THR A 88 -2.02 -7.64 -8.45
CA THR A 88 -2.33 -7.60 -9.86
C THR A 88 -3.76 -7.14 -10.10
N LEU A 89 -3.92 -6.20 -11.03
CA LEU A 89 -5.24 -5.67 -11.35
C LEU A 89 -6.16 -6.78 -11.85
N ASN A 90 -7.47 -6.60 -11.63
CA ASN A 90 -8.45 -7.58 -12.05
C ASN A 90 -9.57 -6.92 -12.85
N LYS A 91 -10.58 -7.71 -13.23
CA LYS A 91 -11.70 -7.20 -13.99
C LYS A 91 -12.30 -5.96 -13.34
N GLU A 92 -12.59 -6.06 -12.05
CA GLU A 92 -13.15 -4.94 -11.30
C GLU A 92 -12.07 -3.95 -10.90
N LEU A 93 -12.48 -2.86 -10.26
CA LEU A 93 -11.55 -1.84 -9.81
C LEU A 93 -11.45 -1.81 -8.28
N PRO A 94 -10.29 -1.36 -7.77
CA PRO A 94 -10.05 -1.28 -6.33
C PRO A 94 -10.88 -0.19 -5.67
N THR A 95 -11.40 -0.50 -4.48
CA THR A 95 -12.22 0.45 -3.74
C THR A 95 -11.35 1.47 -3.00
N LEU A 96 -11.95 2.60 -2.64
CA LEU A 96 -11.23 3.64 -1.93
C LEU A 96 -10.09 4.19 -2.77
N THR A 97 -10.12 3.91 -4.07
CA THR A 97 -9.09 4.37 -4.99
C THR A 97 -9.28 5.85 -5.33
N GLU A 98 -10.53 6.28 -5.35
CA GLU A 98 -10.84 7.67 -5.67
C GLU A 98 -10.63 8.57 -4.46
N HIS A 99 -10.21 7.98 -3.35
CA HIS A 99 -9.97 8.73 -2.12
C HIS A 99 -9.23 10.03 -2.41
N LYS A 100 -8.30 9.98 -3.37
CA LYS A 100 -7.53 11.15 -3.75
C LYS A 100 -7.95 11.65 -5.13
N SER A 101 -7.79 10.80 -6.14
CA SER A 101 -8.14 11.17 -7.51
C SER A 101 -7.77 10.05 -8.48
N ILE A 102 -7.91 10.33 -9.78
CA ILE A 102 -7.59 9.36 -10.80
C ILE A 102 -6.35 9.78 -11.59
N GLU A 103 -5.22 9.17 -11.27
CA GLU A 103 -3.96 9.47 -11.94
C GLU A 103 -3.08 8.23 -12.06
N TRP A 104 -2.79 7.84 -13.29
CA TRP A 104 -1.95 6.67 -13.54
C TRP A 104 -0.69 7.04 -14.30
N LEU A 105 0.46 6.85 -13.66
CA LEU A 105 1.75 7.17 -14.27
C LEU A 105 2.58 5.91 -14.49
N SER A 106 3.55 5.99 -15.38
CA SER A 106 4.42 4.86 -15.69
C SER A 106 5.33 4.54 -14.50
N ILE A 107 6.13 3.49 -14.64
CA ILE A 107 7.04 3.09 -13.58
C ILE A 107 8.22 4.03 -13.47
N ASN A 108 8.46 4.80 -14.53
CA ASN A 108 9.55 5.76 -14.56
C ASN A 108 9.08 7.15 -14.17
N GLU A 109 7.87 7.22 -13.61
CA GLU A 109 7.30 8.49 -13.19
C GLU A 109 6.97 8.48 -11.70
N LEU A 110 6.72 7.28 -11.17
CA LEU A 110 6.39 7.13 -9.76
C LEU A 110 7.36 7.91 -8.88
N ASP A 111 8.62 7.98 -9.32
CA ASP A 111 9.64 8.71 -8.57
C ASP A 111 9.16 10.10 -8.21
N LYS A 112 8.69 10.84 -9.21
CA LYS A 112 8.19 12.20 -9.00
C LYS A 112 6.95 12.20 -8.12
N LEU A 113 6.24 11.08 -8.11
CA LEU A 113 5.03 10.95 -7.30
C LEU A 113 5.37 10.69 -5.83
N ASN A 114 6.32 11.46 -5.31
CA ASN A 114 6.74 11.31 -3.93
C ASN A 114 5.63 10.67 -3.08
N TRP A 115 5.82 9.41 -2.73
CA TRP A 115 4.85 8.68 -1.93
C TRP A 115 5.18 8.79 -0.45
N ALA A 116 4.40 8.08 0.38
CA ALA A 116 4.61 8.10 1.82
C ALA A 116 6.07 7.80 2.16
N PRO A 117 6.46 8.09 3.41
CA PRO A 117 7.83 7.87 3.89
C PRO A 117 8.15 6.39 4.02
N ALA A 118 7.13 5.58 4.27
CA ALA A 118 7.31 4.14 4.42
C ALA A 118 7.19 3.43 3.07
N ASP A 119 6.44 4.02 2.15
CA ASP A 119 6.25 3.45 0.82
C ASP A 119 7.35 3.91 -0.12
N ILE A 120 7.95 5.05 0.17
CA ILE A 120 9.03 5.59 -0.66
C ILE A 120 10.04 4.51 -1.03
N PRO A 121 10.59 3.86 0.01
CA PRO A 121 11.59 2.79 -0.18
C PRO A 121 10.97 1.53 -0.77
N ALA A 122 9.65 1.40 -0.65
CA ALA A 122 8.94 0.24 -1.17
C ALA A 122 8.66 0.40 -2.66
N VAL A 123 8.46 1.64 -3.10
CA VAL A 123 8.19 1.93 -4.50
C VAL A 123 9.46 1.85 -5.34
N ASN A 124 10.57 2.30 -4.76
CA ASN A 124 11.86 2.28 -5.46
C ASN A 124 12.16 0.90 -6.00
N LYS A 125 11.80 -0.13 -5.23
CA LYS A 125 12.03 -1.51 -5.64
C LYS A 125 11.31 -1.82 -6.95
N ILE A 126 10.11 -1.26 -7.11
CA ILE A 126 9.33 -1.48 -8.32
C ILE A 126 10.13 -1.13 -9.57
N MET A 127 10.76 0.05 -9.54
CA MET A 127 11.56 0.50 -10.68
C MET A 127 12.57 -0.57 -11.08
N THR A 128 13.10 -1.30 -10.10
CA THR A 128 14.07 -2.34 -10.36
C THR A 128 13.59 -3.29 -11.45
N GLU A 129 12.27 -3.51 -11.49
CA GLU A 129 11.68 -4.40 -12.48
C GLU A 129 11.96 -3.90 -13.89
N GLY A 130 11.82 -2.59 -14.09
CA GLY A 130 12.06 -2.01 -15.40
C GLY A 130 13.53 -1.93 -15.74
N MET A 1 7.88 -5.55 25.61
CA MET A 1 8.26 -4.64 24.54
C MET A 1 7.28 -3.48 24.41
N LYS A 2 7.47 -2.66 23.40
CA LYS A 2 6.61 -1.51 23.16
C LYS A 2 5.35 -1.92 22.38
N LYS A 3 4.47 -0.95 22.13
CA LYS A 3 3.24 -1.21 21.40
C LYS A 3 3.52 -1.36 19.90
N VAL A 4 3.91 -2.56 19.49
CA VAL A 4 4.21 -2.84 18.09
C VAL A 4 2.94 -2.76 17.24
N ILE A 5 2.89 -1.78 16.36
CA ILE A 5 1.73 -1.61 15.48
C ILE A 5 1.86 -2.45 14.22
N ASN A 6 0.76 -3.07 13.81
CA ASN A 6 0.75 -3.91 12.62
C ASN A 6 -0.15 -3.32 11.54
N VAL A 7 0.43 -2.98 10.41
CA VAL A 7 -0.33 -2.40 9.30
C VAL A 7 0.14 -2.97 7.97
N VAL A 8 -0.73 -2.90 6.96
CA VAL A 8 -0.40 -3.41 5.63
C VAL A 8 -0.97 -2.49 4.54
N GLY A 9 -0.53 -2.72 3.31
CA GLY A 9 -0.99 -1.91 2.20
C GLY A 9 -1.24 -2.73 0.95
N ALA A 10 -1.30 -2.06 -0.20
CA ALA A 10 -1.53 -2.73 -1.47
C ALA A 10 -1.16 -1.84 -2.63
N ILE A 11 -0.43 -2.40 -3.59
CA ILE A 11 -0.01 -1.66 -4.78
C ILE A 11 -0.50 -2.32 -6.06
N ILE A 12 -1.61 -1.82 -6.58
CA ILE A 12 -2.18 -2.37 -7.81
C ILE A 12 -1.42 -1.88 -9.04
N PHE A 13 -1.10 -2.81 -9.93
CA PHE A 13 -0.37 -2.49 -11.15
C PHE A 13 -1.16 -2.87 -12.39
N SER A 14 -1.33 -1.92 -13.30
CA SER A 14 -2.08 -2.16 -14.53
C SER A 14 -1.54 -1.31 -15.67
N ASP A 15 -1.42 -1.91 -16.85
CA ASP A 15 -0.92 -1.21 -18.03
C ASP A 15 0.39 -0.50 -17.72
N ASN A 16 1.21 -1.13 -16.88
CA ASN A 16 2.50 -0.56 -16.49
C ASN A 16 2.31 0.76 -15.77
N LYS A 17 1.29 0.84 -14.92
CA LYS A 17 1.01 2.04 -14.16
C LYS A 17 0.68 1.71 -12.71
N ILE A 18 0.42 2.74 -11.91
CA ILE A 18 0.10 2.56 -10.50
C ILE A 18 -1.08 3.45 -10.10
N LEU A 19 -1.82 3.00 -9.08
CA LEU A 19 -2.96 3.77 -8.59
C LEU A 19 -2.58 4.60 -7.37
N CYS A 20 -3.40 5.60 -7.05
CA CYS A 20 -3.15 6.46 -5.91
C CYS A 20 -4.42 6.75 -5.15
N ALA A 21 -4.33 6.73 -3.82
CA ALA A 21 -5.49 6.99 -2.97
C ALA A 21 -5.11 7.84 -1.77
N GLN A 22 -6.10 8.53 -1.19
CA GLN A 22 -5.86 9.37 -0.03
C GLN A 22 -6.65 8.88 1.18
N ARG A 23 -5.96 8.17 2.07
CA ARG A 23 -6.61 7.64 3.27
C ARG A 23 -6.92 8.76 4.26
N SER A 24 -5.89 9.21 4.98
CA SER A 24 -6.07 10.27 5.95
C SER A 24 -4.73 10.93 6.28
N GLU A 25 -4.78 12.20 6.67
CA GLU A 25 -3.57 12.94 7.01
C GLU A 25 -3.16 12.68 8.45
N LYS A 26 -3.92 11.85 9.14
CA LYS A 26 -3.64 11.52 10.53
C LYS A 26 -2.48 10.52 10.62
N MET A 27 -2.50 9.53 9.74
CA MET A 27 -1.45 8.51 9.72
C MET A 27 -0.29 8.95 8.84
N SER A 28 -0.52 9.01 7.53
CA SER A 28 0.51 9.41 6.58
C SER A 28 0.17 10.74 5.94
N LEU A 29 0.84 11.05 4.83
CA LEU A 29 0.61 12.29 4.12
C LEU A 29 0.01 12.03 2.73
N PRO A 30 -1.23 11.54 2.71
CA PRO A 30 -1.94 11.23 1.46
C PRO A 30 -2.31 12.50 0.68
N LEU A 31 -2.09 13.65 1.29
CA LEU A 31 -2.40 14.93 0.66
C LEU A 31 -1.83 14.98 -0.76
N MET A 32 -0.68 14.36 -0.95
CA MET A 32 -0.03 14.33 -2.26
C MET A 32 -0.06 12.92 -2.85
N TRP A 33 0.29 11.93 -2.04
CA TRP A 33 0.31 10.55 -2.48
C TRP A 33 0.17 9.60 -1.30
N GLU A 34 -0.39 8.42 -1.55
CA GLU A 34 -0.58 7.42 -0.51
C GLU A 34 -1.24 6.16 -1.07
N PHE A 35 -0.89 5.01 -0.50
CA PHE A 35 -1.44 3.74 -0.94
C PHE A 35 -2.50 3.23 0.04
N PRO A 36 -3.43 2.42 -0.47
CA PRO A 36 -4.51 1.85 0.34
C PRO A 36 -4.01 0.81 1.33
N GLY A 37 -4.85 0.47 2.30
CA GLY A 37 -4.46 -0.52 3.30
C GLY A 37 -5.16 -0.30 4.63
N GLY A 38 -4.99 -1.24 5.55
CA GLY A 38 -5.62 -1.14 6.85
C GLY A 38 -4.71 -1.58 7.98
N LYS A 39 -5.21 -2.47 8.83
CA LYS A 39 -4.42 -2.98 9.96
C LYS A 39 -4.46 -4.50 9.99
N VAL A 40 -3.39 -5.10 10.49
CA VAL A 40 -3.30 -6.55 10.60
C VAL A 40 -3.68 -7.03 11.99
N GLU A 41 -4.38 -8.16 12.05
CA GLU A 41 -4.80 -8.73 13.34
C GLU A 41 -3.60 -9.11 14.19
N LYS A 42 -3.85 -9.44 15.45
CA LYS A 42 -2.79 -9.82 16.38
C LYS A 42 -2.37 -11.27 16.15
N ASN A 43 -3.33 -12.11 15.77
CA ASN A 43 -3.06 -13.51 15.51
C ASN A 43 -3.19 -13.84 14.03
N GLU A 44 -2.66 -12.95 13.19
CA GLU A 44 -2.72 -13.14 11.74
C GLU A 44 -1.57 -12.42 11.06
N THR A 45 -0.93 -13.11 10.11
CA THR A 45 0.20 -12.54 9.38
C THR A 45 -0.27 -11.46 8.40
N GLU A 46 0.69 -10.78 7.77
CA GLU A 46 0.36 -9.74 6.81
C GLU A 46 -0.44 -10.30 5.64
N LYS A 47 0.15 -11.25 4.93
CA LYS A 47 -0.52 -11.87 3.78
C LYS A 47 -1.89 -12.39 4.17
N ASP A 48 -1.94 -13.28 5.16
CA ASP A 48 -3.20 -13.86 5.63
C ASP A 48 -4.20 -12.76 5.96
N ALA A 49 -3.68 -11.60 6.38
CA ALA A 49 -4.53 -10.48 6.74
C ALA A 49 -5.01 -9.73 5.49
N LEU A 50 -4.14 -9.67 4.49
CA LEU A 50 -4.47 -8.98 3.24
C LEU A 50 -5.68 -9.62 2.57
N ILE A 51 -5.68 -10.95 2.50
CA ILE A 51 -6.78 -11.68 1.88
C ILE A 51 -8.12 -11.28 2.49
N ARG A 52 -8.07 -10.84 3.76
CA ARG A 52 -9.28 -10.43 4.46
C ARG A 52 -9.66 -8.99 4.09
N GLU A 53 -8.69 -8.10 4.17
CA GLU A 53 -8.93 -6.68 3.86
C GLU A 53 -9.38 -6.53 2.41
N ILE A 54 -8.53 -6.93 1.48
CA ILE A 54 -8.85 -6.83 0.06
C ILE A 54 -10.22 -7.42 -0.24
N ARG A 55 -10.65 -8.35 0.60
CA ARG A 55 -11.96 -8.99 0.43
C ARG A 55 -13.07 -7.96 0.39
N GLU A 56 -13.25 -7.24 1.50
CA GLU A 56 -14.28 -6.22 1.59
C GLU A 56 -13.73 -4.85 1.19
N GLU A 57 -12.54 -4.52 1.70
CA GLU A 57 -11.91 -3.25 1.39
C GLU A 57 -11.90 -2.99 -0.12
N MET A 58 -11.23 -3.88 -0.86
CA MET A 58 -11.13 -3.75 -2.30
C MET A 58 -12.40 -4.27 -2.98
N LYS A 59 -13.11 -5.16 -2.29
CA LYS A 59 -14.34 -5.73 -2.81
C LYS A 59 -14.13 -6.29 -4.22
N CYS A 60 -12.95 -6.90 -4.43
CA CYS A 60 -12.62 -7.47 -5.73
C CYS A 60 -11.77 -8.73 -5.56
N ASP A 61 -11.30 -9.27 -6.68
CA ASP A 61 -10.48 -10.48 -6.65
C ASP A 61 -8.99 -10.12 -6.72
N LEU A 62 -8.65 -8.94 -6.21
CA LEU A 62 -7.26 -8.48 -6.21
C LEU A 62 -6.31 -9.60 -5.77
N ILE A 63 -5.55 -10.12 -6.71
CA ILE A 63 -4.60 -11.19 -6.42
C ILE A 63 -3.29 -10.63 -5.87
N VAL A 64 -2.63 -11.43 -5.04
CA VAL A 64 -1.35 -11.01 -4.44
C VAL A 64 -0.18 -11.69 -5.14
N GLY A 65 0.97 -11.01 -5.11
CA GLY A 65 2.16 -11.56 -5.73
C GLY A 65 3.22 -11.93 -4.72
N ASP A 66 4.19 -11.05 -4.54
CA ASP A 66 5.28 -11.30 -3.59
C ASP A 66 5.57 -10.05 -2.76
N LYS A 67 6.32 -10.23 -1.68
CA LYS A 67 6.67 -9.12 -0.80
C LYS A 67 7.26 -7.95 -1.59
N VAL A 68 6.93 -6.75 -1.19
CA VAL A 68 7.43 -5.54 -1.86
C VAL A 68 8.66 -4.99 -1.14
N ILE A 69 8.47 -4.59 0.11
CA ILE A 69 9.56 -4.04 0.91
C ILE A 69 9.13 -3.84 2.36
N THR A 70 10.06 -4.11 3.28
CA THR A 70 9.78 -3.96 4.70
C THR A 70 10.15 -2.57 5.19
N THR A 71 9.22 -1.94 5.91
CA THR A 71 9.44 -0.61 6.44
C THR A 71 8.97 -0.49 7.89
N GLU A 72 9.81 0.08 8.75
CA GLU A 72 9.47 0.24 10.15
C GLU A 72 9.93 1.60 10.67
N HIS A 73 9.18 2.16 11.62
CA HIS A 73 9.51 3.46 12.19
C HIS A 73 9.34 3.44 13.70
N GLU A 74 10.09 4.29 14.39
CA GLU A 74 10.02 4.37 15.85
C GLU A 74 9.12 5.51 16.29
N TYR A 75 7.91 5.18 16.72
CA TYR A 75 6.95 6.18 17.16
C TYR A 75 7.06 6.41 18.67
N ASP A 76 6.17 7.23 19.20
CA ASP A 76 6.16 7.54 20.63
C ASP A 76 5.39 6.46 21.41
N PHE A 77 4.19 6.15 20.94
CA PHE A 77 3.36 5.14 21.60
C PHE A 77 3.84 3.73 21.26
N GLY A 78 4.56 3.62 20.15
CA GLY A 78 5.07 2.32 19.73
C GLY A 78 5.85 2.40 18.43
N ILE A 79 5.77 1.33 17.64
CA ILE A 79 6.47 1.28 16.35
C ILE A 79 5.53 0.86 15.23
N VAL A 80 5.52 1.63 14.15
CA VAL A 80 4.67 1.33 13.00
C VAL A 80 5.45 0.56 11.93
N ARG A 81 4.86 -0.54 11.47
CA ARG A 81 5.50 -1.36 10.45
C ARG A 81 4.60 -1.48 9.22
N LEU A 82 4.97 -0.78 8.16
CA LEU A 82 4.20 -0.80 6.92
C LEU A 82 4.77 -1.83 5.95
N THR A 83 3.90 -2.64 5.36
CA THR A 83 4.32 -3.66 4.41
C THR A 83 3.42 -3.66 3.18
N THR A 84 4.04 -3.53 2.00
CA THR A 84 3.29 -3.51 0.75
C THR A 84 3.45 -4.84 0.00
N TYR A 85 2.43 -5.18 -0.78
CA TYR A 85 2.46 -6.42 -1.54
C TYR A 85 2.00 -6.18 -2.99
N LYS A 86 2.79 -6.68 -3.94
CA LYS A 86 2.47 -6.53 -5.35
C LYS A 86 1.09 -7.11 -5.67
N CYS A 87 0.20 -6.27 -6.18
CA CYS A 87 -1.15 -6.70 -6.53
C CYS A 87 -1.33 -6.73 -8.04
N THR A 88 -1.98 -7.79 -8.52
CA THR A 88 -2.23 -7.95 -9.95
C THR A 88 -3.54 -7.30 -10.36
N LEU A 89 -3.64 -6.90 -11.63
CA LEU A 89 -4.84 -6.27 -12.14
C LEU A 89 -5.98 -7.29 -12.29
N ASN A 90 -7.17 -6.91 -11.83
CA ASN A 90 -8.32 -7.79 -11.92
C ASN A 90 -9.44 -7.15 -12.74
N LYS A 91 -10.46 -7.94 -13.07
CA LYS A 91 -11.58 -7.45 -13.86
C LYS A 91 -12.15 -6.17 -13.26
N GLU A 92 -12.57 -6.26 -11.99
CA GLU A 92 -13.14 -5.11 -11.30
C GLU A 92 -12.04 -4.18 -10.80
N LEU A 93 -12.24 -2.88 -11.00
CA LEU A 93 -11.27 -1.88 -10.57
C LEU A 93 -11.16 -1.85 -9.05
N PRO A 94 -10.03 -1.31 -8.56
CA PRO A 94 -9.78 -1.21 -7.12
C PRO A 94 -10.69 -0.19 -6.44
N THR A 95 -11.12 -0.50 -5.22
CA THR A 95 -12.00 0.38 -4.47
C THR A 95 -11.20 1.31 -3.56
N LEU A 96 -11.81 2.42 -3.17
CA LEU A 96 -11.15 3.39 -2.29
C LEU A 96 -9.96 4.02 -3.00
N THR A 97 -9.87 3.82 -4.30
CA THR A 97 -8.77 4.38 -5.09
C THR A 97 -9.05 5.83 -5.47
N GLU A 98 -10.34 6.15 -5.61
CA GLU A 98 -10.74 7.51 -5.98
C GLU A 98 -10.71 8.43 -4.77
N HIS A 99 -10.35 7.88 -3.61
CA HIS A 99 -10.28 8.64 -2.38
C HIS A 99 -9.60 9.99 -2.61
N LYS A 100 -8.57 9.99 -3.46
CA LYS A 100 -7.83 11.21 -3.76
C LYS A 100 -8.21 11.73 -5.14
N SER A 101 -7.98 10.92 -6.17
CA SER A 101 -8.30 11.31 -7.53
C SER A 101 -7.91 10.22 -8.52
N ILE A 102 -8.00 10.52 -9.81
CA ILE A 102 -7.66 9.56 -10.84
C ILE A 102 -6.39 9.98 -11.57
N GLU A 103 -5.28 9.34 -11.23
CA GLU A 103 -3.99 9.65 -11.86
C GLU A 103 -3.14 8.39 -12.00
N TRP A 104 -2.83 8.02 -13.23
CA TRP A 104 -2.02 6.85 -13.50
C TRP A 104 -0.71 7.23 -14.19
N LEU A 105 0.41 6.84 -13.59
CA LEU A 105 1.72 7.14 -14.15
C LEU A 105 2.55 5.87 -14.31
N SER A 106 3.57 5.93 -15.16
CA SER A 106 4.44 4.78 -15.39
C SER A 106 5.34 4.53 -14.19
N ILE A 107 6.15 3.48 -14.28
CA ILE A 107 7.06 3.12 -13.19
C ILE A 107 8.23 4.10 -13.12
N ASN A 108 8.42 4.85 -14.19
CA ASN A 108 9.51 5.82 -14.25
C ASN A 108 9.01 7.22 -13.88
N GLU A 109 7.82 7.28 -13.30
CA GLU A 109 7.23 8.55 -12.90
C GLU A 109 6.89 8.55 -11.41
N LEU A 110 6.66 7.36 -10.86
CA LEU A 110 6.33 7.22 -9.45
C LEU A 110 7.28 8.03 -8.58
N ASP A 111 8.52 8.16 -9.03
CA ASP A 111 9.53 8.92 -8.30
C ASP A 111 9.01 10.31 -7.94
N LYS A 112 8.50 11.03 -8.94
CA LYS A 112 7.97 12.37 -8.72
C LYS A 112 6.71 12.32 -7.88
N LEU A 113 6.10 11.14 -7.80
CA LEU A 113 4.88 10.96 -7.02
C LEU A 113 5.20 10.69 -5.55
N ASN A 114 6.14 11.45 -5.01
CA ASN A 114 6.54 11.29 -3.62
C ASN A 114 5.42 10.65 -2.80
N TRP A 115 5.61 9.39 -2.43
CA TRP A 115 4.63 8.65 -1.65
C TRP A 115 4.96 8.71 -0.17
N ALA A 116 4.16 8.03 0.64
CA ALA A 116 4.36 7.99 2.09
C ALA A 116 5.81 7.63 2.42
N PRO A 117 6.21 7.87 3.68
CA PRO A 117 7.55 7.58 4.16
C PRO A 117 7.83 6.08 4.26
N ALA A 118 6.76 5.30 4.41
CA ALA A 118 6.88 3.86 4.51
C ALA A 118 6.80 3.20 3.13
N ASP A 119 6.13 3.86 2.20
CA ASP A 119 5.99 3.33 0.84
C ASP A 119 7.12 3.84 -0.05
N ILE A 120 7.68 4.98 0.32
CA ILE A 120 8.78 5.57 -0.45
C ILE A 120 9.82 4.52 -0.82
N PRO A 121 10.36 3.83 0.21
CA PRO A 121 11.37 2.79 0.01
C PRO A 121 10.80 1.55 -0.65
N ALA A 122 9.48 1.41 -0.62
CA ALA A 122 8.81 0.27 -1.22
C ALA A 122 8.56 0.49 -2.70
N VAL A 123 8.38 1.76 -3.08
CA VAL A 123 8.12 2.10 -4.47
C VAL A 123 9.43 2.20 -5.26
N ASN A 124 10.46 2.76 -4.63
CA ASN A 124 11.76 2.91 -5.26
C ASN A 124 12.31 1.55 -5.69
N LYS A 125 12.14 0.55 -4.83
CA LYS A 125 12.62 -0.79 -5.12
C LYS A 125 11.96 -1.35 -6.37
N ILE A 126 10.69 -0.98 -6.59
CA ILE A 126 9.95 -1.45 -7.75
C ILE A 126 10.63 -1.02 -9.04
N MET A 127 11.10 0.21 -9.08
CA MET A 127 11.78 0.75 -10.26
C MET A 127 12.87 -0.21 -10.73
N THR A 128 13.49 -0.89 -9.78
CA THR A 128 14.57 -1.84 -10.11
C THR A 128 14.13 -2.80 -11.20
N GLU A 129 12.82 -3.11 -11.24
CA GLU A 129 12.29 -4.03 -12.23
C GLU A 129 12.54 -3.51 -13.64
N GLY A 130 12.29 -2.21 -13.84
CA GLY A 130 12.49 -1.61 -15.14
C GLY A 130 13.91 -1.78 -15.65
N MET A 1 8.59 -3.69 22.63
CA MET A 1 8.87 -2.61 23.57
C MET A 1 7.66 -1.71 23.74
N LYS A 2 7.07 -1.30 22.62
CA LYS A 2 5.91 -0.43 22.64
C LYS A 2 4.80 -0.98 21.75
N LYS A 3 3.74 -0.20 21.58
CA LYS A 3 2.61 -0.61 20.75
C LYS A 3 3.06 -0.91 19.33
N VAL A 4 3.28 -2.19 19.04
CA VAL A 4 3.72 -2.61 17.72
C VAL A 4 2.63 -2.40 16.68
N ILE A 5 2.74 -1.32 15.91
CA ILE A 5 1.76 -1.01 14.88
C ILE A 5 2.05 -1.78 13.59
N ASN A 6 1.03 -2.49 13.11
CA ASN A 6 1.17 -3.28 11.89
C ASN A 6 0.23 -2.75 10.80
N VAL A 7 0.81 -2.22 9.74
CA VAL A 7 0.03 -1.68 8.62
C VAL A 7 0.48 -2.28 7.30
N VAL A 8 -0.48 -2.55 6.41
CA VAL A 8 -0.17 -3.13 5.11
C VAL A 8 -0.67 -2.22 3.98
N GLY A 9 0.03 -2.26 2.86
CA GLY A 9 -0.35 -1.44 1.72
C GLY A 9 -0.30 -2.20 0.41
N ALA A 10 -1.41 -2.14 -0.34
CA ALA A 10 -1.48 -2.83 -1.61
C ALA A 10 -1.04 -1.92 -2.76
N ILE A 11 -0.33 -2.49 -3.72
CA ILE A 11 0.15 -1.73 -4.87
C ILE A 11 -0.43 -2.28 -6.17
N ILE A 12 -1.42 -1.59 -6.71
CA ILE A 12 -2.05 -2.01 -7.95
C ILE A 12 -1.13 -1.77 -9.15
N PHE A 13 -1.16 -2.70 -10.10
CA PHE A 13 -0.33 -2.58 -11.30
C PHE A 13 -1.13 -2.91 -12.55
N SER A 14 -1.04 -2.01 -13.54
CA SER A 14 -1.77 -2.20 -14.79
C SER A 14 -1.19 -1.31 -15.88
N ASP A 15 -0.68 -1.94 -16.94
CA ASP A 15 -0.10 -1.21 -18.06
C ASP A 15 1.08 -0.35 -17.59
N ASN A 16 1.82 -0.86 -16.62
CA ASN A 16 2.97 -0.14 -16.08
C ASN A 16 2.53 1.16 -15.41
N LYS A 17 1.42 1.11 -14.69
CA LYS A 17 0.90 2.28 -14.00
C LYS A 17 0.46 1.92 -12.58
N ILE A 18 0.67 2.83 -11.65
CA ILE A 18 0.29 2.62 -10.26
C ILE A 18 -0.88 3.51 -9.86
N LEU A 19 -1.75 2.99 -9.01
CA LEU A 19 -2.92 3.74 -8.55
C LEU A 19 -2.54 4.67 -7.40
N CYS A 20 -3.40 5.66 -7.14
CA CYS A 20 -3.15 6.61 -6.06
C CYS A 20 -4.44 6.91 -5.31
N ALA A 21 -4.44 6.66 -4.00
CA ALA A 21 -5.61 6.91 -3.17
C ALA A 21 -5.21 7.18 -1.72
N GLN A 22 -5.90 8.12 -1.09
CA GLN A 22 -5.62 8.46 0.30
C GLN A 22 -6.88 8.37 1.16
N ARG A 23 -6.74 7.79 2.35
CA ARG A 23 -7.86 7.63 3.26
C ARG A 23 -7.38 7.63 4.71
N SER A 24 -6.26 6.98 4.96
CA SER A 24 -5.70 6.90 6.31
C SER A 24 -4.81 8.11 6.60
N GLU A 25 -5.41 9.14 7.20
CA GLU A 25 -4.67 10.35 7.53
C GLU A 25 -3.64 10.08 8.62
N LYS A 26 -3.74 8.92 9.24
CA LYS A 26 -2.82 8.53 10.30
C LYS A 26 -1.47 8.11 9.72
N MET A 27 -1.48 7.62 8.50
CA MET A 27 -0.26 7.20 7.82
C MET A 27 0.76 8.33 7.76
N SER A 28 1.88 8.08 7.10
CA SER A 28 2.93 9.08 6.97
C SER A 28 2.70 9.96 5.74
N LEU A 29 2.69 11.27 5.95
CA LEU A 29 2.47 12.22 4.87
C LEU A 29 1.43 11.70 3.89
N PRO A 30 0.28 11.29 4.42
CA PRO A 30 -0.82 10.77 3.59
C PRO A 30 -1.48 11.85 2.74
N LEU A 31 -1.41 13.09 3.21
CA LEU A 31 -2.01 14.21 2.50
C LEU A 31 -1.48 14.28 1.07
N MET A 32 -0.16 14.30 0.92
CA MET A 32 0.46 14.35 -0.39
C MET A 32 0.18 13.08 -1.19
N TRP A 33 0.40 11.94 -0.56
CA TRP A 33 0.16 10.65 -1.21
C TRP A 33 0.00 9.54 -0.18
N GLU A 34 -0.69 8.47 -0.57
CA GLU A 34 -0.92 7.34 0.32
C GLU A 34 -1.41 6.13 -0.46
N PHE A 35 -1.44 4.98 0.21
CA PHE A 35 -1.91 3.75 -0.41
C PHE A 35 -3.13 3.20 0.31
N PRO A 36 -3.95 2.42 -0.43
CA PRO A 36 -5.16 1.81 0.13
C PRO A 36 -4.87 0.71 1.14
N GLY A 37 -5.62 0.70 2.24
CA GLY A 37 -5.41 -0.29 3.27
C GLY A 37 -5.80 0.22 4.64
N GLY A 38 -4.94 -0.05 5.63
CA GLY A 38 -5.22 0.37 6.98
C GLY A 38 -4.41 -0.39 8.02
N LYS A 39 -4.86 -0.36 9.27
CA LYS A 39 -4.18 -1.06 10.34
C LYS A 39 -4.60 -2.52 10.41
N VAL A 40 -3.67 -3.38 10.80
CA VAL A 40 -3.95 -4.81 10.90
C VAL A 40 -4.16 -5.23 12.36
N GLU A 41 -5.08 -6.16 12.57
CA GLU A 41 -5.37 -6.65 13.92
C GLU A 41 -4.14 -7.33 14.52
N LYS A 42 -4.33 -7.89 15.71
CA LYS A 42 -3.24 -8.58 16.41
C LYS A 42 -3.10 -10.01 15.90
N ASN A 43 -4.22 -10.63 15.55
CA ASN A 43 -4.23 -12.00 15.05
C ASN A 43 -4.01 -12.03 13.54
N GLU A 44 -4.57 -11.04 12.85
CA GLU A 44 -4.45 -10.95 11.40
C GLU A 44 -3.00 -10.67 11.00
N THR A 45 -2.55 -11.33 9.93
CA THR A 45 -1.20 -11.16 9.43
C THR A 45 -1.13 -10.05 8.39
N GLU A 46 0.10 -9.69 8.00
CA GLU A 46 0.30 -8.65 7.00
C GLU A 46 -0.42 -8.99 5.70
N LYS A 47 -0.20 -10.22 5.22
CA LYS A 47 -0.83 -10.68 3.99
C LYS A 47 -2.30 -11.00 4.21
N ASP A 48 -2.59 -11.74 5.26
CA ASP A 48 -3.96 -12.11 5.58
C ASP A 48 -4.85 -10.88 5.67
N ALA A 49 -4.42 -9.88 6.42
CA ALA A 49 -5.17 -8.65 6.57
C ALA A 49 -5.59 -8.08 5.22
N LEU A 50 -4.75 -8.30 4.21
CA LEU A 50 -5.03 -7.80 2.86
C LEU A 50 -5.94 -8.78 2.12
N ILE A 51 -5.48 -10.01 1.97
CA ILE A 51 -6.26 -11.04 1.27
C ILE A 51 -7.68 -11.11 1.82
N ARG A 52 -7.83 -10.80 3.10
CA ARG A 52 -9.14 -10.83 3.75
C ARG A 52 -9.92 -9.55 3.48
N GLU A 53 -9.28 -8.41 3.78
CA GLU A 53 -9.91 -7.11 3.57
C GLU A 53 -10.28 -6.91 2.11
N ILE A 54 -9.29 -6.92 1.23
CA ILE A 54 -9.52 -6.75 -0.19
C ILE A 54 -10.63 -7.67 -0.69
N ARG A 55 -10.84 -8.77 0.02
CA ARG A 55 -11.87 -9.73 -0.35
C ARG A 55 -13.26 -9.09 -0.28
N GLU A 56 -13.65 -8.65 0.90
CA GLU A 56 -14.96 -8.03 1.08
C GLU A 56 -14.86 -6.51 0.95
N GLU A 57 -13.89 -5.93 1.65
CA GLU A 57 -13.69 -4.48 1.61
C GLU A 57 -13.65 -3.98 0.16
N MET A 58 -12.69 -4.48 -0.61
CA MET A 58 -12.54 -4.09 -2.00
C MET A 58 -13.56 -4.80 -2.88
N LYS A 59 -14.01 -5.97 -2.42
CA LYS A 59 -14.99 -6.75 -3.17
C LYS A 59 -14.46 -7.12 -4.55
N CYS A 60 -13.15 -7.34 -4.64
CA CYS A 60 -12.52 -7.71 -5.90
C CYS A 60 -11.67 -8.96 -5.75
N ASP A 61 -11.15 -9.46 -6.86
CA ASP A 61 -10.32 -10.65 -6.85
C ASP A 61 -8.85 -10.29 -6.96
N LEU A 62 -8.49 -9.11 -6.45
CA LEU A 62 -7.11 -8.65 -6.49
C LEU A 62 -6.15 -9.76 -6.10
N ILE A 63 -5.26 -10.12 -7.04
CA ILE A 63 -4.28 -11.17 -6.79
C ILE A 63 -2.99 -10.59 -6.26
N VAL A 64 -2.34 -11.33 -5.36
CA VAL A 64 -1.08 -10.90 -4.77
C VAL A 64 0.11 -11.53 -5.49
N GLY A 65 1.12 -10.72 -5.77
CA GLY A 65 2.30 -11.21 -6.44
C GLY A 65 3.31 -11.84 -5.50
N ASP A 66 4.13 -11.00 -4.88
CA ASP A 66 5.14 -11.46 -3.94
C ASP A 66 5.56 -10.36 -2.99
N LYS A 67 6.18 -10.74 -1.87
CA LYS A 67 6.63 -9.77 -0.88
C LYS A 67 7.47 -8.68 -1.52
N VAL A 68 7.31 -7.45 -1.04
CA VAL A 68 8.06 -6.32 -1.57
C VAL A 68 9.17 -5.90 -0.62
N ILE A 69 8.78 -5.46 0.58
CA ILE A 69 9.74 -5.02 1.59
C ILE A 69 9.05 -4.64 2.89
N THR A 70 9.80 -4.67 3.98
CA THR A 70 9.25 -4.33 5.29
C THR A 70 10.06 -3.21 5.94
N THR A 71 9.39 -2.09 6.23
CA THR A 71 10.05 -0.94 6.85
C THR A 71 9.54 -0.74 8.27
N GLU A 72 10.43 -0.30 9.16
CA GLU A 72 10.07 -0.06 10.55
C GLU A 72 10.63 1.28 11.03
N HIS A 73 9.90 1.94 11.92
CA HIS A 73 10.32 3.23 12.47
C HIS A 73 10.00 3.32 13.95
N GLU A 74 10.78 4.12 14.67
CA GLU A 74 10.58 4.30 16.11
C GLU A 74 9.60 5.45 16.38
N TYR A 75 8.67 5.21 17.30
CA TYR A 75 7.68 6.23 17.65
C TYR A 75 7.49 6.31 19.16
N ASP A 76 6.76 7.32 19.61
CA ASP A 76 6.50 7.50 21.03
C ASP A 76 5.31 6.65 21.48
N PHE A 77 4.35 6.47 20.58
CA PHE A 77 3.16 5.68 20.90
C PHE A 77 3.41 4.20 20.60
N GLY A 78 4.37 3.93 19.73
CA GLY A 78 4.68 2.56 19.37
C GLY A 78 5.32 2.44 18.00
N ILE A 79 6.31 1.58 17.87
CA ILE A 79 7.00 1.37 16.60
C ILE A 79 6.01 1.06 15.49
N VAL A 80 6.24 1.68 14.32
CA VAL A 80 5.37 1.47 13.16
C VAL A 80 6.05 0.61 12.11
N ARG A 81 5.35 -0.39 11.61
CA ARG A 81 5.88 -1.29 10.60
C ARG A 81 4.94 -1.39 9.40
N LEU A 82 5.35 -0.84 8.28
CA LEU A 82 4.53 -0.87 7.07
C LEU A 82 5.11 -1.85 6.05
N THR A 83 4.24 -2.69 5.49
CA THR A 83 4.65 -3.67 4.50
C THR A 83 3.81 -3.57 3.24
N THR A 84 4.47 -3.67 2.09
CA THR A 84 3.78 -3.59 0.80
C THR A 84 3.85 -4.93 0.06
N TYR A 85 2.80 -5.23 -0.69
CA TYR A 85 2.74 -6.47 -1.45
C TYR A 85 2.28 -6.21 -2.88
N LYS A 86 3.01 -6.77 -3.85
CA LYS A 86 2.68 -6.61 -5.25
C LYS A 86 1.25 -7.07 -5.53
N CYS A 87 0.55 -6.34 -6.40
CA CYS A 87 -0.82 -6.68 -6.75
C CYS A 87 -1.05 -6.55 -8.25
N THR A 88 -1.82 -7.47 -8.82
CA THR A 88 -2.11 -7.45 -10.24
C THR A 88 -3.52 -6.96 -10.51
N LEU A 89 -3.76 -6.48 -11.73
CA LEU A 89 -5.07 -5.98 -12.12
C LEU A 89 -6.04 -7.13 -12.39
N ASN A 90 -7.27 -6.98 -11.91
CA ASN A 90 -8.29 -8.01 -12.11
C ASN A 90 -9.41 -7.49 -13.01
N LYS A 91 -10.42 -8.33 -13.22
CA LYS A 91 -11.56 -7.97 -14.05
C LYS A 91 -12.17 -6.65 -13.59
N GLU A 92 -12.47 -6.56 -12.30
CA GLU A 92 -13.06 -5.35 -11.73
C GLU A 92 -11.97 -4.41 -11.21
N LEU A 93 -12.29 -3.13 -11.14
CA LEU A 93 -11.35 -2.13 -10.66
C LEU A 93 -11.33 -2.08 -9.14
N PRO A 94 -10.24 -1.54 -8.57
CA PRO A 94 -10.08 -1.43 -7.11
C PRO A 94 -11.03 -0.41 -6.50
N THR A 95 -11.44 -0.66 -5.26
CA THR A 95 -12.35 0.23 -4.57
C THR A 95 -11.59 1.31 -3.80
N LEU A 96 -12.27 2.40 -3.47
CA LEU A 96 -11.66 3.49 -2.74
C LEU A 96 -10.44 4.04 -3.48
N THR A 97 -10.38 3.76 -4.78
CA THR A 97 -9.28 4.22 -5.61
C THR A 97 -9.48 5.67 -6.03
N GLU A 98 -10.73 6.06 -6.22
CA GLU A 98 -11.06 7.42 -6.63
C GLU A 98 -11.06 8.36 -5.43
N HIS A 99 -10.78 7.81 -4.25
CA HIS A 99 -10.76 8.60 -3.03
C HIS A 99 -10.01 9.92 -3.25
N LYS A 100 -8.69 9.82 -3.41
CA LYS A 100 -7.86 11.00 -3.63
C LYS A 100 -8.13 11.61 -5.00
N SER A 101 -7.90 10.83 -6.04
CA SER A 101 -8.12 11.29 -7.41
C SER A 101 -7.70 10.23 -8.42
N ILE A 102 -7.75 10.58 -9.70
CA ILE A 102 -7.37 9.65 -10.76
C ILE A 102 -6.06 10.07 -11.41
N GLU A 103 -4.98 9.39 -11.04
CA GLU A 103 -3.66 9.69 -11.59
C GLU A 103 -2.84 8.41 -11.76
N TRP A 104 -2.51 8.10 -13.01
CA TRP A 104 -1.72 6.90 -13.31
C TRP A 104 -0.36 7.27 -13.88
N LEU A 105 0.67 7.18 -13.05
CA LEU A 105 2.03 7.51 -13.49
C LEU A 105 2.79 6.26 -13.90
N SER A 106 3.84 6.43 -14.68
CA SER A 106 4.66 5.32 -15.15
C SER A 106 5.57 4.80 -14.03
N ILE A 107 6.38 3.81 -14.36
CA ILE A 107 7.30 3.23 -13.39
C ILE A 107 8.46 4.18 -13.10
N ASN A 108 8.81 5.01 -14.07
CA ASN A 108 9.89 5.97 -13.91
C ASN A 108 9.35 7.35 -13.59
N GLU A 109 8.08 7.42 -13.25
CA GLU A 109 7.44 8.68 -12.91
C GLU A 109 6.75 8.60 -11.55
N LEU A 110 6.59 7.38 -11.05
CA LEU A 110 5.95 7.18 -9.75
C LEU A 110 6.60 8.03 -8.67
N ASP A 111 7.87 8.36 -8.88
CA ASP A 111 8.61 9.19 -7.92
C ASP A 111 7.86 10.48 -7.63
N LYS A 112 7.13 10.98 -8.62
CA LYS A 112 6.36 12.21 -8.47
C LYS A 112 5.29 12.05 -7.39
N LEU A 113 4.93 10.80 -7.09
CA LEU A 113 3.92 10.52 -6.08
C LEU A 113 4.57 10.33 -4.71
N ASN A 114 5.55 11.17 -4.39
CA ASN A 114 6.25 11.09 -3.12
C ASN A 114 5.36 10.42 -2.06
N TRP A 115 5.68 9.18 -1.73
CA TRP A 115 4.92 8.44 -0.74
C TRP A 115 5.60 8.51 0.63
N ALA A 116 5.07 7.74 1.58
CA ALA A 116 5.62 7.72 2.94
C ALA A 116 7.06 7.20 2.93
N PRO A 117 7.76 7.40 4.06
CA PRO A 117 9.15 6.95 4.21
C PRO A 117 9.26 5.43 4.28
N ALA A 118 8.15 4.77 4.56
CA ALA A 118 8.13 3.32 4.67
C ALA A 118 7.84 2.68 3.32
N ASP A 119 7.08 3.39 2.48
CA ASP A 119 6.72 2.90 1.16
C ASP A 119 7.70 3.42 0.11
N ILE A 120 8.33 4.55 0.39
CA ILE A 120 9.28 5.15 -0.53
C ILE A 120 10.24 4.10 -1.09
N PRO A 121 10.92 3.37 -0.19
CA PRO A 121 11.87 2.33 -0.57
C PRO A 121 11.18 1.12 -1.19
N ALA A 122 9.89 0.95 -0.89
CA ALA A 122 9.12 -0.17 -1.41
C ALA A 122 8.65 0.11 -2.84
N VAL A 123 8.48 1.39 -3.16
CA VAL A 123 8.03 1.79 -4.48
C VAL A 123 9.20 1.88 -5.46
N ASN A 124 10.36 2.31 -4.95
CA ASN A 124 11.55 2.44 -5.77
C ASN A 124 12.06 1.06 -6.22
N LYS A 125 12.07 0.11 -5.30
CA LYS A 125 12.52 -1.24 -5.60
C LYS A 125 11.81 -1.79 -6.83
N ILE A 126 10.58 -1.34 -7.06
CA ILE A 126 9.80 -1.78 -8.21
C ILE A 126 10.45 -1.33 -9.51
N MET A 127 11.01 -0.13 -9.51
CA MET A 127 11.66 0.42 -10.70
C MET A 127 12.67 -0.58 -11.27
N THR A 128 13.29 -1.35 -10.40
CA THR A 128 14.27 -2.35 -10.81
C THR A 128 13.72 -3.23 -11.92
N GLU A 129 12.42 -3.47 -11.90
CA GLU A 129 11.77 -4.30 -12.90
C GLU A 129 11.95 -3.71 -14.29
N GLY A 130 11.78 -2.39 -14.39
CA GLY A 130 11.92 -1.72 -15.67
C GLY A 130 13.38 -1.55 -16.07
N MET A 1 7.68 -3.87 23.06
CA MET A 1 7.77 -2.89 24.13
C MET A 1 6.75 -1.77 23.91
N LYS A 2 6.99 -0.95 22.90
CA LYS A 2 6.11 0.17 22.58
C LYS A 2 4.90 -0.32 21.79
N LYS A 3 4.12 0.62 21.26
CA LYS A 3 2.94 0.30 20.48
C LYS A 3 3.31 -0.07 19.06
N VAL A 4 3.49 -1.37 18.81
CA VAL A 4 3.84 -1.85 17.48
C VAL A 4 2.70 -1.63 16.49
N ILE A 5 2.90 -0.68 15.58
CA ILE A 5 1.90 -0.36 14.57
C ILE A 5 1.99 -1.31 13.39
N ASN A 6 1.09 -2.29 13.33
CA ASN A 6 1.07 -3.26 12.25
C ASN A 6 0.12 -2.82 11.15
N VAL A 7 0.68 -2.33 10.04
CA VAL A 7 -0.12 -1.88 8.91
C VAL A 7 0.26 -2.63 7.63
N VAL A 8 -0.63 -2.60 6.65
CA VAL A 8 -0.38 -3.27 5.38
C VAL A 8 -0.96 -2.47 4.21
N GLY A 9 -0.27 -2.50 3.08
CA GLY A 9 -0.72 -1.78 1.91
C GLY A 9 -0.79 -2.65 0.68
N ALA A 10 -1.16 -2.05 -0.45
CA ALA A 10 -1.27 -2.78 -1.71
C ALA A 10 -0.84 -1.93 -2.89
N ILE A 11 -0.09 -2.52 -3.81
CA ILE A 11 0.37 -1.82 -5.00
C ILE A 11 -0.17 -2.43 -6.27
N ILE A 12 -1.26 -1.88 -6.77
CA ILE A 12 -1.89 -2.37 -7.99
C ILE A 12 -1.17 -1.87 -9.23
N PHE A 13 -0.74 -2.79 -10.09
CA PHE A 13 -0.04 -2.44 -11.32
C PHE A 13 -0.89 -2.73 -12.54
N SER A 14 -1.04 -1.72 -13.40
CA SER A 14 -1.84 -1.86 -14.61
C SER A 14 -1.27 -1.00 -15.74
N ASP A 15 -1.11 -1.62 -16.91
CA ASP A 15 -0.57 -0.91 -18.07
C ASP A 15 0.73 -0.19 -17.71
N ASN A 16 1.52 -0.81 -16.85
CA ASN A 16 2.79 -0.23 -16.43
C ASN A 16 2.57 1.08 -15.68
N LYS A 17 1.54 1.11 -14.85
CA LYS A 17 1.22 2.30 -14.06
C LYS A 17 0.83 1.93 -12.64
N ILE A 18 0.51 2.94 -11.83
CA ILE A 18 0.12 2.71 -10.45
C ILE A 18 -1.11 3.56 -10.09
N LEU A 19 -1.89 3.07 -9.13
CA LEU A 19 -3.08 3.77 -8.69
C LEU A 19 -2.83 4.51 -7.39
N CYS A 20 -3.70 5.46 -7.06
CA CYS A 20 -3.57 6.24 -5.84
C CYS A 20 -4.84 6.13 -5.00
N ALA A 21 -4.67 6.03 -3.68
CA ALA A 21 -5.80 5.93 -2.77
C ALA A 21 -5.45 6.51 -1.40
N GLN A 22 -6.21 7.52 -0.98
CA GLN A 22 -5.98 8.16 0.30
C GLN A 22 -7.25 8.16 1.15
N ARG A 23 -7.37 7.20 2.05
CA ARG A 23 -8.52 7.09 2.92
C ARG A 23 -8.12 7.16 4.38
N SER A 24 -6.94 6.64 4.70
CA SER A 24 -6.44 6.64 6.07
C SER A 24 -5.45 7.79 6.29
N GLU A 25 -5.92 8.83 6.96
CA GLU A 25 -5.07 9.99 7.24
C GLU A 25 -4.08 9.70 8.35
N LYS A 26 -4.15 8.49 8.89
CA LYS A 26 -3.26 8.07 9.97
C LYS A 26 -1.88 7.74 9.42
N MET A 27 -1.83 7.30 8.17
CA MET A 27 -0.56 6.94 7.54
C MET A 27 0.41 8.12 7.56
N SER A 28 1.57 7.94 6.95
CA SER A 28 2.59 8.99 6.92
C SER A 28 2.40 9.88 5.68
N LEU A 29 2.30 11.18 5.91
CA LEU A 29 2.13 12.14 4.83
C LEU A 29 1.15 11.60 3.79
N PRO A 30 -0.01 11.13 4.26
CA PRO A 30 -1.06 10.59 3.39
C PRO A 30 -1.73 11.67 2.54
N LEU A 31 -1.74 12.89 3.06
CA LEU A 31 -2.35 14.01 2.34
C LEU A 31 -1.80 14.12 0.92
N MET A 32 -0.48 14.19 0.81
CA MET A 32 0.18 14.29 -0.50
C MET A 32 -0.05 13.01 -1.31
N TRP A 33 0.21 11.87 -0.70
CA TRP A 33 0.02 10.59 -1.37
C TRP A 33 -0.11 9.46 -0.36
N GLU A 34 -0.80 8.40 -0.76
CA GLU A 34 -1.00 7.25 0.12
C GLU A 34 -1.61 6.07 -0.66
N PHE A 35 -1.49 4.88 -0.08
CA PHE A 35 -2.02 3.68 -0.72
C PHE A 35 -3.24 3.15 0.03
N PRO A 36 -4.05 2.33 -0.65
CA PRO A 36 -5.26 1.75 -0.07
C PRO A 36 -4.95 0.71 1.00
N GLY A 37 -5.90 0.50 1.91
CA GLY A 37 -5.70 -0.47 2.98
C GLY A 37 -6.02 0.10 4.34
N GLY A 38 -5.28 -0.34 5.36
CA GLY A 38 -5.50 0.14 6.71
C GLY A 38 -4.50 -0.42 7.70
N LYS A 39 -4.99 -1.23 8.64
CA LYS A 39 -4.13 -1.84 9.64
C LYS A 39 -4.31 -3.35 9.67
N VAL A 40 -3.57 -4.02 10.55
CA VAL A 40 -3.64 -5.46 10.67
C VAL A 40 -4.07 -5.87 12.08
N GLU A 41 -4.80 -6.98 12.18
CA GLU A 41 -5.26 -7.48 13.46
C GLU A 41 -4.14 -8.20 14.21
N LYS A 42 -4.04 -7.94 15.51
CA LYS A 42 -3.01 -8.56 16.33
C LYS A 42 -3.03 -10.09 16.18
N ASN A 43 -4.22 -10.63 15.92
CA ASN A 43 -4.37 -12.06 15.75
C ASN A 43 -4.55 -12.42 14.28
N GLU A 44 -3.84 -11.71 13.41
CA GLU A 44 -3.92 -11.96 11.97
C GLU A 44 -2.66 -11.45 11.27
N THR A 45 -2.13 -12.27 10.37
CA THR A 45 -0.93 -11.90 9.63
C THR A 45 -1.23 -10.82 8.59
N GLU A 46 -0.17 -10.21 8.06
CA GLU A 46 -0.32 -9.16 7.06
C GLU A 46 -1.01 -9.70 5.81
N LYS A 47 -0.62 -10.91 5.41
CA LYS A 47 -1.20 -11.53 4.22
C LYS A 47 -2.65 -11.92 4.46
N ASP A 48 -2.90 -12.62 5.56
CA ASP A 48 -4.24 -13.05 5.91
C ASP A 48 -5.15 -11.85 6.17
N ALA A 49 -4.56 -10.75 6.62
CA ALA A 49 -5.30 -9.54 6.91
C ALA A 49 -5.68 -8.81 5.62
N LEU A 50 -4.80 -8.88 4.62
CA LEU A 50 -5.04 -8.22 3.35
C LEU A 50 -5.94 -9.07 2.46
N ILE A 51 -5.63 -10.35 2.35
CA ILE A 51 -6.42 -11.26 1.54
C ILE A 51 -7.90 -11.15 1.87
N ARG A 52 -8.19 -10.84 3.13
CA ARG A 52 -9.58 -10.70 3.57
C ARG A 52 -10.13 -9.32 3.22
N GLU A 53 -9.34 -8.28 3.50
CA GLU A 53 -9.76 -6.91 3.22
C GLU A 53 -9.97 -6.71 1.73
N ILE A 54 -9.30 -7.54 0.92
CA ILE A 54 -9.42 -7.45 -0.53
C ILE A 54 -10.78 -7.93 -1.00
N ARG A 55 -11.25 -9.04 -0.44
CA ARG A 55 -12.54 -9.61 -0.80
C ARG A 55 -13.66 -8.96 0.02
N GLU A 56 -13.30 -8.36 1.15
CA GLU A 56 -14.28 -7.71 2.01
C GLU A 56 -14.46 -6.25 1.62
N GLU A 57 -13.37 -5.49 1.66
CA GLU A 57 -13.41 -4.07 1.31
C GLU A 57 -13.40 -3.89 -0.20
N MET A 58 -12.32 -4.31 -0.84
CA MET A 58 -12.19 -4.19 -2.29
C MET A 58 -13.26 -5.01 -3.00
N LYS A 59 -13.68 -6.11 -2.37
CA LYS A 59 -14.71 -6.97 -2.93
C LYS A 59 -14.38 -7.31 -4.39
N CYS A 60 -13.18 -7.83 -4.62
CA CYS A 60 -12.75 -8.19 -5.97
C CYS A 60 -11.83 -9.42 -5.93
N ASP A 61 -11.35 -9.82 -7.09
CA ASP A 61 -10.46 -10.97 -7.20
C ASP A 61 -9.00 -10.54 -7.21
N LEU A 62 -8.73 -9.40 -6.58
CA LEU A 62 -7.37 -8.88 -6.50
C LEU A 62 -6.37 -9.96 -6.12
N ILE A 63 -5.36 -10.16 -6.96
CA ILE A 63 -4.34 -11.17 -6.71
C ILE A 63 -3.05 -10.53 -6.22
N VAL A 64 -2.31 -11.26 -5.38
CA VAL A 64 -1.04 -10.77 -4.85
C VAL A 64 0.11 -11.67 -5.27
N GLY A 65 1.26 -11.06 -5.56
CA GLY A 65 2.43 -11.82 -5.96
C GLY A 65 3.30 -12.21 -4.79
N ASP A 66 4.28 -11.38 -4.47
CA ASP A 66 5.18 -11.64 -3.36
C ASP A 66 5.38 -10.40 -2.50
N LYS A 67 6.30 -10.48 -1.54
CA LYS A 67 6.59 -9.37 -0.66
C LYS A 67 7.44 -8.32 -1.37
N VAL A 68 7.21 -7.06 -1.04
CA VAL A 68 7.97 -5.96 -1.64
C VAL A 68 9.19 -5.61 -0.80
N ILE A 69 8.96 -5.23 0.45
CA ILE A 69 10.05 -4.87 1.35
C ILE A 69 9.53 -4.65 2.77
N THR A 70 10.40 -4.88 3.74
CA THR A 70 10.04 -4.71 5.15
C THR A 70 10.53 -3.36 5.68
N THR A 71 9.59 -2.51 6.07
CA THR A 71 9.92 -1.19 6.60
C THR A 71 9.54 -1.07 8.07
N GLU A 72 10.39 -0.39 8.84
CA GLU A 72 10.14 -0.21 10.26
C GLU A 72 10.65 1.14 10.74
N HIS A 73 9.97 1.72 11.72
CA HIS A 73 10.36 3.01 12.27
C HIS A 73 10.33 3.00 13.79
N GLU A 74 11.41 3.47 14.41
CA GLU A 74 11.50 3.50 15.87
C GLU A 74 10.83 4.76 16.42
N TYR A 75 9.63 4.60 16.95
CA TYR A 75 8.88 5.71 17.51
C TYR A 75 8.57 5.47 18.98
N ASP A 76 8.87 6.47 19.81
CA ASP A 76 8.62 6.37 21.24
C ASP A 76 7.16 6.03 21.53
N PHE A 77 6.27 6.56 20.69
CA PHE A 77 4.84 6.32 20.84
C PHE A 77 4.48 4.91 20.41
N GLY A 78 5.32 4.31 19.57
CA GLY A 78 5.08 2.96 19.11
C GLY A 78 5.79 2.67 17.80
N ILE A 79 6.60 1.62 17.80
CA ILE A 79 7.34 1.23 16.60
C ILE A 79 6.40 0.95 15.44
N VAL A 80 6.62 1.64 14.33
CA VAL A 80 5.79 1.46 13.14
C VAL A 80 6.39 0.41 12.20
N ARG A 81 5.53 -0.44 11.66
CA ARG A 81 5.96 -1.49 10.76
C ARG A 81 5.14 -1.49 9.47
N LEU A 82 5.74 -1.05 8.38
CA LEU A 82 5.06 -1.00 7.10
C LEU A 82 5.36 -2.25 6.27
N THR A 83 4.32 -2.80 5.65
CA THR A 83 4.46 -3.99 4.83
C THR A 83 3.72 -3.85 3.50
N THR A 84 4.43 -4.06 2.41
CA THR A 84 3.84 -3.94 1.07
C THR A 84 3.82 -5.30 0.37
N TYR A 85 2.95 -5.42 -0.63
CA TYR A 85 2.84 -6.67 -1.39
C TYR A 85 2.47 -6.38 -2.83
N LYS A 86 3.25 -6.93 -3.76
CA LYS A 86 3.00 -6.73 -5.18
C LYS A 86 1.63 -7.27 -5.57
N CYS A 87 0.93 -6.52 -6.41
CA CYS A 87 -0.40 -6.92 -6.87
C CYS A 87 -0.50 -6.87 -8.39
N THR A 88 -1.22 -7.83 -8.96
CA THR A 88 -1.38 -7.89 -10.41
C THR A 88 -2.74 -7.36 -10.83
N LEU A 89 -2.86 -6.94 -12.09
CA LEU A 89 -4.11 -6.41 -12.61
C LEU A 89 -5.21 -7.46 -12.56
N ASN A 90 -6.45 -7.01 -12.44
CA ASN A 90 -7.59 -7.91 -12.38
C ASN A 90 -8.76 -7.37 -13.22
N LYS A 91 -9.67 -8.26 -13.58
CA LYS A 91 -10.83 -7.87 -14.38
C LYS A 91 -11.56 -6.70 -13.75
N GLU A 92 -11.90 -6.84 -12.47
CA GLU A 92 -12.61 -5.78 -11.75
C GLU A 92 -11.62 -4.81 -11.11
N LEU A 93 -11.79 -3.53 -11.40
CA LEU A 93 -10.92 -2.49 -10.86
C LEU A 93 -10.99 -2.46 -9.33
N PRO A 94 -9.97 -1.87 -8.70
CA PRO A 94 -9.90 -1.76 -7.24
C PRO A 94 -10.94 -0.79 -6.68
N THR A 95 -11.21 -0.91 -5.38
CA THR A 95 -12.18 -0.04 -4.72
C THR A 95 -11.50 1.10 -4.01
N LEU A 96 -12.25 2.16 -3.73
CA LEU A 96 -11.71 3.33 -3.04
C LEU A 96 -10.51 3.89 -3.78
N THR A 97 -10.40 3.57 -5.07
CA THR A 97 -9.30 4.04 -5.90
C THR A 97 -9.56 5.46 -6.40
N GLU A 98 -10.83 5.77 -6.66
CA GLU A 98 -11.21 7.09 -7.14
C GLU A 98 -11.32 8.08 -5.98
N HIS A 99 -11.06 7.60 -4.78
CA HIS A 99 -11.13 8.44 -3.58
C HIS A 99 -10.47 9.79 -3.83
N LYS A 100 -9.14 9.77 -3.95
CA LYS A 100 -8.38 10.99 -4.18
C LYS A 100 -8.66 11.55 -5.58
N SER A 101 -8.36 10.76 -6.60
CA SER A 101 -8.59 11.16 -7.98
C SER A 101 -8.07 10.11 -8.95
N ILE A 102 -8.20 10.39 -10.24
CA ILE A 102 -7.74 9.47 -11.27
C ILE A 102 -6.38 9.89 -11.83
N GLU A 103 -5.33 9.22 -11.38
CA GLU A 103 -3.98 9.53 -11.83
C GLU A 103 -3.16 8.25 -12.02
N TRP A 104 -2.74 8.00 -13.25
CA TRP A 104 -1.95 6.82 -13.57
C TRP A 104 -0.56 7.20 -14.05
N LEU A 105 0.43 7.07 -13.17
CA LEU A 105 1.81 7.39 -13.51
C LEU A 105 2.62 6.14 -13.79
N SER A 106 3.67 6.27 -14.60
CA SER A 106 4.52 5.14 -14.94
C SER A 106 5.47 4.82 -13.80
N ILE A 107 6.23 3.74 -13.95
CA ILE A 107 7.18 3.32 -12.93
C ILE A 107 8.39 4.24 -12.88
N ASN A 108 8.59 5.00 -13.96
CA ASN A 108 9.71 5.93 -14.05
C ASN A 108 9.27 7.35 -13.66
N GLU A 109 8.00 7.49 -13.34
CA GLU A 109 7.46 8.79 -12.95
C GLU A 109 6.75 8.71 -11.60
N LEU A 110 6.65 7.49 -11.07
CA LEU A 110 6.01 7.28 -9.77
C LEU A 110 6.62 8.17 -8.70
N ASP A 111 7.86 8.57 -8.91
CA ASP A 111 8.56 9.43 -7.95
C ASP A 111 7.75 10.69 -7.66
N LYS A 112 7.01 11.15 -8.67
CA LYS A 112 6.19 12.35 -8.52
C LYS A 112 5.13 12.15 -7.45
N LEU A 113 4.81 10.88 -7.15
CA LEU A 113 3.81 10.56 -6.15
C LEU A 113 4.45 10.41 -4.77
N ASN A 114 5.40 11.28 -4.46
CA ASN A 114 6.09 11.25 -3.18
C ASN A 114 5.24 10.55 -2.12
N TRP A 115 5.61 9.32 -1.78
CA TRP A 115 4.88 8.55 -0.79
C TRP A 115 5.55 8.66 0.59
N ALA A 116 4.94 8.03 1.59
CA ALA A 116 5.48 8.05 2.94
C ALA A 116 6.94 7.61 2.95
N PRO A 117 7.62 7.88 4.08
CA PRO A 117 9.03 7.52 4.25
C PRO A 117 9.25 6.01 4.34
N ALA A 118 8.18 5.28 4.65
CA ALA A 118 8.23 3.83 4.76
C ALA A 118 7.98 3.15 3.42
N ASP A 119 7.16 3.80 2.59
CA ASP A 119 6.82 3.27 1.27
C ASP A 119 7.78 3.81 0.21
N ILE A 120 8.37 4.96 0.48
CA ILE A 120 9.30 5.58 -0.46
C ILE A 120 10.30 4.56 -1.00
N PRO A 121 10.99 3.87 -0.09
CA PRO A 121 11.98 2.86 -0.44
C PRO A 121 11.35 1.61 -1.03
N ALA A 122 10.07 1.39 -0.72
CA ALA A 122 9.34 0.23 -1.22
C ALA A 122 8.87 0.45 -2.65
N VAL A 123 8.70 1.72 -3.02
CA VAL A 123 8.26 2.07 -4.37
C VAL A 123 9.44 2.12 -5.34
N ASN A 124 10.60 2.54 -4.83
CA ASN A 124 11.80 2.63 -5.66
C ASN A 124 12.23 1.26 -6.15
N LYS A 125 12.10 0.25 -5.30
CA LYS A 125 12.46 -1.11 -5.67
C LYS A 125 11.80 -1.53 -6.97
N ILE A 126 10.61 -0.99 -7.22
CA ILE A 126 9.88 -1.30 -8.45
C ILE A 126 10.64 -0.85 -9.68
N MET A 127 11.22 0.35 -9.61
CA MET A 127 11.98 0.90 -10.73
C MET A 127 13.03 -0.09 -11.21
N THR A 128 13.59 -0.85 -10.27
CA THR A 128 14.61 -1.83 -10.60
C THR A 128 14.15 -2.76 -11.72
N GLU A 129 12.85 -3.05 -11.73
CA GLU A 129 12.28 -3.92 -12.75
C GLU A 129 12.49 -3.34 -14.15
N GLY A 130 12.19 -2.04 -14.29
CA GLY A 130 12.35 -1.39 -15.58
C GLY A 130 11.25 -1.75 -16.55
N MET A 1 7.42 -4.91 24.33
CA MET A 1 7.70 -3.70 23.57
C MET A 1 6.53 -2.72 23.67
N LYS A 2 6.63 -1.61 22.95
CA LYS A 2 5.58 -0.59 22.94
C LYS A 2 4.42 -1.02 22.04
N LYS A 3 3.47 -0.10 21.84
CA LYS A 3 2.32 -0.37 20.99
C LYS A 3 2.74 -0.60 19.54
N VAL A 4 3.00 -1.85 19.20
CA VAL A 4 3.41 -2.20 17.84
C VAL A 4 2.28 -1.96 16.84
N ILE A 5 2.43 -0.92 16.03
CA ILE A 5 1.43 -0.58 15.03
C ILE A 5 1.59 -1.43 13.77
N ASN A 6 0.74 -2.44 13.64
CA ASN A 6 0.80 -3.33 12.47
C ASN A 6 -0.09 -2.80 11.34
N VAL A 7 0.53 -2.40 10.25
CA VAL A 7 -0.20 -1.88 9.10
C VAL A 7 0.33 -2.47 7.80
N VAL A 8 -0.50 -2.46 6.77
CA VAL A 8 -0.12 -3.00 5.46
C VAL A 8 -0.74 -2.19 4.33
N GLY A 9 -0.22 -2.37 3.13
CA GLY A 9 -0.73 -1.65 1.97
C GLY A 9 -0.79 -2.51 0.73
N ALA A 10 -1.40 -1.98 -0.33
CA ALA A 10 -1.53 -2.71 -1.58
C ALA A 10 -1.11 -1.84 -2.76
N ILE A 11 -0.41 -2.45 -3.72
CA ILE A 11 0.05 -1.74 -4.90
C ILE A 11 -0.55 -2.32 -6.17
N ILE A 12 -1.65 -1.73 -6.64
CA ILE A 12 -2.32 -2.20 -7.84
C ILE A 12 -1.63 -1.66 -9.09
N PHE A 13 -1.16 -2.58 -9.93
CA PHE A 13 -0.47 -2.21 -11.17
C PHE A 13 -1.39 -2.40 -12.37
N SER A 14 -1.52 -1.35 -13.18
CA SER A 14 -2.36 -1.40 -14.37
C SER A 14 -1.72 -0.65 -15.53
N ASP A 15 -1.51 -1.36 -16.64
CA ASP A 15 -0.90 -0.76 -17.82
C ASP A 15 0.48 -0.20 -17.49
N ASN A 16 1.19 -0.88 -16.61
CA ASN A 16 2.53 -0.44 -16.21
C ASN A 16 2.47 0.89 -15.48
N LYS A 17 1.40 1.10 -14.70
CA LYS A 17 1.23 2.33 -13.95
C LYS A 17 0.88 2.03 -12.49
N ILE A 18 0.69 3.08 -11.71
CA ILE A 18 0.35 2.94 -10.29
C ILE A 18 -0.88 3.75 -9.93
N LEU A 19 -1.64 3.27 -8.96
CA LEU A 19 -2.85 3.95 -8.52
C LEU A 19 -2.56 4.84 -7.32
N CYS A 20 -3.46 5.79 -7.06
CA CYS A 20 -3.31 6.70 -5.93
C CYS A 20 -4.53 6.65 -5.02
N ALA A 21 -4.28 6.70 -3.71
CA ALA A 21 -5.36 6.66 -2.73
C ALA A 21 -5.02 7.53 -1.52
N GLN A 22 -6.05 8.16 -0.96
CA GLN A 22 -5.86 9.02 0.22
C GLN A 22 -6.72 8.55 1.38
N ARG A 23 -6.12 7.77 2.28
CA ARG A 23 -6.84 7.26 3.44
C ARG A 23 -7.01 8.34 4.50
N SER A 24 -5.96 8.60 5.26
CA SER A 24 -6.00 9.60 6.31
C SER A 24 -4.58 10.05 6.70
N GLU A 25 -4.49 11.25 7.26
CA GLU A 25 -3.19 11.79 7.67
C GLU A 25 -2.81 11.29 9.07
N LYS A 26 -3.66 10.43 9.63
CA LYS A 26 -3.41 9.87 10.96
C LYS A 26 -2.35 8.79 10.90
N MET A 27 -2.44 7.93 9.90
CA MET A 27 -1.48 6.84 9.73
C MET A 27 -0.28 7.30 8.91
N SER A 28 -0.53 7.67 7.66
CA SER A 28 0.54 8.12 6.77
C SER A 28 0.29 9.55 6.30
N LEU A 29 0.95 9.94 5.23
CA LEU A 29 0.80 11.28 4.68
C LEU A 29 0.20 11.24 3.27
N PRO A 30 -1.05 10.76 3.18
CA PRO A 30 -1.77 10.65 1.91
C PRO A 30 -2.13 12.02 1.34
N LEU A 31 -1.81 13.08 2.08
CA LEU A 31 -2.11 14.44 1.64
C LEU A 31 -1.67 14.65 0.20
N MET A 32 -0.58 13.99 -0.19
CA MET A 32 -0.06 14.10 -1.55
C MET A 32 -0.20 12.78 -2.31
N TRP A 33 0.22 11.69 -1.65
CA TRP A 33 0.14 10.37 -2.26
C TRP A 33 0.08 9.28 -1.19
N GLU A 34 -0.46 8.13 -1.56
CA GLU A 34 -0.58 7.01 -0.63
C GLU A 34 -1.10 5.77 -1.34
N PHE A 35 -1.31 4.70 -0.58
CA PHE A 35 -1.81 3.45 -1.13
C PHE A 35 -3.01 2.93 -0.35
N PRO A 36 -3.82 2.09 -1.00
CA PRO A 36 -5.03 1.52 -0.38
C PRO A 36 -4.69 0.50 0.70
N GLY A 37 -5.66 0.23 1.57
CA GLY A 37 -5.44 -0.73 2.64
C GLY A 37 -5.95 -0.22 3.98
N GLY A 38 -5.33 -0.69 5.06
CA GLY A 38 -5.73 -0.26 6.39
C GLY A 38 -4.78 -0.74 7.46
N LYS A 39 -5.30 -1.46 8.45
CA LYS A 39 -4.48 -1.97 9.54
C LYS A 39 -4.58 -3.49 9.63
N VAL A 40 -3.67 -4.10 10.38
CA VAL A 40 -3.66 -5.55 10.55
C VAL A 40 -3.59 -5.92 12.03
N GLU A 41 -4.25 -7.02 12.39
CA GLU A 41 -4.26 -7.49 13.77
C GLU A 41 -2.96 -8.20 14.11
N LYS A 42 -2.47 -7.98 15.32
CA LYS A 42 -1.23 -8.62 15.77
C LYS A 42 -1.27 -10.12 15.55
N ASN A 43 -2.46 -10.69 15.61
CA ASN A 43 -2.65 -12.13 15.41
C ASN A 43 -2.63 -12.47 13.92
N GLU A 44 -3.23 -11.61 13.12
CA GLU A 44 -3.29 -11.81 11.68
C GLU A 44 -2.00 -11.38 11.00
N THR A 45 -1.60 -12.11 9.97
CA THR A 45 -0.37 -11.79 9.23
C THR A 45 -0.60 -10.67 8.23
N GLU A 46 0.50 -10.08 7.76
CA GLU A 46 0.41 -8.98 6.79
C GLU A 46 -0.45 -9.37 5.60
N LYS A 47 -0.07 -10.45 4.92
CA LYS A 47 -0.80 -10.94 3.76
C LYS A 47 -2.09 -11.63 4.18
N ASP A 48 -1.99 -12.50 5.16
CA ASP A 48 -3.14 -13.23 5.67
C ASP A 48 -4.29 -12.27 6.00
N ALA A 49 -3.93 -11.06 6.40
CA ALA A 49 -4.92 -10.05 6.76
C ALA A 49 -5.41 -9.30 5.52
N LEU A 50 -4.51 -9.11 4.56
CA LEU A 50 -4.86 -8.41 3.33
C LEU A 50 -5.84 -9.23 2.49
N ILE A 51 -5.60 -10.53 2.42
CA ILE A 51 -6.46 -11.43 1.65
C ILE A 51 -7.92 -11.23 2.04
N ARG A 52 -8.16 -10.86 3.29
CA ARG A 52 -9.52 -10.64 3.77
C ARG A 52 -10.01 -9.24 3.41
N GLU A 53 -9.21 -8.23 3.73
CA GLU A 53 -9.56 -6.84 3.44
C GLU A 53 -9.91 -6.67 1.96
N ILE A 54 -8.94 -6.97 1.10
CA ILE A 54 -9.14 -6.85 -0.34
C ILE A 54 -10.33 -7.69 -0.80
N ARG A 55 -10.71 -8.67 0.01
CA ARG A 55 -11.83 -9.54 -0.32
C ARG A 55 -13.15 -8.87 0.04
N GLU A 56 -13.21 -8.28 1.23
CA GLU A 56 -14.42 -7.61 1.69
C GLU A 56 -14.39 -6.12 1.34
N GLU A 57 -13.40 -5.41 1.88
CA GLU A 57 -13.25 -3.99 1.63
C GLU A 57 -13.29 -3.69 0.13
N MET A 58 -12.31 -4.22 -0.59
CA MET A 58 -12.24 -4.01 -2.03
C MET A 58 -13.38 -4.73 -2.75
N LYS A 59 -13.82 -5.85 -2.17
CA LYS A 59 -14.91 -6.63 -2.75
C LYS A 59 -14.54 -7.14 -4.14
N CYS A 60 -13.25 -7.39 -4.35
CA CYS A 60 -12.76 -7.89 -5.64
C CYS A 60 -11.96 -9.17 -5.45
N ASP A 61 -11.35 -9.64 -6.54
CA ASP A 61 -10.56 -10.87 -6.50
C ASP A 61 -9.08 -10.56 -6.68
N LEU A 62 -8.67 -9.37 -6.25
CA LEU A 62 -7.28 -8.95 -6.36
C LEU A 62 -6.34 -10.05 -5.89
N ILE A 63 -5.35 -10.39 -6.72
CA ILE A 63 -4.39 -11.41 -6.38
C ILE A 63 -3.02 -10.81 -6.06
N VAL A 64 -2.30 -11.45 -5.14
CA VAL A 64 -0.98 -10.98 -4.74
C VAL A 64 0.12 -11.73 -5.48
N GLY A 65 1.24 -11.05 -5.70
CA GLY A 65 2.35 -11.66 -6.40
C GLY A 65 3.45 -12.11 -5.46
N ASP A 66 4.20 -11.15 -4.93
CA ASP A 66 5.29 -11.44 -4.01
C ASP A 66 5.48 -10.31 -3.02
N LYS A 67 6.23 -10.58 -1.95
CA LYS A 67 6.50 -9.57 -0.92
C LYS A 67 7.30 -8.42 -1.50
N VAL A 68 6.94 -7.19 -1.10
CA VAL A 68 7.62 -6.00 -1.57
C VAL A 68 8.76 -5.62 -0.65
N ILE A 69 8.43 -5.30 0.60
CA ILE A 69 9.43 -4.93 1.59
C ILE A 69 8.80 -4.71 2.96
N THR A 70 9.63 -4.76 3.99
CA THR A 70 9.15 -4.58 5.36
C THR A 70 9.69 -3.29 5.96
N THR A 71 8.91 -2.22 5.86
CA THR A 71 9.32 -0.92 6.39
C THR A 71 8.80 -0.73 7.81
N GLU A 72 9.59 -0.05 8.63
CA GLU A 72 9.23 0.20 10.02
C GLU A 72 9.73 1.57 10.48
N HIS A 73 8.96 2.20 11.37
CA HIS A 73 9.32 3.52 11.88
C HIS A 73 9.02 3.62 13.38
N GLU A 74 10.05 3.91 14.16
CA GLU A 74 9.90 4.03 15.61
C GLU A 74 9.14 5.31 15.97
N TYR A 75 8.14 5.16 16.82
CA TYR A 75 7.32 6.30 17.25
C TYR A 75 7.39 6.47 18.77
N ASP A 76 6.74 7.53 19.26
CA ASP A 76 6.72 7.81 20.69
C ASP A 76 5.61 7.02 21.38
N PHE A 77 4.62 6.61 20.60
CA PHE A 77 3.49 5.85 21.14
C PHE A 77 3.45 4.43 20.56
N GLY A 78 4.64 3.88 20.30
CA GLY A 78 4.72 2.54 19.75
C GLY A 78 5.28 2.54 18.33
N ILE A 79 6.20 1.62 18.06
CA ILE A 79 6.81 1.51 16.75
C ILE A 79 5.77 1.11 15.69
N VAL A 80 5.99 1.56 14.46
CA VAL A 80 5.09 1.25 13.36
C VAL A 80 5.76 0.34 12.34
N ARG A 81 5.00 -0.62 11.81
CA ARG A 81 5.52 -1.56 10.83
C ARG A 81 4.59 -1.65 9.62
N LEU A 82 4.99 -1.02 8.53
CA LEU A 82 4.20 -1.02 7.31
C LEU A 82 4.86 -1.87 6.22
N THR A 83 4.05 -2.65 5.51
CA THR A 83 4.58 -3.51 4.45
C THR A 83 3.71 -3.40 3.20
N THR A 84 4.29 -3.74 2.06
CA THR A 84 3.57 -3.69 0.79
C THR A 84 3.55 -5.06 0.10
N TYR A 85 2.64 -5.23 -0.84
CA TYR A 85 2.52 -6.49 -1.57
C TYR A 85 2.09 -6.25 -3.01
N LYS A 86 2.82 -6.84 -3.95
CA LYS A 86 2.52 -6.70 -5.37
C LYS A 86 1.12 -7.22 -5.68
N CYS A 87 0.34 -6.42 -6.39
CA CYS A 87 -1.02 -6.80 -6.76
C CYS A 87 -1.20 -6.76 -8.27
N THR A 88 -1.89 -7.78 -8.80
CA THR A 88 -2.13 -7.86 -10.24
C THR A 88 -3.49 -7.30 -10.60
N LEU A 89 -3.59 -6.70 -11.77
CA LEU A 89 -4.85 -6.11 -12.24
C LEU A 89 -5.86 -7.20 -12.57
N ASN A 90 -6.90 -7.30 -11.76
CA ASN A 90 -7.95 -8.30 -11.97
C ASN A 90 -9.07 -7.74 -12.84
N LYS A 91 -10.12 -8.54 -13.04
CA LYS A 91 -11.25 -8.13 -13.85
C LYS A 91 -11.80 -6.79 -13.37
N GLU A 92 -12.23 -6.74 -12.10
CA GLU A 92 -12.78 -5.52 -11.53
C GLU A 92 -11.67 -4.58 -11.08
N LEU A 93 -12.01 -3.32 -10.89
CA LEU A 93 -11.04 -2.32 -10.45
C LEU A 93 -10.99 -2.22 -8.93
N PRO A 94 -9.90 -1.68 -8.39
CA PRO A 94 -9.70 -1.50 -6.95
C PRO A 94 -10.64 -0.45 -6.36
N THR A 95 -11.40 -0.85 -5.35
CA THR A 95 -12.33 0.06 -4.71
C THR A 95 -11.61 1.03 -3.77
N LEU A 96 -12.26 2.13 -3.45
CA LEU A 96 -11.68 3.14 -2.57
C LEU A 96 -10.42 3.73 -3.19
N THR A 97 -10.25 3.53 -4.49
CA THR A 97 -9.08 4.05 -5.21
C THR A 97 -9.26 5.52 -5.55
N GLU A 98 -10.51 5.95 -5.72
CA GLU A 98 -10.80 7.33 -6.05
C GLU A 98 -10.77 8.21 -4.80
N HIS A 99 -10.49 7.59 -3.66
CA HIS A 99 -10.42 8.30 -2.39
C HIS A 99 -9.70 9.64 -2.56
N LYS A 100 -8.64 9.63 -3.36
CA LYS A 100 -7.85 10.84 -3.61
C LYS A 100 -8.19 11.43 -4.97
N SER A 101 -7.98 10.67 -6.03
CA SER A 101 -8.27 11.12 -7.38
C SER A 101 -7.82 10.09 -8.41
N ILE A 102 -7.89 10.47 -9.69
CA ILE A 102 -7.48 9.58 -10.77
C ILE A 102 -6.18 10.05 -11.42
N GLU A 103 -5.09 9.37 -11.07
CA GLU A 103 -3.78 9.72 -11.62
C GLU A 103 -2.92 8.47 -11.80
N TRP A 104 -2.53 8.20 -13.04
CA TRP A 104 -1.71 7.04 -13.34
C TRP A 104 -0.35 7.46 -13.92
N LEU A 105 0.71 7.10 -13.22
CA LEU A 105 2.06 7.46 -13.66
C LEU A 105 2.87 6.20 -13.98
N SER A 106 3.93 6.36 -14.76
CA SER A 106 4.78 5.24 -15.14
C SER A 106 5.75 4.90 -14.02
N ILE A 107 6.44 3.77 -14.17
CA ILE A 107 7.41 3.32 -13.17
C ILE A 107 8.67 4.17 -13.21
N ASN A 108 8.92 4.80 -14.35
CA ASN A 108 10.11 5.64 -14.51
C ASN A 108 9.82 7.07 -14.06
N GLU A 109 8.61 7.30 -13.56
CA GLU A 109 8.22 8.62 -13.09
C GLU A 109 7.41 8.52 -11.80
N LEU A 110 7.36 7.32 -11.24
CA LEU A 110 6.62 7.09 -10.00
C LEU A 110 7.13 8.00 -8.89
N ASP A 111 8.40 8.38 -8.98
CA ASP A 111 9.01 9.24 -7.97
C ASP A 111 8.20 10.53 -7.81
N LYS A 112 7.53 10.95 -8.88
CA LYS A 112 6.72 12.16 -8.85
C LYS A 112 5.57 12.02 -7.86
N LEU A 113 5.21 10.78 -7.55
CA LEU A 113 4.12 10.51 -6.61
C LEU A 113 4.66 10.31 -5.19
N ASN A 114 5.64 11.14 -4.81
CA ASN A 114 6.24 11.04 -3.49
C ASN A 114 5.29 10.38 -2.50
N TRP A 115 5.59 9.15 -2.13
CA TRP A 115 4.76 8.41 -1.19
C TRP A 115 5.31 8.52 0.23
N ALA A 116 4.55 8.00 1.19
CA ALA A 116 4.96 8.04 2.59
C ALA A 116 6.37 7.49 2.77
N PRO A 117 6.93 7.69 3.96
CA PRO A 117 8.28 7.20 4.29
C PRO A 117 8.35 5.68 4.40
N ALA A 118 7.19 5.06 4.51
CA ALA A 118 7.12 3.61 4.62
C ALA A 118 7.02 2.96 3.24
N ASP A 119 6.35 3.63 2.32
CA ASP A 119 6.18 3.12 0.95
C ASP A 119 7.32 3.59 0.06
N ILE A 120 7.93 4.71 0.43
CA ILE A 120 9.03 5.27 -0.34
C ILE A 120 10.05 4.19 -0.71
N PRO A 121 10.56 3.49 0.30
CA PRO A 121 11.54 2.41 0.10
C PRO A 121 10.93 1.19 -0.58
N ALA A 122 9.61 1.09 -0.53
CA ALA A 122 8.90 -0.03 -1.14
C ALA A 122 8.66 0.22 -2.63
N VAL A 123 8.53 1.48 -3.00
CA VAL A 123 8.29 1.85 -4.39
C VAL A 123 9.60 1.84 -5.18
N ASN A 124 10.68 2.28 -4.55
CA ASN A 124 11.99 2.32 -5.19
C ASN A 124 12.32 0.97 -5.82
N LYS A 125 11.99 -0.11 -5.12
CA LYS A 125 12.26 -1.45 -5.60
C LYS A 125 11.60 -1.68 -6.97
N ILE A 126 10.39 -1.17 -7.12
CA ILE A 126 9.65 -1.32 -8.37
C ILE A 126 10.50 -0.88 -9.56
N MET A 127 11.09 0.30 -9.46
CA MET A 127 11.94 0.83 -10.53
C MET A 127 13.00 -0.19 -10.94
N THR A 128 13.50 -0.94 -9.96
CA THR A 128 14.51 -1.95 -10.21
C THR A 128 14.08 -2.89 -11.34
N GLU A 129 12.78 -3.17 -11.40
CA GLU A 129 12.24 -4.06 -12.42
C GLU A 129 12.51 -3.52 -13.82
N GLY A 130 12.39 -2.19 -13.96
CA GLY A 130 12.62 -1.57 -15.25
C GLY A 130 14.07 -1.16 -15.45
N MET A 1 10.91 -0.90 25.80
CA MET A 1 10.46 -0.41 24.49
C MET A 1 8.95 -0.15 24.50
N LYS A 2 8.45 0.34 23.37
CA LYS A 2 7.02 0.64 23.25
C LYS A 2 6.29 -0.50 22.55
N LYS A 3 4.99 -0.30 22.32
CA LYS A 3 4.17 -1.31 21.65
C LYS A 3 4.72 -1.62 20.26
N VAL A 4 4.06 -2.54 19.57
CA VAL A 4 4.48 -2.93 18.22
C VAL A 4 3.29 -2.88 17.25
N ILE A 5 3.15 -1.76 16.57
CA ILE A 5 2.06 -1.59 15.60
C ILE A 5 2.42 -2.20 14.26
N ASN A 6 1.41 -2.68 13.55
CA ASN A 6 1.62 -3.29 12.24
C ASN A 6 0.50 -2.91 11.27
N VAL A 7 0.89 -2.55 10.06
CA VAL A 7 -0.08 -2.15 9.03
C VAL A 7 0.27 -2.76 7.68
N VAL A 8 -0.71 -2.77 6.77
CA VAL A 8 -0.49 -3.31 5.44
C VAL A 8 -1.14 -2.43 4.37
N GLY A 9 -0.59 -2.47 3.16
CA GLY A 9 -1.12 -1.67 2.08
C GLY A 9 -1.39 -2.49 0.83
N ALA A 10 -1.39 -1.83 -0.32
CA ALA A 10 -1.64 -2.50 -1.59
C ALA A 10 -1.21 -1.64 -2.77
N ILE A 11 -0.47 -2.25 -3.70
CA ILE A 11 0.01 -1.54 -4.88
C ILE A 11 -0.60 -2.11 -6.15
N ILE A 12 -1.70 -1.50 -6.61
CA ILE A 12 -2.37 -1.95 -7.82
C ILE A 12 -1.70 -1.38 -9.06
N PHE A 13 -1.19 -2.26 -9.92
CA PHE A 13 -0.53 -1.85 -11.14
C PHE A 13 -1.46 -2.00 -12.34
N SER A 14 -1.60 -0.92 -13.11
CA SER A 14 -2.46 -0.94 -14.29
C SER A 14 -1.79 -0.23 -15.46
N ASP A 15 -1.58 -0.98 -16.55
CA ASP A 15 -0.94 -0.42 -17.74
C ASP A 15 0.44 0.11 -17.42
N ASN A 16 1.15 -0.58 -16.53
CA ASN A 16 2.49 -0.18 -16.14
C ASN A 16 2.47 1.15 -15.40
N LYS A 17 1.48 1.33 -14.53
CA LYS A 17 1.33 2.55 -13.76
C LYS A 17 0.84 2.25 -12.34
N ILE A 18 0.94 3.24 -11.47
CA ILE A 18 0.50 3.08 -10.09
C ILE A 18 -0.76 3.89 -9.81
N LEU A 19 -1.56 3.42 -8.86
CA LEU A 19 -2.80 4.10 -8.50
C LEU A 19 -2.63 4.90 -7.21
N CYS A 20 -3.54 5.83 -6.97
CA CYS A 20 -3.49 6.66 -5.77
C CYS A 20 -4.81 6.60 -5.01
N ALA A 21 -4.72 6.54 -3.68
CA ALA A 21 -5.90 6.48 -2.84
C ALA A 21 -5.67 7.20 -1.51
N GLN A 22 -6.43 8.26 -1.28
CA GLN A 22 -6.30 9.03 -0.05
C GLN A 22 -7.24 8.49 1.03
N ARG A 23 -6.71 7.65 1.91
CA ARG A 23 -7.50 7.07 2.98
C ARG A 23 -7.88 8.12 4.01
N SER A 24 -6.87 8.76 4.60
CA SER A 24 -7.11 9.79 5.61
C SER A 24 -5.81 10.45 6.02
N GLU A 25 -5.87 11.32 7.04
CA GLU A 25 -4.69 12.01 7.52
C GLU A 25 -3.93 11.15 8.53
N LYS A 26 -4.40 9.93 8.73
CA LYS A 26 -3.76 9.01 9.66
C LYS A 26 -2.47 8.44 9.06
N MET A 27 -2.52 8.08 7.78
CA MET A 27 -1.36 7.54 7.10
C MET A 27 -0.19 8.53 7.14
N SER A 28 0.92 8.15 6.52
CA SER A 28 2.10 9.00 6.48
C SER A 28 2.07 9.92 5.26
N LEU A 29 2.24 11.21 5.50
CA LEU A 29 2.24 12.20 4.42
C LEU A 29 1.16 11.87 3.39
N PRO A 30 -0.07 11.65 3.87
CA PRO A 30 -1.21 11.33 3.01
C PRO A 30 -1.64 12.51 2.16
N LEU A 31 -1.18 13.70 2.52
CA LEU A 31 -1.52 14.92 1.78
C LEU A 31 -0.94 14.88 0.38
N MET A 32 0.36 14.65 0.28
CA MET A 32 1.03 14.59 -1.01
C MET A 32 0.65 13.32 -1.77
N TRP A 33 0.75 12.18 -1.09
CA TRP A 33 0.41 10.89 -1.69
C TRP A 33 0.15 9.84 -0.62
N GLU A 34 -0.63 8.82 -0.99
CA GLU A 34 -0.95 7.75 -0.05
C GLU A 34 -1.27 6.46 -0.80
N PHE A 35 -1.66 5.43 -0.05
CA PHE A 35 -2.01 4.14 -0.63
C PHE A 35 -3.23 3.54 0.04
N PRO A 36 -3.87 2.58 -0.65
CA PRO A 36 -5.07 1.90 -0.12
C PRO A 36 -4.75 0.98 1.05
N GLY A 37 -5.79 0.47 1.69
CA GLY A 37 -5.59 -0.43 2.83
C GLY A 37 -5.79 0.27 4.16
N GLY A 38 -5.15 -0.23 5.20
CA GLY A 38 -5.28 0.36 6.51
C GLY A 38 -4.24 -0.17 7.49
N LYS A 39 -4.66 -1.06 8.37
CA LYS A 39 -3.77 -1.65 9.36
C LYS A 39 -4.02 -3.14 9.51
N VAL A 40 -3.18 -3.81 10.30
CA VAL A 40 -3.31 -5.24 10.53
C VAL A 40 -3.83 -5.53 11.94
N GLU A 41 -4.57 -6.62 12.08
CA GLU A 41 -5.13 -7.01 13.37
C GLU A 41 -4.02 -7.45 14.32
N LYS A 42 -4.40 -7.80 15.54
CA LYS A 42 -3.43 -8.25 16.55
C LYS A 42 -3.00 -9.69 16.28
N ASN A 43 -3.94 -10.51 15.85
CA ASN A 43 -3.65 -11.92 15.55
C ASN A 43 -3.91 -12.23 14.08
N GLU A 44 -3.32 -11.42 13.19
CA GLU A 44 -3.48 -11.60 11.77
C GLU A 44 -2.18 -11.30 11.02
N THR A 45 -1.83 -12.19 10.09
CA THR A 45 -0.61 -12.02 9.31
C THR A 45 -0.77 -10.93 8.25
N GLU A 46 0.32 -10.61 7.58
CA GLU A 46 0.30 -9.58 6.55
C GLU A 46 -0.59 -10.00 5.38
N LYS A 47 -0.26 -11.14 4.77
CA LYS A 47 -1.02 -11.66 3.64
C LYS A 47 -2.43 -12.07 4.08
N ASP A 48 -2.54 -12.56 5.31
CA ASP A 48 -3.83 -12.99 5.85
C ASP A 48 -4.72 -11.78 6.13
N ALA A 49 -4.10 -10.65 6.46
CA ALA A 49 -4.85 -9.43 6.75
C ALA A 49 -5.23 -8.71 5.46
N LEU A 50 -4.38 -8.81 4.44
CA LEU A 50 -4.64 -8.18 3.16
C LEU A 50 -5.60 -9.02 2.32
N ILE A 51 -5.34 -10.32 2.26
CA ILE A 51 -6.16 -11.23 1.49
C ILE A 51 -7.64 -11.05 1.84
N ARG A 52 -7.91 -10.73 3.10
CA ARG A 52 -9.28 -10.54 3.57
C ARG A 52 -9.76 -9.12 3.23
N GLU A 53 -8.97 -8.13 3.60
CA GLU A 53 -9.33 -6.74 3.34
C GLU A 53 -9.67 -6.52 1.86
N ILE A 54 -8.99 -7.27 1.01
CA ILE A 54 -9.22 -7.16 -0.43
C ILE A 54 -10.53 -7.84 -0.83
N ARG A 55 -10.92 -8.86 -0.07
CA ARG A 55 -12.16 -9.58 -0.34
C ARG A 55 -13.35 -8.88 0.29
N GLU A 56 -13.11 -8.17 1.39
CA GLU A 56 -14.16 -7.46 2.09
C GLU A 56 -14.26 -6.02 1.61
N GLU A 57 -13.18 -5.26 1.79
CA GLU A 57 -13.13 -3.87 1.38
C GLU A 57 -13.21 -3.74 -0.14
N MET A 58 -12.19 -4.26 -0.82
CA MET A 58 -12.16 -4.21 -2.27
C MET A 58 -13.27 -5.06 -2.89
N LYS A 59 -13.49 -6.24 -2.31
CA LYS A 59 -14.53 -7.14 -2.80
C LYS A 59 -14.29 -7.52 -4.25
N CYS A 60 -13.02 -7.63 -4.63
CA CYS A 60 -12.66 -7.98 -6.00
C CYS A 60 -11.78 -9.24 -6.02
N ASP A 61 -11.28 -9.58 -7.20
CA ASP A 61 -10.43 -10.76 -7.36
C ASP A 61 -8.96 -10.36 -7.43
N LEU A 62 -8.62 -9.26 -6.78
CA LEU A 62 -7.24 -8.78 -6.77
C LEU A 62 -6.27 -9.90 -6.46
N ILE A 63 -5.29 -10.10 -7.34
CA ILE A 63 -4.30 -11.15 -7.17
C ILE A 63 -3.00 -10.58 -6.63
N VAL A 64 -2.58 -11.08 -5.46
CA VAL A 64 -1.35 -10.62 -4.83
C VAL A 64 -0.17 -11.51 -5.22
N GLY A 65 1.00 -10.90 -5.38
CA GLY A 65 2.19 -11.66 -5.75
C GLY A 65 3.02 -12.06 -4.54
N ASP A 66 4.12 -11.37 -4.33
CA ASP A 66 5.01 -11.66 -3.21
C ASP A 66 5.32 -10.40 -2.43
N LYS A 67 5.82 -10.57 -1.21
CA LYS A 67 6.17 -9.44 -0.35
C LYS A 67 7.07 -8.44 -1.10
N VAL A 68 6.79 -7.16 -0.93
CA VAL A 68 7.57 -6.11 -1.58
C VAL A 68 8.79 -5.75 -0.75
N ILE A 69 8.56 -5.36 0.50
CA ILE A 69 9.65 -4.99 1.39
C ILE A 69 9.13 -4.70 2.80
N THR A 70 10.00 -4.88 3.79
CA THR A 70 9.63 -4.64 5.18
C THR A 70 10.14 -3.30 5.66
N THR A 71 9.33 -2.59 6.44
CA THR A 71 9.70 -1.29 6.97
C THR A 71 9.22 -1.11 8.41
N GLU A 72 10.01 -0.40 9.20
CA GLU A 72 9.66 -0.16 10.60
C GLU A 72 10.14 1.21 11.06
N HIS A 73 9.38 1.84 11.95
CA HIS A 73 9.73 3.16 12.47
C HIS A 73 9.50 3.24 13.97
N GLU A 74 10.26 4.09 14.64
CA GLU A 74 10.13 4.26 16.09
C GLU A 74 9.00 5.23 16.42
N TYR A 75 8.24 4.89 17.46
CA TYR A 75 7.12 5.73 17.89
C TYR A 75 6.97 5.71 19.41
N ASP A 76 6.17 6.62 19.93
CA ASP A 76 5.92 6.69 21.37
C ASP A 76 4.84 5.71 21.80
N PHE A 77 3.89 5.47 20.91
CA PHE A 77 2.79 4.54 21.19
C PHE A 77 3.18 3.11 20.83
N GLY A 78 4.16 2.97 19.95
CA GLY A 78 4.61 1.65 19.54
C GLY A 78 5.23 1.66 18.15
N ILE A 79 6.33 0.94 17.99
CA ILE A 79 7.03 0.86 16.71
C ILE A 79 6.07 0.43 15.60
N VAL A 80 5.92 1.28 14.59
CA VAL A 80 5.03 0.99 13.47
C VAL A 80 5.78 0.25 12.36
N ARG A 81 5.16 -0.79 11.83
CA ARG A 81 5.77 -1.58 10.77
C ARG A 81 4.91 -1.53 9.50
N LEU A 82 5.49 -1.05 8.41
CA LEU A 82 4.79 -0.97 7.14
C LEU A 82 5.07 -2.19 6.26
N THR A 83 4.03 -2.73 5.66
CA THR A 83 4.17 -3.90 4.80
C THR A 83 3.40 -3.71 3.49
N THR A 84 4.06 -3.97 2.37
CA THR A 84 3.44 -3.84 1.06
C THR A 84 3.49 -5.16 0.29
N TYR A 85 2.55 -5.32 -0.64
CA TYR A 85 2.49 -6.53 -1.44
C TYR A 85 2.04 -6.22 -2.87
N LYS A 86 2.74 -6.78 -3.84
CA LYS A 86 2.42 -6.56 -5.25
C LYS A 86 1.01 -7.06 -5.56
N CYS A 87 0.23 -6.21 -6.23
CA CYS A 87 -1.14 -6.57 -6.59
C CYS A 87 -1.36 -6.40 -8.09
N THR A 88 -2.03 -7.39 -8.69
CA THR A 88 -2.30 -7.36 -10.12
C THR A 88 -3.70 -6.81 -10.41
N LEU A 89 -3.88 -6.25 -11.60
CA LEU A 89 -5.17 -5.69 -11.99
C LEU A 89 -6.03 -6.74 -12.68
N ASN A 90 -7.16 -7.07 -12.07
CA ASN A 90 -8.07 -8.05 -12.62
C ASN A 90 -9.21 -7.37 -13.38
N LYS A 91 -10.15 -8.17 -13.87
CA LYS A 91 -11.29 -7.65 -14.62
C LYS A 91 -11.99 -6.54 -13.84
N GLU A 92 -12.12 -6.74 -12.54
CA GLU A 92 -12.77 -5.74 -11.69
C GLU A 92 -11.74 -4.81 -11.06
N LEU A 93 -11.88 -3.52 -11.35
CA LEU A 93 -10.96 -2.51 -10.82
C LEU A 93 -11.00 -2.50 -9.29
N PRO A 94 -9.94 -1.93 -8.67
CA PRO A 94 -9.83 -1.84 -7.22
C PRO A 94 -10.84 -0.86 -6.62
N THR A 95 -11.11 -1.01 -5.34
CA THR A 95 -12.05 -0.14 -4.64
C THR A 95 -11.32 0.94 -3.85
N LEU A 96 -12.05 2.01 -3.53
CA LEU A 96 -11.46 3.12 -2.77
C LEU A 96 -10.30 3.75 -3.52
N THR A 97 -10.23 3.48 -4.83
CA THR A 97 -9.17 4.03 -5.67
C THR A 97 -9.47 5.47 -6.05
N GLU A 98 -10.75 5.78 -6.23
CA GLU A 98 -11.16 7.12 -6.61
C GLU A 98 -11.21 8.04 -5.40
N HIS A 99 -10.89 7.49 -4.23
CA HIS A 99 -10.90 8.25 -2.99
C HIS A 99 -10.23 9.61 -3.19
N LYS A 100 -9.17 9.63 -3.98
CA LYS A 100 -8.45 10.87 -4.26
C LYS A 100 -8.75 11.38 -5.66
N SER A 101 -8.42 10.57 -6.66
CA SER A 101 -8.66 10.95 -8.06
C SER A 101 -8.10 9.89 -9.00
N ILE A 102 -8.11 10.20 -10.29
CA ILE A 102 -7.60 9.28 -11.30
C ILE A 102 -6.29 9.77 -11.90
N GLU A 103 -5.18 9.21 -11.43
CA GLU A 103 -3.86 9.60 -11.91
C GLU A 103 -2.95 8.39 -12.05
N TRP A 104 -2.52 8.10 -13.28
CA TRP A 104 -1.65 6.97 -13.54
C TRP A 104 -0.29 7.44 -14.04
N LEU A 105 0.76 7.13 -13.28
CA LEU A 105 2.11 7.51 -13.65
C LEU A 105 2.96 6.29 -13.98
N SER A 106 3.88 6.45 -14.92
CA SER A 106 4.75 5.36 -15.33
C SER A 106 5.69 4.97 -14.19
N ILE A 107 6.37 3.83 -14.37
CA ILE A 107 7.30 3.35 -13.36
C ILE A 107 8.58 4.17 -13.34
N ASN A 108 8.83 4.90 -14.43
CA ASN A 108 10.02 5.73 -14.54
C ASN A 108 9.72 7.17 -14.10
N GLU A 109 8.49 7.39 -13.65
CA GLU A 109 8.07 8.72 -13.20
C GLU A 109 7.38 8.63 -11.84
N LEU A 110 7.26 7.41 -11.32
CA LEU A 110 6.61 7.19 -10.02
C LEU A 110 7.28 8.03 -8.94
N ASP A 111 8.55 8.37 -9.15
CA ASP A 111 9.29 9.16 -8.18
C ASP A 111 8.59 10.48 -7.91
N LYS A 112 7.84 10.97 -8.91
CA LYS A 112 7.12 12.22 -8.78
C LYS A 112 5.94 12.08 -7.82
N LEU A 113 5.65 10.84 -7.44
CA LEU A 113 4.56 10.57 -6.51
C LEU A 113 5.07 10.39 -5.09
N ASN A 114 6.06 11.20 -4.71
CA ASN A 114 6.64 11.14 -3.37
C ASN A 114 5.66 10.50 -2.39
N TRP A 115 5.91 9.24 -2.04
CA TRP A 115 5.06 8.52 -1.11
C TRP A 115 5.62 8.58 0.30
N ALA A 116 4.91 7.97 1.25
CA ALA A 116 5.35 7.96 2.64
C ALA A 116 6.80 7.49 2.76
N PRO A 117 7.39 7.70 3.94
CA PRO A 117 8.78 7.32 4.21
C PRO A 117 8.96 5.81 4.28
N ALA A 118 7.86 5.10 4.51
CA ALA A 118 7.89 3.64 4.60
C ALA A 118 7.67 3.01 3.23
N ASP A 119 6.90 3.69 2.38
CA ASP A 119 6.62 3.20 1.04
C ASP A 119 7.65 3.69 0.03
N ILE A 120 8.27 4.82 0.35
CA ILE A 120 9.28 5.40 -0.53
C ILE A 120 10.26 4.33 -1.01
N PRO A 121 10.89 3.62 -0.06
CA PRO A 121 11.86 2.57 -0.37
C PRO A 121 11.20 1.34 -0.99
N ALA A 122 9.89 1.21 -0.77
CA ALA A 122 9.15 0.08 -1.32
C ALA A 122 8.76 0.32 -2.78
N VAL A 123 8.67 1.60 -3.15
CA VAL A 123 8.30 1.96 -4.51
C VAL A 123 9.52 1.92 -5.43
N ASN A 124 10.67 2.28 -4.89
CA ASN A 124 11.91 2.28 -5.66
C ASN A 124 12.20 0.90 -6.24
N LYS A 125 12.01 -0.13 -5.41
CA LYS A 125 12.25 -1.50 -5.84
C LYS A 125 11.50 -1.80 -7.14
N ILE A 126 10.36 -1.16 -7.32
CA ILE A 126 9.55 -1.36 -8.53
C ILE A 126 10.33 -0.98 -9.78
N MET A 127 11.02 0.16 -9.72
CA MET A 127 11.80 0.64 -10.84
C MET A 127 12.79 -0.44 -11.32
N THR A 128 13.32 -1.20 -10.37
CA THR A 128 14.27 -2.27 -10.69
C THR A 128 13.72 -3.19 -11.77
N GLU A 129 12.41 -3.39 -11.76
CA GLU A 129 11.76 -4.25 -12.75
C GLU A 129 11.98 -3.73 -14.15
N GLY A 130 11.91 -2.40 -14.30
CA GLY A 130 12.10 -1.79 -15.60
C GLY A 130 11.10 -2.29 -16.64
N MET A 1 6.05 -2.85 26.78
CA MET A 1 6.67 -2.55 25.49
C MET A 1 5.89 -1.48 24.74
N LYS A 2 6.33 -1.17 23.53
CA LYS A 2 5.67 -0.17 22.70
C LYS A 2 4.48 -0.76 21.96
N LYS A 3 3.58 0.10 21.50
CA LYS A 3 2.41 -0.35 20.76
C LYS A 3 2.76 -0.67 19.32
N VAL A 4 3.00 -1.95 19.04
CA VAL A 4 3.35 -2.39 17.70
C VAL A 4 2.16 -2.27 16.76
N ILE A 5 2.16 -1.23 15.93
CA ILE A 5 1.08 -1.01 14.98
C ILE A 5 1.29 -1.82 13.71
N ASN A 6 0.46 -2.85 13.52
CA ASN A 6 0.55 -3.70 12.34
C ASN A 6 -0.32 -3.17 11.22
N VAL A 7 0.31 -2.81 10.11
CA VAL A 7 -0.42 -2.29 8.95
C VAL A 7 0.16 -2.82 7.65
N VAL A 8 -0.69 -2.96 6.64
CA VAL A 8 -0.25 -3.46 5.33
C VAL A 8 -0.81 -2.59 4.21
N GLY A 9 -0.23 -2.75 3.02
CA GLY A 9 -0.69 -1.98 1.87
C GLY A 9 -0.89 -2.84 0.64
N ALA A 10 -0.92 -2.21 -0.53
CA ALA A 10 -1.10 -2.92 -1.79
C ALA A 10 -0.71 -2.05 -2.97
N ILE A 11 -0.04 -2.66 -3.96
CA ILE A 11 0.38 -1.94 -5.14
C ILE A 11 -0.21 -2.55 -6.41
N ILE A 12 -1.32 -1.97 -6.87
CA ILE A 12 -1.99 -2.46 -8.07
C ILE A 12 -1.21 -2.08 -9.32
N PHE A 13 -1.05 -3.03 -10.24
CA PHE A 13 -0.34 -2.79 -11.48
C PHE A 13 -1.20 -3.17 -12.69
N SER A 14 -1.33 -2.24 -13.62
CA SER A 14 -2.14 -2.46 -14.83
C SER A 14 -1.74 -1.48 -15.92
N ASP A 15 -1.52 -2.01 -17.12
CA ASP A 15 -1.13 -1.18 -18.26
C ASP A 15 0.06 -0.30 -17.93
N ASN A 16 0.94 -0.81 -17.07
CA ASN A 16 2.13 -0.06 -16.66
C ASN A 16 1.74 1.22 -15.93
N LYS A 17 0.67 1.15 -15.13
CA LYS A 17 0.21 2.30 -14.38
C LYS A 17 0.03 1.94 -12.90
N ILE A 18 -0.12 2.97 -12.07
CA ILE A 18 -0.29 2.77 -10.63
C ILE A 18 -1.40 3.67 -10.09
N LEU A 19 -2.09 3.18 -9.07
CA LEU A 19 -3.18 3.93 -8.45
C LEU A 19 -2.66 4.73 -7.24
N CYS A 20 -3.46 5.70 -6.81
CA CYS A 20 -3.08 6.53 -5.67
C CYS A 20 -4.29 6.79 -4.78
N ALA A 21 -4.09 6.66 -3.47
CA ALA A 21 -5.16 6.88 -2.51
C ALA A 21 -4.61 7.30 -1.15
N GLN A 22 -5.23 8.31 -0.55
CA GLN A 22 -4.78 8.81 0.75
C GLN A 22 -5.71 8.30 1.86
N ARG A 23 -5.10 7.66 2.86
CA ARG A 23 -5.86 7.13 3.99
C ARG A 23 -4.96 6.89 5.19
N SER A 24 -4.34 7.96 5.67
CA SER A 24 -3.43 7.88 6.82
C SER A 24 -2.89 9.25 7.19
N GLU A 25 -3.71 10.29 7.00
CA GLU A 25 -3.30 11.64 7.31
C GLU A 25 -2.90 11.78 8.77
N LYS A 26 -3.43 10.89 9.60
CA LYS A 26 -3.13 10.90 11.03
C LYS A 26 -1.77 10.28 11.30
N MET A 27 -1.37 9.32 10.47
CA MET A 27 -0.10 8.65 10.62
C MET A 27 0.96 9.29 9.73
N SER A 28 0.93 8.94 8.44
CA SER A 28 1.88 9.48 7.48
C SER A 28 1.32 10.71 6.78
N LEU A 29 1.92 11.06 5.64
CA LEU A 29 1.48 12.22 4.87
C LEU A 29 0.96 11.80 3.51
N PRO A 30 -0.14 11.03 3.50
CA PRO A 30 -0.76 10.54 2.26
C PRO A 30 -1.41 11.67 1.46
N LEU A 31 -1.44 12.86 2.05
CA LEU A 31 -2.03 14.02 1.38
C LEU A 31 -1.43 14.22 0.00
N MET A 32 -0.18 13.82 -0.17
CA MET A 32 0.51 13.95 -1.45
C MET A 32 0.46 12.64 -2.23
N TRP A 33 0.79 11.55 -1.56
CA TRP A 33 0.78 10.23 -2.20
C TRP A 33 0.67 9.12 -1.15
N GLU A 34 0.00 8.04 -1.53
CA GLU A 34 -0.18 6.91 -0.62
C GLU A 34 -0.95 5.78 -1.30
N PHE A 35 -0.73 4.56 -0.84
CA PHE A 35 -1.40 3.39 -1.41
C PHE A 35 -2.52 2.91 -0.50
N PRO A 36 -3.49 2.19 -1.10
CA PRO A 36 -4.64 1.66 -0.35
C PRO A 36 -4.25 0.54 0.60
N GLY A 37 -5.07 0.32 1.62
CA GLY A 37 -4.80 -0.72 2.59
C GLY A 37 -5.55 -0.52 3.89
N GLY A 38 -5.21 -1.33 4.90
CA GLY A 38 -5.87 -1.21 6.19
C GLY A 38 -4.96 -1.57 7.34
N LYS A 39 -5.49 -2.28 8.32
CA LYS A 39 -4.71 -2.68 9.50
C LYS A 39 -4.62 -4.21 9.57
N VAL A 40 -3.80 -4.69 10.51
CA VAL A 40 -3.62 -6.12 10.70
C VAL A 40 -3.79 -6.51 12.16
N GLU A 41 -4.24 -7.74 12.40
CA GLU A 41 -4.45 -8.23 13.75
C GLU A 41 -3.17 -8.83 14.31
N LYS A 42 -3.03 -8.78 15.63
CA LYS A 42 -1.85 -9.33 16.30
C LYS A 42 -1.66 -10.80 15.96
N ASN A 43 -2.76 -11.49 15.71
CA ASN A 43 -2.73 -12.90 15.38
C ASN A 43 -2.69 -13.11 13.88
N GLU A 44 -3.38 -12.22 13.15
CA GLU A 44 -3.42 -12.31 11.69
C GLU A 44 -2.14 -11.75 11.08
N THR A 45 -1.60 -12.48 10.10
CA THR A 45 -0.37 -12.06 9.43
C THR A 45 -0.63 -10.90 8.49
N GLU A 46 0.39 -10.53 7.72
CA GLU A 46 0.26 -9.42 6.77
C GLU A 46 -0.42 -9.88 5.48
N LYS A 47 -0.17 -11.13 5.09
CA LYS A 47 -0.76 -11.70 3.89
C LYS A 47 -2.22 -12.07 4.13
N ASP A 48 -2.44 -13.00 5.05
CA ASP A 48 -3.79 -13.46 5.38
C ASP A 48 -4.71 -12.27 5.67
N ALA A 49 -4.11 -11.17 6.14
CA ALA A 49 -4.88 -9.97 6.46
C ALA A 49 -5.36 -9.28 5.20
N LEU A 50 -4.53 -9.31 4.16
CA LEU A 50 -4.87 -8.68 2.89
C LEU A 50 -5.86 -9.54 2.11
N ILE A 51 -5.55 -10.83 1.99
CA ILE A 51 -6.41 -11.75 1.26
C ILE A 51 -7.80 -11.80 1.88
N ARG A 52 -7.88 -11.61 3.18
CA ARG A 52 -9.15 -11.64 3.90
C ARG A 52 -9.85 -10.27 3.80
N GLU A 53 -9.13 -9.22 4.17
CA GLU A 53 -9.69 -7.88 4.13
C GLU A 53 -10.09 -7.50 2.71
N ILE A 54 -9.11 -7.51 1.80
CA ILE A 54 -9.36 -7.17 0.40
C ILE A 54 -10.57 -7.92 -0.13
N ARG A 55 -10.88 -9.06 0.48
CA ARG A 55 -12.02 -9.87 0.06
C ARG A 55 -13.32 -9.09 0.21
N GLU A 56 -13.66 -8.74 1.45
CA GLU A 56 -14.88 -8.00 1.72
C GLU A 56 -14.62 -6.50 1.72
N GLU A 57 -13.55 -6.10 2.41
CA GLU A 57 -13.18 -4.69 2.49
C GLU A 57 -13.21 -4.03 1.12
N MET A 58 -12.37 -4.54 0.21
CA MET A 58 -12.31 -4.00 -1.15
C MET A 58 -13.43 -4.56 -2.01
N LYS A 59 -13.90 -5.75 -1.66
CA LYS A 59 -14.99 -6.40 -2.40
C LYS A 59 -14.54 -6.73 -3.82
N CYS A 60 -13.26 -7.06 -3.97
CA CYS A 60 -12.71 -7.40 -5.29
C CYS A 60 -11.86 -8.66 -5.20
N ASP A 61 -11.48 -9.19 -6.35
CA ASP A 61 -10.67 -10.40 -6.42
C ASP A 61 -9.18 -10.05 -6.50
N LEU A 62 -8.81 -8.92 -5.92
CA LEU A 62 -7.43 -8.48 -5.93
C LEU A 62 -6.48 -9.64 -5.68
N ILE A 63 -5.43 -9.73 -6.49
CA ILE A 63 -4.45 -10.80 -6.36
C ILE A 63 -3.09 -10.25 -5.90
N VAL A 64 -2.38 -11.04 -5.12
CA VAL A 64 -1.06 -10.64 -4.62
C VAL A 64 0.02 -11.60 -5.07
N GLY A 65 1.21 -11.07 -5.35
CA GLY A 65 2.31 -11.89 -5.79
C GLY A 65 3.26 -12.25 -4.67
N ASP A 66 4.33 -11.48 -4.54
CA ASP A 66 5.32 -11.72 -3.49
C ASP A 66 5.50 -10.49 -2.62
N LYS A 67 6.38 -10.60 -1.62
CA LYS A 67 6.65 -9.48 -0.72
C LYS A 67 7.56 -8.45 -1.37
N VAL A 68 7.23 -7.18 -1.20
CA VAL A 68 8.01 -6.09 -1.76
C VAL A 68 9.13 -5.66 -0.81
N ILE A 69 8.74 -5.24 0.38
CA ILE A 69 9.70 -4.80 1.38
C ILE A 69 9.02 -4.52 2.72
N THR A 70 9.80 -4.58 3.80
CA THR A 70 9.27 -4.34 5.13
C THR A 70 9.92 -3.12 5.77
N THR A 71 9.10 -2.10 6.07
CA THR A 71 9.60 -0.88 6.67
C THR A 71 8.99 -0.66 8.05
N GLU A 72 9.77 -0.08 8.96
CA GLU A 72 9.30 0.18 10.31
C GLU A 72 9.74 1.57 10.78
N HIS A 73 8.85 2.26 11.47
CA HIS A 73 9.14 3.60 11.97
C HIS A 73 8.63 3.76 13.40
N GLU A 74 9.54 4.10 14.32
CA GLU A 74 9.19 4.29 15.71
C GLU A 74 8.40 5.58 15.91
N TYR A 75 7.30 5.49 16.66
CA TYR A 75 6.47 6.66 16.92
C TYR A 75 6.43 6.97 18.41
N ASP A 76 5.56 7.90 18.79
CA ASP A 76 5.42 8.32 20.18
C ASP A 76 4.49 7.36 20.93
N PHE A 77 3.52 6.80 20.22
CA PHE A 77 2.56 5.88 20.82
C PHE A 77 2.74 4.47 20.26
N GLY A 78 4.00 4.11 19.99
CA GLY A 78 4.29 2.79 19.44
C GLY A 78 5.09 2.85 18.17
N ILE A 79 5.28 1.70 17.52
CA ILE A 79 6.05 1.62 16.30
C ILE A 79 5.17 1.16 15.13
N VAL A 80 5.17 1.93 14.05
CA VAL A 80 4.38 1.60 12.87
C VAL A 80 5.17 0.74 11.91
N ARG A 81 4.54 -0.31 11.39
CA ARG A 81 5.19 -1.21 10.46
C ARG A 81 4.39 -1.33 9.16
N LEU A 82 4.82 -0.60 8.14
CA LEU A 82 4.14 -0.62 6.85
C LEU A 82 4.83 -1.57 5.88
N THR A 83 4.06 -2.49 5.31
CA THR A 83 4.60 -3.46 4.38
C THR A 83 3.95 -3.33 3.00
N THR A 84 4.65 -3.75 1.96
CA THR A 84 4.13 -3.68 0.60
C THR A 84 4.09 -5.06 -0.04
N TYR A 85 3.05 -5.30 -0.84
CA TYR A 85 2.88 -6.58 -1.51
C TYR A 85 2.47 -6.38 -2.97
N LYS A 86 3.25 -6.94 -3.88
CA LYS A 86 2.97 -6.83 -5.31
C LYS A 86 1.56 -7.34 -5.63
N CYS A 87 0.87 -6.65 -6.54
CA CYS A 87 -0.48 -7.03 -6.93
C CYS A 87 -0.66 -6.94 -8.44
N THR A 88 -1.37 -7.91 -9.01
CA THR A 88 -1.60 -7.94 -10.45
C THR A 88 -2.97 -7.36 -10.79
N LEU A 89 -3.16 -7.00 -12.06
CA LEU A 89 -4.43 -6.44 -12.51
C LEU A 89 -5.55 -7.47 -12.39
N ASN A 90 -6.78 -6.98 -12.21
CA ASN A 90 -7.93 -7.86 -12.09
C ASN A 90 -9.09 -7.36 -12.94
N LYS A 91 -10.23 -8.03 -12.84
CA LYS A 91 -11.42 -7.65 -13.61
C LYS A 91 -11.98 -6.31 -13.11
N GLU A 92 -12.35 -6.27 -11.84
CA GLU A 92 -12.90 -5.06 -11.25
C GLU A 92 -11.80 -4.21 -10.61
N LEU A 93 -12.02 -2.90 -10.56
CA LEU A 93 -11.05 -1.98 -9.98
C LEU A 93 -11.20 -1.93 -8.46
N PRO A 94 -10.11 -1.53 -7.78
CA PRO A 94 -10.11 -1.42 -6.31
C PRO A 94 -10.96 -0.26 -5.82
N THR A 95 -11.58 -0.44 -4.65
CA THR A 95 -12.43 0.59 -4.07
C THR A 95 -11.63 1.51 -3.16
N LEU A 96 -12.18 2.69 -2.88
CA LEU A 96 -11.51 3.67 -2.02
C LEU A 96 -10.23 4.19 -2.68
N THR A 97 -10.08 3.90 -3.96
CA THR A 97 -8.91 4.35 -4.71
C THR A 97 -9.00 5.83 -5.04
N GLU A 98 -10.23 6.34 -5.13
CA GLU A 98 -10.45 7.75 -5.45
C GLU A 98 -10.28 8.62 -4.21
N HIS A 99 -9.95 7.98 -3.09
CA HIS A 99 -9.75 8.70 -1.83
C HIS A 99 -8.98 10.00 -2.06
N LYS A 100 -7.97 9.93 -2.93
CA LYS A 100 -7.16 11.10 -3.25
C LYS A 100 -7.60 11.73 -4.57
N SER A 101 -7.51 10.95 -5.65
CA SER A 101 -7.89 11.44 -6.97
C SER A 101 -7.57 10.40 -8.04
N ILE A 102 -7.79 10.76 -9.29
CA ILE A 102 -7.52 9.86 -10.41
C ILE A 102 -6.21 10.23 -11.11
N GLU A 103 -5.16 9.48 -10.79
CA GLU A 103 -3.85 9.72 -11.40
C GLU A 103 -3.12 8.41 -11.66
N TRP A 104 -2.86 8.14 -12.95
CA TRP A 104 -2.17 6.92 -13.34
C TRP A 104 -0.81 7.23 -13.94
N LEU A 105 0.24 6.99 -13.17
CA LEU A 105 1.60 7.25 -13.62
C LEU A 105 2.33 5.94 -13.92
N SER A 106 3.40 6.03 -14.72
CA SER A 106 4.18 4.86 -15.08
C SER A 106 5.25 4.57 -14.03
N ILE A 107 6.08 3.57 -14.31
CA ILE A 107 7.15 3.19 -13.38
C ILE A 107 8.26 4.24 -13.37
N ASN A 108 8.34 5.02 -14.43
CA ASN A 108 9.36 6.06 -14.54
C ASN A 108 8.80 7.41 -14.10
N GLU A 109 7.66 7.38 -13.44
CA GLU A 109 7.02 8.61 -12.97
C GLU A 109 6.78 8.55 -11.46
N LEU A 110 6.66 7.34 -10.93
CA LEU A 110 6.42 7.14 -9.51
C LEU A 110 7.39 7.98 -8.68
N ASP A 111 8.61 8.14 -9.18
CA ASP A 111 9.63 8.93 -8.49
C ASP A 111 9.09 10.30 -8.11
N LYS A 112 8.55 11.02 -9.09
CA LYS A 112 7.99 12.34 -8.86
C LYS A 112 6.78 12.28 -7.94
N LEU A 113 6.23 11.08 -7.78
CA LEU A 113 5.06 10.87 -6.94
C LEU A 113 5.48 10.61 -5.49
N ASN A 114 6.43 11.40 -5.00
CA ASN A 114 6.91 11.26 -3.64
C ASN A 114 5.86 10.59 -2.76
N TRP A 115 6.12 9.33 -2.40
CA TRP A 115 5.19 8.58 -1.56
C TRP A 115 5.63 8.61 -0.10
N ALA A 116 4.84 7.99 0.77
CA ALA A 116 5.16 7.95 2.19
C ALA A 116 6.59 7.50 2.42
N PRO A 117 7.09 7.72 3.65
CA PRO A 117 8.46 7.35 4.03
C PRO A 117 8.65 5.84 4.12
N ALA A 118 7.54 5.12 4.29
CA ALA A 118 7.59 3.66 4.38
C ALA A 118 7.44 3.02 3.00
N ASP A 119 6.76 3.72 2.10
CA ASP A 119 6.55 3.22 0.75
C ASP A 119 7.65 3.70 -0.19
N ILE A 120 8.27 4.83 0.16
CA ILE A 120 9.33 5.40 -0.66
C ILE A 120 10.32 4.32 -1.09
N PRO A 121 10.89 3.61 -0.11
CA PRO A 121 11.86 2.54 -0.36
C PRO A 121 11.22 1.32 -1.02
N ALA A 122 9.90 1.18 -0.85
CA ALA A 122 9.17 0.06 -1.42
C ALA A 122 8.88 0.29 -2.90
N VAL A 123 8.77 1.57 -3.28
CA VAL A 123 8.49 1.93 -4.67
C VAL A 123 9.77 1.98 -5.49
N ASN A 124 10.85 2.44 -4.86
CA ASN A 124 12.13 2.53 -5.54
C ASN A 124 12.52 1.20 -6.18
N LYS A 125 12.32 0.12 -5.43
CA LYS A 125 12.64 -1.22 -5.93
C LYS A 125 11.92 -1.50 -7.24
N ILE A 126 10.73 -0.95 -7.39
CA ILE A 126 9.95 -1.15 -8.60
C ILE A 126 10.70 -0.64 -9.83
N MET A 127 11.20 0.58 -9.76
CA MET A 127 11.96 1.16 -10.86
C MET A 127 13.08 0.23 -11.31
N THR A 128 13.69 -0.45 -10.34
CA THR A 128 14.78 -1.37 -10.64
C THR A 128 14.40 -2.36 -11.74
N GLU A 129 13.12 -2.74 -11.75
CA GLU A 129 12.62 -3.68 -12.75
C GLU A 129 12.80 -3.12 -14.16
N GLY A 130 12.61 -1.81 -14.31
CA GLY A 130 12.76 -1.18 -15.59
C GLY A 130 14.07 -0.43 -15.74
#